data_6XK9
#
_entry.id   6XK9
#
_cell.length_a   157.616
_cell.length_b   112.041
_cell.length_c   176.582
_cell.angle_alpha   90.000
_cell.angle_beta   95.791
_cell.angle_gamma   90.000
#
_symmetry.space_group_name_H-M   'P 1 2 1'
#
loop_
_entity.id
_entity.type
_entity.pdbx_description
1 polymer 'Eukaryotic peptide chain release factor GTP-binding subunit ERF3A'
2 polymer 'DNA damage-binding protein 1'
3 polymer 'Protein cereblon'
4 non-polymer 2-(4-chlorophenyl)-N-({2-[(3S)-2,6-dioxopiperidin-3-yl]-1-oxo-2,3-dihydro-1H-isoindol-5-yl}methyl)-2,2-difluoroacetamide
5 non-polymer 'ZINC ION'
#
loop_
_entity_poly.entity_id
_entity_poly.type
_entity_poly.pdbx_seq_one_letter_code
_entity_poly.pdbx_strand_id
1 'polypeptide(L)'
;GSGPIRLPIVDKYKDMGTVVLGKLESGSICKGQQLVMMPNKHNVEVLGILSDDVETDTVAPGENLKIRLKGIEEEEILPG
FILCDPNNLCHSGRTFDAQIVIIEHKSIICPGYNAVLHIHTCIEEVEITALICLVDKKSGEKSKTRPRFVKQDQVCIARL
RTAGTICLETFKDFPQMGRFTLRDEGKTIAIGKVLKLVP
;
X,A
2 'polypeptide(L)'
;MSYNYVVTAQKPTAVNGCVTGHFTSAEDLNLLIAKNTRLEIYVVTAEGLRPVKEVGMYGKIAVMELFRPKGESKDLLFIL
TAKYNACILEYKQSGESIDIITRAHGNVQDRIGRPSETGIIGIIDPECRMIGLRLYDGLFKVIPLDRDNKELKAFNIRLE
ELHVIDVKFLYGCQAPTICFVYQDPQGRHVKTYEVSLREKEFNKGPWKQENVEAEASMVIAVPEPFGGAIIIGQESITYH
NGDKYLAIAPPIIKQSTIVCHNRVDPNGSRYLLGDMEGRLFMLLLEKEEQMDGTVTLKDLRVELLGETSIAECLTYLDNG
VVFVGSRLGDSQLVKLNVDSNEQGSYVVAMETFTNLGPIVDMCVVDLERQGQGQLVTCSGAFKEGSLRIIRNGIGIHEHA
SIDLPGIKGLWPLRSDPNRETDDTLVLSFVGQTRVLMLNGEEVEETELMGFVDDQQTFFCGNVAHQQLIQITSASVRLVS
QEPKALVSEWKEPQAKNISVASCNSSQVVVAVGRALYYLQIHPQELRQISHTEMEHEVACLDITPLGDSNGLSPLCAIGL
WTDISARILKLPSFELLHKEMLGGEIIPRSILMTTFESSHYLLCALGDGALFYFGLNIETGLLSDRKKVTLGTQPTVLRT
FRSLSTTNVFACSDRPTVIYSSNHKLVFSNVNLKEVNYMCPLNSDGYPDSLALANNSTLTIGTIDEIQKLHIRTVPLYES
PRKICYQEVSQCFGVLSSRIEVQDTSGGTTALRPSASTQALSSSVSSSKLFSSSTAPHETSFGEEVEVHNLLIIDQHTFE
VLHAHQFLQNEYALSLVSCKLGKDPNTYFIVGTAMVYPEEAEPKQGRIVVFQYSDGKLQTVAEKEVKGAVYSMVEFNGKL
LASINSTVRLYEWTTEKELRTECNHYNNIMALYLKTKGDFILVGDLMRSVLLLAYKPMEGNFEEIARDFNPNWMSAVEIL
DDDNFLGAENAFNLFVCQKDSAATTDEERQHLQEVGLFHLGEFVNVFCHGSLVMQNLGETSTPTQGSVLFGTVNGMIGLV
TSLSESWYNLLLDMQNRLNKVIKSVGKIEHSFWRSFHTERKTEPATGFIDGDLIESFLDISRPKMQEVVANLQYDDGSGM
KREATADDLIKVVEELTRIH
;
Y,B
3 'polypeptide(L)'
;GSMEAKKPNIINFDTSLPTSHTYLGADMEEFHGRTLHDDDSCQVIPVLPQVMMILIPGQTLPLQLFHPQEVSMVRNLIQK
DRTFAVLAYSNVQEREAQFGTTAEIYAYREEQDFGIEIVKVKAIGRQRFKVLELRTQSDGIQQAKVQILPECVLPSTMSA
VQLESLNKCQIFPSKPVSREDQCSYKWWQKYQKRKFHCANLTSWPRWLYSLYDAETLMDRIKKQLREWDENLKDDSLPSN
PIDFSYRVAACLPIDDVLRIQLLKIGSAIQRLRCELDIMNKCTSLCCKQCQETEITTKNEIFSLSLCGPMAAYVNPHGYV
HETLTVYKACNLNLIGRPSTEHSWFPGYAWTVAQCKICASHIGWKFTATKKDMSPQKFWGLTRSALLPTIPDTEDEISPD
KVILCL
;
Z,C
#
# COMPACT_ATOMS: atom_id res chain seq x y z
N GLY A 3 85.99 31.37 -19.76
CA GLY A 3 85.99 29.94 -19.51
C GLY A 3 86.49 29.13 -20.68
N PRO A 4 86.09 27.87 -20.75
CA PRO A 4 86.50 27.02 -21.87
C PRO A 4 85.68 27.35 -23.12
N ILE A 5 86.32 27.16 -24.28
CA ILE A 5 85.73 27.54 -25.55
C ILE A 5 85.51 26.31 -26.41
N ARG A 6 84.38 26.30 -27.12
CA ARG A 6 84.00 25.22 -28.02
C ARG A 6 83.32 25.86 -29.23
N LEU A 7 83.79 25.53 -30.43
CA LEU A 7 83.21 26.05 -31.66
C LEU A 7 83.13 24.89 -32.66
N PRO A 8 81.98 24.21 -32.73
CA PRO A 8 81.79 23.17 -33.76
C PRO A 8 81.81 23.79 -35.15
N ILE A 9 82.70 23.28 -35.99
CA ILE A 9 82.91 23.85 -37.32
C ILE A 9 81.84 23.34 -38.26
N VAL A 10 81.11 24.26 -38.89
CA VAL A 10 80.11 23.87 -39.88
C VAL A 10 80.76 23.69 -41.25
N ASP A 11 81.57 24.66 -41.68
CA ASP A 11 82.24 24.54 -42.98
C ASP A 11 83.32 25.60 -43.08
N LYS A 12 84.38 25.26 -43.81
CA LYS A 12 85.49 26.16 -44.08
C LYS A 12 85.48 26.59 -45.54
N TYR A 13 86.21 27.67 -45.83
CA TYR A 13 86.35 28.13 -47.21
C TYR A 13 87.57 29.03 -47.32
N LYS A 14 88.35 28.81 -48.38
CA LYS A 14 89.59 29.54 -48.59
C LYS A 14 89.29 30.97 -49.03
N ASP A 15 89.57 31.93 -48.14
CA ASP A 15 89.42 33.35 -48.42
C ASP A 15 90.24 34.09 -47.39
N MET A 16 90.79 35.23 -47.79
CA MET A 16 91.80 35.94 -47.00
C MET A 16 92.91 34.94 -46.76
N GLY A 17 93.32 34.67 -45.52
CA GLY A 17 94.19 33.56 -45.23
C GLY A 17 93.42 32.25 -45.20
N THR A 18 92.49 32.14 -44.24
CA THR A 18 91.63 30.97 -44.09
C THR A 18 90.50 31.30 -43.11
N VAL A 19 89.26 31.03 -43.50
CA VAL A 19 88.09 31.40 -42.71
C VAL A 19 87.27 30.14 -42.40
N VAL A 20 86.61 30.16 -41.24
CA VAL A 20 85.87 29.01 -40.72
C VAL A 20 84.52 29.49 -40.21
N LEU A 21 83.51 28.63 -40.37
CA LEU A 21 82.13 28.94 -40.00
C LEU A 21 81.68 28.04 -38.85
N GLY A 22 80.83 28.59 -37.99
CA GLY A 22 80.20 27.79 -36.97
C GLY A 22 79.38 28.64 -36.02
N LYS A 23 78.68 27.95 -35.12
CA LYS A 23 78.02 28.58 -33.99
C LYS A 23 78.86 28.34 -32.73
N LEU A 24 79.09 29.40 -31.96
CA LEU A 24 80.04 29.38 -30.87
C LEU A 24 79.28 29.08 -29.58
N GLU A 25 79.50 27.88 -29.04
CA GLU A 25 78.64 27.34 -27.97
C GLU A 25 79.22 27.52 -26.57
N SER A 26 80.53 27.53 -26.42
CA SER A 26 81.16 27.63 -25.10
C SER A 26 82.10 28.82 -25.05
N GLY A 27 81.90 29.69 -24.05
CA GLY A 27 82.91 30.67 -23.68
C GLY A 27 82.99 31.84 -24.63
N SER A 28 83.92 32.74 -24.33
CA SER A 28 84.15 33.94 -25.11
C SER A 28 85.44 33.79 -25.90
N ILE A 29 85.51 34.51 -27.02
CA ILE A 29 86.62 34.39 -27.96
C ILE A 29 87.16 35.78 -28.25
N CYS A 30 88.40 36.03 -27.85
CA CYS A 30 89.05 37.32 -28.05
C CYS A 30 89.80 37.33 -29.37
N LYS A 31 90.07 38.53 -29.87
CA LYS A 31 90.86 38.67 -31.09
C LYS A 31 92.27 38.17 -30.86
N GLY A 32 92.78 37.37 -31.78
CA GLY A 32 94.11 36.81 -31.64
C GLY A 32 94.27 35.78 -30.55
N GLN A 33 93.16 35.24 -30.03
CA GLN A 33 93.22 34.28 -28.93
C GLN A 33 93.67 32.93 -29.46
N GLN A 34 94.88 32.52 -29.09
CA GLN A 34 95.43 31.24 -29.51
C GLN A 34 94.49 30.09 -29.15
N LEU A 35 94.36 29.13 -30.07
CA LEU A 35 93.43 28.02 -29.92
C LEU A 35 94.10 26.76 -30.45
N VAL A 36 93.31 25.68 -30.55
CA VAL A 36 93.78 24.42 -31.11
C VAL A 36 92.62 23.74 -31.81
N MET A 37 92.94 22.79 -32.69
CA MET A 37 91.96 21.97 -33.38
C MET A 37 92.09 20.55 -32.87
N MET A 38 91.01 20.02 -32.27
CA MET A 38 91.15 18.83 -31.43
C MET A 38 91.55 17.59 -32.21
N PRO A 39 90.88 17.20 -33.32
CA PRO A 39 91.17 15.89 -33.92
C PRO A 39 92.61 15.71 -34.35
N ASN A 40 93.24 16.75 -34.89
CA ASN A 40 94.62 16.68 -35.33
C ASN A 40 95.59 17.43 -34.42
N LYS A 41 95.09 18.02 -33.33
CA LYS A 41 95.92 18.75 -32.36
C LYS A 41 96.67 19.90 -33.03
N HIS A 42 96.08 20.49 -34.07
CA HIS A 42 96.69 21.60 -34.78
C HIS A 42 96.53 22.90 -33.98
N ASN A 43 97.66 23.52 -33.65
CA ASN A 43 97.62 24.87 -33.10
C ASN A 43 97.15 25.86 -34.16
N VAL A 44 96.65 27.01 -33.71
CA VAL A 44 96.13 28.03 -34.60
C VAL A 44 95.86 29.32 -33.82
N GLU A 45 96.12 30.47 -34.44
CA GLU A 45 95.89 31.77 -33.85
C GLU A 45 94.77 32.50 -34.59
N VAL A 46 93.97 33.25 -33.84
CA VAL A 46 92.89 34.04 -34.45
C VAL A 46 93.47 35.24 -35.19
N LEU A 47 92.92 35.52 -36.38
CA LEU A 47 93.10 36.82 -37.03
C LEU A 47 91.87 37.68 -36.86
N GLY A 48 90.79 37.31 -37.55
CA GLY A 48 89.61 38.15 -37.64
C GLY A 48 88.35 37.43 -37.22
N ILE A 49 87.54 38.09 -36.40
CA ILE A 49 86.31 37.52 -35.83
C ILE A 49 85.16 38.27 -36.47
N LEU A 50 84.60 37.69 -37.53
CA LEU A 50 83.55 38.33 -38.32
C LEU A 50 82.17 37.87 -37.87
N SER A 51 81.91 37.95 -36.57
CA SER A 51 80.62 37.53 -36.02
C SER A 51 79.48 38.31 -36.66
N ASP A 52 78.50 37.58 -37.18
CA ASP A 52 77.40 38.16 -38.00
C ASP A 52 78.07 38.70 -39.27
N ASP A 53 77.59 39.81 -39.82
CA ASP A 53 78.30 40.51 -40.89
C ASP A 53 79.28 41.53 -40.34
N VAL A 54 79.06 42.00 -39.10
CA VAL A 54 79.95 42.96 -38.47
C VAL A 54 81.22 42.25 -38.00
N GLU A 55 82.25 43.04 -37.74
CA GLU A 55 83.46 42.56 -37.08
C GLU A 55 83.53 43.13 -35.67
N THR A 56 83.81 42.27 -34.71
CA THR A 56 84.07 42.68 -33.33
C THR A 56 85.34 41.98 -32.84
N ASP A 57 86.03 42.63 -31.90
CA ASP A 57 87.30 42.10 -31.43
C ASP A 57 87.08 40.86 -30.55
N THR A 58 86.10 40.92 -29.65
CA THR A 58 85.71 39.77 -28.84
C THR A 58 84.21 39.58 -28.95
N VAL A 59 83.76 38.36 -28.67
CA VAL A 59 82.33 38.03 -28.76
C VAL A 59 82.05 36.83 -27.86
N ALA A 60 80.85 36.81 -27.29
CA ALA A 60 80.40 35.89 -26.26
C ALA A 60 79.64 34.71 -26.88
N PRO A 61 79.29 33.70 -26.08
CA PRO A 61 78.55 32.55 -26.64
C PRO A 61 77.22 32.98 -27.26
N GLY A 62 76.74 32.13 -28.17
CA GLY A 62 75.46 32.35 -28.81
C GLY A 62 75.56 32.82 -30.25
N GLU A 63 76.40 33.80 -30.52
CA GLU A 63 76.45 34.44 -31.83
C GLU A 63 76.98 33.47 -32.89
N ASN A 64 76.83 33.88 -34.15
CA ASN A 64 77.18 33.08 -35.31
C ASN A 64 78.42 33.68 -35.97
N LEU A 65 79.56 33.08 -35.72
CA LEU A 65 80.86 33.64 -36.06
C LEU A 65 81.42 33.07 -37.35
N LYS A 66 81.95 33.95 -38.20
CA LYS A 66 82.95 33.58 -39.19
C LYS A 66 84.31 34.02 -38.64
N ILE A 67 85.30 33.12 -38.71
CA ILE A 67 86.57 33.33 -38.03
C ILE A 67 87.71 33.11 -39.00
N ARG A 68 88.56 34.13 -39.17
CA ARG A 68 89.79 34.00 -39.92
C ARG A 68 90.87 33.37 -39.04
N LEU A 69 91.51 32.32 -39.53
CA LEU A 69 92.47 31.55 -38.74
C LEU A 69 93.88 31.80 -39.25
N LYS A 70 94.76 32.26 -38.37
CA LYS A 70 96.20 32.35 -38.63
C LYS A 70 96.85 31.12 -38.03
N GLY A 71 97.42 30.28 -38.87
CA GLY A 71 98.05 29.06 -38.38
C GLY A 71 98.12 28.01 -39.46
N ILE A 72 98.76 26.90 -39.10
CA ILE A 72 98.91 25.77 -39.99
C ILE A 72 97.57 25.09 -40.21
N GLU A 73 96.59 25.85 -40.71
CA GLU A 73 95.30 25.29 -41.08
C GLU A 73 94.89 25.94 -42.40
N GLU A 74 95.08 25.21 -43.49
CA GLU A 74 94.71 25.64 -44.85
C GLU A 74 93.98 24.45 -45.44
N GLU A 75 92.67 24.36 -45.17
CA GLU A 75 91.86 23.21 -45.54
C GLU A 75 92.34 21.98 -44.78
N GLU A 76 91.96 20.79 -45.23
CA GLU A 76 92.19 19.55 -44.50
C GLU A 76 91.60 19.65 -43.10
N ILE A 77 90.58 20.48 -42.96
CA ILE A 77 89.75 20.56 -41.75
C ILE A 77 88.32 20.23 -42.19
N LEU A 78 87.70 19.30 -41.49
CA LEU A 78 86.39 18.82 -41.88
C LEU A 78 85.32 19.30 -40.91
N PRO A 79 84.07 19.42 -41.38
CA PRO A 79 82.97 19.66 -40.46
C PRO A 79 82.87 18.51 -39.47
N GLY A 80 82.52 18.84 -38.24
CA GLY A 80 82.66 17.91 -37.14
C GLY A 80 83.98 17.98 -36.41
N PHE A 81 84.84 18.92 -36.78
CA PHE A 81 85.95 19.32 -35.92
C PHE A 81 85.51 20.48 -35.04
N ILE A 82 86.37 20.86 -34.10
CA ILE A 82 86.02 21.89 -33.13
C ILE A 82 87.27 22.69 -32.78
N LEU A 83 87.06 23.95 -32.44
CA LEU A 83 88.09 24.77 -31.82
C LEU A 83 88.03 24.56 -30.32
N CYS A 84 89.21 24.59 -29.68
CA CYS A 84 89.30 24.25 -28.28
C CYS A 84 90.29 25.15 -27.56
N ASP A 85 89.92 25.54 -26.34
CA ASP A 85 90.86 26.16 -25.43
C ASP A 85 92.08 25.27 -25.26
N PRO A 86 93.30 25.81 -25.38
CA PRO A 86 94.49 24.95 -25.34
C PRO A 86 94.74 24.31 -23.98
N ASN A 87 94.17 24.84 -22.91
CA ASN A 87 94.36 24.26 -21.58
C ASN A 87 93.53 22.99 -21.44
N ASN A 88 92.26 23.15 -21.10
CA ASN A 88 91.32 22.03 -21.08
C ASN A 88 90.64 21.95 -22.45
N LEU A 89 91.15 21.09 -23.32
CA LEU A 89 90.59 20.90 -24.64
C LEU A 89 89.61 19.72 -24.60
N CYS A 90 89.13 19.32 -25.77
CA CYS A 90 88.00 18.39 -25.86
C CYS A 90 88.48 16.95 -25.91
N HIS A 91 87.64 16.06 -25.38
CA HIS A 91 87.87 14.63 -25.50
C HIS A 91 87.52 14.15 -26.89
N SER A 92 88.07 13.00 -27.28
CA SER A 92 87.81 12.46 -28.60
C SER A 92 87.95 10.95 -28.53
N GLY A 93 88.22 10.33 -29.66
CA GLY A 93 88.13 8.89 -29.82
C GLY A 93 86.93 8.50 -30.66
N ARG A 94 86.61 7.20 -30.60
CA ARG A 94 85.61 6.66 -31.49
C ARG A 94 84.64 5.67 -30.84
N THR A 95 84.86 5.28 -29.58
CA THR A 95 83.91 4.46 -28.84
C THR A 95 83.40 5.23 -27.64
N PHE A 96 82.12 5.02 -27.30
CA PHE A 96 81.52 5.74 -26.19
C PHE A 96 80.22 5.07 -25.78
N ASP A 97 79.86 5.25 -24.51
CA ASP A 97 78.58 4.82 -23.97
C ASP A 97 77.58 5.97 -23.99
N ALA A 98 76.31 5.65 -24.15
CA ALA A 98 75.30 6.69 -24.27
C ALA A 98 73.94 6.12 -23.86
N GLN A 99 73.02 7.03 -23.55
CA GLN A 99 71.67 6.71 -23.13
C GLN A 99 70.74 7.03 -24.30
N ILE A 100 70.09 6.00 -24.84
CA ILE A 100 69.46 6.07 -26.16
C ILE A 100 68.03 5.61 -26.02
N VAL A 101 67.08 6.52 -26.27
CA VAL A 101 65.66 6.20 -26.28
C VAL A 101 65.20 5.96 -27.71
N ILE A 102 64.66 4.78 -27.97
CA ILE A 102 64.18 4.42 -29.30
C ILE A 102 62.81 5.05 -29.51
N ILE A 103 62.70 5.90 -30.54
CA ILE A 103 61.45 6.61 -30.79
C ILE A 103 60.68 6.08 -31.99
N GLU A 104 61.37 5.55 -33.01
CA GLU A 104 60.69 5.08 -34.22
C GLU A 104 61.46 3.90 -34.80
N HIS A 105 60.85 2.72 -34.79
CA HIS A 105 61.41 1.55 -35.46
C HIS A 105 60.37 0.43 -35.50
N LYS A 106 60.16 -0.14 -36.69
CA LYS A 106 59.03 -1.05 -36.89
C LYS A 106 59.23 -2.40 -36.22
N SER A 107 60.48 -2.82 -36.02
CA SER A 107 60.72 -4.14 -35.45
C SER A 107 61.60 -4.04 -34.20
N ILE A 108 62.78 -4.65 -34.25
CA ILE A 108 63.70 -4.69 -33.11
C ILE A 108 65.09 -4.31 -33.60
N ILE A 109 65.79 -3.52 -32.79
CA ILE A 109 67.20 -3.20 -33.04
C ILE A 109 68.03 -3.98 -32.02
N CYS A 110 69.10 -4.60 -32.48
CA CYS A 110 69.92 -5.48 -31.67
C CYS A 110 71.38 -5.14 -31.95
N PRO A 111 72.36 -5.63 -31.18
CA PRO A 111 73.76 -5.23 -31.43
C PRO A 111 74.19 -5.54 -32.86
N GLY A 112 75.05 -4.67 -33.40
CA GLY A 112 75.41 -4.68 -34.79
C GLY A 112 74.48 -3.90 -35.69
N TYR A 113 73.50 -3.20 -35.12
CA TYR A 113 72.61 -2.35 -35.90
C TYR A 113 73.39 -1.17 -36.46
N ASN A 114 73.32 -0.98 -37.77
CA ASN A 114 74.00 0.11 -38.44
C ASN A 114 73.06 1.28 -38.65
N ALA A 115 73.58 2.49 -38.43
CA ALA A 115 72.81 3.71 -38.60
C ALA A 115 73.77 4.89 -38.70
N VAL A 116 73.22 6.05 -39.01
CA VAL A 116 73.98 7.28 -39.06
C VAL A 116 73.89 7.95 -37.70
N LEU A 117 74.88 8.81 -37.41
CA LEU A 117 75.00 9.43 -36.09
C LEU A 117 75.25 10.92 -36.29
N HIS A 118 74.32 11.75 -35.85
CA HIS A 118 74.40 13.21 -36.00
C HIS A 118 74.67 13.82 -34.63
N ILE A 119 75.93 14.20 -34.40
CA ILE A 119 76.35 14.90 -33.20
C ILE A 119 76.84 16.26 -33.62
N HIS A 120 76.19 17.32 -33.12
CA HIS A 120 76.43 18.69 -33.55
C HIS A 120 76.69 18.77 -35.05
N THR A 121 77.77 19.42 -35.46
CA THR A 121 78.08 19.52 -36.88
C THR A 121 78.51 18.18 -37.47
N CYS A 122 79.04 17.27 -36.66
CA CYS A 122 79.58 16.02 -37.19
C CYS A 122 78.49 15.08 -37.65
N ILE A 123 78.75 14.37 -38.75
CA ILE A 123 77.88 13.33 -39.27
C ILE A 123 78.79 12.17 -39.67
N GLU A 124 78.70 11.05 -38.95
CA GLU A 124 79.49 9.88 -39.27
C GLU A 124 78.70 8.62 -38.96
N GLU A 125 78.84 7.62 -39.83
CA GLU A 125 78.16 6.34 -39.61
C GLU A 125 78.59 5.73 -38.29
N VAL A 126 77.70 4.91 -37.72
CA VAL A 126 77.93 4.39 -36.38
C VAL A 126 77.33 2.99 -36.30
N GLU A 127 77.87 2.20 -35.38
CA GLU A 127 77.37 0.86 -35.06
C GLU A 127 77.26 0.75 -33.55
N ILE A 128 76.16 0.16 -33.08
CA ILE A 128 76.00 -0.10 -31.67
C ILE A 128 76.61 -1.48 -31.39
N THR A 129 77.76 -1.47 -30.71
CA THR A 129 78.53 -2.70 -30.54
C THR A 129 77.81 -3.65 -29.60
N ALA A 130 77.47 -3.17 -28.41
CA ALA A 130 76.58 -3.90 -27.53
C ALA A 130 75.86 -2.89 -26.65
N LEU A 131 74.64 -3.24 -26.25
CA LEU A 131 73.85 -2.43 -25.35
C LEU A 131 73.86 -3.04 -23.95
N ILE A 132 73.82 -2.16 -22.94
CA ILE A 132 74.18 -2.54 -21.58
C ILE A 132 72.96 -2.92 -20.76
N CYS A 133 72.06 -1.96 -20.55
CA CYS A 133 71.02 -2.12 -19.54
C CYS A 133 69.80 -1.30 -19.92
N LEU A 134 68.64 -1.95 -20.00
CA LEU A 134 67.38 -1.23 -20.12
C LEU A 134 67.13 -0.36 -18.89
N VAL A 135 66.24 0.62 -19.04
CA VAL A 135 65.81 1.46 -17.93
C VAL A 135 64.33 1.78 -18.10
N ASP A 136 63.56 1.56 -17.04
CA ASP A 136 62.12 1.71 -17.11
C ASP A 136 61.76 3.20 -17.02
N LYS A 137 60.77 3.60 -17.80
CA LYS A 137 60.42 5.02 -17.90
C LYS A 137 59.69 5.50 -16.65
N LYS A 138 58.82 4.66 -16.08
CA LYS A 138 58.07 5.08 -14.90
C LYS A 138 58.99 5.38 -13.73
N SER A 139 59.93 4.46 -13.45
CA SER A 139 60.76 4.53 -12.26
C SER A 139 62.12 5.18 -12.53
N GLY A 140 62.86 4.65 -13.50
CA GLY A 140 64.28 4.90 -13.60
C GLY A 140 65.13 3.68 -13.33
N GLU A 141 64.49 2.53 -13.13
CA GLU A 141 65.13 1.31 -12.68
C GLU A 141 66.07 0.77 -13.75
N LYS A 142 67.37 0.84 -13.50
CA LYS A 142 68.34 0.16 -14.34
C LYS A 142 68.01 -1.34 -14.36
N SER A 143 67.94 -1.91 -15.55
CA SER A 143 67.51 -3.29 -15.70
C SER A 143 68.47 -4.25 -15.00
N LYS A 144 67.93 -5.39 -14.58
CA LYS A 144 68.72 -6.37 -13.84
C LYS A 144 69.67 -7.13 -14.76
N THR A 145 69.16 -7.63 -15.89
CA THR A 145 69.92 -8.40 -16.85
C THR A 145 70.30 -7.54 -18.04
N ARG A 146 71.30 -7.99 -18.79
CA ARG A 146 71.58 -7.37 -20.07
C ARG A 146 70.45 -7.67 -21.04
N PRO A 147 69.95 -6.69 -21.78
CA PRO A 147 68.97 -6.99 -22.83
C PRO A 147 69.65 -7.49 -24.08
N ARG A 148 68.94 -8.32 -24.83
CA ARG A 148 69.44 -8.79 -26.12
C ARG A 148 69.05 -7.88 -27.28
N PHE A 149 68.20 -6.89 -27.04
CA PHE A 149 67.62 -6.03 -28.08
C PHE A 149 66.67 -5.05 -27.39
N VAL A 150 66.34 -3.98 -28.12
CA VAL A 150 65.41 -2.97 -27.63
C VAL A 150 64.47 -2.60 -28.77
N LYS A 151 63.17 -2.53 -28.46
CA LYS A 151 62.16 -2.17 -29.43
C LYS A 151 61.79 -0.69 -29.28
N GLN A 152 60.67 -0.29 -29.87
CA GLN A 152 60.24 1.10 -29.88
C GLN A 152 59.85 1.57 -28.48
N ASP A 153 59.79 2.90 -28.32
CA ASP A 153 59.27 3.53 -27.11
C ASP A 153 59.96 3.05 -25.84
N GLN A 154 61.27 2.80 -25.95
CA GLN A 154 62.02 2.11 -24.91
C GLN A 154 63.41 2.73 -24.80
N VAL A 155 63.94 2.74 -23.58
CA VAL A 155 65.19 3.42 -23.28
C VAL A 155 66.21 2.41 -22.80
N CYS A 156 67.47 2.61 -23.20
CA CYS A 156 68.57 1.74 -22.78
C CYS A 156 69.86 2.54 -22.82
N ILE A 157 70.94 1.91 -22.35
CA ILE A 157 72.28 2.48 -22.40
C ILE A 157 73.16 1.52 -23.18
N ALA A 158 73.95 2.06 -24.11
CA ALA A 158 74.65 1.22 -25.08
C ALA A 158 76.01 1.81 -25.42
N ARG A 159 76.89 0.97 -25.93
CA ARG A 159 78.20 1.36 -26.39
C ARG A 159 78.20 1.44 -27.92
N LEU A 160 78.93 2.41 -28.46
CA LEU A 160 78.79 2.79 -29.87
C LEU A 160 80.16 3.07 -30.46
N ARG A 161 80.45 2.45 -31.62
CA ARG A 161 81.67 2.74 -32.37
C ARG A 161 81.30 3.45 -33.67
N THR A 162 81.82 4.65 -33.85
CA THR A 162 81.67 5.41 -35.09
C THR A 162 82.66 4.89 -36.13
N ALA A 163 82.53 5.41 -37.35
CA ALA A 163 83.43 5.00 -38.42
C ALA A 163 84.89 5.26 -38.05
N GLY A 164 85.19 6.47 -37.60
CA GLY A 164 86.54 6.81 -37.19
C GLY A 164 86.64 8.13 -36.46
N THR A 165 87.65 8.25 -35.59
CA THR A 165 87.99 9.44 -34.80
C THR A 165 87.06 10.63 -34.97
N ILE A 166 86.17 10.83 -34.01
CA ILE A 166 85.31 12.01 -33.95
C ILE A 166 85.51 12.67 -32.59
N CYS A 167 84.89 13.83 -32.43
CA CYS A 167 85.03 14.64 -31.22
C CYS A 167 83.74 14.54 -30.43
N LEU A 168 83.80 13.85 -29.30
CA LEU A 168 82.66 13.67 -28.43
C LEU A 168 82.91 14.41 -27.13
N GLU A 169 81.81 14.84 -26.50
CA GLU A 169 81.88 15.37 -25.15
C GLU A 169 80.66 14.85 -24.41
N THR A 170 80.86 14.39 -23.18
CA THR A 170 79.76 13.84 -22.40
C THR A 170 78.75 14.92 -22.08
N PHE A 171 77.51 14.50 -21.85
CA PHE A 171 76.51 15.42 -21.32
C PHE A 171 76.96 15.84 -19.91
N LYS A 172 76.18 16.70 -19.27
CA LYS A 172 76.53 17.27 -17.97
C LYS A 172 77.76 18.17 -18.11
N ASP A 173 78.81 17.66 -18.78
CA ASP A 173 79.96 18.50 -19.10
C ASP A 173 79.58 19.55 -20.14
N PHE A 174 79.01 19.11 -21.26
CA PHE A 174 78.59 20.00 -22.34
C PHE A 174 77.27 19.50 -22.91
N PRO A 175 76.33 20.39 -23.18
CA PRO A 175 75.02 19.96 -23.69
C PRO A 175 74.97 19.80 -25.20
N GLN A 176 75.23 20.88 -25.94
CA GLN A 176 75.03 20.88 -27.38
C GLN A 176 75.87 19.80 -28.07
N MET A 177 77.09 19.59 -27.58
CA MET A 177 77.94 18.54 -28.14
C MET A 177 77.68 17.17 -27.54
N GLY A 178 76.87 17.08 -26.49
CA GLY A 178 76.57 15.80 -25.88
C GLY A 178 75.25 15.21 -26.32
N ARG A 179 74.46 16.00 -27.06
CA ARG A 179 73.22 15.51 -27.64
C ARG A 179 73.47 15.01 -29.05
N PHE A 180 72.69 14.00 -29.44
CA PHE A 180 72.83 13.42 -30.77
C PHE A 180 71.55 12.71 -31.15
N THR A 181 71.43 12.43 -32.44
CA THR A 181 70.26 11.76 -33.01
C THR A 181 70.74 10.66 -33.95
N LEU A 182 70.42 9.41 -33.61
CA LEU A 182 70.59 8.32 -34.56
C LEU A 182 69.61 8.49 -35.72
N ARG A 183 70.06 8.14 -36.92
CA ARG A 183 69.29 8.42 -38.11
C ARG A 183 69.51 7.31 -39.14
N ASP A 184 68.43 6.87 -39.77
CA ASP A 184 68.50 5.83 -40.78
C ASP A 184 67.32 5.98 -41.72
N GLU A 185 67.59 5.88 -43.03
CA GLU A 185 66.61 6.17 -44.07
C GLU A 185 66.04 7.57 -43.93
N GLY A 186 66.85 8.51 -43.46
CA GLY A 186 66.40 9.88 -43.26
C GLY A 186 65.49 10.06 -42.06
N LYS A 187 64.83 8.98 -41.63
CA LYS A 187 64.02 9.03 -40.42
C LYS A 187 64.90 9.19 -39.19
N THR A 188 64.35 9.86 -38.19
CA THR A 188 64.97 9.93 -36.87
C THR A 188 64.51 8.71 -36.06
N ILE A 189 65.46 7.88 -35.66
CA ILE A 189 65.15 6.61 -35.04
C ILE A 189 65.44 6.61 -33.54
N ALA A 190 66.40 7.41 -33.08
CA ALA A 190 66.67 7.50 -31.65
C ALA A 190 67.34 8.83 -31.35
N ILE A 191 67.25 9.23 -30.09
CA ILE A 191 67.94 10.41 -29.58
C ILE A 191 68.70 9.98 -28.34
N GLY A 192 69.83 10.63 -28.09
CA GLY A 192 70.76 10.11 -27.12
C GLY A 192 71.64 11.12 -26.43
N LYS A 193 71.80 10.96 -25.12
CA LYS A 193 72.81 11.68 -24.36
C LYS A 193 73.99 10.75 -24.13
N VAL A 194 75.19 11.29 -24.28
CA VAL A 194 76.41 10.50 -24.14
C VAL A 194 76.85 10.51 -22.69
N LEU A 195 77.27 9.34 -22.20
CA LEU A 195 77.57 9.15 -20.78
C LEU A 195 79.08 9.02 -20.55
N LYS A 196 79.69 7.93 -21.00
CA LYS A 196 81.09 7.65 -20.76
C LYS A 196 81.89 7.81 -22.05
N LEU A 197 83.20 7.55 -21.97
CA LEU A 197 84.08 7.61 -23.12
C LEU A 197 85.00 6.39 -23.06
N VAL A 198 84.88 5.49 -24.02
CA VAL A 198 85.73 4.31 -24.07
C VAL A 198 87.04 4.61 -24.80
N SER B 2 4.65 12.36 -2.57
CA SER B 2 3.93 12.60 -1.33
C SER B 2 3.39 14.03 -1.27
N TYR B 3 2.19 14.17 -0.73
CA TYR B 3 1.51 15.45 -0.61
C TYR B 3 1.04 15.63 0.82
N ASN B 4 1.35 16.78 1.40
CA ASN B 4 1.17 17.00 2.83
C ASN B 4 0.43 18.31 3.09
N TYR B 5 0.04 18.50 4.34
CA TYR B 5 -0.82 19.60 4.77
C TYR B 5 -0.24 20.19 6.04
N VAL B 6 0.20 21.46 5.98
CA VAL B 6 0.78 22.16 7.11
C VAL B 6 -0.20 23.21 7.60
N VAL B 7 -0.54 23.15 8.88
CA VAL B 7 -1.46 24.09 9.50
C VAL B 7 -0.89 24.53 10.83
N THR B 8 -1.04 25.81 11.15
CA THR B 8 -0.58 26.34 12.43
C THR B 8 -1.62 26.02 13.51
N ALA B 9 -1.16 25.45 14.62
CA ALA B 9 -2.02 25.15 15.75
C ALA B 9 -1.83 26.10 16.92
N GLN B 10 -0.68 26.76 17.03
CA GLN B 10 -0.45 27.77 18.05
C GLN B 10 0.45 28.84 17.44
N LYS B 11 -0.12 30.02 17.17
CA LYS B 11 0.62 31.15 16.61
C LYS B 11 1.85 31.46 17.46
N PRO B 12 2.90 32.03 16.88
CA PRO B 12 4.12 32.29 17.65
C PRO B 12 3.87 33.23 18.81
N THR B 13 4.68 33.06 19.86
CA THR B 13 4.50 33.80 21.10
C THR B 13 5.63 34.75 21.43
N ALA B 14 6.84 34.49 20.93
CA ALA B 14 7.96 35.38 21.18
C ALA B 14 7.72 36.74 20.53
N VAL B 15 8.43 37.76 21.01
CA VAL B 15 8.26 39.13 20.56
C VAL B 15 9.52 39.53 19.80
N ASN B 16 9.39 39.70 18.48
CA ASN B 16 10.52 40.19 17.69
C ASN B 16 10.83 41.65 18.00
N GLY B 17 9.79 42.45 18.22
CA GLY B 17 10.00 43.86 18.47
C GLY B 17 8.74 44.52 18.96
N CYS B 18 8.91 45.73 19.50
CA CYS B 18 7.82 46.50 20.05
C CYS B 18 8.11 47.98 19.85
N VAL B 19 7.05 48.76 19.62
CA VAL B 19 7.19 50.19 19.35
C VAL B 19 5.87 50.87 19.67
N THR B 20 5.95 52.13 20.09
CA THR B 20 4.78 52.94 20.40
C THR B 20 4.60 54.04 19.36
N GLY B 21 3.40 54.60 19.33
CA GLY B 21 3.09 55.65 18.40
C GLY B 21 1.59 55.88 18.32
N HIS B 22 1.20 56.72 17.37
CA HIS B 22 -0.19 57.11 17.16
C HIS B 22 -0.60 56.61 15.77
N PHE B 23 -0.95 55.33 15.69
CA PHE B 23 -1.22 54.65 14.43
C PHE B 23 -2.71 54.54 14.12
N THR B 24 -3.53 54.15 15.09
CA THR B 24 -4.97 54.06 14.86
C THR B 24 -5.59 55.43 14.72
N SER B 25 -5.26 56.34 15.63
CA SER B 25 -5.75 57.71 15.59
C SER B 25 -4.73 58.60 16.28
N ALA B 26 -4.52 59.80 15.73
CA ALA B 26 -3.59 60.75 16.34
C ALA B 26 -3.95 61.08 17.78
N GLU B 27 -5.21 60.89 18.16
CA GLU B 27 -5.61 61.09 19.56
C GLU B 27 -5.24 59.90 20.43
N ASP B 28 -5.14 58.71 19.87
CA ASP B 28 -4.85 57.50 20.62
C ASP B 28 -3.34 57.27 20.75
N LEU B 29 -2.97 56.48 21.75
CA LEU B 29 -1.61 55.99 21.92
C LEU B 29 -1.61 54.48 21.73
N ASN B 30 -0.91 54.02 20.71
CA ASN B 30 -0.90 52.61 20.33
C ASN B 30 0.37 51.92 20.82
N LEU B 31 0.24 50.63 21.08
CA LEU B 31 1.38 49.75 21.34
C LEU B 31 1.37 48.67 20.27
N LEU B 32 2.44 48.58 19.50
CA LEU B 32 2.53 47.64 18.38
C LEU B 32 3.55 46.55 18.72
N ILE B 33 3.08 45.31 18.79
CA ILE B 33 3.91 44.16 19.11
C ILE B 33 3.97 43.27 17.87
N ALA B 34 5.16 42.78 17.55
CA ALA B 34 5.38 41.92 16.40
C ALA B 34 5.82 40.55 16.89
N LYS B 35 4.89 39.58 16.86
CA LYS B 35 5.21 38.21 17.22
C LYS B 35 5.57 37.46 15.94
N ASN B 36 6.81 37.67 15.50
CA ASN B 36 7.36 37.10 14.27
C ASN B 36 6.50 37.47 13.07
N THR B 37 5.73 36.50 12.56
CA THR B 37 4.87 36.71 11.40
C THR B 37 3.48 37.21 11.79
N ARG B 38 3.31 37.72 13.01
CA ARG B 38 2.05 38.29 13.45
C ARG B 38 2.28 39.71 13.95
N LEU B 39 1.26 40.55 13.80
CA LEU B 39 1.32 41.95 14.23
C LEU B 39 0.12 42.23 15.13
N GLU B 40 0.39 42.57 16.39
CA GLU B 40 -0.64 42.85 17.38
C GLU B 40 -0.68 44.35 17.64
N ILE B 41 -1.86 44.94 17.56
CA ILE B 41 -2.06 46.38 17.73
C ILE B 41 -2.91 46.59 18.98
N TYR B 42 -2.29 47.10 20.04
CA TYR B 42 -2.96 47.42 21.29
C TYR B 42 -3.10 48.92 21.46
N VAL B 43 -4.07 49.32 22.28
CA VAL B 43 -4.29 50.71 22.66
C VAL B 43 -4.08 50.84 24.16
N VAL B 44 -3.26 51.80 24.57
CA VAL B 44 -2.84 51.91 25.95
C VAL B 44 -3.93 52.60 26.78
N THR B 45 -4.24 52.02 27.93
CA THR B 45 -5.07 52.63 28.96
C THR B 45 -4.34 52.54 30.30
N ALA B 46 -4.99 53.03 31.35
CA ALA B 46 -4.42 52.95 32.69
C ALA B 46 -4.90 51.70 33.42
N LEU B 49 -3.79 47.97 28.46
CA LEU B 49 -3.78 47.50 27.08
C LEU B 49 -5.18 47.11 26.62
N ARG B 50 -5.53 47.51 25.40
CA ARG B 50 -6.83 47.21 24.80
C ARG B 50 -6.58 46.64 23.41
N PRO B 51 -6.95 45.39 23.14
CA PRO B 51 -6.72 44.83 21.80
C PRO B 51 -7.61 45.52 20.77
N VAL B 52 -7.09 45.62 19.56
CA VAL B 52 -7.78 46.32 18.48
C VAL B 52 -7.80 45.44 17.24
N LYS B 53 -6.63 45.21 16.66
CA LYS B 53 -6.51 44.43 15.43
C LYS B 53 -5.21 43.64 15.45
N GLU B 54 -5.28 42.37 15.05
CA GLU B 54 -4.10 41.56 14.83
C GLU B 54 -4.15 41.03 13.41
N VAL B 55 -3.07 41.24 12.66
CA VAL B 55 -3.02 40.91 11.24
C VAL B 55 -1.86 39.96 10.98
N GLY B 56 -1.96 39.26 9.86
CA GLY B 56 -0.94 38.30 9.49
C GLY B 56 -0.12 38.72 8.29
N MET B 57 1.16 39.01 8.50
CA MET B 57 2.06 39.28 7.39
C MET B 57 2.42 37.99 6.67
N TYR B 58 2.61 38.09 5.36
CA TYR B 58 3.19 37.00 4.57
C TYR B 58 4.72 37.07 4.60
N GLY B 59 5.28 37.28 5.79
CA GLY B 59 6.71 37.46 5.91
C GLY B 59 7.14 37.47 7.37
N LYS B 60 8.43 37.21 7.57
CA LYS B 60 9.06 37.31 8.87
C LYS B 60 9.40 38.78 9.14
N ILE B 61 8.74 39.39 10.12
CA ILE B 61 8.95 40.80 10.39
C ILE B 61 10.37 41.00 10.91
N ALA B 62 11.17 41.80 10.19
CA ALA B 62 12.54 42.08 10.56
C ALA B 62 12.78 43.52 10.97
N VAL B 63 12.05 44.48 10.39
CA VAL B 63 12.14 45.88 10.73
C VAL B 63 10.74 46.45 10.83
N MET B 64 10.44 47.12 11.94
CA MET B 64 9.13 47.69 12.18
C MET B 64 9.30 49.03 12.89
N GLU B 65 8.91 50.12 12.22
CA GLU B 65 9.05 51.45 12.77
C GLU B 65 7.84 52.29 12.39
N LEU B 66 7.52 53.26 13.24
CA LEU B 66 6.46 54.21 13.00
C LEU B 66 7.05 55.57 12.65
N PHE B 67 6.30 56.35 11.87
CA PHE B 67 6.79 57.62 11.35
C PHE B 67 5.62 58.40 10.76
N ARG B 68 5.83 59.70 10.60
CA ARG B 68 4.79 60.62 10.14
C ARG B 68 5.31 61.44 8.98
N PRO B 69 4.83 61.22 7.76
CA PRO B 69 5.29 62.01 6.61
C PRO B 69 4.67 63.40 6.62
N LYS B 70 5.26 64.27 5.79
CA LYS B 70 4.80 65.65 5.68
C LYS B 70 3.36 65.70 5.18
N GLY B 71 2.44 66.11 6.05
CA GLY B 71 1.05 66.26 5.67
C GLY B 71 0.22 65.00 5.79
N GLU B 72 0.32 64.31 6.93
CA GLU B 72 -0.46 63.11 7.17
C GLU B 72 -1.13 63.22 8.55
N SER B 73 -2.35 62.69 8.64
CA SER B 73 -3.15 62.86 9.85
C SER B 73 -2.55 62.14 11.05
N LYS B 74 -2.04 60.92 10.85
CA LYS B 74 -1.55 60.09 11.93
C LYS B 74 -0.27 59.40 11.49
N ASP B 75 0.35 58.66 12.41
CA ASP B 75 1.58 57.95 12.10
C ASP B 75 1.32 56.83 11.10
N LEU B 76 2.36 56.50 10.34
CA LEU B 76 2.32 55.41 9.38
C LEU B 76 3.31 54.33 9.82
N LEU B 77 3.08 53.10 9.34
CA LEU B 77 3.87 51.96 9.75
C LEU B 77 4.68 51.44 8.57
N PHE B 78 5.95 51.11 8.84
CA PHE B 78 6.86 50.56 7.85
C PHE B 78 7.28 49.16 8.30
N ILE B 79 7.22 48.20 7.38
CA ILE B 79 7.54 46.81 7.67
C ILE B 79 8.51 46.29 6.62
N LEU B 80 9.55 45.59 7.07
CA LEU B 80 10.50 44.94 6.16
C LEU B 80 10.67 43.50 6.60
N THR B 81 10.42 42.57 5.69
CA THR B 81 10.47 41.15 6.00
C THR B 81 11.86 40.58 5.73
N ALA B 82 12.08 39.35 6.22
CA ALA B 82 13.38 38.70 6.04
C ALA B 82 13.68 38.43 4.57
N LYS B 83 12.64 38.23 3.76
CA LYS B 83 12.81 38.10 2.32
C LYS B 83 12.83 39.46 1.62
N TYR B 84 13.09 40.53 2.36
CA TYR B 84 13.32 41.87 1.82
C TYR B 84 12.07 42.47 1.18
N ASN B 85 10.91 42.18 1.75
CA ASN B 85 9.68 42.84 1.33
C ASN B 85 9.50 44.12 2.14
N ALA B 86 9.34 45.24 1.45
CA ALA B 86 9.16 46.53 2.09
C ALA B 86 7.75 47.03 1.82
N CYS B 87 7.16 47.71 2.81
CA CYS B 87 5.81 48.21 2.67
C CYS B 87 5.57 49.29 3.71
N ILE B 88 4.64 50.19 3.40
CA ILE B 88 4.22 51.27 4.28
C ILE B 88 2.72 51.16 4.47
N LEU B 89 2.28 51.11 5.73
CA LEU B 89 0.92 50.72 6.06
C LEU B 89 0.19 51.83 6.80
N GLU B 90 -1.10 51.97 6.52
CA GLU B 90 -1.95 52.96 7.15
C GLU B 90 -3.14 52.26 7.81
N TYR B 91 -3.62 52.84 8.91
CA TYR B 91 -4.79 52.33 9.61
C TYR B 91 -6.04 53.05 9.09
N LYS B 92 -7.06 52.27 8.72
CA LYS B 92 -8.30 52.80 8.18
C LYS B 92 -9.48 52.18 8.89
N GLN B 93 -10.43 53.00 9.33
CA GLN B 93 -11.65 52.54 9.97
C GLN B 93 -12.84 53.21 9.29
N SER B 94 -13.68 52.42 8.62
CA SER B 94 -14.86 52.91 7.96
C SER B 94 -16.09 52.93 8.87
N GLY B 95 -15.90 52.76 10.18
CA GLY B 95 -17.00 52.72 11.11
C GLY B 95 -16.95 51.50 12.02
N GLU B 96 -17.23 50.32 11.44
CA GLU B 96 -17.15 49.07 12.18
C GLU B 96 -16.28 48.04 11.50
N SER B 97 -15.66 48.35 10.37
CA SER B 97 -14.83 47.42 9.61
C SER B 97 -13.39 47.91 9.67
N ILE B 98 -12.59 47.32 10.55
CA ILE B 98 -11.18 47.66 10.66
C ILE B 98 -10.43 47.00 9.51
N ASP B 99 -9.67 47.80 8.76
CA ASP B 99 -8.86 47.30 7.66
C ASP B 99 -7.53 48.04 7.63
N ILE B 100 -6.48 47.33 7.20
CA ILE B 100 -5.15 47.91 7.03
C ILE B 100 -4.86 47.94 5.53
N ILE B 101 -4.74 49.15 4.98
CA ILE B 101 -4.49 49.34 3.56
C ILE B 101 -3.00 49.57 3.35
N THR B 102 -2.47 49.02 2.25
CA THR B 102 -1.08 49.18 1.89
C THR B 102 -0.91 50.38 0.97
N ARG B 103 0.04 51.26 1.32
CA ARG B 103 0.30 52.46 0.53
C ARG B 103 1.39 52.24 -0.51
N ALA B 104 2.55 51.75 -0.07
CA ALA B 104 3.66 51.45 -0.96
C ALA B 104 4.16 50.04 -0.67
N HIS B 105 4.71 49.39 -1.69
CA HIS B 105 5.24 48.05 -1.54
C HIS B 105 6.34 47.83 -2.56
N GLY B 106 7.20 46.85 -2.28
CA GLY B 106 8.27 46.49 -3.19
C GLY B 106 9.37 45.68 -2.54
N ASN B 107 9.96 44.76 -3.29
CA ASN B 107 11.09 43.98 -2.81
C ASN B 107 12.37 44.79 -2.95
N VAL B 108 13.10 44.96 -1.85
CA VAL B 108 14.32 45.76 -1.83
C VAL B 108 15.56 44.88 -1.88
N GLN B 109 15.43 43.63 -2.31
CA GLN B 109 16.58 42.75 -2.45
C GLN B 109 17.45 43.20 -3.62
N ASP B 110 18.77 43.11 -3.42
CA ASP B 110 19.73 43.41 -4.47
C ASP B 110 20.25 42.12 -5.07
N ARG B 111 20.39 42.10 -6.40
CA ARG B 111 20.74 40.86 -7.10
C ARG B 111 22.03 40.24 -6.59
N ILE B 112 22.99 41.05 -6.17
CA ILE B 112 24.24 40.56 -5.60
C ILE B 112 24.43 41.20 -4.23
N GLY B 113 25.21 40.54 -3.40
CA GLY B 113 25.56 41.08 -2.10
C GLY B 113 25.71 40.00 -1.06
N ARG B 114 26.47 40.32 -0.02
CA ARG B 114 26.64 39.45 1.13
C ARG B 114 25.93 40.06 2.33
N PRO B 115 24.87 39.43 2.85
CA PRO B 115 24.17 40.01 4.00
C PRO B 115 25.09 40.16 5.20
N SER B 116 24.98 41.32 5.85
CA SER B 116 25.91 41.69 6.91
C SER B 116 25.71 40.82 8.15
N GLU B 117 26.71 40.83 9.02
CA GLU B 117 26.68 39.98 10.21
C GLU B 117 25.68 40.50 11.24
N THR B 118 25.56 41.82 11.38
CA THR B 118 24.65 42.40 12.36
C THR B 118 23.20 42.39 11.89
N GLY B 119 22.89 41.72 10.79
CA GLY B 119 21.51 41.60 10.35
C GLY B 119 20.98 42.89 9.76
N ILE B 120 19.74 42.79 9.26
CA ILE B 120 19.10 43.95 8.65
C ILE B 120 18.91 45.04 9.69
N ILE B 121 19.29 46.26 9.33
CA ILE B 121 19.13 47.43 10.18
C ILE B 121 18.34 48.48 9.40
N GLY B 122 17.15 48.82 9.90
CA GLY B 122 16.31 49.81 9.28
C GLY B 122 16.18 51.04 10.18
N ILE B 123 16.21 52.22 9.56
CA ILE B 123 16.10 53.48 10.27
C ILE B 123 15.27 54.45 9.44
N ILE B 124 14.73 55.45 10.12
CA ILE B 124 13.94 56.50 9.48
C ILE B 124 14.41 57.84 10.04
N ASP B 125 14.79 58.76 9.14
CA ASP B 125 15.31 60.04 9.57
C ASP B 125 14.21 60.89 10.22
N PRO B 126 14.56 61.73 11.20
CA PRO B 126 13.52 62.50 11.91
C PRO B 126 12.72 63.42 11.02
N GLU B 127 13.30 63.90 9.91
CA GLU B 127 12.57 64.77 9.01
C GLU B 127 11.54 64.02 8.17
N CYS B 128 11.54 62.67 8.25
CA CYS B 128 10.63 61.83 7.48
C CYS B 128 10.75 62.11 5.98
N ARG B 129 12.00 62.16 5.52
CA ARG B 129 12.30 62.36 4.11
C ARG B 129 12.86 61.11 3.44
N MET B 130 13.57 60.25 4.17
CA MET B 130 14.19 59.06 3.60
C MET B 130 14.04 57.89 4.55
N ILE B 131 14.42 56.71 4.07
CA ILE B 131 14.44 55.48 4.86
C ILE B 131 15.77 54.80 4.60
N GLY B 132 16.62 54.73 5.62
CA GLY B 132 17.93 54.12 5.49
C GLY B 132 17.87 52.65 5.89
N LEU B 133 18.55 51.82 5.10
CA LEU B 133 18.61 50.39 5.35
C LEU B 133 20.01 49.89 5.07
N ARG B 134 20.55 49.11 6.00
CA ARG B 134 21.85 48.47 5.83
C ARG B 134 21.56 46.98 5.66
N LEU B 135 21.34 46.56 4.41
CA LEU B 135 21.02 45.18 4.09
C LEU B 135 22.28 44.34 3.94
N TYR B 136 23.17 44.75 3.03
CA TYR B 136 24.40 44.04 2.74
C TYR B 136 25.59 44.89 3.18
N ASP B 137 26.76 44.26 3.20
CA ASP B 137 27.97 44.93 3.63
C ASP B 137 28.47 45.91 2.57
N GLY B 138 29.15 46.96 3.03
CA GLY B 138 29.73 47.94 2.14
C GLY B 138 28.73 48.76 1.35
N LEU B 139 27.44 48.61 1.62
CA LEU B 139 26.40 49.34 0.89
C LEU B 139 25.39 49.88 1.88
N PHE B 140 24.60 50.86 1.43
CA PHE B 140 23.61 51.53 2.27
C PHE B 140 22.43 51.93 1.38
N LYS B 141 21.43 51.05 1.32
CA LYS B 141 20.25 51.32 0.51
C LYS B 141 19.43 52.43 1.14
N VAL B 142 18.92 53.34 0.30
CA VAL B 142 18.15 54.49 0.73
C VAL B 142 16.89 54.57 -0.10
N ILE B 143 15.75 54.79 0.54
CA ILE B 143 14.46 54.96 -0.13
C ILE B 143 14.01 56.39 0.08
N PRO B 144 13.82 57.18 -0.98
CA PRO B 144 13.25 58.51 -0.80
C PRO B 144 11.77 58.43 -0.46
N LEU B 145 11.33 59.27 0.46
CA LEU B 145 9.94 59.29 0.91
C LEU B 145 9.11 60.36 0.22
N ASP B 146 9.26 60.51 -1.10
CA ASP B 146 8.38 61.41 -1.84
C ASP B 146 6.95 60.88 -1.80
N ARG B 147 6.00 61.79 -1.97
CA ARG B 147 4.59 61.38 -2.03
C ARG B 147 4.33 60.39 -3.15
N ASP B 148 5.09 60.50 -4.25
CA ASP B 148 4.87 59.64 -5.40
C ASP B 148 5.94 58.57 -5.50
N ASN B 149 6.15 57.81 -4.42
CA ASN B 149 7.03 56.65 -4.44
C ASN B 149 6.24 55.41 -4.02
N LYS B 150 5.11 55.18 -4.68
CA LYS B 150 4.24 54.05 -4.36
C LYS B 150 4.86 52.71 -4.74
N GLU B 151 6.06 52.69 -5.32
CA GLU B 151 6.77 51.46 -5.63
C GLU B 151 7.97 51.25 -4.72
N LEU B 152 8.26 52.18 -3.81
CA LEU B 152 9.43 52.12 -2.94
C LEU B 152 10.71 51.97 -3.75
N LYS B 153 10.81 52.72 -4.85
CA LYS B 153 12.04 52.77 -5.62
C LYS B 153 13.17 53.29 -4.74
N ALA B 154 14.30 52.59 -4.73
CA ALA B 154 15.39 52.90 -3.83
C ALA B 154 16.72 52.81 -4.59
N PHE B 155 17.76 53.37 -3.98
CA PHE B 155 19.09 53.38 -4.57
C PHE B 155 20.10 53.06 -3.49
N ASN B 156 21.26 52.56 -3.92
CA ASN B 156 22.35 52.22 -3.02
C ASN B 156 23.37 53.34 -2.97
N ILE B 157 24.13 53.36 -1.88
CA ILE B 157 25.21 54.33 -1.68
C ILE B 157 26.41 53.58 -1.13
N ARG B 158 27.51 53.58 -1.87
CA ARG B 158 28.69 52.82 -1.48
C ARG B 158 29.23 53.30 -0.15
N LEU B 159 29.90 52.39 0.56
CA LEU B 159 30.47 52.67 1.88
C LEU B 159 31.93 52.24 1.91
N GLU B 160 32.79 53.10 2.42
CA GLU B 160 34.19 52.73 2.63
C GLU B 160 34.32 51.77 3.81
N GLU B 161 33.52 51.98 4.85
CA GLU B 161 33.54 51.11 6.02
C GLU B 161 32.72 49.86 5.74
N LEU B 162 33.33 48.69 5.96
CA LEU B 162 32.69 47.41 5.66
C LEU B 162 32.02 46.80 6.88
N HIS B 163 32.71 46.73 8.02
CA HIS B 163 32.20 46.10 9.24
C HIS B 163 31.48 47.17 10.06
N VAL B 164 30.17 47.27 9.88
CA VAL B 164 29.35 48.25 10.59
C VAL B 164 28.60 47.55 11.71
N ILE B 165 28.69 48.11 12.92
CA ILE B 165 28.01 47.57 14.08
C ILE B 165 26.55 47.99 14.08
N ASP B 166 26.30 49.27 14.36
CA ASP B 166 24.94 49.77 14.49
C ASP B 166 24.90 51.21 14.00
N VAL B 167 23.81 51.57 13.30
CA VAL B 167 23.64 52.88 12.71
C VAL B 167 22.34 53.49 13.21
N LYS B 168 22.27 54.82 13.18
CA LYS B 168 21.11 55.55 13.67
C LYS B 168 21.09 56.94 13.04
N PHE B 169 19.89 57.41 12.69
CA PHE B 169 19.73 58.76 12.20
C PHE B 169 19.85 59.76 13.34
N LEU B 170 20.64 60.80 13.13
CA LEU B 170 20.88 61.80 14.17
C LEU B 170 19.76 62.83 14.20
N TYR B 171 19.38 63.22 15.41
CA TYR B 171 18.43 64.31 15.61
C TYR B 171 19.15 65.64 15.66
N GLY B 172 18.44 66.70 15.31
CA GLY B 172 19.02 68.03 15.39
C GLY B 172 20.00 68.36 14.28
N CYS B 173 19.71 67.95 13.05
CA CYS B 173 20.56 68.27 11.90
C CYS B 173 19.68 68.63 10.73
N GLN B 174 19.94 69.78 10.12
CA GLN B 174 19.16 70.24 8.98
C GLN B 174 19.38 69.39 7.73
N ALA B 175 20.33 68.46 7.76
CA ALA B 175 20.60 67.53 6.69
C ALA B 175 20.47 66.10 7.21
N PRO B 176 20.00 65.16 6.36
CA PRO B 176 19.90 63.77 6.82
C PRO B 176 21.26 63.21 7.22
N THR B 177 21.51 63.14 8.52
CA THR B 177 22.80 62.77 9.06
C THR B 177 22.67 61.46 9.83
N ILE B 178 23.54 60.50 9.50
CA ILE B 178 23.60 59.22 10.19
C ILE B 178 24.86 59.18 11.05
N CYS B 179 24.84 58.29 12.04
CA CYS B 179 25.95 58.12 12.96
C CYS B 179 26.04 56.64 13.32
N PHE B 180 27.22 56.05 13.18
CA PHE B 180 27.36 54.61 13.35
C PHE B 180 28.71 54.27 13.96
N VAL B 181 28.83 53.02 14.40
CA VAL B 181 30.08 52.45 14.89
C VAL B 181 30.55 51.40 13.89
N TYR B 182 31.86 51.34 13.68
CA TYR B 182 32.44 50.37 12.76
C TYR B 182 33.69 49.78 13.40
N GLN B 183 34.23 48.74 12.77
CA GLN B 183 35.44 48.09 13.24
C GLN B 183 36.35 47.77 12.06
N ASP B 184 37.60 48.20 12.17
CA ASP B 184 38.66 47.86 11.23
C ASP B 184 39.79 47.20 12.01
N PRO B 185 40.81 46.62 11.36
CA PRO B 185 41.93 46.03 12.10
C PRO B 185 42.61 46.98 13.08
N GLN B 186 42.39 48.29 12.93
CA GLN B 186 42.96 49.27 13.84
C GLN B 186 42.12 49.46 15.11
N GLY B 187 40.92 48.91 15.17
CA GLY B 187 40.06 49.00 16.33
C GLY B 187 38.65 49.40 15.95
N ARG B 188 37.88 49.81 16.96
CA ARG B 188 36.51 50.27 16.78
C ARG B 188 36.44 51.78 16.90
N HIS B 189 35.67 52.41 16.01
CA HIS B 189 35.57 53.86 15.95
C HIS B 189 34.11 54.25 15.69
N VAL B 190 33.87 55.55 15.59
CA VAL B 190 32.54 56.09 15.33
C VAL B 190 32.69 57.23 14.33
N LYS B 191 31.77 57.30 13.37
CA LYS B 191 31.80 58.32 12.32
C LYS B 191 30.39 58.83 12.06
N THR B 192 30.31 59.94 11.34
CA THR B 192 29.04 60.55 10.95
C THR B 192 29.10 60.94 9.48
N TYR B 193 28.00 60.74 8.76
CA TYR B 193 27.88 61.11 7.37
C TYR B 193 26.61 61.91 7.14
N GLU B 194 26.61 62.70 6.08
CA GLU B 194 25.44 63.45 5.64
C GLU B 194 25.03 62.94 4.27
N VAL B 195 23.73 62.70 4.08
CA VAL B 195 23.22 62.07 2.87
C VAL B 195 22.63 63.12 1.95
N SER B 196 23.03 63.09 0.68
CA SER B 196 22.46 63.95 -0.35
C SER B 196 21.31 63.19 -1.01
N LEU B 197 20.07 63.63 -0.75
CA LEU B 197 18.94 62.95 -1.38
C LEU B 197 18.92 63.18 -2.89
N ARG B 198 19.48 64.29 -3.37
CA ARG B 198 19.56 64.58 -4.79
C ARG B 198 20.90 64.18 -5.40
N GLU B 199 22.01 64.59 -4.78
CA GLU B 199 23.33 64.28 -5.33
C GLU B 199 23.71 62.81 -5.12
N LYS B 200 23.07 62.13 -4.17
CA LYS B 200 23.21 60.68 -3.97
C LYS B 200 24.66 60.28 -3.66
N GLU B 201 25.12 60.74 -2.50
CA GLU B 201 26.45 60.36 -2.02
C GLU B 201 26.57 60.74 -0.55
N PHE B 202 27.76 60.56 0.01
CA PHE B 202 28.06 60.93 1.38
C PHE B 202 28.94 62.17 1.39
N ASN B 203 28.62 63.12 2.26
CA ASN B 203 29.47 64.26 2.54
C ASN B 203 29.95 64.17 3.99
N LYS B 204 31.21 64.54 4.20
CA LYS B 204 31.84 64.37 5.50
C LYS B 204 30.98 64.98 6.61
N GLY B 205 30.75 64.21 7.66
CA GLY B 205 29.84 64.59 8.70
C GLY B 205 30.44 65.55 9.70
N PRO B 206 29.66 65.87 10.73
CA PRO B 206 30.12 66.85 11.73
C PRO B 206 31.39 66.41 12.46
N TRP B 207 31.35 65.25 13.11
CA TRP B 207 32.43 64.85 14.01
C TRP B 207 32.72 63.36 13.87
N LYS B 208 33.83 62.94 14.47
CA LYS B 208 34.24 61.55 14.56
C LYS B 208 35.28 61.44 15.66
N GLN B 209 35.35 60.26 16.28
CA GLN B 209 36.25 60.06 17.42
C GLN B 209 36.72 58.60 17.39
N GLU B 210 37.88 58.37 16.79
CA GLU B 210 38.40 57.03 16.62
C GLU B 210 38.81 56.44 17.98
N ASN B 211 39.00 55.12 17.98
CA ASN B 211 39.44 54.36 19.16
C ASN B 211 38.44 54.53 20.32
N VAL B 212 37.24 53.99 20.09
CA VAL B 212 36.19 54.02 21.10
C VAL B 212 36.34 52.81 22.01
N GLU B 213 35.31 52.51 22.79
CA GLU B 213 35.32 51.31 23.61
C GLU B 213 35.40 50.07 22.73
N ALA B 214 36.07 49.04 23.24
CA ALA B 214 36.32 47.85 22.43
C ALA B 214 35.05 47.09 22.11
N GLU B 215 34.03 47.18 22.97
CA GLU B 215 32.78 46.45 22.80
C GLU B 215 31.61 47.39 22.52
N ALA B 216 31.86 48.45 21.77
CA ALA B 216 30.79 49.36 21.36
C ALA B 216 29.79 48.62 20.48
N SER B 217 28.53 48.61 20.90
CA SER B 217 27.53 47.80 20.22
C SER B 217 26.25 48.57 19.91
N MET B 218 25.85 49.49 20.80
CA MET B 218 24.56 50.14 20.72
C MET B 218 24.73 51.64 20.52
N VAL B 219 23.97 52.19 19.57
CA VAL B 219 23.97 53.61 19.28
C VAL B 219 22.56 54.13 19.52
N ILE B 220 22.44 55.17 20.34
CA ILE B 220 21.15 55.77 20.66
C ILE B 220 21.22 57.24 20.24
N ALA B 221 20.33 57.63 19.34
CA ALA B 221 20.23 59.02 18.91
C ALA B 221 19.36 59.79 19.89
N VAL B 222 19.91 60.84 20.48
CA VAL B 222 19.20 61.63 21.47
C VAL B 222 18.46 62.75 20.73
N PRO B 223 17.16 62.93 20.95
CA PRO B 223 16.44 63.99 20.25
C PRO B 223 16.81 65.37 20.76
N GLU B 224 16.25 66.41 20.16
CA GLU B 224 16.47 67.76 20.67
C GLU B 224 15.86 67.90 22.06
N PRO B 225 16.42 68.77 22.91
CA PRO B 225 17.51 69.73 22.62
C PRO B 225 18.92 69.15 22.75
N PHE B 226 19.06 67.97 23.34
CA PHE B 226 20.39 67.41 23.56
C PHE B 226 21.13 67.21 22.24
N GLY B 227 20.53 66.46 21.32
CA GLY B 227 21.20 66.11 20.08
C GLY B 227 22.34 65.14 20.34
N GLY B 228 23.02 64.78 19.26
CA GLY B 228 24.13 63.85 19.39
C GLY B 228 23.67 62.42 19.56
N ALA B 229 24.57 61.61 20.11
CA ALA B 229 24.30 60.19 20.28
C ALA B 229 24.97 59.68 21.54
N ILE B 230 24.50 58.52 22.00
CA ILE B 230 25.07 57.81 23.14
C ILE B 230 25.64 56.50 22.64
N ILE B 231 26.76 56.08 23.22
CA ILE B 231 27.43 54.84 22.83
C ILE B 231 27.44 53.91 24.04
N ILE B 232 26.95 52.69 23.84
CA ILE B 232 26.88 51.68 24.87
C ILE B 232 27.90 50.59 24.57
N GLY B 233 28.51 50.06 25.62
CA GLY B 233 29.45 48.96 25.49
C GLY B 233 29.41 48.05 26.69
N GLN B 234 30.35 47.10 26.76
CA GLN B 234 30.44 46.25 27.94
C GLN B 234 30.90 47.04 29.16
N GLU B 235 31.78 48.02 28.95
CA GLU B 235 32.44 48.73 30.04
C GLU B 235 31.93 50.16 30.24
N SER B 236 31.72 50.92 29.17
CA SER B 236 31.51 52.35 29.27
C SER B 236 30.24 52.78 28.54
N ILE B 237 29.58 53.79 29.10
CA ILE B 237 28.49 54.51 28.43
C ILE B 237 29.00 55.92 28.14
N THR B 238 29.04 56.27 26.86
CA THR B 238 29.70 57.49 26.41
C THR B 238 28.72 58.38 25.65
N TYR B 239 28.94 59.69 25.75
CA TYR B 239 28.16 60.67 25.01
C TYR B 239 29.00 61.31 23.91
N HIS B 240 28.34 61.72 22.83
CA HIS B 240 29.02 62.29 21.68
C HIS B 240 28.12 63.32 21.02
N ASN B 241 28.49 64.60 21.13
CA ASN B 241 27.82 65.65 20.36
C ASN B 241 28.83 66.75 20.09
N GLY B 242 29.22 66.91 18.83
CA GLY B 242 30.24 67.88 18.49
C GLY B 242 31.58 67.52 19.13
N ASP B 243 32.25 68.53 19.68
CA ASP B 243 33.50 68.32 20.39
C ASP B 243 33.28 67.94 21.84
N LYS B 244 32.06 68.05 22.34
CA LYS B 244 31.74 67.61 23.70
C LYS B 244 31.88 66.09 23.79
N TYR B 245 32.41 65.61 24.92
CA TYR B 245 32.68 64.19 25.09
C TYR B 245 32.49 63.84 26.56
N LEU B 246 31.32 63.33 26.90
CA LEU B 246 31.02 62.85 28.25
C LEU B 246 31.12 61.33 28.26
N ALA B 247 31.78 60.79 29.28
CA ALA B 247 32.01 59.35 29.34
C ALA B 247 31.96 58.89 30.79
N ILE B 248 31.11 57.90 31.06
CA ILE B 248 31.02 57.28 32.38
C ILE B 248 31.29 55.79 32.23
N ALA B 249 31.57 55.14 33.37
CA ALA B 249 31.81 53.70 33.40
C ALA B 249 31.29 53.14 34.72
N PRO B 250 29.96 53.06 34.86
CA PRO B 250 29.38 52.60 36.13
C PRO B 250 29.65 51.12 36.35
N PRO B 251 30.15 50.76 37.54
CA PRO B 251 30.42 49.34 37.82
C PRO B 251 29.18 48.50 37.95
N ILE B 252 27.99 49.11 38.08
CA ILE B 252 26.76 48.37 38.29
C ILE B 252 26.27 47.66 37.03
N ILE B 253 26.88 47.94 35.88
CA ILE B 253 26.53 47.28 34.63
C ILE B 253 27.67 46.45 34.06
N LYS B 254 28.85 46.47 34.68
CA LYS B 254 29.97 45.68 34.19
C LYS B 254 29.73 44.18 34.34
N GLN B 255 28.67 43.77 35.04
CA GLN B 255 28.43 42.36 35.30
C GLN B 255 27.74 41.64 34.14
N SER B 256 27.04 42.37 33.27
CA SER B 256 26.36 41.78 32.13
C SER B 256 26.26 42.82 31.02
N THR B 257 25.68 42.40 29.89
CA THR B 257 25.70 43.18 28.66
C THR B 257 24.33 43.82 28.39
N ILE B 258 24.36 45.08 27.96
CA ILE B 258 23.14 45.78 27.57
C ILE B 258 22.75 45.34 26.16
N VAL B 259 21.46 45.04 25.97
CA VAL B 259 21.02 44.44 24.71
C VAL B 259 19.93 45.28 24.05
N CYS B 260 19.13 45.99 24.84
CA CYS B 260 18.01 46.73 24.30
C CYS B 260 17.80 48.01 25.10
N HIS B 261 17.09 48.95 24.49
CA HIS B 261 16.89 50.28 25.07
C HIS B 261 15.52 50.80 24.67
N ASN B 262 15.16 51.96 25.23
CA ASN B 262 13.92 52.65 24.90
C ASN B 262 13.94 54.03 25.54
N ARG B 263 13.32 54.99 24.86
CA ARG B 263 13.17 56.35 25.37
C ARG B 263 11.89 56.48 26.21
N VAL B 264 12.00 57.10 27.37
CA VAL B 264 10.85 57.31 28.25
C VAL B 264 10.18 58.62 27.89
N ASP B 265 10.83 59.74 28.20
CA ASP B 265 10.26 61.06 27.93
C ASP B 265 10.73 61.55 26.56
N PRO B 266 9.82 62.10 25.75
CA PRO B 266 10.21 62.53 24.39
C PRO B 266 11.30 63.60 24.35
N ASN B 267 11.60 64.27 25.47
CA ASN B 267 12.69 65.24 25.46
C ASN B 267 14.04 64.56 25.33
N GLY B 268 14.25 63.46 26.05
CA GLY B 268 15.48 62.71 25.92
C GLY B 268 16.34 62.67 27.17
N SER B 269 15.76 62.92 28.33
CA SER B 269 16.52 62.90 29.57
C SER B 269 16.56 61.54 30.23
N ARG B 270 15.48 60.76 30.14
CA ARG B 270 15.37 59.46 30.79
C ARG B 270 15.36 58.37 29.73
N TYR B 271 16.28 57.41 29.86
CA TYR B 271 16.37 56.26 28.97
C TYR B 271 16.30 54.98 29.77
N LEU B 272 15.77 53.93 29.15
CA LEU B 272 15.70 52.61 29.74
C LEU B 272 16.77 51.70 29.13
N LEU B 273 17.30 50.81 29.95
CA LEU B 273 18.37 49.90 29.54
C LEU B 273 18.01 48.47 29.93
N GLY B 274 17.94 47.59 28.94
CA GLY B 274 17.64 46.19 29.17
C GLY B 274 18.90 45.35 29.16
N ASP B 275 19.01 44.49 30.17
CA ASP B 275 20.18 43.64 30.35
C ASP B 275 19.99 42.30 29.66
N MET B 276 21.08 41.54 29.56
CA MET B 276 21.01 40.20 29.00
C MET B 276 20.54 39.16 30.00
N GLU B 277 20.66 39.45 31.30
CA GLU B 277 20.21 38.54 32.35
C GLU B 277 18.87 38.95 32.95
N GLY B 278 18.20 39.95 32.37
CA GLY B 278 16.91 40.38 32.85
C GLY B 278 16.92 41.65 33.69
N ARG B 279 18.09 42.19 34.01
CA ARG B 279 18.14 43.43 34.78
C ARG B 279 17.52 44.58 33.98
N LEU B 280 17.16 45.64 34.70
CA LEU B 280 16.54 46.81 34.08
C LEU B 280 17.19 48.06 34.67
N PHE B 281 17.74 48.90 33.80
CA PHE B 281 18.44 50.11 34.20
C PHE B 281 17.76 51.32 33.60
N MET B 282 17.86 52.45 34.30
CA MET B 282 17.37 53.73 33.81
C MET B 282 18.54 54.68 33.66
N LEU B 283 18.85 55.06 32.43
CA LEU B 283 19.87 56.07 32.20
C LEU B 283 19.25 57.45 32.40
N LEU B 284 20.03 58.34 33.01
CA LEU B 284 19.55 59.68 33.34
C LEU B 284 20.57 60.69 32.85
N LEU B 285 20.11 61.70 32.12
CA LEU B 285 20.95 62.74 31.58
C LEU B 285 20.70 64.03 32.35
N GLU B 286 21.77 64.66 32.83
CA GLU B 286 21.66 65.85 33.66
C GLU B 286 21.83 67.08 32.77
N LYS B 287 20.83 67.94 32.77
CA LYS B 287 20.81 69.14 31.96
C LYS B 287 21.01 70.39 32.80
N GLU B 288 21.32 71.49 32.12
CA GLU B 288 21.39 72.80 32.76
C GLU B 288 21.00 73.85 31.74
N GLU B 289 19.90 74.55 32.01
CA GLU B 289 19.37 75.57 31.09
C GLU B 289 20.04 76.89 31.39
N GLN B 290 21.12 77.20 30.65
CA GLN B 290 21.84 78.45 30.86
C GLN B 290 20.94 79.65 30.57
N MET B 291 20.40 79.73 29.36
CA MET B 291 19.37 80.68 29.00
C MET B 291 18.20 79.91 28.41
N ASP B 292 17.15 80.63 28.05
CA ASP B 292 16.08 80.02 27.26
C ASP B 292 16.60 79.72 25.85
N GLY B 293 16.53 78.47 25.45
CA GLY B 293 17.07 78.06 24.18
C GLY B 293 18.10 76.95 24.32
N THR B 294 19.33 77.31 24.67
CA THR B 294 20.40 76.33 24.78
C THR B 294 20.21 75.44 26.00
N VAL B 295 20.41 74.14 25.81
CA VAL B 295 20.38 73.16 26.88
C VAL B 295 21.63 72.30 26.72
N THR B 296 22.56 72.43 27.66
CA THR B 296 23.81 71.70 27.62
C THR B 296 23.78 70.52 28.59
N LEU B 297 24.46 69.44 28.21
CA LEU B 297 24.45 68.21 28.97
C LEU B 297 25.53 68.25 30.03
N LYS B 298 25.14 67.95 31.28
CA LYS B 298 26.07 68.02 32.42
C LYS B 298 26.68 66.66 32.76
N ASP B 299 25.85 65.67 33.09
CA ASP B 299 26.36 64.37 33.47
C ASP B 299 25.33 63.29 33.13
N LEU B 300 25.76 62.03 33.23
CA LEU B 300 24.94 60.87 32.94
C LEU B 300 24.94 59.96 34.17
N ARG B 301 23.75 59.57 34.62
CA ARG B 301 23.60 58.69 35.77
C ARG B 301 22.77 57.48 35.38
N VAL B 302 22.98 56.37 36.08
CA VAL B 302 22.27 55.13 35.82
C VAL B 302 21.93 54.47 37.16
N GLU B 303 20.72 53.92 37.26
CA GLU B 303 20.26 53.25 38.46
C GLU B 303 19.64 51.91 38.10
N LEU B 304 19.88 50.90 38.93
CA LEU B 304 19.24 49.60 38.77
C LEU B 304 17.83 49.65 39.35
N LEU B 305 16.83 49.24 38.55
CA LEU B 305 15.45 49.34 39.00
C LEU B 305 14.85 48.01 39.41
N GLY B 306 15.47 46.90 39.08
CA GLY B 306 14.99 45.60 39.51
C GLY B 306 15.20 44.56 38.44
N GLU B 307 14.53 43.42 38.63
CA GLU B 307 14.63 42.28 37.73
C GLU B 307 13.38 42.18 36.88
N THR B 308 13.55 41.79 35.61
CA THR B 308 12.47 41.59 34.68
C THR B 308 12.65 40.25 34.00
N SER B 309 11.71 39.91 33.12
CA SER B 309 11.96 38.83 32.18
C SER B 309 13.11 39.22 31.25
N ILE B 310 13.88 38.22 30.81
CA ILE B 310 15.02 38.49 29.93
C ILE B 310 14.51 39.20 28.69
N ALA B 311 14.74 40.50 28.62
CA ALA B 311 14.05 41.34 27.66
C ALA B 311 14.72 41.33 26.30
N GLU B 312 13.89 41.29 25.26
CA GLU B 312 14.33 41.48 23.88
C GLU B 312 14.03 42.89 23.39
N CYS B 313 12.82 43.38 23.63
CA CYS B 313 12.43 44.75 23.31
C CYS B 313 11.72 45.37 24.51
N LEU B 314 11.86 46.68 24.64
CA LEU B 314 11.25 47.42 25.73
C LEU B 314 10.60 48.69 25.19
N THR B 315 9.53 49.11 25.87
CA THR B 315 8.90 50.40 25.54
C THR B 315 8.14 50.91 26.75
N TYR B 316 8.49 52.11 27.20
CA TYR B 316 7.67 52.80 28.19
C TYR B 316 6.36 53.23 27.56
N LEU B 317 5.27 53.14 28.33
CA LEU B 317 3.95 53.47 27.81
C LEU B 317 3.51 54.79 28.40
N ASP B 318 2.77 54.80 29.50
CA ASP B 318 2.34 56.05 30.12
C ASP B 318 1.94 55.77 31.56
N ASN B 319 2.00 56.82 32.38
CA ASN B 319 1.67 56.76 33.81
C ASN B 319 2.59 55.82 34.58
N GLY B 320 3.74 55.48 34.01
CA GLY B 320 4.74 54.69 34.72
C GLY B 320 4.72 53.20 34.46
N VAL B 321 4.05 52.74 33.40
CA VAL B 321 3.97 51.32 33.08
C VAL B 321 4.84 51.04 31.86
N VAL B 322 5.50 49.88 31.86
CA VAL B 322 6.44 49.50 30.81
C VAL B 322 6.09 48.11 30.31
N PHE B 323 6.13 47.94 28.99
CA PHE B 323 5.97 46.62 28.39
C PHE B 323 7.32 45.97 28.16
N VAL B 324 7.49 44.76 28.66
CA VAL B 324 8.72 43.98 28.51
C VAL B 324 8.40 42.84 27.56
N GLY B 325 8.85 42.96 26.30
CA GLY B 325 8.71 41.90 25.33
C GLY B 325 9.92 40.99 25.38
N SER B 326 9.66 39.69 25.50
CA SER B 326 10.73 38.71 25.66
C SER B 326 10.58 37.59 24.64
N ARG B 327 11.72 36.99 24.29
CA ARG B 327 11.75 35.79 23.47
C ARG B 327 12.16 34.54 24.23
N LEU B 328 12.79 34.70 25.40
CA LEU B 328 13.14 33.57 26.25
C LEU B 328 12.03 33.20 27.21
N GLY B 329 11.36 34.20 27.80
CA GLY B 329 10.31 33.93 28.75
C GLY B 329 9.04 34.72 28.49
N ASP B 330 8.15 34.73 29.48
CA ASP B 330 6.88 35.42 29.33
C ASP B 330 7.08 36.92 29.19
N SER B 331 6.19 37.56 28.43
CA SER B 331 6.22 39.01 28.28
C SER B 331 5.49 39.67 29.46
N GLN B 332 6.06 40.76 29.95
CA GLN B 332 5.60 41.40 31.17
C GLN B 332 5.04 42.79 30.90
N LEU B 333 4.02 43.15 31.66
CA LEU B 333 3.61 44.53 31.86
C LEU B 333 4.02 44.90 33.27
N VAL B 334 4.94 45.84 33.41
CA VAL B 334 5.53 46.18 34.71
C VAL B 334 5.26 47.64 35.02
N LYS B 335 4.87 47.90 36.26
CA LYS B 335 4.77 49.26 36.80
C LYS B 335 5.96 49.50 37.71
N LEU B 336 6.69 50.57 37.46
CA LEU B 336 7.88 50.93 38.24
C LEU B 336 7.57 52.20 39.03
N ASN B 337 7.66 52.10 40.35
CA ASN B 337 7.36 53.21 41.25
C ASN B 337 8.62 54.01 41.55
N VAL B 338 8.43 55.14 42.24
CA VAL B 338 9.57 55.93 42.71
C VAL B 338 10.05 55.50 44.08
N ASP B 339 9.31 54.63 44.76
CA ASP B 339 9.67 54.16 46.09
C ASP B 339 10.26 52.76 45.98
N SER B 340 11.45 52.57 46.54
CA SER B 340 12.10 51.27 46.52
C SER B 340 11.29 50.28 47.35
N ASN B 341 10.96 49.14 46.74
CA ASN B 341 10.17 48.11 47.42
C ASN B 341 10.91 47.55 48.62
N GLU B 342 10.15 46.83 49.46
CA GLU B 342 10.73 46.23 50.66
C GLU B 342 11.79 45.19 50.33
N GLN B 343 11.58 44.44 49.24
CA GLN B 343 12.56 43.42 48.87
C GLN B 343 13.83 44.03 48.31
N GLY B 344 13.74 45.21 47.71
CA GLY B 344 14.92 45.85 47.17
C GLY B 344 14.60 47.02 46.26
N SER B 345 14.51 46.75 44.95
CA SER B 345 14.43 47.80 43.96
C SER B 345 12.97 48.15 43.66
N TYR B 346 12.77 49.05 42.69
CA TYR B 346 11.50 49.74 42.49
C TYR B 346 10.72 49.20 41.29
N VAL B 347 10.63 47.88 41.11
CA VAL B 347 9.87 47.32 40.01
C VAL B 347 8.87 46.32 40.56
N VAL B 348 7.71 46.25 39.90
CA VAL B 348 6.62 45.36 40.29
C VAL B 348 5.94 44.87 39.03
N ALA B 349 5.72 43.56 38.92
CA ALA B 349 5.05 42.99 37.77
C ALA B 349 3.54 43.16 37.90
N MET B 350 2.90 43.48 36.78
CA MET B 350 1.45 43.62 36.72
C MET B 350 0.83 42.42 36.01
N GLU B 351 1.05 42.28 34.72
CA GLU B 351 0.54 41.16 33.94
C GLU B 351 1.70 40.31 33.43
N THR B 352 1.36 39.10 32.98
CA THR B 352 2.35 38.13 32.51
C THR B 352 1.79 37.42 31.30
N PHE B 353 2.33 37.73 30.12
CA PHE B 353 1.84 37.19 28.86
C PHE B 353 2.54 35.88 28.55
N THR B 354 1.76 34.81 28.33
CA THR B 354 2.33 33.49 28.08
C THR B 354 3.25 33.51 26.86
N ASN B 355 4.28 32.67 26.90
CA ASN B 355 5.27 32.62 25.81
C ASN B 355 5.91 31.24 25.84
N LEU B 356 5.61 30.43 24.83
CA LEU B 356 6.15 29.07 24.76
C LEU B 356 7.58 29.01 24.25
N GLY B 357 8.06 30.07 23.58
CA GLY B 357 9.37 30.05 22.99
C GLY B 357 10.48 30.30 24.00
N PRO B 358 11.64 29.68 23.78
CA PRO B 358 11.85 28.68 22.73
C PRO B 358 11.47 27.27 23.16
N ILE B 359 11.16 26.41 22.20
CA ILE B 359 10.81 25.02 22.47
C ILE B 359 12.02 24.18 22.08
N VAL B 360 12.67 23.58 23.07
CA VAL B 360 13.83 22.74 22.80
C VAL B 360 13.44 21.27 22.61
N ASP B 361 12.34 20.85 23.21
CA ASP B 361 11.83 19.50 23.05
C ASP B 361 10.40 19.46 23.58
N MET B 362 9.65 18.47 23.14
CA MET B 362 8.28 18.28 23.62
C MET B 362 7.88 16.84 23.36
N CYS B 363 6.90 16.37 24.13
CA CYS B 363 6.38 15.02 24.00
C CYS B 363 4.87 15.05 24.16
N VAL B 364 4.20 14.05 23.60
CA VAL B 364 2.76 13.94 23.71
C VAL B 364 2.44 12.91 24.78
N VAL B 365 1.34 13.13 25.49
CA VAL B 365 1.00 12.32 26.65
C VAL B 365 -0.51 12.29 26.81
N ASP B 366 -1.04 11.13 27.20
CA ASP B 366 -2.45 10.98 27.53
C ASP B 366 -2.58 11.16 29.04
N LEU B 367 -2.53 12.43 29.46
CA LEU B 367 -2.43 12.72 30.88
C LEU B 367 -3.73 12.41 31.61
N GLU B 368 -4.88 12.66 30.97
CA GLU B 368 -6.18 12.38 31.58
C GLU B 368 -6.63 10.96 31.19
N ARG B 369 -5.86 9.99 31.69
CA ARG B 369 -6.10 8.55 31.44
C ARG B 369 -6.00 8.34 29.93
N GLN B 370 -7.01 7.76 29.29
CA GLN B 370 -6.99 7.56 27.85
C GLN B 370 -7.93 8.55 27.16
N GLY B 371 -7.88 8.55 25.83
CA GLY B 371 -8.68 9.49 25.07
C GLY B 371 -7.87 10.37 24.14
N GLN B 372 -7.89 11.67 24.39
CA GLN B 372 -7.14 12.63 23.60
C GLN B 372 -5.81 12.96 24.26
N GLY B 373 -4.81 13.25 23.43
CA GLY B 373 -3.49 13.55 23.92
C GLY B 373 -3.33 14.98 24.40
N GLN B 374 -2.30 15.17 25.23
CA GLN B 374 -1.88 16.48 25.70
C GLN B 374 -0.40 16.65 25.39
N LEU B 375 0.06 17.89 25.38
CA LEU B 375 1.40 18.23 24.93
C LEU B 375 2.15 18.94 26.04
N VAL B 376 3.33 18.42 26.38
CA VAL B 376 4.18 18.98 27.42
C VAL B 376 5.52 19.32 26.79
N THR B 377 5.94 20.58 26.92
CA THR B 377 7.13 21.09 26.26
C THR B 377 8.17 21.53 27.28
N CYS B 378 9.43 21.56 26.82
CA CYS B 378 10.52 22.22 27.52
C CYS B 378 10.66 23.62 26.91
N SER B 379 10.14 24.62 27.62
CA SER B 379 10.07 25.98 27.11
C SER B 379 11.03 26.89 27.88
N GLY B 380 11.52 27.92 27.19
CA GLY B 380 12.32 28.93 27.83
C GLY B 380 13.77 28.54 28.00
N ALA B 381 14.54 29.48 28.53
CA ALA B 381 15.94 29.26 28.85
C ALA B 381 16.31 30.12 30.05
N PHE B 382 17.37 29.72 30.73
CA PHE B 382 17.93 30.45 31.88
C PHE B 382 16.85 30.50 32.98
N LYS B 383 16.74 31.60 33.72
CA LYS B 383 15.74 31.69 34.79
C LYS B 383 14.32 31.66 34.25
N GLU B 384 14.12 31.91 32.97
CA GLU B 384 12.82 31.82 32.35
C GLU B 384 12.41 30.38 32.02
N GLY B 385 13.26 29.41 32.33
CA GLY B 385 12.98 28.01 32.09
C GLY B 385 11.67 27.54 32.70
N SER B 386 10.90 26.79 31.92
CA SER B 386 9.57 26.38 32.35
C SER B 386 9.08 25.23 31.48
N LEU B 387 8.23 24.40 32.07
CA LEU B 387 7.46 23.42 31.31
C LEU B 387 6.07 23.98 31.06
N ARG B 388 5.50 23.62 29.91
CA ARG B 388 4.16 24.07 29.54
C ARG B 388 3.31 22.86 29.16
N ILE B 389 2.12 22.78 29.75
CA ILE B 389 1.19 21.69 29.50
C ILE B 389 0.03 22.27 28.70
N ILE B 390 -0.14 21.79 27.46
CA ILE B 390 -1.06 22.37 26.51
C ILE B 390 -2.14 21.32 26.20
N ARG B 391 -3.39 21.66 26.52
CA ARG B 391 -4.53 20.79 26.31
C ARG B 391 -5.56 21.50 25.44
N ASN B 392 -6.22 20.73 24.58
CA ASN B 392 -7.25 21.25 23.69
C ASN B 392 -8.61 21.02 24.32
N GLY B 393 -9.33 22.10 24.60
CA GLY B 393 -10.63 21.97 25.25
C GLY B 393 -11.23 23.32 25.54
N ILE B 394 -12.34 23.28 26.27
CA ILE B 394 -13.15 24.45 26.60
C ILE B 394 -12.85 24.87 28.03
N GLY B 395 -12.63 26.17 28.24
CA GLY B 395 -12.38 26.68 29.58
C GLY B 395 -13.66 27.00 30.33
N ILE B 396 -13.52 27.21 31.64
CA ILE B 396 -14.63 27.53 32.53
C ILE B 396 -14.14 28.55 33.54
N HIS B 397 -14.79 29.71 33.59
CA HIS B 397 -14.43 30.78 34.52
C HIS B 397 -15.20 30.55 35.81
N GLU B 398 -14.55 29.93 36.80
CA GLU B 398 -15.20 29.66 38.08
C GLU B 398 -15.52 30.96 38.80
N HIS B 399 -16.81 31.21 39.04
CA HIS B 399 -17.24 32.37 39.79
C HIS B 399 -17.40 32.08 41.28
N ALA B 400 -17.70 30.84 41.65
CA ALA B 400 -17.87 30.46 43.04
C ALA B 400 -17.78 28.95 43.17
N SER B 401 -17.07 28.48 44.19
CA SER B 401 -16.94 27.07 44.50
C SER B 401 -17.35 26.84 45.94
N ILE B 402 -18.18 25.80 46.17
CA ILE B 402 -18.71 25.50 47.48
C ILE B 402 -18.56 24.01 47.73
N ASP B 403 -17.82 23.65 48.78
CA ASP B 403 -17.75 22.25 49.21
C ASP B 403 -19.13 21.78 49.62
N LEU B 404 -19.62 20.74 48.94
CA LEU B 404 -20.99 20.30 49.14
C LEU B 404 -21.15 18.89 48.55
N PRO B 405 -20.88 17.85 49.33
CA PRO B 405 -20.88 16.50 48.77
C PRO B 405 -22.28 15.91 48.65
N GLY B 406 -22.36 14.85 47.86
CA GLY B 406 -23.58 14.08 47.72
C GLY B 406 -24.58 14.62 46.71
N ILE B 407 -24.26 15.70 46.01
CA ILE B 407 -25.21 16.28 45.05
C ILE B 407 -25.49 15.27 43.95
N LYS B 408 -26.74 14.84 43.85
CA LYS B 408 -27.16 13.88 42.83
C LYS B 408 -28.19 14.47 41.87
N GLY B 409 -28.41 15.78 41.92
CA GLY B 409 -29.33 16.45 41.02
C GLY B 409 -29.25 17.95 41.16
N LEU B 410 -29.56 18.69 40.09
CA LEU B 410 -29.37 20.13 40.08
C LEU B 410 -30.40 20.75 39.15
N TRP B 411 -31.17 21.71 39.68
CA TRP B 411 -32.21 22.37 38.89
C TRP B 411 -32.32 23.84 39.27
N PRO B 412 -32.43 24.72 38.29
CA PRO B 412 -32.68 26.14 38.57
C PRO B 412 -34.17 26.42 38.72
N LEU B 413 -34.47 27.49 39.46
CA LEU B 413 -35.85 27.79 39.83
C LEU B 413 -36.07 29.29 39.83
N ARG B 414 -37.24 29.70 39.33
CA ARG B 414 -37.68 31.09 39.32
C ARG B 414 -38.78 31.23 40.36
N SER B 415 -38.44 31.76 41.53
CA SER B 415 -39.39 31.85 42.64
C SER B 415 -40.37 33.01 42.50
N ASP B 416 -40.25 33.86 41.48
CA ASP B 416 -41.14 35.01 41.39
C ASP B 416 -41.13 35.58 39.97
N PRO B 417 -42.26 35.57 39.27
CA PRO B 417 -42.41 36.25 37.98
C PRO B 417 -42.79 37.72 38.16
N GLU B 420 -38.62 35.64 34.14
CA GLU B 420 -37.49 36.55 34.27
C GLU B 420 -36.17 35.82 34.34
N THR B 421 -35.54 35.87 35.51
CA THR B 421 -34.24 35.29 35.74
C THR B 421 -34.32 34.30 36.91
N ASP B 422 -33.51 33.24 36.83
CA ASP B 422 -33.44 32.26 37.90
C ASP B 422 -32.99 32.92 39.20
N ASP B 423 -33.52 32.43 40.32
CA ASP B 423 -33.14 32.94 41.63
C ASP B 423 -32.96 31.85 42.67
N THR B 424 -33.27 30.60 42.36
CA THR B 424 -33.26 29.52 43.33
C THR B 424 -32.65 28.27 42.71
N LEU B 425 -31.79 27.60 43.46
CA LEU B 425 -31.14 26.37 43.03
C LEU B 425 -31.57 25.25 43.96
N VAL B 426 -32.12 24.18 43.37
CA VAL B 426 -32.59 23.02 44.13
C VAL B 426 -31.58 21.91 43.97
N LEU B 427 -31.18 21.31 45.10
CA LEU B 427 -30.16 20.27 45.15
C LEU B 427 -30.79 18.99 45.68
N SER B 428 -30.67 17.91 44.92
CA SER B 428 -31.17 16.60 45.34
C SER B 428 -30.01 15.76 45.86
N PHE B 429 -30.14 15.29 47.08
CA PHE B 429 -29.16 14.41 47.69
C PHE B 429 -29.70 12.98 47.70
N VAL B 430 -28.97 12.08 48.37
CA VAL B 430 -29.40 10.69 48.43
C VAL B 430 -30.63 10.60 49.32
N GLY B 431 -31.78 10.29 48.72
CA GLY B 431 -33.02 10.14 49.48
C GLY B 431 -33.48 11.39 50.19
N GLN B 432 -33.17 12.57 49.65
CA GLN B 432 -33.52 13.82 50.30
C GLN B 432 -33.41 14.96 49.29
N THR B 433 -33.71 16.17 49.73
CA THR B 433 -33.69 17.33 48.85
C THR B 433 -33.56 18.61 49.68
N ARG B 434 -32.79 19.56 49.16
CA ARG B 434 -32.64 20.89 49.76
C ARG B 434 -32.82 21.95 48.70
N VAL B 435 -32.88 23.20 49.15
CA VAL B 435 -33.14 24.35 48.29
C VAL B 435 -32.20 25.48 48.69
N LEU B 436 -31.53 26.08 47.71
CA LEU B 436 -30.65 27.22 47.92
C LEU B 436 -31.26 28.46 47.29
N MET B 437 -31.09 29.60 47.96
CA MET B 437 -31.58 30.88 47.47
C MET B 437 -30.40 31.78 47.14
N LEU B 438 -30.55 32.56 46.07
CA LEU B 438 -29.46 33.37 45.51
C LEU B 438 -29.80 34.84 45.65
N ASN B 439 -29.20 35.50 46.64
CA ASN B 439 -29.31 36.95 46.82
C ASN B 439 -27.95 37.54 46.46
N GLY B 440 -27.81 37.98 45.22
CA GLY B 440 -26.51 38.43 44.75
C GLY B 440 -25.59 37.24 44.54
N GLU B 441 -24.34 37.41 44.97
CA GLU B 441 -23.34 36.35 44.87
C GLU B 441 -23.28 35.50 46.13
N GLU B 442 -24.18 35.73 47.08
CA GLU B 442 -24.18 35.01 48.36
C GLU B 442 -25.30 33.98 48.36
N VAL B 443 -24.95 32.72 48.61
CA VAL B 443 -25.90 31.62 48.60
C VAL B 443 -26.24 31.26 50.04
N GLU B 444 -27.53 31.04 50.32
CA GLU B 444 -28.01 30.72 51.65
C GLU B 444 -29.16 29.73 51.51
N GLU B 445 -29.30 28.86 52.52
CA GLU B 445 -30.35 27.86 52.50
C GLU B 445 -31.70 28.50 52.85
N THR B 446 -32.69 28.25 52.00
CA THR B 446 -34.07 28.63 52.26
C THR B 446 -34.95 27.41 52.12
N GLU B 447 -36.22 27.56 52.50
CA GLU B 447 -37.21 26.52 52.32
C GLU B 447 -38.24 26.98 51.31
N LEU B 448 -38.83 26.02 50.59
CA LEU B 448 -39.79 26.30 49.53
C LEU B 448 -41.10 25.62 49.89
N MET B 449 -42.06 26.40 50.38
CA MET B 449 -43.34 25.85 50.80
C MET B 449 -44.06 25.20 49.62
N GLY B 450 -44.54 23.99 49.83
CA GLY B 450 -45.13 23.18 48.79
C GLY B 450 -44.20 22.11 48.28
N PHE B 451 -42.89 22.32 48.41
CA PHE B 451 -41.91 21.30 48.09
C PHE B 451 -41.63 20.44 49.31
N VAL B 452 -41.50 19.13 49.09
CA VAL B 452 -41.22 18.18 50.15
C VAL B 452 -39.72 17.92 50.20
N ASP B 453 -39.14 18.03 51.40
CA ASP B 453 -37.69 18.04 51.58
C ASP B 453 -37.17 16.76 52.22
N ASP B 454 -37.94 15.67 52.17
CA ASP B 454 -37.50 14.40 52.73
C ASP B 454 -37.52 13.27 51.71
N GLN B 455 -37.56 13.61 50.42
CA GLN B 455 -37.53 12.63 49.35
C GLN B 455 -36.51 13.05 48.30
N GLN B 456 -36.01 12.06 47.56
CA GLN B 456 -35.06 12.33 46.50
C GLN B 456 -35.78 12.92 45.30
N THR B 457 -35.44 14.16 44.95
CA THR B 457 -36.08 14.83 43.83
C THR B 457 -35.45 14.37 42.52
N PHE B 458 -36.29 13.98 41.57
CA PHE B 458 -35.83 13.55 40.26
C PHE B 458 -35.95 14.64 39.21
N PHE B 459 -36.76 15.65 39.46
CA PHE B 459 -36.92 16.81 38.57
C PHE B 459 -37.71 17.88 39.32
N CYS B 460 -37.35 19.14 39.07
CA CYS B 460 -38.19 20.26 39.46
C CYS B 460 -37.87 21.42 38.54
N GLY B 461 -38.83 22.33 38.40
CA GLY B 461 -38.67 23.45 37.51
C GLY B 461 -39.96 24.22 37.28
N ASN B 462 -39.84 25.44 36.77
CA ASN B 462 -41.02 26.23 36.45
C ASN B 462 -41.80 25.59 35.30
N VAL B 463 -43.12 25.65 35.39
CA VAL B 463 -43.99 25.08 34.36
C VAL B 463 -45.05 26.11 33.99
N ALA B 464 -46.10 25.66 33.30
CA ALA B 464 -47.10 26.57 32.77
C ALA B 464 -48.06 27.03 33.87
N HIS B 465 -48.81 28.09 33.56
CA HIS B 465 -49.86 28.62 34.43
C HIS B 465 -49.31 29.09 35.77
N GLN B 466 -48.12 29.70 35.74
CA GLN B 466 -47.50 30.30 36.92
C GLN B 466 -47.41 29.29 38.07
N GLN B 467 -46.85 28.12 37.76
CA GLN B 467 -46.75 27.04 38.73
C GLN B 467 -45.34 26.47 38.74
N LEU B 468 -45.06 25.68 39.76
CA LEU B 468 -43.83 24.90 39.90
C LEU B 468 -44.18 23.42 39.86
N ILE B 469 -43.18 22.58 40.06
CA ILE B 469 -43.38 21.13 40.08
C ILE B 469 -42.20 20.50 40.78
N GLN B 470 -42.43 19.32 41.36
CA GLN B 470 -41.37 18.54 41.98
C GLN B 470 -41.73 17.07 41.83
N ILE B 471 -40.82 16.29 41.30
CA ILE B 471 -41.04 14.87 41.06
C ILE B 471 -40.12 14.10 41.98
N THR B 472 -40.66 13.64 43.10
CA THR B 472 -39.90 12.87 44.07
C THR B 472 -39.90 11.40 43.67
N SER B 473 -39.36 10.55 44.54
CA SER B 473 -39.38 9.11 44.28
C SER B 473 -40.79 8.53 44.40
N ALA B 474 -41.67 9.18 45.16
CA ALA B 474 -42.99 8.63 45.44
C ALA B 474 -44.14 9.47 44.89
N SER B 475 -43.95 10.77 44.70
CA SER B 475 -45.05 11.65 44.30
C SER B 475 -44.65 12.50 43.10
N VAL B 476 -45.63 13.24 42.59
CA VAL B 476 -45.41 14.24 41.54
C VAL B 476 -46.12 15.51 41.97
N ARG B 477 -45.49 16.28 42.86
CA ARG B 477 -46.14 17.42 43.50
C ARG B 477 -46.17 18.62 42.55
N LEU B 478 -47.30 19.34 42.57
CA LEU B 478 -47.48 20.54 41.77
C LEU B 478 -47.74 21.71 42.72
N VAL B 479 -46.89 22.73 42.65
CA VAL B 479 -46.95 23.85 43.57
C VAL B 479 -47.35 25.10 42.81
N SER B 480 -48.08 25.99 43.50
CA SER B 480 -48.46 27.28 42.97
C SER B 480 -47.36 28.31 43.23
N GLN B 481 -47.44 29.43 42.52
CA GLN B 481 -46.48 30.52 42.66
C GLN B 481 -47.04 31.69 43.44
N GLU B 482 -48.34 32.00 43.30
CA GLU B 482 -48.88 33.20 43.94
C GLU B 482 -48.90 33.07 45.46
N PRO B 483 -49.45 32.01 46.08
CA PRO B 483 -49.27 31.85 47.52
C PRO B 483 -48.14 30.90 47.87
N LYS B 484 -47.66 30.15 46.87
CA LYS B 484 -46.56 29.20 47.01
C LYS B 484 -46.92 28.08 47.98
N ALA B 485 -47.74 27.13 47.52
CA ALA B 485 -48.08 25.95 48.30
C ALA B 485 -48.64 24.90 47.35
N LEU B 486 -48.68 23.66 47.84
CA LEU B 486 -49.12 22.54 47.02
C LEU B 486 -50.57 22.73 46.58
N VAL B 487 -50.84 22.38 45.33
CA VAL B 487 -52.19 22.48 44.78
C VAL B 487 -52.71 21.16 44.22
N SER B 488 -51.84 20.22 43.85
CA SER B 488 -52.27 18.91 43.38
C SER B 488 -51.09 17.97 43.42
N GLU B 489 -51.26 16.83 44.09
CA GLU B 489 -50.22 15.82 44.21
C GLU B 489 -50.66 14.58 43.46
N TRP B 490 -49.71 13.93 42.78
CA TRP B 490 -49.97 12.71 42.05
C TRP B 490 -49.07 11.60 42.58
N LYS B 491 -49.64 10.41 42.71
CA LYS B 491 -48.91 9.24 43.19
C LYS B 491 -49.27 8.04 42.31
N GLU B 492 -48.62 6.92 42.59
CA GLU B 492 -48.96 5.69 41.90
C GLU B 492 -50.21 5.07 42.55
N PRO B 493 -51.07 4.44 41.75
CA PRO B 493 -52.29 3.84 42.34
C PRO B 493 -52.02 2.89 43.49
N GLN B 494 -51.02 2.03 43.38
CA GLN B 494 -50.60 1.17 44.49
C GLN B 494 -49.54 1.84 45.37
N ALA B 495 -49.35 3.15 45.22
CA ALA B 495 -48.40 3.92 46.03
C ALA B 495 -46.97 3.42 45.88
N LYS B 496 -46.64 2.84 44.74
CA LYS B 496 -45.29 2.36 44.50
C LYS B 496 -44.37 3.53 44.14
N ASN B 497 -43.08 3.24 44.10
CA ASN B 497 -42.08 4.28 43.88
C ASN B 497 -41.89 4.55 42.38
N ILE B 498 -41.58 5.81 42.07
CA ILE B 498 -41.30 6.21 40.70
C ILE B 498 -39.85 5.86 40.37
N SER B 499 -39.64 5.26 39.20
CA SER B 499 -38.29 4.87 38.79
C SER B 499 -37.58 5.98 38.03
N VAL B 500 -38.10 6.35 36.86
CA VAL B 500 -37.50 7.39 36.03
C VAL B 500 -38.59 8.40 35.66
N ALA B 501 -38.21 9.67 35.56
CA ALA B 501 -39.15 10.72 35.22
C ALA B 501 -38.45 11.78 34.36
N SER B 502 -39.27 12.52 33.61
CA SER B 502 -38.82 13.66 32.83
C SER B 502 -40.02 14.55 32.55
N CYS B 503 -39.75 15.83 32.31
CA CYS B 503 -40.81 16.81 32.16
C CYS B 503 -40.30 17.97 31.31
N ASN B 504 -41.25 18.70 30.73
CA ASN B 504 -40.93 19.88 29.92
C ASN B 504 -41.53 21.07 30.64
N SER B 505 -42.50 21.75 30.04
CA SER B 505 -43.22 22.83 30.69
C SER B 505 -44.71 22.58 30.80
N SER B 506 -45.25 21.58 30.12
CA SER B 506 -46.69 21.35 30.11
C SER B 506 -47.02 19.88 30.31
N GLN B 507 -46.18 18.99 29.79
CA GLN B 507 -46.41 17.56 29.90
C GLN B 507 -45.42 16.93 30.87
N VAL B 508 -45.84 15.84 31.49
CA VAL B 508 -45.00 15.07 32.40
C VAL B 508 -45.21 13.60 32.11
N VAL B 509 -44.11 12.87 31.92
CA VAL B 509 -44.15 11.43 31.69
C VAL B 509 -43.20 10.78 32.70
N VAL B 510 -43.77 10.16 33.72
CA VAL B 510 -43.01 9.39 34.68
C VAL B 510 -43.17 7.90 34.36
N ALA B 511 -42.44 7.06 35.09
CA ALA B 511 -42.50 5.63 34.85
C ALA B 511 -42.22 4.89 36.15
N VAL B 512 -42.84 3.72 36.29
CA VAL B 512 -42.70 2.88 37.47
C VAL B 512 -42.41 1.46 36.98
N GLY B 513 -41.22 0.95 37.32
CA GLY B 513 -40.80 -0.36 36.87
C GLY B 513 -40.84 -0.50 35.35
N ARG B 514 -41.80 -1.28 34.86
CA ARG B 514 -42.00 -1.46 33.42
C ARG B 514 -43.17 -0.66 32.88
N ALA B 515 -43.87 0.09 33.73
CA ALA B 515 -45.03 0.87 33.34
C ALA B 515 -44.70 2.35 33.39
N LEU B 516 -45.27 3.11 32.45
CA LEU B 516 -45.05 4.55 32.37
C LEU B 516 -46.39 5.25 32.22
N TYR B 517 -46.51 6.43 32.83
CA TYR B 517 -47.74 7.19 32.86
C TYR B 517 -47.51 8.55 32.21
N TYR B 518 -48.59 9.12 31.66
CA TYR B 518 -48.55 10.41 30.98
C TYR B 518 -49.45 11.38 31.73
N LEU B 519 -48.88 12.50 32.17
CA LEU B 519 -49.61 13.54 32.87
C LEU B 519 -49.50 14.86 32.10
N GLN B 520 -50.52 15.70 32.27
CA GLN B 520 -50.52 17.04 31.72
C GLN B 520 -50.62 18.05 32.86
N ILE B 521 -50.05 19.23 32.65
CA ILE B 521 -49.98 20.26 33.68
C ILE B 521 -51.01 21.32 33.34
N HIS B 522 -52.14 21.30 34.04
CA HIS B 522 -53.18 22.30 34.00
C HIS B 522 -53.23 23.06 35.32
N PRO B 523 -53.93 24.19 35.36
CA PRO B 523 -54.06 24.94 36.63
C PRO B 523 -54.63 24.07 37.74
N GLN B 524 -53.88 23.96 38.82
CA GLN B 524 -54.27 23.24 40.04
C GLN B 524 -54.58 21.77 39.78
N GLU B 525 -54.05 21.18 38.71
CA GLU B 525 -54.40 19.81 38.38
C GLU B 525 -53.31 19.18 37.53
N LEU B 526 -53.12 17.87 37.70
CA LEU B 526 -52.32 17.05 36.80
C LEU B 526 -53.23 15.94 36.28
N ARG B 527 -53.60 16.03 35.01
CA ARG B 527 -54.59 15.12 34.43
C ARG B 527 -53.86 13.92 33.83
N GLN B 528 -53.91 12.79 34.53
CA GLN B 528 -53.37 11.55 34.01
C GLN B 528 -54.12 11.13 32.76
N ILE B 529 -53.40 10.51 31.82
CA ILE B 529 -53.99 10.16 30.52
C ILE B 529 -53.78 8.68 30.23
N SER B 530 -52.56 8.30 29.87
CA SER B 530 -52.27 6.96 29.41
C SER B 530 -51.30 6.26 30.36
N HIS B 531 -51.30 4.92 30.29
CA HIS B 531 -50.46 4.11 31.16
C HIS B 531 -50.16 2.77 30.52
N THR B 532 -49.43 2.78 29.41
CA THR B 532 -49.07 1.55 28.73
C THR B 532 -47.99 0.80 29.50
N GLU B 533 -48.00 -0.53 29.38
CA GLU B 533 -46.97 -1.38 29.94
C GLU B 533 -45.89 -1.63 28.89
N MET B 534 -44.64 -1.69 29.34
CA MET B 534 -43.51 -1.91 28.45
C MET B 534 -42.92 -3.29 28.72
N GLU B 535 -42.27 -3.85 27.70
CA GLU B 535 -41.74 -5.21 27.80
C GLU B 535 -40.75 -5.35 28.95
N HIS B 536 -39.77 -4.45 29.01
CA HIS B 536 -38.73 -4.52 30.03
C HIS B 536 -38.61 -3.18 30.75
N GLU B 537 -37.80 -3.19 31.81
CA GLU B 537 -37.65 -2.02 32.67
C GLU B 537 -37.18 -0.81 31.87
N VAL B 538 -37.66 0.35 32.26
CA VAL B 538 -37.31 1.59 31.58
C VAL B 538 -36.02 2.12 32.18
N ALA B 539 -35.21 2.77 31.36
CA ALA B 539 -33.92 3.30 31.80
C ALA B 539 -33.86 4.82 31.78
N CYS B 540 -34.37 5.44 30.72
CA CYS B 540 -34.35 6.89 30.60
C CYS B 540 -35.37 7.31 29.55
N LEU B 541 -35.95 8.49 29.75
CA LEU B 541 -36.94 9.03 28.82
C LEU B 541 -36.78 10.54 28.73
N ASP B 542 -37.29 11.10 27.64
CA ASP B 542 -37.18 12.53 27.42
C ASP B 542 -38.39 13.03 26.63
N ILE B 543 -38.79 14.26 26.91
CA ILE B 543 -40.03 14.86 26.41
C ILE B 543 -39.70 16.26 25.86
N THR B 544 -38.43 16.48 25.49
CA THR B 544 -38.01 17.81 25.04
C THR B 544 -38.90 18.30 23.90
N PRO B 545 -39.33 19.59 23.90
CA PRO B 545 -40.30 20.04 22.89
C PRO B 545 -39.71 20.27 21.52
N LEU B 546 -38.47 19.81 21.30
CA LEU B 546 -37.79 19.87 20.01
C LEU B 546 -37.93 21.23 19.34
N GLY B 547 -38.65 21.32 18.22
CA GLY B 547 -38.81 22.59 17.52
C GLY B 547 -40.21 22.77 17.00
N ASP B 548 -40.46 23.99 16.52
CA ASP B 548 -41.71 24.38 15.85
C ASP B 548 -42.92 24.35 16.78
N SER B 549 -43.08 23.29 17.56
CA SER B 549 -44.22 23.17 18.46
C SER B 549 -44.22 24.31 19.47
N ASN B 550 -45.39 24.93 19.66
CA ASN B 550 -45.47 26.15 20.46
C ASN B 550 -45.15 25.91 21.92
N GLY B 551 -45.42 24.72 22.43
CA GLY B 551 -45.16 24.44 23.83
C GLY B 551 -44.86 22.99 24.17
N LEU B 552 -45.72 22.07 23.74
CA LEU B 552 -45.60 20.67 24.07
C LEU B 552 -45.18 19.87 22.84
N SER B 553 -44.55 18.70 23.11
CA SER B 553 -43.99 17.76 22.15
C SER B 553 -44.91 16.57 21.94
N PRO B 554 -44.93 15.99 20.75
CA PRO B 554 -45.72 14.78 20.50
C PRO B 554 -44.92 13.48 20.53
N LEU B 555 -43.66 13.52 20.95
CA LEU B 555 -42.78 12.37 20.92
C LEU B 555 -42.28 12.04 22.32
N CYS B 556 -41.81 10.80 22.48
CA CYS B 556 -41.34 10.33 23.78
C CYS B 556 -40.25 9.29 23.52
N ALA B 557 -39.01 9.62 23.89
CA ALA B 557 -37.87 8.74 23.66
C ALA B 557 -37.65 7.84 24.86
N ILE B 558 -37.41 6.57 24.61
CA ILE B 558 -37.29 5.55 25.66
C ILE B 558 -36.00 4.78 25.50
N GLY B 559 -35.51 4.25 26.61
CA GLY B 559 -34.45 3.25 26.63
C GLY B 559 -34.81 2.14 27.59
N LEU B 560 -34.63 0.89 27.20
CA LEU B 560 -35.15 -0.23 27.97
C LEU B 560 -34.03 -1.18 28.40
N TRP B 561 -34.23 -1.79 29.57
CA TRP B 561 -33.36 -2.85 30.05
C TRP B 561 -33.49 -4.09 29.18
N THR B 562 -32.54 -5.01 29.33
CA THR B 562 -32.57 -6.30 28.65
C THR B 562 -32.66 -6.17 27.14
N ASP B 563 -33.76 -5.57 26.65
CA ASP B 563 -33.86 -5.29 25.22
C ASP B 563 -32.74 -4.37 24.77
N ILE B 564 -32.39 -3.39 25.61
CA ILE B 564 -31.30 -2.45 25.35
C ILE B 564 -31.58 -1.78 24.01
N SER B 565 -32.85 -1.46 23.81
CA SER B 565 -33.36 -0.84 22.60
C SER B 565 -33.81 0.59 22.91
N ALA B 566 -33.26 1.55 22.19
CA ALA B 566 -33.77 2.92 22.24
C ALA B 566 -35.00 3.01 21.34
N ARG B 567 -36.08 3.59 21.87
CA ARG B 567 -37.37 3.61 21.18
C ARG B 567 -37.99 5.00 21.21
N ILE B 568 -38.69 5.33 20.14
CA ILE B 568 -39.44 6.57 20.01
C ILE B 568 -40.92 6.21 19.96
N LEU B 569 -41.68 6.73 20.92
CA LEU B 569 -43.11 6.51 21.01
C LEU B 569 -43.85 7.82 20.73
N LYS B 570 -45.11 7.69 20.31
CA LYS B 570 -45.93 8.84 19.97
C LYS B 570 -46.92 9.11 21.10
N LEU B 571 -47.12 10.39 21.41
CA LEU B 571 -48.05 10.75 22.48
C LEU B 571 -49.43 11.03 21.92
N PRO B 572 -50.50 10.64 22.64
CA PRO B 572 -50.41 9.84 23.87
C PRO B 572 -50.58 8.35 23.63
N SER B 573 -50.52 7.94 22.35
CA SER B 573 -50.79 6.56 21.99
C SER B 573 -49.71 5.60 22.47
N PHE B 574 -48.47 6.08 22.58
CA PHE B 574 -47.31 5.23 22.86
C PHE B 574 -47.05 4.22 21.74
N GLU B 575 -47.51 4.53 20.53
CA GLU B 575 -47.24 3.68 19.38
C GLU B 575 -45.75 3.70 19.04
N LEU B 576 -45.17 2.52 18.91
CA LEU B 576 -43.76 2.37 18.58
C LEU B 576 -43.47 2.93 17.19
N LEU B 577 -42.97 4.16 17.12
CA LEU B 577 -42.65 4.78 15.84
C LEU B 577 -41.34 4.26 15.26
N HIS B 578 -40.39 3.88 16.11
CA HIS B 578 -39.11 3.34 15.65
C HIS B 578 -38.43 2.65 16.82
N LYS B 579 -37.96 1.43 16.59
CA LYS B 579 -37.16 0.68 17.55
C LYS B 579 -35.76 0.48 17.01
N GLU B 580 -34.76 0.77 17.83
CA GLU B 580 -33.36 0.61 17.46
C GLU B 580 -32.64 -0.17 18.55
N MET B 581 -32.10 -1.34 18.19
CA MET B 581 -31.39 -2.19 19.12
C MET B 581 -29.91 -1.83 19.07
N LEU B 582 -29.33 -1.48 20.23
CA LEU B 582 -27.94 -1.04 20.26
C LEU B 582 -26.98 -2.16 20.57
N GLY B 583 -25.98 -1.89 21.43
CA GLY B 583 -24.95 -2.86 21.76
C GLY B 583 -25.46 -4.17 22.32
N GLY B 584 -25.99 -4.15 23.54
CA GLY B 584 -26.56 -5.34 24.13
C GLY B 584 -25.91 -5.81 25.42
N GLU B 585 -24.85 -5.20 25.92
CA GLU B 585 -24.31 -5.60 27.21
C GLU B 585 -24.49 -4.56 28.31
N ILE B 586 -24.64 -3.28 27.96
CA ILE B 586 -24.80 -2.21 28.94
C ILE B 586 -26.13 -1.52 28.69
N ILE B 587 -26.85 -1.22 29.77
CA ILE B 587 -28.15 -0.57 29.69
C ILE B 587 -27.94 0.91 29.36
N PRO B 588 -28.89 1.58 28.73
CA PRO B 588 -28.77 3.04 28.57
C PRO B 588 -28.91 3.74 29.90
N ARG B 589 -28.26 4.90 30.01
CA ARG B 589 -28.26 5.68 31.24
C ARG B 589 -28.89 7.05 31.12
N SER B 590 -28.86 7.66 29.92
CA SER B 590 -29.45 8.98 29.73
C SER B 590 -29.78 9.15 28.26
N ILE B 591 -30.91 9.79 27.98
CA ILE B 591 -31.37 10.04 26.63
C ILE B 591 -31.84 11.50 26.54
N LEU B 592 -31.74 12.06 25.34
CA LEU B 592 -32.09 13.46 25.14
C LEU B 592 -32.36 13.69 23.65
N MET B 593 -33.40 14.47 23.37
CA MET B 593 -33.68 14.94 22.01
C MET B 593 -33.46 16.44 21.95
N THR B 594 -32.50 16.87 21.14
CA THR B 594 -32.29 18.30 20.94
C THR B 594 -32.16 18.61 19.47
N THR B 595 -31.83 19.85 19.13
CA THR B 595 -31.64 20.24 17.75
C THR B 595 -30.46 21.21 17.65
N PHE B 596 -29.64 21.01 16.62
CA PHE B 596 -28.45 21.81 16.38
C PHE B 596 -28.53 22.43 15.00
N GLU B 597 -28.33 23.75 14.94
CA GLU B 597 -28.31 24.48 13.67
C GLU B 597 -29.52 24.14 12.80
N SER B 598 -30.69 24.07 13.43
CA SER B 598 -31.97 23.74 12.81
C SER B 598 -32.00 22.31 12.27
N SER B 599 -31.10 21.45 12.70
CA SER B 599 -31.12 20.02 12.36
C SER B 599 -31.47 19.22 13.59
N HIS B 600 -32.31 18.19 13.42
CA HIS B 600 -32.93 17.49 14.53
C HIS B 600 -32.21 16.16 14.76
N TYR B 601 -31.50 16.07 15.88
CA TYR B 601 -30.79 14.87 16.29
C TYR B 601 -31.46 14.25 17.51
N LEU B 602 -31.29 12.94 17.66
CA LEU B 602 -31.58 12.23 18.90
C LEU B 602 -30.28 11.70 19.48
N LEU B 603 -30.07 11.95 20.76
CA LEU B 603 -28.89 11.49 21.46
C LEU B 603 -29.28 10.43 22.49
N CYS B 604 -28.35 9.52 22.76
CA CYS B 604 -28.58 8.50 23.77
C CYS B 604 -27.23 7.98 24.25
N ALA B 605 -27.03 7.97 25.55
CA ALA B 605 -25.78 7.55 26.16
C ALA B 605 -25.96 6.21 26.88
N LEU B 606 -24.87 5.48 27.01
CA LEU B 606 -24.87 4.18 27.66
C LEU B 606 -24.11 4.26 28.97
N GLY B 607 -24.33 3.26 29.83
CA GLY B 607 -23.66 3.23 31.12
C GLY B 607 -22.16 3.03 31.03
N ASP B 608 -21.67 2.55 29.89
CA ASP B 608 -20.23 2.38 29.67
C ASP B 608 -19.59 3.61 29.03
N GLY B 609 -20.38 4.66 28.75
CA GLY B 609 -19.87 5.86 28.15
C GLY B 609 -20.00 5.96 26.65
N ALA B 610 -20.56 4.94 26.00
CA ALA B 610 -20.83 5.05 24.57
C ALA B 610 -21.95 6.03 24.32
N LEU B 611 -21.83 6.81 23.24
CA LEU B 611 -22.78 7.87 22.93
C LEU B 611 -23.23 7.70 21.48
N PHE B 612 -24.52 7.44 21.30
CA PHE B 612 -25.13 7.35 19.97
C PHE B 612 -25.87 8.64 19.66
N TYR B 613 -25.77 9.09 18.41
CA TYR B 613 -26.55 10.23 17.96
C TYR B 613 -27.14 9.92 16.58
N PHE B 614 -28.44 10.11 16.46
CA PHE B 614 -29.21 9.71 15.29
C PHE B 614 -29.72 10.95 14.57
N GLY B 615 -30.44 10.72 13.47
CA GLY B 615 -31.17 11.78 12.78
C GLY B 615 -32.66 11.54 12.89
N LEU B 616 -33.39 12.56 13.32
CA LEU B 616 -34.78 12.44 13.68
C LEU B 616 -35.68 13.13 12.67
N ASN B 617 -36.71 12.43 12.21
CA ASN B 617 -37.80 13.01 11.43
C ASN B 617 -38.99 13.16 12.38
N ILE B 618 -39.30 14.40 12.73
CA ILE B 618 -40.32 14.66 13.75
C ILE B 618 -41.66 14.05 13.37
N GLU B 619 -42.12 14.34 12.15
CA GLU B 619 -43.42 13.82 11.71
C GLU B 619 -43.38 12.29 11.58
N THR B 620 -42.24 11.74 11.17
CA THR B 620 -42.14 10.30 10.92
C THR B 620 -41.62 9.52 12.13
N GLY B 621 -40.89 10.16 13.04
CA GLY B 621 -40.28 9.44 14.13
C GLY B 621 -39.14 8.53 13.73
N LEU B 622 -38.61 8.70 12.53
CA LEU B 622 -37.54 7.85 12.04
C LEU B 622 -36.19 8.32 12.58
N LEU B 623 -35.47 7.40 13.23
CA LEU B 623 -34.12 7.65 13.70
C LEU B 623 -33.16 6.95 12.75
N SER B 624 -32.41 7.72 11.96
CA SER B 624 -31.58 7.17 10.91
C SER B 624 -30.22 7.85 10.93
N ASP B 625 -29.33 7.37 10.05
CA ASP B 625 -27.97 7.89 9.91
C ASP B 625 -27.25 7.89 11.26
N ARG B 626 -27.31 6.74 11.93
CA ARG B 626 -26.72 6.61 13.25
C ARG B 626 -25.20 6.73 13.21
N LYS B 627 -24.65 7.31 14.27
CA LYS B 627 -23.20 7.40 14.43
C LYS B 627 -22.89 7.35 15.92
N LYS B 628 -21.77 6.71 16.25
CA LYS B 628 -21.41 6.44 17.63
C LYS B 628 -20.01 6.96 17.93
N VAL B 629 -19.82 7.45 19.14
CA VAL B 629 -18.52 7.92 19.61
C VAL B 629 -18.44 7.64 21.10
N THR B 630 -17.25 7.29 21.58
CA THR B 630 -17.02 7.02 22.98
C THR B 630 -16.46 8.26 23.66
N LEU B 631 -16.93 8.52 24.87
CA LEU B 631 -16.58 9.72 25.62
C LEU B 631 -15.87 9.45 26.93
N GLY B 632 -16.09 8.28 27.54
CA GLY B 632 -15.47 7.98 28.81
C GLY B 632 -15.92 6.61 29.27
N THR B 633 -15.23 6.09 30.29
CA THR B 633 -15.57 4.77 30.82
C THR B 633 -16.80 4.82 31.72
N GLN B 634 -17.00 5.91 32.46
CA GLN B 634 -18.10 6.04 33.40
C GLN B 634 -19.41 6.36 32.68
N PRO B 635 -20.55 6.13 33.33
CA PRO B 635 -21.84 6.46 32.70
C PRO B 635 -21.96 7.94 32.38
N THR B 636 -22.80 8.24 31.40
CA THR B 636 -22.97 9.60 30.89
C THR B 636 -24.37 10.12 31.17
N VAL B 637 -24.47 11.44 31.35
CA VAL B 637 -25.74 12.12 31.57
C VAL B 637 -25.81 13.28 30.58
N LEU B 638 -26.91 13.37 29.84
CA LEU B 638 -27.07 14.35 28.78
C LEU B 638 -27.97 15.49 29.25
N ARG B 639 -27.49 16.72 29.10
CA ARG B 639 -28.22 17.91 29.50
C ARG B 639 -28.10 18.97 28.41
N THR B 640 -29.18 19.74 28.25
CA THR B 640 -29.23 20.81 27.26
C THR B 640 -29.01 22.15 27.93
N PHE B 641 -28.27 23.03 27.26
CA PHE B 641 -28.08 24.40 27.74
C PHE B 641 -27.85 25.31 26.54
N ARG B 642 -27.96 26.60 26.78
CA ARG B 642 -27.85 27.62 25.73
C ARG B 642 -26.63 28.47 25.95
N SER B 643 -25.91 28.73 24.85
CA SER B 643 -24.76 29.64 24.85
C SER B 643 -24.62 30.23 23.46
N LEU B 644 -24.35 31.53 23.40
CA LEU B 644 -24.24 32.26 22.12
C LEU B 644 -25.50 32.09 21.28
N SER B 645 -26.67 32.23 21.91
CA SER B 645 -27.98 32.21 21.29
C SER B 645 -28.29 30.90 20.57
N THR B 646 -27.52 29.84 20.81
CA THR B 646 -27.81 28.53 20.26
C THR B 646 -27.73 27.49 21.37
N THR B 647 -28.44 26.37 21.16
CA THR B 647 -28.56 25.33 22.17
C THR B 647 -27.43 24.31 21.99
N ASN B 648 -26.57 24.21 23.00
CA ASN B 648 -25.54 23.17 23.03
C ASN B 648 -26.04 21.98 23.84
N VAL B 649 -25.17 21.00 24.07
CA VAL B 649 -25.49 19.85 24.91
C VAL B 649 -24.28 19.55 25.78
N PHE B 650 -24.45 19.63 27.09
CA PHE B 650 -23.40 19.28 28.04
C PHE B 650 -23.55 17.83 28.46
N ALA B 651 -22.50 17.05 28.29
CA ALA B 651 -22.48 15.63 28.62
C ALA B 651 -21.63 15.42 29.87
N CYS B 652 -22.30 15.29 31.01
CA CYS B 652 -21.59 15.10 32.27
C CYS B 652 -21.06 13.68 32.37
N SER B 653 -19.80 13.54 32.79
CA SER B 653 -19.17 12.24 32.96
C SER B 653 -17.82 12.37 33.66
N ASP B 654 -16.97 11.36 33.47
CA ASP B 654 -15.59 11.46 33.93
C ASP B 654 -14.75 12.32 32.99
N ARG B 655 -15.05 12.26 31.69
CA ARG B 655 -14.49 13.16 30.70
C ARG B 655 -15.62 14.07 30.20
N PRO B 656 -15.91 15.17 30.88
CA PRO B 656 -17.02 16.03 30.45
C PRO B 656 -16.79 16.56 29.05
N THR B 657 -17.89 16.65 28.29
CA THR B 657 -17.82 16.99 26.87
C THR B 657 -18.99 17.88 26.50
N VAL B 658 -18.69 18.98 25.83
CA VAL B 658 -19.70 19.91 25.33
C VAL B 658 -19.92 19.65 23.85
N ILE B 659 -21.17 19.40 23.46
CA ILE B 659 -21.52 19.13 22.07
C ILE B 659 -22.18 20.39 21.51
N TYR B 660 -21.60 20.93 20.43
CA TYR B 660 -22.23 22.02 19.70
C TYR B 660 -22.14 21.77 18.21
N SER B 661 -22.85 22.59 17.45
CA SER B 661 -22.93 22.47 15.99
C SER B 661 -23.38 21.08 15.55
N ASN B 663 -22.51 24.14 12.60
CA ASN B 663 -22.00 24.11 11.24
C ASN B 663 -22.28 22.77 10.57
N HIS B 664 -23.38 22.15 11.00
CA HIS B 664 -23.86 20.88 10.44
C HIS B 664 -22.84 19.77 10.59
N LYS B 665 -21.97 19.89 11.59
CA LYS B 665 -20.98 18.86 11.90
C LYS B 665 -20.78 18.85 13.40
N LEU B 666 -21.25 17.79 14.08
CA LEU B 666 -21.15 17.73 15.52
C LEU B 666 -19.70 17.78 15.99
N VAL B 667 -19.42 18.63 16.96
CA VAL B 667 -18.07 18.85 17.48
C VAL B 667 -18.09 18.48 18.96
N PHE B 668 -17.47 17.35 19.29
CA PHE B 668 -17.35 16.90 20.68
C PHE B 668 -16.08 17.51 21.26
N SER B 669 -16.24 18.47 22.16
CA SER B 669 -15.13 19.25 22.68
C SER B 669 -14.94 18.95 24.16
N ASN B 670 -13.76 18.46 24.52
CA ASN B 670 -13.44 18.22 25.92
C ASN B 670 -13.54 19.52 26.72
N VAL B 671 -13.85 19.38 28.00
CA VAL B 671 -14.02 20.50 28.91
C VAL B 671 -12.89 20.47 29.92
N ASN B 672 -12.20 21.60 30.07
CA ASN B 672 -11.04 21.67 30.96
C ASN B 672 -11.45 21.57 32.42
N LEU B 673 -12.00 20.43 32.82
CA LEU B 673 -12.40 20.19 34.19
C LEU B 673 -12.09 18.75 34.57
N LYS B 674 -11.96 18.52 35.88
CA LYS B 674 -11.64 17.19 36.40
C LYS B 674 -12.78 16.22 36.13
N GLU B 675 -13.87 16.36 36.89
CA GLU B 675 -15.03 15.48 36.73
C GLU B 675 -16.29 16.28 37.00
N VAL B 676 -17.36 15.93 36.29
CA VAL B 676 -18.65 16.59 36.43
C VAL B 676 -19.74 15.53 36.34
N ASN B 677 -20.52 15.39 37.41
CA ASN B 677 -21.58 14.39 37.47
C ASN B 677 -22.93 14.95 37.08
N TYR B 678 -23.27 16.14 37.55
CA TYR B 678 -24.57 16.75 37.29
C TYR B 678 -24.39 18.23 37.01
N MET B 679 -25.30 18.79 36.21
CA MET B 679 -25.22 20.19 35.84
C MET B 679 -26.60 20.72 35.51
N CYS B 680 -26.70 22.05 35.46
CA CYS B 680 -27.90 22.75 35.04
C CYS B 680 -27.50 24.18 34.69
N PRO B 681 -28.12 24.78 33.67
CA PRO B 681 -27.80 26.18 33.35
C PRO B 681 -28.44 27.13 34.36
N LEU B 682 -27.63 28.03 34.91
CA LEU B 682 -28.08 28.99 35.91
C LEU B 682 -27.99 30.40 35.34
N ASN B 683 -29.02 31.20 35.59
CA ASN B 683 -29.10 32.57 35.09
C ASN B 683 -29.71 33.42 36.21
N SER B 684 -28.86 33.91 37.11
CA SER B 684 -29.32 34.65 38.27
C SER B 684 -28.95 36.12 38.15
N ASP B 685 -29.37 36.90 39.15
CA ASP B 685 -29.00 38.30 39.22
C ASP B 685 -27.56 38.51 39.64
N GLY B 686 -26.89 37.48 40.15
CA GLY B 686 -25.50 37.60 40.55
C GLY B 686 -24.59 36.72 39.72
N TYR B 687 -25.16 35.73 39.05
CA TYR B 687 -24.42 34.81 38.18
C TYR B 687 -25.21 34.67 36.88
N PRO B 688 -25.16 35.68 36.00
CA PRO B 688 -25.99 35.65 34.79
C PRO B 688 -25.43 34.73 33.71
N ASP B 689 -26.35 34.06 33.03
CA ASP B 689 -26.05 33.21 31.86
C ASP B 689 -24.90 32.25 32.14
N SER B 690 -24.85 31.72 33.36
CA SER B 690 -23.75 30.89 33.80
C SER B 690 -24.19 29.42 33.84
N LEU B 691 -23.33 28.57 34.39
CA LEU B 691 -23.58 27.14 34.52
C LEU B 691 -23.32 26.72 35.96
N ALA B 692 -24.05 25.71 36.41
CA ALA B 692 -23.92 25.16 37.75
C ALA B 692 -23.42 23.72 37.61
N LEU B 693 -22.19 23.48 38.06
CA LEU B 693 -21.58 22.16 38.00
C LEU B 693 -21.55 21.54 39.38
N ALA B 694 -21.55 20.21 39.41
CA ALA B 694 -21.52 19.48 40.68
C ALA B 694 -20.90 18.11 40.47
N ASN B 695 -19.91 17.79 41.30
CA ASN B 695 -19.30 16.47 41.30
C ASN B 695 -19.47 15.83 42.68
N ASN B 696 -18.52 14.99 43.08
CA ASN B 696 -18.64 14.26 44.34
C ASN B 696 -18.48 15.14 45.56
N SER B 697 -18.02 16.38 45.43
CA SER B 697 -17.69 17.16 46.61
C SER B 697 -17.73 18.67 46.40
N THR B 698 -18.00 19.13 45.19
CA THR B 698 -17.92 20.56 44.90
C THR B 698 -19.09 21.01 44.04
N LEU B 699 -19.68 22.15 44.42
CA LEU B 699 -20.62 22.87 43.57
C LEU B 699 -19.89 24.07 42.97
N THR B 700 -19.77 24.08 41.65
CA THR B 700 -19.06 25.12 40.93
C THR B 700 -20.01 25.89 40.03
N ILE B 701 -19.92 27.22 40.05
CA ILE B 701 -20.76 28.10 39.24
C ILE B 701 -19.84 29.03 38.47
N GLY B 702 -20.08 29.16 37.17
CA GLY B 702 -19.27 30.06 36.36
C GLY B 702 -19.69 30.00 34.91
N THR B 703 -19.15 30.94 34.14
CA THR B 703 -19.41 31.04 32.71
C THR B 703 -18.45 30.17 31.91
N ILE B 704 -18.82 29.92 30.66
CA ILE B 704 -18.11 29.00 29.79
C ILE B 704 -17.82 29.69 28.46
N ASP B 705 -16.61 29.48 27.93
CA ASP B 705 -16.23 30.05 26.65
C ASP B 705 -17.06 29.45 25.52
N GLU B 706 -17.05 30.12 24.38
CA GLU B 706 -17.91 29.76 23.26
C GLU B 706 -17.28 28.72 22.34
N ILE B 707 -15.97 28.78 22.14
CA ILE B 707 -15.27 27.83 21.28
C ILE B 707 -13.99 27.37 21.98
N GLN B 708 -13.59 26.14 21.70
CA GLN B 708 -12.42 25.56 22.34
C GLN B 708 -11.14 26.16 21.76
N LYS B 709 -10.26 26.62 22.64
CA LYS B 709 -8.94 27.10 22.28
C LYS B 709 -7.89 26.17 22.89
N LEU B 710 -6.67 26.65 23.01
CA LEU B 710 -5.59 25.91 23.65
C LEU B 710 -5.30 26.53 25.01
N HIS B 711 -5.31 25.71 26.05
CA HIS B 711 -5.01 26.16 27.40
C HIS B 711 -3.61 25.72 27.79
N ILE B 712 -2.89 26.59 28.49
CA ILE B 712 -1.47 26.42 28.74
C ILE B 712 -1.21 26.57 30.23
N ARG B 713 -0.65 25.53 30.84
CA ARG B 713 -0.29 25.54 32.25
C ARG B 713 1.23 25.68 32.37
N THR B 714 1.66 26.69 33.11
CA THR B 714 3.09 26.99 33.25
C THR B 714 3.63 26.36 34.54
N VAL B 715 4.67 25.57 34.40
CA VAL B 715 5.39 24.99 35.53
C VAL B 715 6.81 25.53 35.52
N PRO B 716 7.08 26.59 36.27
CA PRO B 716 8.41 27.21 36.22
C PRO B 716 9.47 26.31 36.85
N LEU B 717 10.64 26.28 36.21
CA LEU B 717 11.79 25.56 36.72
C LEU B 717 12.95 26.46 37.12
N TYR B 718 12.98 27.69 36.61
CA TYR B 718 14.04 28.67 36.91
C TYR B 718 15.42 28.18 36.45
N GLU B 719 15.43 27.22 35.53
CA GLU B 719 16.65 26.72 34.92
C GLU B 719 16.29 26.15 33.56
N SER B 720 17.27 26.10 32.67
CA SER B 720 17.03 25.68 31.30
C SER B 720 16.70 24.19 31.22
N PRO B 721 15.55 23.80 30.70
CA PRO B 721 15.30 22.39 30.40
C PRO B 721 15.80 22.05 29.00
N ARG B 722 16.04 20.75 28.79
CA ARG B 722 16.71 20.32 27.56
C ARG B 722 15.96 19.20 26.86
N LYS B 723 15.59 18.15 27.60
CA LYS B 723 14.91 17.00 27.01
C LYS B 723 13.79 16.56 27.94
N ILE B 724 12.92 15.69 27.43
CA ILE B 724 11.74 15.28 28.18
C ILE B 724 11.20 13.99 27.57
N CYS B 725 10.73 13.09 28.43
CA CYS B 725 10.04 11.89 28.02
C CYS B 725 9.03 11.52 29.11
N TYR B 726 8.07 10.67 28.75
CA TYR B 726 7.00 10.27 29.64
C TYR B 726 7.07 8.79 29.95
N GLN B 727 7.22 8.47 31.24
CA GLN B 727 7.15 7.10 31.74
C GLN B 727 5.79 6.92 32.39
N GLU B 728 4.90 6.18 31.72
CA GLU B 728 3.51 6.11 32.18
C GLU B 728 3.37 5.23 33.42
N VAL B 729 4.13 4.14 33.49
CA VAL B 729 4.00 3.19 34.58
C VAL B 729 4.38 3.80 35.93
N SER B 730 4.99 4.98 35.95
CA SER B 730 5.33 5.68 37.17
C SER B 730 4.58 6.98 37.35
N GLN B 731 3.75 7.37 36.38
CA GLN B 731 3.00 8.63 36.40
C GLN B 731 3.93 9.81 36.68
N CYS B 732 5.02 9.88 35.93
CA CYS B 732 6.01 10.92 36.14
C CYS B 732 6.71 11.24 34.84
N PHE B 733 7.31 12.43 34.80
CA PHE B 733 8.08 12.90 33.66
C PHE B 733 9.56 12.88 34.00
N GLY B 734 10.38 12.45 33.04
CA GLY B 734 11.81 12.59 33.12
C GLY B 734 12.27 13.75 32.26
N VAL B 735 12.98 14.68 32.87
CA VAL B 735 13.37 15.93 32.21
C VAL B 735 14.85 16.18 32.47
N LEU B 736 15.59 16.47 31.41
CA LEU B 736 16.97 16.91 31.52
C LEU B 736 17.02 18.42 31.64
N SER B 737 17.86 18.91 32.55
CA SER B 737 17.95 20.33 32.83
C SER B 737 19.40 20.72 33.10
N SER B 738 19.66 22.03 32.97
CA SER B 738 20.99 22.56 33.20
C SER B 738 20.88 23.94 33.86
N ARG B 739 21.59 24.12 34.97
CA ARG B 739 21.62 25.38 35.68
C ARG B 739 23.02 25.98 35.61
N ILE B 740 23.10 27.29 35.83
CA ILE B 740 24.35 28.04 35.74
C ILE B 740 24.88 28.31 37.13
N GLU B 741 26.17 28.05 37.33
CA GLU B 741 26.88 28.37 38.56
C GLU B 741 28.11 29.20 38.20
N VAL B 742 28.79 29.70 39.22
CA VAL B 742 29.92 30.59 39.02
C VAL B 742 31.17 29.99 39.66
N GLN B 743 32.30 30.11 38.95
CA GLN B 743 33.60 29.71 39.48
C GLN B 743 33.88 30.50 40.75
N ASP B 744 33.79 29.83 41.91
CA ASP B 744 33.93 30.48 43.20
C ASP B 744 35.25 30.08 43.84
N THR B 745 35.49 30.63 45.03
CA THR B 745 36.69 30.33 45.79
C THR B 745 36.67 28.87 46.26
N SER B 746 37.85 28.38 46.62
CA SER B 746 38.06 26.98 47.03
C SER B 746 37.62 26.10 45.86
N GLY B 747 36.83 25.05 46.07
CA GLY B 747 36.39 24.20 44.97
C GLY B 747 35.48 24.91 43.99
N GLY B 748 34.81 25.98 44.41
CA GLY B 748 33.96 26.74 43.52
C GLY B 748 32.58 26.14 43.37
N THR B 749 31.94 26.49 42.25
CA THR B 749 30.62 25.98 41.87
C THR B 749 29.58 26.25 42.96
N THR B 750 29.27 27.54 43.12
CA THR B 750 28.17 28.00 43.94
C THR B 750 27.04 28.45 43.03
N ALA B 751 25.81 28.08 43.37
CA ALA B 751 24.69 28.32 42.48
C ALA B 751 24.32 29.81 42.47
N LEU B 752 23.54 30.19 41.46
CA LEU B 752 23.07 31.56 41.28
C LEU B 752 21.81 31.84 42.08
N ARG B 753 20.80 30.98 41.93
CA ARG B 753 19.49 31.19 42.52
C ARG B 753 18.89 29.83 42.82
N PRO B 754 17.91 29.75 43.72
CA PRO B 754 17.20 28.48 43.93
C PRO B 754 16.41 28.10 42.70
N SER B 755 16.75 26.96 42.11
CA SER B 755 16.10 26.47 40.90
C SER B 755 15.37 25.16 41.21
N ALA B 756 14.90 24.49 40.15
CA ALA B 756 14.17 23.24 40.32
C ALA B 756 15.07 22.06 40.65
N SER B 757 16.36 22.14 40.33
CA SER B 757 17.28 21.05 40.65
C SER B 757 17.89 21.18 42.02
N THR B 758 17.91 22.39 42.59
CA THR B 758 18.39 22.59 43.96
C THR B 758 17.29 22.43 44.99
N GLN B 759 16.03 22.49 44.59
CA GLN B 759 14.89 22.46 45.51
C GLN B 759 14.05 21.19 45.29
N ALA B 760 14.70 20.07 45.01
CA ALA B 760 14.01 18.82 44.82
C ALA B 760 13.76 18.13 46.16
N LEU B 761 12.83 17.17 46.15
CA LEU B 761 12.50 16.40 47.34
C LEU B 761 13.72 15.62 47.83
N SER B 762 14.15 14.64 47.04
CA SER B 762 15.38 13.90 47.30
C SER B 762 16.36 14.19 46.18
N SER B 763 17.58 14.61 46.54
CA SER B 763 18.61 14.99 45.59
C SER B 763 19.77 14.00 45.65
N SER B 764 20.17 13.50 44.49
CA SER B 764 21.32 12.62 44.35
C SER B 764 22.45 13.35 43.63
N VAL B 765 23.55 12.63 43.41
CA VAL B 765 24.73 13.15 42.76
C VAL B 765 25.49 11.97 42.15
N SER B 766 26.53 12.25 41.36
CA SER B 766 27.35 11.20 40.78
C SER B 766 28.78 11.21 41.31
N SER B 767 29.21 12.29 41.95
CA SER B 767 30.53 12.38 42.56
C SER B 767 30.54 13.54 43.52
N SER B 768 31.28 13.38 44.62
CA SER B 768 31.41 14.47 45.58
C SER B 768 32.53 15.40 45.13
N LYS B 769 33.02 16.24 46.05
CA LYS B 769 34.16 17.10 45.77
C LYS B 769 35.39 16.35 46.30
N LEU B 770 36.00 15.58 45.41
CA LEU B 770 37.12 14.71 45.76
C LEU B 770 38.30 14.96 44.83
N GLU B 784 34.12 32.70 36.63
CA GLU B 784 33.67 32.15 35.36
C GLU B 784 32.40 31.33 35.52
N GLU B 785 31.62 31.22 34.45
CA GLU B 785 30.40 30.42 34.46
C GLU B 785 30.72 28.96 34.20
N VAL B 786 29.91 28.07 34.79
CA VAL B 786 30.05 26.63 34.58
C VAL B 786 28.66 26.01 34.62
N GLU B 787 28.40 25.12 33.68
CA GLU B 787 27.09 24.49 33.53
C GLU B 787 27.04 23.16 34.27
N VAL B 788 25.94 22.92 34.96
CA VAL B 788 25.70 21.68 35.70
C VAL B 788 24.42 21.06 35.18
N HIS B 789 24.49 19.78 34.79
CA HIS B 789 23.37 19.09 34.16
C HIS B 789 22.68 18.16 35.15
N ASN B 790 21.36 18.11 35.07
CA ASN B 790 20.56 17.32 36.00
C ASN B 790 19.53 16.48 35.24
N LEU B 791 19.13 15.38 35.86
CA LEU B 791 17.96 14.61 35.45
C LEU B 791 16.87 14.83 36.49
N LEU B 792 15.78 15.46 36.08
CA LEU B 792 14.68 15.77 36.98
C LEU B 792 13.55 14.76 36.80
N ILE B 793 12.93 14.38 37.92
CA ILE B 793 11.74 13.53 37.93
C ILE B 793 10.59 14.37 38.43
N ILE B 794 9.55 14.50 37.61
CA ILE B 794 8.45 15.43 37.85
C ILE B 794 7.15 14.63 37.87
N ASP B 795 6.32 14.87 38.89
CA ASP B 795 5.07 14.15 39.03
C ASP B 795 4.08 14.60 37.97
N GLN B 796 3.42 13.64 37.32
CA GLN B 796 2.51 13.93 36.21
C GLN B 796 1.27 14.69 36.64
N HIS B 797 0.99 14.79 37.94
CA HIS B 797 -0.21 15.48 38.43
C HIS B 797 0.11 16.74 39.20
N THR B 798 1.02 16.66 40.17
CA THR B 798 1.37 17.82 40.98
C THR B 798 2.41 18.70 40.30
N PHE B 799 3.24 18.12 39.44
CA PHE B 799 4.39 18.81 38.85
C PHE B 799 5.31 19.39 39.91
N GLU B 800 5.57 18.59 40.94
CA GLU B 800 6.59 18.87 41.93
C GLU B 800 7.85 18.09 41.57
N VAL B 801 9.01 18.70 41.83
CA VAL B 801 10.29 18.06 41.52
C VAL B 801 10.54 16.96 42.54
N LEU B 802 10.28 15.71 42.16
CA LEU B 802 10.41 14.60 43.09
C LEU B 802 11.87 14.22 43.32
N HIS B 803 12.72 14.37 42.32
CA HIS B 803 14.12 13.97 42.46
C HIS B 803 14.94 14.70 41.40
N ALA B 804 16.18 15.01 41.77
CA ALA B 804 17.12 15.69 40.89
C ALA B 804 18.46 14.97 40.95
N HIS B 805 18.77 14.18 39.93
CA HIS B 805 20.09 13.59 39.79
C HIS B 805 21.03 14.59 39.14
N GLN B 806 22.24 14.71 39.70
CA GLN B 806 23.26 15.60 39.16
C GLN B 806 24.37 14.74 38.57
N PHE B 807 24.62 14.92 37.27
CA PHE B 807 25.62 14.12 36.59
C PHE B 807 27.02 14.57 37.00
N LEU B 808 28.03 13.92 36.41
CA LEU B 808 29.41 14.16 36.80
C LEU B 808 29.85 15.56 36.41
N GLN B 809 30.96 15.99 37.02
CA GLN B 809 31.58 17.24 36.62
C GLN B 809 32.15 17.09 35.22
N ASN B 810 31.95 18.12 34.41
CA ASN B 810 32.36 18.11 32.99
C ASN B 810 31.66 17.01 32.22
N GLU B 811 30.42 16.69 32.60
CA GLU B 811 29.57 15.75 31.87
C GLU B 811 28.38 16.50 31.29
N TYR B 812 28.09 16.27 30.02
CA TYR B 812 27.00 16.94 29.32
C TYR B 812 25.93 15.91 28.98
N ALA B 813 24.73 16.11 29.50
CA ALA B 813 23.62 15.19 29.26
C ALA B 813 22.97 15.55 27.93
N LEU B 814 22.94 14.61 26.99
CA LEU B 814 22.51 14.87 25.63
C LEU B 814 21.16 14.24 25.27
N SER B 815 20.91 13.01 25.68
CA SER B 815 19.71 12.29 25.26
C SER B 815 18.99 11.72 26.48
N LEU B 816 17.78 11.22 26.23
CA LEU B 816 16.93 10.67 27.28
C LEU B 816 15.80 9.89 26.64
N VAL B 817 15.52 8.70 27.18
CA VAL B 817 14.44 7.86 26.66
C VAL B 817 14.02 6.90 27.77
N SER B 818 12.71 6.70 27.89
CA SER B 818 12.13 5.77 28.86
C SER B 818 11.49 4.62 28.10
N CYS B 819 12.00 3.41 28.33
CA CYS B 819 11.55 2.25 27.59
C CYS B 819 11.83 0.98 28.39
N LYS B 820 11.29 -0.13 27.90
CA LYS B 820 11.57 -1.45 28.43
C LYS B 820 12.47 -2.20 27.46
N LEU B 821 13.41 -2.97 28.00
CA LEU B 821 14.44 -3.60 27.20
C LEU B 821 14.45 -5.11 27.42
N GLY B 822 14.76 -5.84 26.35
CA GLY B 822 14.77 -7.29 26.41
C GLY B 822 13.45 -7.87 26.90
N LYS B 823 13.55 -8.84 27.79
CA LYS B 823 12.38 -9.40 28.46
C LYS B 823 12.26 -8.88 29.89
N ASP B 824 12.78 -7.69 30.15
CA ASP B 824 12.71 -7.08 31.48
C ASP B 824 11.42 -6.27 31.59
N PRO B 825 10.53 -6.59 32.53
CA PRO B 825 9.27 -5.82 32.64
C PRO B 825 9.45 -4.44 33.26
N ASN B 826 10.55 -4.19 33.95
CA ASN B 826 10.80 -2.88 34.53
C ASN B 826 11.02 -1.85 33.43
N THR B 827 10.43 -0.66 33.62
CA THR B 827 10.59 0.45 32.69
C THR B 827 11.67 1.38 33.23
N TYR B 828 12.74 1.55 32.46
CA TYR B 828 13.92 2.29 32.91
C TYR B 828 13.99 3.67 32.27
N PHE B 829 14.73 4.57 32.92
CA PHE B 829 15.13 5.84 32.36
C PHE B 829 16.57 5.71 31.87
N ILE B 830 16.78 5.88 30.56
CA ILE B 830 18.09 5.74 29.95
C ILE B 830 18.56 7.11 29.50
N VAL B 831 19.78 7.48 29.87
CA VAL B 831 20.35 8.78 29.56
C VAL B 831 21.71 8.58 28.93
N GLY B 832 21.92 9.18 27.76
CA GLY B 832 23.21 9.18 27.11
C GLY B 832 23.89 10.52 27.31
N THR B 833 25.16 10.46 27.68
CA THR B 833 25.92 11.66 28.04
C THR B 833 27.17 11.77 27.17
N ALA B 834 28.01 12.74 27.51
CA ALA B 834 29.27 12.99 26.81
C ALA B 834 30.15 13.92 27.63
N MET B 835 31.40 13.52 27.88
CA MET B 835 32.30 14.35 28.65
C MET B 835 32.81 15.50 27.78
N VAL B 836 32.77 16.71 28.30
CA VAL B 836 33.12 17.91 27.55
C VAL B 836 34.22 18.62 28.33
N TYR B 837 35.45 18.50 27.86
CA TYR B 837 36.57 19.31 28.32
C TYR B 837 36.92 20.35 27.26
N PRO B 838 37.22 21.59 27.66
CA PRO B 838 37.43 22.66 26.67
C PRO B 838 38.66 22.45 25.79
N GLU B 839 39.65 21.70 26.24
CA GLU B 839 40.85 21.48 25.43
C GLU B 839 40.61 20.50 24.31
N GLU B 840 39.72 19.53 24.50
CA GLU B 840 39.41 18.54 23.49
C GLU B 840 38.23 19.03 22.66
N ALA B 841 38.45 19.20 21.35
CA ALA B 841 37.39 19.70 20.48
C ALA B 841 36.28 18.67 20.33
N GLU B 842 36.62 17.47 19.86
CA GLU B 842 35.64 16.40 19.75
C GLU B 842 35.65 15.57 21.03
N PRO B 843 34.48 15.29 21.62
CA PRO B 843 34.45 14.55 22.89
C PRO B 843 34.97 13.12 22.73
N LYS B 844 35.95 12.77 23.57
CA LYS B 844 36.61 11.47 23.47
C LYS B 844 35.87 10.36 24.19
N GLN B 845 35.00 10.68 25.15
CA GLN B 845 34.29 9.63 25.86
C GLN B 845 33.00 10.17 26.46
N GLY B 846 32.02 9.29 26.59
CA GLY B 846 30.74 9.59 27.21
C GLY B 846 30.17 8.35 27.86
N ARG B 847 28.95 8.42 28.38
CA ARG B 847 28.37 7.29 29.09
C ARG B 847 26.91 7.11 28.69
N ILE B 848 26.41 5.90 28.95
CA ILE B 848 24.99 5.58 28.84
C ILE B 848 24.56 5.03 30.19
N VAL B 849 23.68 5.76 30.87
CA VAL B 849 23.23 5.41 32.21
C VAL B 849 21.80 4.91 32.12
N VAL B 850 21.49 3.88 32.91
CA VAL B 850 20.17 3.26 32.95
C VAL B 850 19.64 3.42 34.36
N PHE B 851 18.74 4.39 34.57
CA PHE B 851 18.10 4.59 35.85
C PHE B 851 16.79 3.80 35.92
N GLN B 852 16.31 3.62 37.15
CA GLN B 852 15.00 3.03 37.39
C GLN B 852 14.37 3.76 38.56
N TYR B 853 13.17 4.30 38.35
CA TYR B 853 12.44 5.03 39.38
C TYR B 853 11.47 4.08 40.05
N SER B 854 11.86 3.52 41.20
CA SER B 854 11.04 2.61 41.96
C SER B 854 10.58 3.29 43.24
N ASP B 855 9.27 3.27 43.48
CA ASP B 855 8.67 3.94 44.65
C ASP B 855 9.05 5.41 44.70
N GLY B 856 10.03 5.74 45.55
CA GLY B 856 10.48 7.11 45.69
C GLY B 856 11.98 7.25 45.57
N LYS B 857 12.62 6.28 44.91
CA LYS B 857 14.05 6.26 44.74
C LYS B 857 14.39 6.22 43.25
N LEU B 858 15.63 6.60 42.94
CA LEU B 858 16.15 6.56 41.57
C LEU B 858 17.40 5.69 41.61
N GLN B 859 17.21 4.38 41.44
CA GLN B 859 18.32 3.44 41.47
C GLN B 859 19.11 3.54 40.17
N THR B 860 20.43 3.67 40.29
CA THR B 860 21.30 3.62 39.12
C THR B 860 21.54 2.15 38.80
N VAL B 861 20.86 1.64 37.78
CA VAL B 861 20.86 0.21 37.52
C VAL B 861 22.17 -0.21 36.85
N ALA B 862 22.52 0.43 35.74
CA ALA B 862 23.71 0.02 35.00
C ALA B 862 24.34 1.24 34.33
N GLU B 863 25.60 1.09 33.98
CA GLU B 863 26.36 2.14 33.30
C GLU B 863 27.15 1.51 32.16
N LYS B 864 27.51 2.33 31.18
CA LYS B 864 28.33 1.89 30.05
C LYS B 864 29.27 3.02 29.68
N GLU B 865 30.55 2.87 30.02
CA GLU B 865 31.55 3.83 29.57
C GLU B 865 31.76 3.67 28.07
N VAL B 866 31.59 4.76 27.33
CA VAL B 866 31.69 4.73 25.87
C VAL B 866 32.72 5.76 25.44
N LYS B 867 33.46 5.43 24.37
CA LYS B 867 34.52 6.31 23.87
C LYS B 867 33.94 7.24 22.79
N GLY B 868 33.10 8.16 23.25
CA GLY B 868 32.53 9.16 22.38
C GLY B 868 31.27 9.73 22.98
N ALA B 869 30.67 10.65 22.23
CA ALA B 869 29.42 11.28 22.65
C ALA B 869 28.23 10.37 22.34
N VAL B 870 27.11 10.67 22.98
CA VAL B 870 25.86 9.95 22.74
C VAL B 870 24.80 10.97 22.36
N TYR B 871 24.75 11.33 21.07
CA TYR B 871 23.92 12.44 20.65
C TYR B 871 22.43 12.10 20.71
N SER B 872 22.08 10.82 20.58
CA SER B 872 20.67 10.44 20.65
C SER B 872 20.58 8.93 20.88
N MET B 873 19.41 8.51 21.35
CA MET B 873 19.08 7.10 21.53
C MET B 873 17.65 6.87 21.06
N VAL B 874 17.27 5.60 20.97
CA VAL B 874 15.90 5.25 20.64
C VAL B 874 15.70 3.78 20.98
N GLU B 875 14.50 3.46 21.46
CA GLU B 875 14.12 2.07 21.69
C GLU B 875 13.82 1.41 20.35
N PHE B 876 14.55 0.36 20.02
CA PHE B 876 14.47 -0.28 18.70
C PHE B 876 14.13 -1.75 18.89
N ASN B 877 12.83 -2.07 18.86
CA ASN B 877 12.35 -3.44 18.92
C ASN B 877 12.90 -4.18 20.14
N GLY B 878 12.63 -3.62 21.32
CA GLY B 878 13.06 -4.20 22.57
C GLY B 878 14.53 -4.02 22.89
N LYS B 879 15.33 -3.65 21.89
CA LYS B 879 16.75 -3.39 22.07
C LYS B 879 17.00 -1.90 22.02
N LEU B 880 18.02 -1.45 22.76
CA LEU B 880 18.40 -0.04 22.80
C LEU B 880 19.41 0.25 21.70
N LEU B 881 19.10 1.26 20.88
CA LEU B 881 19.95 1.65 19.76
C LEU B 881 20.46 3.06 20.04
N ALA B 882 21.77 3.22 20.06
CA ALA B 882 22.40 4.48 20.42
C ALA B 882 23.40 4.90 19.34
N SER B 883 23.64 6.20 19.28
CA SER B 883 24.59 6.79 18.35
C SER B 883 25.80 7.32 19.13
N ILE B 884 26.99 7.03 18.62
CA ILE B 884 28.24 7.45 19.25
C ILE B 884 29.11 8.07 18.17
N ASN B 885 29.20 9.40 18.17
CA ASN B 885 29.90 10.15 17.12
C ASN B 885 29.38 9.74 15.75
N SER B 886 30.26 9.21 14.91
CA SER B 886 29.90 8.72 13.58
C SER B 886 29.55 7.23 13.58
N THR B 887 29.14 6.68 14.72
CA THR B 887 28.91 5.26 14.85
C THR B 887 27.53 5.02 15.46
N VAL B 888 26.79 4.08 14.89
CA VAL B 888 25.52 3.62 15.44
C VAL B 888 25.75 2.26 16.07
N ARG B 889 25.41 2.12 17.34
CA ARG B 889 25.65 0.90 18.10
C ARG B 889 24.33 0.37 18.65
N LEU B 890 24.10 -0.93 18.49
CA LEU B 890 22.90 -1.59 18.98
C LEU B 890 23.23 -2.38 20.23
N TYR B 891 22.48 -2.14 21.29
CA TYR B 891 22.73 -2.77 22.59
C TYR B 891 21.59 -3.74 22.92
N GLU B 892 21.95 -4.87 23.52
CA GLU B 892 21.00 -5.85 24.00
C GLU B 892 21.01 -5.87 25.52
N TRP B 893 19.83 -6.05 26.11
CA TRP B 893 19.67 -5.99 27.57
C TRP B 893 19.75 -7.40 28.14
N THR B 894 20.79 -7.66 28.91
CA THR B 894 21.06 -8.99 29.42
C THR B 894 20.06 -9.38 30.51
N THR B 895 20.06 -10.68 30.84
CA THR B 895 19.33 -11.15 32.01
C THR B 895 20.05 -10.79 33.29
N GLU B 896 21.36 -10.55 33.22
CA GLU B 896 22.13 -10.10 34.36
C GLU B 896 22.08 -8.59 34.54
N LYS B 897 21.16 -7.92 33.84
CA LYS B 897 20.90 -6.48 33.99
C LYS B 897 22.11 -5.65 33.57
N GLU B 898 22.45 -5.75 32.28
CA GLU B 898 23.56 -5.01 31.70
C GLU B 898 23.30 -4.85 30.21
N LEU B 899 24.14 -4.02 29.58
CA LEU B 899 24.04 -3.71 28.15
C LEU B 899 25.22 -4.36 27.43
N ARG B 900 24.94 -5.40 26.66
CA ARG B 900 25.94 -6.04 25.81
C ARG B 900 25.66 -5.72 24.35
N THR B 901 26.72 -5.47 23.61
CA THR B 901 26.58 -5.07 22.21
C THR B 901 26.15 -6.26 21.35
N GLU B 902 25.21 -6.01 20.43
CA GLU B 902 24.80 -6.99 19.45
C GLU B 902 25.28 -6.68 18.04
N CYS B 903 25.29 -5.40 17.67
CA CYS B 903 25.69 -4.99 16.34
C CYS B 903 26.51 -3.70 16.44
N ASN B 904 27.01 -3.25 15.30
CA ASN B 904 27.83 -2.05 15.22
C ASN B 904 27.88 -1.62 13.77
N HIS B 905 27.71 -0.31 13.54
CA HIS B 905 27.66 0.20 12.17
C HIS B 905 28.31 1.57 12.14
N TYR B 906 29.33 1.72 11.30
CA TYR B 906 30.02 2.98 11.13
C TYR B 906 29.42 3.74 9.95
N ASN B 907 29.57 5.05 9.97
CA ASN B 907 29.05 5.91 8.92
C ASN B 907 30.07 6.98 8.56
N ASN B 908 29.70 7.81 7.59
CA ASN B 908 30.42 9.03 7.29
C ASN B 908 29.93 10.18 8.16
N ILE B 909 28.68 10.12 8.54
CA ILE B 909 27.95 11.21 9.17
C ILE B 909 28.01 11.09 10.68
N MET B 910 27.96 12.24 11.35
CA MET B 910 27.74 12.26 12.79
C MET B 910 26.27 11.95 13.05
N ALA B 911 26.00 10.84 13.74
CA ALA B 911 24.63 10.34 13.89
C ALA B 911 23.88 11.20 14.92
N LEU B 912 23.60 12.43 14.50
CA LEU B 912 22.93 13.37 15.40
C LEU B 912 21.47 13.00 15.60
N TYR B 913 20.72 12.86 14.52
CA TYR B 913 19.29 12.61 14.59
C TYR B 913 19.02 11.12 14.44
N LEU B 914 18.02 10.63 15.16
CA LEU B 914 17.70 9.20 15.17
C LEU B 914 16.20 9.03 15.36
N LYS B 915 15.53 8.54 14.32
CA LYS B 915 14.13 8.16 14.40
C LYS B 915 13.96 6.81 13.72
N THR B 916 12.95 6.06 14.15
CA THR B 916 12.76 4.72 13.64
C THR B 916 11.28 4.37 13.61
N LYS B 917 10.86 3.67 12.56
CA LYS B 917 9.55 3.03 12.48
C LYS B 917 9.75 1.59 12.04
N GLY B 918 9.22 0.66 12.82
CA GLY B 918 9.37 -0.75 12.50
C GLY B 918 10.82 -1.19 12.50
N ASP B 919 11.34 -1.57 11.33
CA ASP B 919 12.72 -2.01 11.21
C ASP B 919 13.62 -0.98 10.52
N PHE B 920 13.06 0.13 10.06
CA PHE B 920 13.89 1.18 9.47
C PHE B 920 14.60 1.98 10.55
N ILE B 921 15.66 2.68 10.12
CA ILE B 921 16.38 3.63 10.96
C ILE B 921 16.81 4.79 10.07
N LEU B 922 16.46 6.01 10.48
CA LEU B 922 16.80 7.22 9.74
C LEU B 922 17.83 8.00 10.54
N VAL B 923 19.00 8.21 9.95
CA VAL B 923 20.11 8.90 10.59
C VAL B 923 20.39 10.18 9.82
N GLY B 924 20.57 11.28 10.55
CA GLY B 924 20.92 12.55 9.95
C GLY B 924 21.95 13.28 10.78
N ASP B 925 22.41 14.41 10.27
CA ASP B 925 23.33 15.27 10.98
C ASP B 925 22.94 16.72 10.72
N LEU B 926 23.75 17.63 11.26
CA LEU B 926 23.55 19.06 11.10
C LEU B 926 23.70 19.52 9.65
N MET B 927 24.05 18.62 8.73
CA MET B 927 24.41 18.97 7.35
C MET B 927 23.41 18.40 6.33
N ARG B 928 22.16 18.18 6.75
CA ARG B 928 21.08 17.73 5.88
C ARG B 928 21.32 16.32 5.35
N SER B 929 22.54 15.80 5.51
CA SER B 929 22.85 14.44 5.08
C SER B 929 21.94 13.44 5.78
N VAL B 930 21.34 12.54 5.00
CA VAL B 930 20.34 11.60 5.48
C VAL B 930 20.72 10.19 5.07
N LEU B 931 20.61 9.24 6.01
CA LEU B 931 20.84 7.82 5.77
C LEU B 931 19.64 6.99 6.21
N LEU B 932 19.38 5.93 5.46
CA LEU B 932 18.41 4.92 5.83
C LEU B 932 19.13 3.62 6.16
N LEU B 933 18.72 2.98 7.25
CA LEU B 933 19.29 1.72 7.67
C LEU B 933 18.17 0.72 7.94
N ALA B 934 18.46 -0.55 7.73
CA ALA B 934 17.50 -1.62 7.93
C ALA B 934 18.14 -2.73 8.76
N TYR B 935 17.43 -3.18 9.78
CA TYR B 935 17.90 -4.30 10.60
C TYR B 935 17.67 -5.61 9.87
N LYS B 936 18.73 -6.38 9.67
CA LYS B 936 18.64 -7.70 9.06
C LYS B 936 18.93 -8.75 10.12
N PRO B 937 17.90 -9.36 10.72
CA PRO B 937 18.14 -10.30 11.83
C PRO B 937 18.99 -11.50 11.45
N MET B 938 18.85 -11.99 10.22
CA MET B 938 19.64 -13.14 9.75
C MET B 938 21.12 -12.81 9.58
N GLU B 939 21.54 -11.59 9.84
CA GLU B 939 22.96 -11.23 9.79
C GLU B 939 23.46 -10.50 11.02
N GLY B 940 22.58 -10.01 11.88
CA GLY B 940 23.01 -9.24 13.04
C GLY B 940 23.80 -8.01 12.65
N ASN B 941 23.39 -7.34 11.56
CA ASN B 941 24.11 -6.18 11.06
C ASN B 941 23.13 -5.27 10.33
N PHE B 942 23.64 -4.17 9.82
CA PHE B 942 22.84 -3.15 9.15
C PHE B 942 23.27 -3.00 7.70
N GLU B 943 22.37 -2.43 6.89
CA GLU B 943 22.60 -2.25 5.46
C GLU B 943 22.04 -0.91 5.03
N GLU B 944 22.87 -0.10 4.36
CA GLU B 944 22.42 1.18 3.83
C GLU B 944 21.35 0.97 2.78
N ILE B 945 20.16 1.49 3.03
CA ILE B 945 19.05 1.34 2.09
C ILE B 945 18.99 2.50 1.11
N ALA B 946 19.23 3.72 1.58
CA ALA B 946 19.15 4.90 0.73
C ALA B 946 19.94 6.03 1.39
N ARG B 947 20.05 7.14 0.67
CA ARG B 947 20.80 8.31 1.13
C ARG B 947 20.46 9.48 0.21
N ASP B 948 20.72 10.68 0.71
CA ASP B 948 20.59 11.90 -0.10
C ASP B 948 21.42 12.98 0.57
N PHE B 949 22.48 13.41 -0.11
CA PHE B 949 23.37 14.44 0.41
C PHE B 949 23.15 15.74 -0.36
N ASN B 950 22.84 16.80 0.38
CA ASN B 950 22.62 18.13 -0.21
C ASN B 950 22.95 19.13 0.88
N PRO B 951 24.21 19.54 0.99
CA PRO B 951 24.70 20.20 2.22
C PRO B 951 23.88 21.43 2.58
N ASN B 952 23.36 21.43 3.80
CA ASN B 952 22.51 22.49 4.32
C ASN B 952 22.29 22.25 5.80
N TRP B 953 22.01 23.33 6.54
CA TRP B 953 21.83 23.22 7.98
C TRP B 953 20.47 22.62 8.30
N MET B 954 20.46 21.58 9.12
CA MET B 954 19.25 20.85 9.47
C MET B 954 19.07 20.89 10.98
N SER B 955 17.84 21.15 11.42
CA SER B 955 17.53 21.34 12.84
C SER B 955 16.86 20.14 13.47
N ALA B 956 16.00 19.43 12.74
CA ALA B 956 15.35 18.23 13.24
C ALA B 956 14.70 17.51 12.07
N VAL B 957 14.53 16.19 12.22
CA VAL B 957 13.92 15.35 11.20
C VAL B 957 12.88 14.45 11.88
N GLU B 958 12.17 13.69 11.04
CA GLU B 958 11.12 12.79 11.50
C GLU B 958 10.73 11.89 10.35
N ILE B 959 10.24 10.71 10.70
CA ILE B 959 9.74 9.73 9.72
C ILE B 959 8.23 9.87 9.63
N LEU B 960 7.73 10.08 8.42
CA LEU B 960 6.28 10.17 8.23
C LEU B 960 5.68 8.79 8.06
N ASP B 961 6.17 8.03 7.09
CA ASP B 961 5.77 6.63 6.91
C ASP B 961 7.01 5.87 6.43
N ASP B 962 6.80 4.70 5.83
CA ASP B 962 7.91 3.87 5.40
C ASP B 962 8.66 4.45 4.21
N ASP B 963 8.12 5.47 3.54
CA ASP B 963 8.72 5.97 2.30
C ASP B 963 8.96 7.47 2.27
N ASN B 964 8.39 8.24 3.18
CA ASN B 964 8.53 9.70 3.17
C ASN B 964 9.07 10.17 4.52
N PHE B 965 9.99 11.13 4.47
CA PHE B 965 10.72 11.55 5.66
C PHE B 965 10.78 13.07 5.68
N LEU B 966 10.40 13.65 6.82
CA LEU B 966 10.25 15.10 6.95
C LEU B 966 11.42 15.67 7.73
N GLY B 967 11.84 16.87 7.33
CA GLY B 967 12.92 17.56 8.00
C GLY B 967 12.79 19.05 7.81
N ALA B 968 13.53 19.80 8.64
CA ALA B 968 13.55 21.25 8.59
C ALA B 968 14.98 21.69 8.31
N GLU B 969 15.17 22.46 7.24
CA GLU B 969 16.49 22.91 6.84
C GLU B 969 16.61 24.42 7.09
N ASN B 970 17.72 24.99 6.65
CA ASN B 970 18.03 26.38 7.00
C ASN B 970 17.03 27.33 6.34
N ALA B 971 17.02 28.57 6.84
CA ALA B 971 16.09 29.60 6.38
C ALA B 971 14.64 29.16 6.59
N PHE B 972 14.38 28.46 7.70
CA PHE B 972 13.04 28.18 8.19
C PHE B 972 12.18 27.48 7.14
N ASN B 973 12.66 26.33 6.67
CA ASN B 973 12.00 25.59 5.61
C ASN B 973 11.67 24.17 6.07
N LEU B 974 10.85 23.50 5.26
CA LEU B 974 10.54 22.09 5.43
C LEU B 974 10.82 21.35 4.12
N PHE B 975 11.05 20.05 4.23
CA PHE B 975 11.25 19.23 3.04
C PHE B 975 10.81 17.80 3.33
N VAL B 976 10.53 17.07 2.25
CA VAL B 976 10.15 15.67 2.32
C VAL B 976 10.96 14.89 1.30
N CYS B 977 11.62 13.82 1.75
CA CYS B 977 12.33 12.91 0.86
C CYS B 977 11.52 11.64 0.66
N GLN B 978 11.79 10.96 -0.45
CA GLN B 978 10.98 9.82 -0.85
C GLN B 978 11.87 8.70 -1.38
N LYS B 979 11.48 7.46 -1.09
CA LYS B 979 12.31 6.31 -1.44
C LYS B 979 12.24 5.98 -2.93
N ASP B 980 11.13 5.40 -3.38
CA ASP B 980 10.97 4.99 -4.77
C ASP B 980 10.90 6.21 -5.69
N GLU B 987 20.98 -1.57 -7.58
CA GLU B 987 20.33 -0.59 -8.44
C GLU B 987 20.60 0.82 -7.93
N GLU B 988 19.97 1.81 -8.58
CA GLU B 988 19.95 3.18 -8.07
C GLU B 988 18.61 3.54 -7.44
N ARG B 989 17.92 2.55 -6.88
CA ARG B 989 16.71 2.78 -6.10
C ARG B 989 17.03 3.20 -4.66
N GLN B 990 18.27 3.59 -4.41
CA GLN B 990 18.72 4.10 -3.13
C GLN B 990 18.81 5.62 -3.10
N HIS B 991 18.22 6.30 -4.08
CA HIS B 991 18.23 7.76 -4.12
C HIS B 991 16.94 8.30 -3.50
N LEU B 992 17.08 9.27 -2.61
CA LEU B 992 15.94 9.94 -2.01
C LEU B 992 15.62 11.20 -2.81
N GLN B 993 14.41 11.27 -3.35
CA GLN B 993 14.03 12.39 -4.17
C GLN B 993 13.62 13.58 -3.31
N GLU B 994 13.54 14.75 -3.95
CA GLU B 994 13.21 16.01 -3.29
C GLU B 994 11.79 16.37 -3.73
N VAL B 995 10.81 15.75 -3.06
CA VAL B 995 9.42 15.83 -3.50
C VAL B 995 8.61 16.89 -2.76
N GLY B 996 9.14 17.47 -1.69
CA GLY B 996 8.40 18.47 -0.94
C GLY B 996 9.26 19.61 -0.47
N LEU B 997 8.79 20.84 -0.64
CA LEU B 997 9.48 22.03 -0.16
C LEU B 997 8.44 23.05 0.29
N PHE B 998 8.77 23.80 1.33
CA PHE B 998 7.84 24.76 1.92
C PHE B 998 8.56 25.69 2.88
N HIS B 999 8.39 27.00 2.71
CA HIS B 999 9.04 27.99 3.56
C HIS B 999 8.10 28.28 4.73
N LEU B 1000 8.34 27.57 5.84
CA LEU B 1000 7.42 27.69 6.98
C LEU B 1000 7.60 29.03 7.69
N GLY B 1001 8.79 29.63 7.62
CA GLY B 1001 9.04 30.86 8.31
C GLY B 1001 9.34 30.71 9.78
N GLU B 1002 9.40 29.49 10.29
CA GLU B 1002 9.70 29.24 11.69
C GLU B 1002 10.82 28.21 11.79
N PHE B 1003 11.60 28.32 12.86
CA PHE B 1003 12.73 27.43 13.09
C PHE B 1003 12.21 26.20 13.82
N VAL B 1004 11.93 25.13 13.07
CA VAL B 1004 11.46 23.89 13.70
C VAL B 1004 12.59 23.28 14.52
N ASN B 1005 12.25 22.80 15.71
CA ASN B 1005 13.26 22.33 16.64
C ASN B 1005 13.02 20.90 17.13
N VAL B 1006 11.82 20.35 16.94
CA VAL B 1006 11.51 18.98 17.32
C VAL B 1006 10.24 18.55 16.61
N PHE B 1007 10.20 17.29 16.18
CA PHE B 1007 9.00 16.67 15.67
C PHE B 1007 8.58 15.53 16.59
N CYS B 1008 7.28 15.31 16.70
CA CYS B 1008 6.78 14.14 17.42
C CYS B 1008 5.38 13.82 16.93
N HIS B 1009 5.08 12.53 16.83
CA HIS B 1009 3.76 12.10 16.41
C HIS B 1009 2.73 12.38 17.51
N GLY B 1010 1.47 12.39 17.11
CA GLY B 1010 0.37 12.63 18.02
C GLY B 1010 -0.47 13.82 17.60
N SER B 1011 -1.64 13.92 18.24
CA SER B 1011 -2.59 14.98 17.97
C SER B 1011 -3.16 15.47 19.29
N LEU B 1012 -4.01 16.50 19.21
CA LEU B 1012 -4.66 17.07 20.39
C LEU B 1012 -6.18 16.98 20.28
N VAL B 1013 -6.69 16.00 19.54
CA VAL B 1013 -8.12 15.83 19.33
C VAL B 1013 -8.49 14.38 19.58
N MET B 1014 -9.79 14.14 19.76
CA MET B 1014 -10.29 12.81 20.06
C MET B 1014 -9.99 11.85 18.91
N GLN B 1015 -10.05 10.55 19.22
CA GLN B 1015 -9.74 9.50 18.25
C GLN B 1015 -10.65 9.56 17.03
N THR B 1022 -12.20 9.91 6.09
CA THR B 1022 -10.95 10.34 6.70
C THR B 1022 -10.07 11.07 5.69
N PRO B 1023 -10.15 12.40 5.67
CA PRO B 1023 -9.38 13.15 4.67
C PRO B 1023 -7.90 13.16 4.93
N THR B 1024 -7.49 13.32 6.19
CA THR B 1024 -6.08 13.37 6.56
C THR B 1024 -5.60 11.99 6.98
N GLN B 1025 -4.34 11.70 6.65
CA GLN B 1025 -3.69 10.45 7.03
C GLN B 1025 -2.43 10.78 7.81
N GLY B 1026 -2.40 10.35 9.08
CA GLY B 1026 -1.29 10.66 9.95
C GLY B 1026 -1.41 12.03 10.59
N SER B 1027 -0.48 12.30 11.51
CA SER B 1027 -0.45 13.57 12.23
C SER B 1027 0.88 13.75 12.95
N VAL B 1028 1.55 14.87 12.71
CA VAL B 1028 2.86 15.15 13.31
C VAL B 1028 2.86 16.60 13.78
N LEU B 1029 3.18 16.80 15.06
CA LEU B 1029 3.32 18.14 15.64
C LEU B 1029 4.78 18.55 15.65
N PHE B 1030 5.02 19.85 15.81
CA PHE B 1030 6.40 20.34 15.90
C PHE B 1030 6.44 21.65 16.67
N GLY B 1031 7.57 21.84 17.37
CA GLY B 1031 7.82 23.06 18.11
C GLY B 1031 8.67 24.04 17.30
N THR B 1032 9.03 25.15 17.97
CA THR B 1032 9.66 26.26 17.27
C THR B 1032 10.42 27.12 18.28
N VAL B 1033 11.45 27.80 17.79
CA VAL B 1033 12.16 28.79 18.59
C VAL B 1033 11.22 29.92 18.99
N ASN B 1034 10.38 30.37 18.05
CA ASN B 1034 9.39 31.41 18.34
C ASN B 1034 8.21 30.90 19.15
N GLY B 1035 8.18 29.62 19.52
CA GLY B 1035 7.09 29.08 20.30
C GLY B 1035 5.89 28.63 19.51
N MET B 1036 5.97 28.65 18.18
CA MET B 1036 4.86 28.24 17.34
C MET B 1036 4.74 26.73 17.29
N ILE B 1037 3.52 26.23 17.43
CA ILE B 1037 3.24 24.81 17.36
C ILE B 1037 2.37 24.55 16.13
N GLY B 1038 2.89 23.73 15.21
CA GLY B 1038 2.19 23.41 13.99
C GLY B 1038 1.92 21.91 13.88
N LEU B 1039 1.17 21.55 12.86
CA LEU B 1039 0.83 20.16 12.58
C LEU B 1039 1.05 19.86 11.11
N VAL B 1040 1.39 18.61 10.81
CA VAL B 1040 1.63 18.15 9.45
C VAL B 1040 0.93 16.81 9.27
N THR B 1041 0.18 16.66 8.19
CA THR B 1041 -0.50 15.41 7.87
C THR B 1041 -0.47 15.20 6.36
N SER B 1042 -0.71 13.96 5.96
CA SER B 1042 -0.69 13.58 4.56
C SER B 1042 -2.08 13.69 3.94
N LEU B 1043 -2.11 13.82 2.62
CA LEU B 1043 -3.35 13.92 1.87
C LEU B 1043 -3.30 12.97 0.69
N SER B 1044 -4.48 12.61 0.19
CA SER B 1044 -4.55 11.87 -1.06
C SER B 1044 -4.36 12.82 -2.24
N GLU B 1045 -3.96 12.25 -3.37
CA GLU B 1045 -3.70 13.06 -4.56
C GLU B 1045 -4.93 13.85 -4.98
N SER B 1046 -6.12 13.26 -4.81
CA SER B 1046 -7.35 13.96 -5.15
C SER B 1046 -7.51 15.25 -4.36
N TRP B 1047 -7.23 15.21 -3.06
CA TRP B 1047 -7.38 16.40 -2.24
C TRP B 1047 -6.27 17.40 -2.51
N TYR B 1048 -5.03 16.93 -2.67
CA TYR B 1048 -3.92 17.84 -2.94
C TYR B 1048 -4.14 18.58 -4.25
N ASN B 1049 -4.63 17.90 -5.28
CA ASN B 1049 -4.92 18.55 -6.55
C ASN B 1049 -6.01 19.60 -6.38
N LEU B 1050 -7.10 19.24 -5.69
CA LEU B 1050 -8.19 20.19 -5.46
C LEU B 1050 -7.71 21.35 -4.59
N LEU B 1051 -7.07 21.05 -3.47
CA LEU B 1051 -6.66 22.10 -2.54
C LEU B 1051 -5.56 22.98 -3.11
N LEU B 1052 -4.79 22.48 -4.08
CA LEU B 1052 -3.84 23.35 -4.78
C LEU B 1052 -4.60 24.36 -5.63
N ASP B 1053 -5.62 23.89 -6.37
CA ASP B 1053 -6.53 24.80 -7.06
C ASP B 1053 -7.18 25.77 -6.09
N MET B 1054 -7.48 25.31 -4.87
CA MET B 1054 -8.04 26.18 -3.86
C MET B 1054 -7.10 27.31 -3.50
N GLN B 1055 -5.81 27.00 -3.35
CA GLN B 1055 -4.82 28.02 -3.01
C GLN B 1055 -4.77 29.11 -4.08
N ASN B 1056 -4.51 28.71 -5.33
CA ASN B 1056 -4.41 29.67 -6.43
C ASN B 1056 -5.67 30.50 -6.60
N ARG B 1057 -6.82 30.01 -6.14
CA ARG B 1057 -8.05 30.79 -6.23
C ARG B 1057 -8.15 31.79 -5.09
N LEU B 1058 -7.70 31.42 -3.89
CA LEU B 1058 -7.78 32.34 -2.76
C LEU B 1058 -6.74 33.44 -2.85
N ASN B 1059 -5.60 33.19 -3.50
CA ASN B 1059 -4.56 34.20 -3.60
C ASN B 1059 -5.04 35.41 -4.41
N LYS B 1060 -5.93 35.18 -5.38
CA LYS B 1060 -6.48 36.30 -6.14
C LYS B 1060 -7.42 37.16 -5.31
N VAL B 1061 -8.03 36.58 -4.27
CA VAL B 1061 -9.12 37.23 -3.56
C VAL B 1061 -8.64 37.91 -2.28
N ILE B 1062 -8.04 37.14 -1.38
CA ILE B 1062 -7.71 37.66 -0.05
C ILE B 1062 -6.70 38.79 -0.16
N LYS B 1063 -6.95 39.87 0.57
CA LYS B 1063 -6.07 41.03 0.56
C LYS B 1063 -4.85 40.73 1.43
N SER B 1064 -3.66 40.79 0.83
CA SER B 1064 -2.42 40.56 1.54
C SER B 1064 -1.85 41.86 2.06
N VAL B 1065 -1.39 41.83 3.32
CA VAL B 1065 -0.74 43.00 3.90
C VAL B 1065 0.60 43.23 3.23
N GLY B 1066 0.86 44.47 2.84
CA GLY B 1066 2.08 44.79 2.11
C GLY B 1066 2.14 44.25 0.70
N LYS B 1067 1.05 43.65 0.21
CA LYS B 1067 0.97 43.13 -1.15
C LYS B 1067 2.12 42.16 -1.44
N ILE B 1068 2.37 41.26 -0.50
CA ILE B 1068 3.38 40.23 -0.65
C ILE B 1068 2.74 39.00 -1.30
N GLU B 1069 3.32 38.55 -2.39
CA GLU B 1069 2.79 37.38 -3.10
C GLU B 1069 2.86 36.15 -2.20
N HIS B 1070 1.73 35.45 -2.06
CA HIS B 1070 1.73 34.23 -1.26
C HIS B 1070 2.69 33.20 -1.81
N SER B 1071 2.72 33.04 -3.14
CA SER B 1071 3.67 32.12 -3.75
C SER B 1071 5.10 32.53 -3.47
N PHE B 1072 5.36 33.84 -3.33
CA PHE B 1072 6.70 34.29 -2.98
C PHE B 1072 7.01 34.01 -1.51
N TRP B 1073 6.01 34.10 -0.64
CA TRP B 1073 6.24 33.87 0.78
C TRP B 1073 6.60 32.41 1.06
N ARG B 1074 5.77 31.48 0.59
CA ARG B 1074 6.02 30.06 0.83
C ARG B 1074 7.12 29.47 -0.04
N SER B 1075 7.67 30.24 -0.99
CA SER B 1075 8.74 29.73 -1.84
C SER B 1075 9.95 29.32 -1.00
N PHE B 1076 10.42 28.10 -1.22
CA PHE B 1076 11.59 27.57 -0.50
C PHE B 1076 12.78 28.51 -0.65
N HIS B 1077 13.22 29.07 0.46
CA HIS B 1077 14.23 30.12 0.46
C HIS B 1077 15.54 29.64 1.06
N THR B 1078 16.63 30.02 0.41
CA THR B 1078 17.98 29.99 0.98
C THR B 1078 18.69 31.26 0.56
N GLU B 1079 19.88 31.48 1.12
CA GLU B 1079 20.66 32.63 0.69
C GLU B 1079 21.12 32.50 -0.76
N ARG B 1080 21.24 31.27 -1.26
CA ARG B 1080 21.74 31.02 -2.61
C ARG B 1080 20.65 30.66 -3.61
N LYS B 1081 19.60 29.96 -3.19
CA LYS B 1081 18.55 29.51 -4.09
C LYS B 1081 17.19 29.98 -3.59
N THR B 1082 16.21 29.92 -4.50
CA THR B 1082 14.83 30.30 -4.16
C THR B 1082 13.92 29.60 -5.17
N GLU B 1083 13.38 28.44 -4.77
CA GLU B 1083 12.51 27.64 -5.61
C GLU B 1083 11.08 27.73 -5.12
N PRO B 1084 10.10 27.49 -5.99
CA PRO B 1084 8.70 27.51 -5.55
C PRO B 1084 8.38 26.29 -4.70
N ALA B 1085 7.43 26.47 -3.79
CA ALA B 1085 7.05 25.39 -2.90
C ALA B 1085 6.22 24.35 -3.65
N THR B 1086 6.33 23.09 -3.21
CA THR B 1086 5.61 22.01 -3.85
C THR B 1086 5.39 20.90 -2.82
N GLY B 1087 4.32 20.12 -3.03
CA GLY B 1087 4.00 19.02 -2.15
C GLY B 1087 3.46 19.42 -0.80
N PHE B 1088 3.07 20.68 -0.63
CA PHE B 1088 2.56 21.16 0.64
C PHE B 1088 1.35 22.04 0.38
N ILE B 1089 0.60 22.31 1.46
CA ILE B 1089 -0.60 23.14 1.39
C ILE B 1089 -0.65 24.01 2.63
N ASP B 1090 -0.58 25.32 2.44
CA ASP B 1090 -0.67 26.25 3.56
C ASP B 1090 -2.07 26.19 4.15
N GLY B 1091 -2.27 25.30 5.12
CA GLY B 1091 -3.60 25.12 5.71
C GLY B 1091 -4.17 26.40 6.29
N ASP B 1092 -3.31 27.31 6.74
CA ASP B 1092 -3.77 28.62 7.21
C ASP B 1092 -4.54 29.34 6.11
N LEU B 1093 -4.03 29.30 4.88
CA LEU B 1093 -4.74 29.94 3.76
C LEU B 1093 -6.05 29.22 3.47
N ILE B 1094 -6.04 27.89 3.48
CA ILE B 1094 -7.26 27.13 3.22
C ILE B 1094 -8.29 27.39 4.32
N GLU B 1095 -7.83 27.55 5.56
CA GLU B 1095 -8.76 27.76 6.67
C GLU B 1095 -9.35 29.16 6.65
N SER B 1096 -8.65 30.13 6.05
CA SER B 1096 -9.18 31.48 5.92
C SER B 1096 -10.34 31.56 4.94
N PHE B 1097 -10.65 30.47 4.24
CA PHE B 1097 -11.81 30.44 3.36
C PHE B 1097 -13.11 30.69 4.12
N LEU B 1098 -13.15 30.33 5.40
CA LEU B 1098 -14.34 30.51 6.22
C LEU B 1098 -14.42 31.89 6.86
N ASP B 1099 -13.47 32.78 6.58
CA ASP B 1099 -13.49 34.12 7.16
C ASP B 1099 -13.84 35.21 6.15
N ILE B 1100 -13.81 34.91 4.86
CA ILE B 1100 -14.23 35.90 3.86
C ILE B 1100 -15.75 35.99 3.84
N SER B 1101 -16.25 37.07 3.26
CA SER B 1101 -17.70 37.24 3.17
C SER B 1101 -18.29 36.23 2.18
N ARG B 1102 -19.60 36.06 2.24
CA ARG B 1102 -20.26 35.08 1.41
C ARG B 1102 -20.07 35.30 -0.09
N PRO B 1103 -20.08 36.52 -0.64
CA PRO B 1103 -19.84 36.65 -2.08
C PRO B 1103 -18.43 36.25 -2.50
N LYS B 1104 -17.42 36.57 -1.68
CA LYS B 1104 -16.05 36.18 -2.03
C LYS B 1104 -15.92 34.65 -2.12
N MET B 1105 -16.70 33.92 -1.32
CA MET B 1105 -16.77 32.47 -1.48
C MET B 1105 -17.25 32.09 -2.87
N GLN B 1106 -18.43 32.58 -3.27
CA GLN B 1106 -18.92 32.35 -4.62
C GLN B 1106 -17.95 32.89 -5.66
N GLU B 1107 -17.22 33.96 -5.33
CA GLU B 1107 -16.16 34.44 -6.21
C GLU B 1107 -15.03 33.42 -6.30
N VAL B 1108 -14.67 32.81 -5.18
CA VAL B 1108 -13.61 31.80 -5.17
C VAL B 1108 -14.02 30.59 -6.00
N VAL B 1109 -15.25 30.11 -5.84
CA VAL B 1109 -15.71 28.96 -6.60
C VAL B 1109 -16.22 29.41 -7.96
N ALA B 1110 -15.31 29.92 -8.79
CA ALA B 1110 -15.63 30.34 -10.16
C ALA B 1110 -15.56 29.12 -11.06
N ASN B 1111 -16.70 28.43 -11.21
CA ASN B 1111 -16.80 27.23 -12.03
C ASN B 1111 -15.77 26.18 -11.61
N LEU B 1112 -16.08 25.41 -10.59
CA LEU B 1112 -15.22 24.35 -10.09
C LEU B 1112 -15.86 22.99 -10.34
N GLN B 1113 -15.01 21.99 -10.58
CA GLN B 1113 -15.45 20.61 -10.78
C GLN B 1113 -15.20 19.85 -9.48
N TYR B 1114 -16.22 19.82 -8.63
CA TYR B 1114 -16.18 19.06 -7.39
C TYR B 1114 -16.70 17.65 -7.64
N ASP B 1115 -16.16 16.68 -6.90
CA ASP B 1115 -16.31 15.27 -7.23
C ASP B 1115 -16.93 14.51 -6.06
N ASP B 1116 -18.02 13.80 -6.34
CA ASP B 1116 -18.70 12.95 -5.37
C ASP B 1116 -19.28 11.73 -6.08
N GLY B 1117 -18.44 11.06 -6.85
CA GLY B 1117 -18.89 9.91 -7.61
C GLY B 1117 -19.59 10.28 -8.91
N LYS B 1121 -19.02 14.50 -11.32
CA LYS B 1121 -18.56 15.87 -11.19
C LYS B 1121 -19.62 16.86 -11.67
N ARG B 1122 -19.63 18.05 -11.09
CA ARG B 1122 -20.59 19.09 -11.43
C ARG B 1122 -20.00 20.44 -11.04
N GLU B 1123 -20.81 21.49 -11.16
CA GLU B 1123 -20.41 22.80 -10.70
C GLU B 1123 -20.45 22.85 -9.18
N ALA B 1124 -19.41 23.39 -8.57
CA ALA B 1124 -19.29 23.43 -7.13
C ALA B 1124 -19.88 24.72 -6.56
N THR B 1125 -20.40 24.62 -5.35
CA THR B 1125 -21.00 25.75 -4.65
C THR B 1125 -20.06 26.25 -3.55
N ALA B 1126 -20.55 27.19 -2.74
CA ALA B 1126 -19.77 27.68 -1.62
C ALA B 1126 -19.89 26.76 -0.40
N ASP B 1127 -21.10 26.24 -0.15
CA ASP B 1127 -21.28 25.28 0.93
C ASP B 1127 -20.62 23.95 0.63
N ASP B 1128 -20.26 23.69 -0.64
CA ASP B 1128 -19.50 22.49 -0.97
C ASP B 1128 -18.11 22.53 -0.36
N LEU B 1129 -17.46 23.70 -0.39
CA LEU B 1129 -16.12 23.83 0.14
C LEU B 1129 -16.10 24.15 1.63
N ILE B 1130 -17.18 24.67 2.19
CA ILE B 1130 -17.26 24.88 3.62
C ILE B 1130 -17.24 23.54 4.36
N LYS B 1131 -18.07 22.59 3.90
CA LYS B 1131 -18.07 21.25 4.47
C LYS B 1131 -16.70 20.59 4.32
N VAL B 1132 -15.95 20.96 3.28
CA VAL B 1132 -14.60 20.43 3.09
C VAL B 1132 -13.62 21.06 4.08
N VAL B 1133 -13.64 22.38 4.19
CA VAL B 1133 -12.67 23.08 5.03
C VAL B 1133 -12.93 22.79 6.51
N GLU B 1134 -14.20 22.72 6.90
CA GLU B 1134 -14.52 22.41 8.30
C GLU B 1134 -14.01 21.03 8.68
N GLU B 1135 -13.96 20.10 7.74
CA GLU B 1135 -13.34 18.79 7.99
C GLU B 1135 -11.85 18.92 8.26
N LEU B 1136 -11.21 19.99 7.79
CA LEU B 1136 -9.79 20.19 8.01
C LEU B 1136 -9.49 20.96 9.29
N THR B 1137 -10.40 21.84 9.71
CA THR B 1137 -10.22 22.58 10.96
C THR B 1137 -10.42 21.71 12.19
N ARG B 1138 -10.79 20.45 12.02
CA ARG B 1138 -11.10 19.55 13.14
C ARG B 1138 -9.93 18.62 13.46
N ILE B 1139 -8.71 19.00 13.09
CA ILE B 1139 -7.52 18.18 13.35
C ILE B 1139 -6.53 18.90 14.26
N HIS B 1140 -6.92 20.04 14.82
CA HIS B 1140 -6.05 20.78 15.74
C HIS B 1140 -6.87 21.62 16.72
N ILE C 10 65.32 23.17 12.44
CA ILE C 10 66.00 21.89 12.40
C ILE C 10 66.47 21.58 10.98
N ILE C 11 65.81 22.19 10.00
CA ILE C 11 66.10 21.98 8.59
C ILE C 11 66.53 23.30 7.97
N ASN C 12 66.93 23.28 6.69
CA ASN C 12 67.37 24.49 6.02
C ASN C 12 67.22 24.40 4.50
N PHE C 13 66.61 23.32 4.01
CA PHE C 13 66.51 23.05 2.58
C PHE C 13 66.08 24.27 1.76
N ASP C 14 64.87 24.80 2.04
CA ASP C 14 64.17 25.89 1.36
C ASP C 14 62.91 25.31 0.70
N THR C 15 61.79 25.28 1.44
CA THR C 15 60.54 24.71 0.96
C THR C 15 59.99 25.34 -0.32
N SER C 16 60.53 26.49 -0.76
CA SER C 16 60.05 27.12 -1.98
C SER C 16 60.63 26.53 -3.26
N LEU C 17 61.69 25.71 -3.16
CA LEU C 17 62.32 25.17 -4.37
C LEU C 17 61.45 24.14 -5.09
N PRO C 18 60.96 23.07 -4.47
CA PRO C 18 60.19 22.05 -5.22
C PRO C 18 58.95 22.56 -5.95
N THR C 19 58.25 23.56 -5.41
CA THR C 19 57.05 24.07 -6.08
C THR C 19 57.37 24.70 -7.42
N SER C 20 58.59 25.22 -7.58
CA SER C 20 59.00 25.88 -8.82
C SER C 20 59.21 24.90 -9.98
N HIS C 21 59.41 23.62 -9.69
CA HIS C 21 59.70 22.60 -10.72
C HIS C 21 60.88 23.00 -11.61
N THR C 22 61.95 23.48 -10.97
CA THR C 22 63.13 24.00 -11.66
C THR C 22 63.78 22.96 -12.56
N TYR C 23 63.52 21.67 -12.30
CA TYR C 23 64.05 20.58 -13.12
C TYR C 23 63.53 20.64 -14.55
N LEU C 24 62.47 21.40 -14.80
CA LEU C 24 61.94 21.52 -16.15
C LEU C 24 62.81 22.41 -17.04
N GLY C 25 63.80 23.09 -16.45
CA GLY C 25 64.72 23.93 -17.21
C GLY C 25 64.57 25.44 -17.21
N ALA C 26 64.88 26.03 -18.36
CA ALA C 26 64.83 27.48 -18.53
C ALA C 26 63.44 28.01 -18.21
N ASP C 27 63.41 29.23 -17.68
CA ASP C 27 62.14 29.86 -17.34
C ASP C 27 61.16 29.79 -18.50
N MET C 28 59.95 29.35 -18.19
CA MET C 28 58.88 29.20 -19.15
C MET C 28 58.20 30.55 -19.40
N GLU C 29 57.45 30.62 -20.49
CA GLU C 29 56.64 31.81 -20.70
C GLU C 29 55.52 31.75 -19.67
N GLU C 30 55.26 32.86 -18.99
CA GLU C 30 54.23 32.85 -17.98
C GLU C 30 53.04 33.70 -18.42
N PHE C 31 51.87 33.30 -17.95
CA PHE C 31 50.64 34.03 -18.22
C PHE C 31 50.10 34.62 -16.92
N HIS C 32 49.54 35.82 -17.00
CA HIS C 32 48.95 36.46 -15.84
C HIS C 32 47.43 36.39 -15.85
N GLY C 33 46.82 36.30 -17.02
CA GLY C 33 45.37 36.24 -17.11
C GLY C 33 44.80 35.01 -16.44
N ARG C 34 43.53 35.13 -16.04
CA ARG C 34 42.80 34.06 -15.39
C ARG C 34 41.42 33.92 -16.02
N THR C 35 41.02 32.69 -16.25
CA THR C 35 39.74 32.35 -16.87
C THR C 35 38.91 31.52 -15.91
N LEU C 36 37.73 32.03 -15.55
CA LEU C 36 36.80 31.31 -14.70
C LEU C 36 35.43 31.33 -15.36
N HIS C 37 34.82 30.15 -15.46
CA HIS C 37 33.50 29.98 -16.05
C HIS C 37 32.39 30.14 -15.02
N ASP C 38 31.25 30.66 -15.47
CA ASP C 38 30.11 30.88 -14.61
C ASP C 38 29.58 29.55 -14.06
N ASP C 39 29.14 29.58 -12.81
CA ASP C 39 28.56 28.40 -12.17
C ASP C 39 27.35 27.88 -12.93
N ASP C 40 27.28 26.56 -13.08
CA ASP C 40 26.22 25.80 -13.76
C ASP C 40 26.26 25.93 -15.27
N SER C 41 27.15 26.74 -15.82
CA SER C 41 27.23 26.90 -17.27
C SER C 41 27.76 25.62 -17.93
N CYS C 42 27.33 25.38 -19.16
CA CYS C 42 27.79 24.24 -19.93
C CYS C 42 28.96 24.67 -20.81
N GLN C 43 30.04 23.89 -20.78
CA GLN C 43 31.24 24.22 -21.52
C GLN C 43 31.82 22.95 -22.14
N VAL C 44 32.44 23.11 -23.31
CA VAL C 44 33.15 22.04 -23.99
C VAL C 44 34.64 22.26 -23.83
N ILE C 45 35.31 21.34 -23.14
CA ILE C 45 36.74 21.50 -22.83
C ILE C 45 37.47 20.23 -23.28
N PRO C 46 38.63 20.35 -23.92
CA PRO C 46 39.37 19.15 -24.33
C PRO C 46 40.02 18.40 -23.17
N VAL C 47 40.14 17.08 -23.37
CA VAL C 47 40.77 16.18 -22.42
C VAL C 47 42.10 15.70 -22.99
N LEU C 48 43.15 15.68 -22.16
CA LEU C 48 44.44 15.13 -22.58
C LEU C 48 44.43 13.61 -22.48
N PRO C 49 44.71 12.89 -23.57
CA PRO C 49 44.53 11.42 -23.59
C PRO C 49 45.29 10.64 -22.54
N GLN C 50 46.53 11.00 -22.21
CA GLN C 50 47.34 10.19 -21.32
C GLN C 50 47.39 10.64 -19.86
N VAL C 51 46.72 11.74 -19.49
CA VAL C 51 46.78 12.13 -18.08
C VAL C 51 45.93 11.19 -17.24
N MET C 52 46.55 10.55 -16.25
CA MET C 52 45.90 9.61 -15.34
C MET C 52 45.99 10.22 -13.94
N MET C 53 45.08 11.14 -13.63
CA MET C 53 45.11 11.79 -12.34
C MET C 53 43.75 12.39 -12.02
N ILE C 54 43.47 12.47 -10.73
CA ILE C 54 42.28 13.17 -10.23
C ILE C 54 42.82 14.51 -9.74
N LEU C 55 42.61 15.58 -10.50
CA LEU C 55 43.17 16.86 -10.10
C LEU C 55 42.19 17.61 -9.23
N ILE C 56 42.68 18.17 -8.14
CA ILE C 56 41.90 18.98 -7.21
C ILE C 56 42.20 20.46 -7.45
N PRO C 57 41.22 21.34 -7.36
CA PRO C 57 41.49 22.78 -7.52
C PRO C 57 42.60 23.29 -6.61
N GLY C 58 43.50 24.09 -7.20
CA GLY C 58 44.64 24.68 -6.53
C GLY C 58 45.90 23.84 -6.58
N GLN C 59 45.81 22.61 -7.06
CA GLN C 59 46.96 21.72 -7.17
C GLN C 59 47.72 22.02 -8.47
N THR C 60 49.04 22.07 -8.38
CA THR C 60 49.85 22.31 -9.57
C THR C 60 50.10 21.00 -10.32
N LEU C 61 49.86 21.03 -11.63
CA LEU C 61 50.08 19.86 -12.49
C LEU C 61 51.09 20.10 -13.60
N PRO C 62 52.31 19.59 -13.48
CA PRO C 62 53.28 19.71 -14.57
C PRO C 62 53.08 18.58 -15.57
N LEU C 63 53.36 18.87 -16.84
CA LEU C 63 53.24 17.87 -17.89
C LEU C 63 54.36 18.02 -18.90
N GLN C 64 54.78 16.89 -19.48
CA GLN C 64 55.70 16.86 -20.61
C GLN C 64 55.00 16.08 -21.72
N LEU C 65 54.60 16.79 -22.78
CA LEU C 65 53.90 16.21 -23.91
C LEU C 65 54.82 15.99 -25.11
N PHE C 66 54.81 14.76 -25.63
CA PHE C 66 55.71 14.34 -26.70
C PHE C 66 54.99 14.07 -28.01
N HIS C 67 53.84 13.39 -27.95
CA HIS C 67 53.08 13.04 -29.13
C HIS C 67 52.57 14.28 -29.87
N PRO C 68 52.68 14.31 -31.20
CA PRO C 68 52.23 15.48 -31.97
C PRO C 68 50.79 15.87 -31.75
N GLN C 69 49.88 14.91 -31.56
CA GLN C 69 48.47 15.27 -31.33
C GLN C 69 48.31 16.04 -30.03
N GLU C 70 49.04 15.64 -28.98
CA GLU C 70 48.98 16.37 -27.73
C GLU C 70 49.62 17.74 -27.88
N VAL C 71 50.79 17.79 -28.51
CA VAL C 71 51.50 19.05 -28.76
C VAL C 71 50.63 20.03 -29.56
N SER C 72 50.03 19.56 -30.64
CA SER C 72 49.19 20.43 -31.48
C SER C 72 48.02 21.02 -30.68
N MET C 73 47.29 20.18 -29.94
CA MET C 73 46.17 20.65 -29.14
C MET C 73 46.59 21.73 -28.14
N VAL C 74 47.76 21.55 -27.51
CA VAL C 74 48.24 22.52 -26.53
C VAL C 74 48.63 23.86 -27.18
N ARG C 75 49.27 23.82 -28.35
CA ARG C 75 49.59 25.09 -29.02
C ARG C 75 48.33 25.91 -29.26
N ASN C 76 47.24 25.25 -29.65
CA ASN C 76 45.96 25.94 -29.85
C ASN C 76 45.41 26.48 -28.53
N LEU C 77 45.50 25.68 -27.46
CA LEU C 77 45.03 26.07 -26.13
C LEU C 77 45.78 27.27 -25.58
N ILE C 78 47.10 27.33 -25.77
CA ILE C 78 47.89 28.45 -25.27
C ILE C 78 47.44 29.76 -25.90
N GLN C 79 46.75 29.67 -27.03
CA GLN C 79 46.21 30.82 -27.75
C GLN C 79 44.76 31.14 -27.36
N LYS C 80 44.00 30.16 -26.90
CA LYS C 80 42.61 30.36 -26.50
C LYS C 80 42.56 30.57 -24.98
N ASP C 81 41.74 29.84 -24.23
CA ASP C 81 41.57 30.03 -22.80
C ASP C 81 42.60 29.29 -21.95
N ARG C 82 43.45 28.47 -22.55
CA ARG C 82 44.49 27.71 -21.84
C ARG C 82 43.95 26.69 -20.84
N THR C 83 42.67 26.31 -20.96
CA THR C 83 42.02 25.44 -19.98
C THR C 83 41.68 24.10 -20.62
N PHE C 84 42.16 23.01 -20.03
CA PHE C 84 41.81 21.66 -20.47
C PHE C 84 41.10 20.93 -19.33
N ALA C 85 40.39 19.86 -19.69
CA ALA C 85 39.63 19.04 -18.75
C ALA C 85 40.40 17.79 -18.33
N VAL C 86 40.48 17.54 -17.02
CA VAL C 86 41.14 16.38 -16.45
C VAL C 86 40.06 15.49 -15.86
N LEU C 87 39.68 14.42 -16.58
CA LEU C 87 38.61 13.55 -16.12
C LEU C 87 39.03 12.71 -14.92
N ALA C 88 38.19 12.72 -13.89
CA ALA C 88 38.36 11.93 -12.66
C ALA C 88 37.71 10.55 -12.78
N TYR C 89 38.52 9.52 -13.08
CA TYR C 89 37.97 8.19 -13.28
C TYR C 89 37.63 7.59 -11.92
N SER C 90 36.34 7.27 -11.76
CA SER C 90 35.81 6.62 -10.56
C SER C 90 36.16 5.15 -10.42
N ASN C 91 36.03 4.36 -11.48
CA ASN C 91 36.47 2.97 -11.40
C ASN C 91 37.54 2.66 -12.43
N VAL C 92 38.24 1.55 -12.18
CA VAL C 92 39.35 1.12 -13.04
C VAL C 92 38.86 0.68 -14.41
N GLN C 93 37.74 -0.04 -14.48
CA GLN C 93 37.20 -0.48 -15.76
C GLN C 93 35.97 0.33 -16.16
N GLU C 94 35.87 1.55 -15.67
CA GLU C 94 34.75 2.44 -15.97
C GLU C 94 35.13 3.27 -17.19
N ARG C 95 34.45 3.00 -18.31
CA ARG C 95 34.72 3.75 -19.53
C ARG C 95 34.22 5.19 -19.47
N GLU C 96 33.03 5.40 -18.91
CA GLU C 96 32.48 6.74 -18.83
C GLU C 96 32.84 7.46 -17.52
N ALA C 97 33.26 8.71 -17.69
CA ALA C 97 33.64 9.62 -16.61
C ALA C 97 32.50 10.60 -16.37
N GLN C 98 32.18 10.83 -15.09
CA GLN C 98 31.12 11.74 -14.68
C GLN C 98 31.61 13.01 -14.01
N PHE C 99 32.82 13.02 -13.44
CA PHE C 99 33.30 14.23 -12.79
C PHE C 99 34.71 14.53 -13.29
N GLY C 100 35.25 15.66 -12.87
CA GLY C 100 36.58 16.08 -13.28
C GLY C 100 36.85 17.49 -12.81
N THR C 101 38.03 17.98 -13.15
CA THR C 101 38.46 19.31 -12.74
C THR C 101 39.17 20.01 -13.88
N THR C 102 38.92 21.31 -14.02
CA THR C 102 39.60 22.11 -15.03
C THR C 102 41.03 22.41 -14.60
N ALA C 103 41.92 22.53 -15.58
CA ALA C 103 43.31 22.88 -15.36
C ALA C 103 43.70 24.06 -16.23
N GLU C 104 44.22 25.12 -15.63
CA GLU C 104 44.62 26.32 -16.35
C GLU C 104 46.12 26.39 -16.47
N ILE C 105 46.61 26.36 -17.71
CA ILE C 105 48.04 26.48 -17.99
C ILE C 105 48.51 27.88 -17.62
N TYR C 106 49.48 27.96 -16.72
CA TYR C 106 50.02 29.25 -16.33
C TYR C 106 51.46 29.44 -16.80
N ALA C 107 52.11 28.37 -17.27
CA ALA C 107 53.45 28.44 -17.81
C ALA C 107 53.57 27.34 -18.85
N TYR C 108 54.34 27.62 -19.90
CA TYR C 108 54.50 26.63 -20.97
C TYR C 108 55.81 26.89 -21.70
N ARG C 109 56.33 25.85 -22.34
CA ARG C 109 57.52 26.00 -23.18
C ARG C 109 57.58 24.91 -24.22
N GLU C 110 57.65 25.27 -25.50
CA GLU C 110 57.83 24.28 -26.56
C GLU C 110 59.30 24.30 -26.95
N GLU C 111 59.95 23.14 -26.99
CA GLU C 111 61.36 23.16 -27.35
C GLU C 111 61.68 22.11 -28.42
N GLN C 112 62.53 22.49 -29.36
CA GLN C 112 63.06 21.59 -30.39
C GLN C 112 64.52 21.29 -30.07
N ASP C 113 64.76 20.61 -28.95
CA ASP C 113 66.13 20.28 -28.56
C ASP C 113 66.76 19.12 -29.31
N PHE C 114 66.50 17.90 -28.84
CA PHE C 114 67.06 16.70 -29.48
C PHE C 114 66.68 16.58 -30.95
N GLY C 115 65.51 17.08 -31.34
CA GLY C 115 65.07 17.01 -32.72
C GLY C 115 63.61 16.63 -32.78
N ILE C 116 63.04 16.39 -31.61
CA ILE C 116 61.65 16.01 -31.43
C ILE C 116 60.96 17.17 -30.74
N GLU C 117 59.77 17.53 -31.20
CA GLU C 117 59.06 18.62 -30.55
C GLU C 117 58.54 18.12 -29.20
N ILE C 118 58.97 18.81 -28.14
CA ILE C 118 58.60 18.50 -26.76
C ILE C 118 57.92 19.73 -26.18
N VAL C 119 56.85 19.52 -25.42
CA VAL C 119 56.15 20.64 -24.81
C VAL C 119 56.04 20.43 -23.31
N LYS C 120 56.59 21.36 -22.54
CA LYS C 120 56.52 21.36 -21.08
C LYS C 120 55.44 22.35 -20.66
N VAL C 121 54.57 21.95 -19.72
CA VAL C 121 53.45 22.80 -19.31
C VAL C 121 53.31 22.74 -17.80
N LYS C 122 52.91 23.87 -17.21
CA LYS C 122 52.54 23.93 -15.81
C LYS C 122 51.09 24.39 -15.74
N ALA C 123 50.22 23.54 -15.20
CA ALA C 123 48.79 23.85 -15.06
C ALA C 123 48.39 23.85 -13.59
N ILE C 124 47.24 24.48 -13.32
CA ILE C 124 46.68 24.55 -11.98
C ILE C 124 45.20 24.22 -12.02
N GLY C 125 44.75 23.44 -11.05
CA GLY C 125 43.33 23.10 -10.96
C GLY C 125 42.50 24.32 -10.63
N ARG C 126 41.43 24.55 -11.39
CA ARG C 126 40.58 25.72 -11.15
C ARG C 126 39.17 25.35 -10.70
N GLN C 127 38.31 24.86 -11.60
CA GLN C 127 36.91 24.59 -11.28
C GLN C 127 36.54 23.13 -11.45
N ARG C 128 35.74 22.63 -10.51
CA ARG C 128 35.19 21.28 -10.57
C ARG C 128 34.03 21.26 -11.56
N PHE C 129 33.83 20.12 -12.22
CA PHE C 129 32.71 20.00 -13.15
C PHE C 129 32.13 18.60 -13.13
N LYS C 130 30.93 18.48 -13.68
CA LYS C 130 30.25 17.22 -13.90
C LYS C 130 30.25 16.93 -15.39
N VAL C 131 30.72 15.74 -15.76
CA VAL C 131 30.76 15.37 -17.18
C VAL C 131 29.36 14.99 -17.65
N LEU C 132 28.90 15.67 -18.70
CA LEU C 132 27.61 15.51 -19.34
C LEU C 132 27.70 14.68 -20.62
N GLU C 133 28.77 14.85 -21.39
CA GLU C 133 28.96 14.11 -22.63
C GLU C 133 30.45 14.07 -22.96
N LEU C 134 30.83 13.00 -23.66
CA LEU C 134 32.18 12.79 -24.17
C LEU C 134 32.12 12.47 -25.65
N ARG C 135 32.86 13.23 -26.45
CA ARG C 135 32.91 13.06 -27.89
C ARG C 135 34.37 12.93 -28.27
N THR C 136 34.74 11.78 -28.85
CA THR C 136 36.08 11.51 -29.35
C THR C 136 36.27 11.94 -30.81
N GLN C 137 37.29 12.77 -31.05
CA GLN C 137 37.48 13.20 -32.43
C GLN C 137 38.37 12.19 -33.16
N SER C 138 38.40 12.28 -34.49
CA SER C 138 39.25 11.41 -35.30
C SER C 138 40.74 11.47 -34.95
N ASP C 139 41.16 12.44 -34.14
CA ASP C 139 42.56 12.61 -33.74
C ASP C 139 42.93 11.94 -32.42
N GLY C 140 41.96 11.50 -31.61
CA GLY C 140 42.24 10.92 -30.32
C GLY C 140 42.10 11.87 -29.14
N ILE C 141 41.89 13.16 -29.40
CA ILE C 141 41.72 14.15 -28.33
C ILE C 141 40.22 14.25 -28.10
N GLN C 142 39.81 14.13 -26.85
CA GLN C 142 38.38 14.09 -26.55
C GLN C 142 37.93 15.43 -26.00
N GLN C 143 36.67 15.74 -26.25
CA GLN C 143 36.10 16.99 -25.78
C GLN C 143 35.04 16.60 -24.77
N ALA C 144 34.95 17.36 -23.68
CA ALA C 144 33.99 17.09 -22.63
C ALA C 144 32.92 18.16 -22.54
N LYS C 145 31.66 17.76 -22.66
CA LYS C 145 30.56 18.69 -22.40
C LYS C 145 30.38 18.64 -20.89
N VAL C 146 30.63 19.76 -20.22
CA VAL C 146 30.73 19.80 -18.77
C VAL C 146 29.81 20.85 -18.18
N GLN C 147 29.43 20.61 -16.93
CA GLN C 147 28.61 21.52 -16.15
C GLN C 147 29.44 21.93 -14.94
N ILE C 148 29.72 23.23 -14.84
CA ILE C 148 30.56 23.74 -13.77
C ILE C 148 29.81 23.57 -12.45
N LEU C 149 30.41 22.82 -11.53
CA LEU C 149 29.77 22.58 -10.25
C LEU C 149 30.03 23.77 -9.34
N PRO C 150 29.00 24.41 -8.82
CA PRO C 150 29.20 25.56 -7.94
C PRO C 150 29.75 25.13 -6.59
N GLU C 151 30.43 26.07 -5.94
CA GLU C 151 30.95 25.86 -4.60
C GLU C 151 29.88 26.36 -3.65
N CYS C 152 29.27 25.43 -2.92
CA CYS C 152 28.19 25.78 -2.00
C CYS C 152 28.77 26.38 -0.73
N VAL C 153 28.43 27.64 -0.50
CA VAL C 153 28.86 28.41 0.67
C VAL C 153 27.65 28.54 1.57
N LEU C 154 27.77 28.07 2.76
CA LEU C 154 26.67 28.17 3.69
C LEU C 154 26.93 29.29 4.69
N PRO C 155 25.88 29.96 5.16
CA PRO C 155 26.07 30.96 6.21
C PRO C 155 26.37 30.34 7.56
N SER C 156 26.66 31.19 8.55
CA SER C 156 26.83 30.72 9.92
C SER C 156 25.62 29.91 10.36
N THR C 157 25.90 28.85 11.11
CA THR C 157 24.83 27.98 11.63
C THR C 157 23.86 28.74 12.52
N MET C 158 24.30 29.85 13.12
CA MET C 158 23.46 30.68 13.98
C MET C 158 22.64 31.72 13.21
N SER C 159 22.93 31.93 11.93
CA SER C 159 22.21 32.95 11.15
C SER C 159 20.70 32.80 11.22
N ALA C 160 20.19 31.57 11.09
CA ALA C 160 18.75 31.39 11.20
C ALA C 160 18.25 31.27 12.63
N VAL C 161 19.12 31.33 13.63
CA VAL C 161 18.71 31.14 15.01
C VAL C 161 19.37 32.18 15.90
N GLN C 162 19.60 33.37 15.35
CA GLN C 162 20.26 34.45 16.08
C GLN C 162 19.24 35.48 16.53
N LEU C 163 19.43 36.01 17.72
CA LEU C 163 18.58 37.07 18.25
C LEU C 163 19.04 38.43 17.74
N GLU C 164 18.09 39.20 17.21
CA GLU C 164 18.41 40.50 16.63
C GLU C 164 19.07 41.43 17.64
N SER C 165 18.74 41.27 18.93
CA SER C 165 19.37 42.10 19.95
C SER C 165 20.83 41.73 20.15
N LEU C 166 21.21 40.50 19.83
CA LEU C 166 22.58 40.03 20.00
C LEU C 166 23.37 40.09 18.69
N ASN C 167 22.78 40.70 17.66
CA ASN C 167 23.46 40.82 16.37
C ASN C 167 24.71 41.69 16.49
N LYS C 168 24.63 42.76 17.28
CA LYS C 168 25.75 43.66 17.49
C LYS C 168 26.86 43.06 18.34
N CYS C 169 26.69 41.81 18.79
CA CYS C 169 27.69 41.12 19.60
C CYS C 169 28.45 40.06 18.81
N GLN C 170 28.04 39.80 17.57
CA GLN C 170 28.64 38.76 16.74
C GLN C 170 30.01 39.14 16.19
N ILE C 171 30.39 40.42 16.25
CA ILE C 171 31.70 40.88 15.83
C ILE C 171 32.63 40.96 17.04
N PHE C 172 33.79 40.29 16.93
CA PHE C 172 34.86 40.12 17.91
C PHE C 172 36.12 40.79 17.39
N PRO C 173 36.90 41.39 18.27
CA PRO C 173 38.15 42.04 17.84
C PRO C 173 39.24 41.00 17.63
N SER C 174 40.16 41.33 16.71
CA SER C 174 41.06 40.33 16.15
C SER C 174 41.89 39.66 17.24
N LYS C 175 42.25 38.40 17.00
CA LYS C 175 42.89 37.56 17.99
C LYS C 175 44.39 37.83 18.07
N PRO C 176 44.98 37.63 19.25
CA PRO C 176 46.44 37.73 19.36
C PRO C 176 47.13 36.47 18.87
N VAL C 177 48.24 36.66 18.15
CA VAL C 177 49.01 35.55 17.61
C VAL C 177 49.85 34.91 18.71
N SER C 184 46.21 32.04 23.86
CA SER C 184 45.38 31.69 22.70
C SER C 184 44.35 30.63 23.06
N TYR C 185 44.70 29.75 24.00
CA TYR C 185 43.79 28.72 24.48
C TYR C 185 42.54 29.35 25.11
N LYS C 186 42.74 30.39 25.92
CA LYS C 186 41.64 31.11 26.56
C LYS C 186 40.77 31.87 25.57
N TRP C 187 41.38 32.37 24.49
CA TRP C 187 40.65 33.13 23.47
C TRP C 187 39.63 32.26 22.72
N TRP C 188 40.00 31.03 22.35
CA TRP C 188 39.07 30.19 21.60
C TRP C 188 37.88 29.78 22.46
N GLN C 189 38.09 29.64 23.78
CA GLN C 189 36.96 29.37 24.68
C GLN C 189 35.96 30.52 24.65
N LYS C 190 36.44 31.76 24.61
CA LYS C 190 35.53 32.91 24.55
C LYS C 190 34.91 33.05 23.17
N TYR C 191 35.63 32.65 22.11
CA TYR C 191 35.08 32.67 20.76
C TYR C 191 33.84 31.79 20.68
N GLN C 192 33.96 30.54 21.11
CA GLN C 192 32.85 29.58 21.07
C GLN C 192 31.67 30.07 21.88
N LYS C 193 31.92 30.63 23.07
CA LYS C 193 30.85 31.12 23.93
C LYS C 193 30.09 32.28 23.29
N ARG C 194 30.79 33.16 22.55
CA ARG C 194 30.15 34.34 21.98
C ARG C 194 29.50 34.09 20.62
N LYS C 195 30.18 33.39 19.70
CA LYS C 195 29.60 33.13 18.39
C LYS C 195 28.36 32.24 18.47
N PHE C 196 28.38 31.25 19.36
CA PHE C 196 27.32 30.26 19.48
C PHE C 196 26.44 30.45 20.71
N HIS C 197 26.32 31.69 21.21
CA HIS C 197 25.48 31.95 22.38
C HIS C 197 24.04 31.52 22.12
N CYS C 198 23.51 31.80 20.93
CA CYS C 198 22.12 31.47 20.62
C CYS C 198 21.91 30.00 20.31
N ALA C 199 22.90 29.15 20.60
CA ALA C 199 22.74 27.70 20.49
C ALA C 199 21.79 27.13 21.54
N ASN C 200 21.52 27.87 22.62
CA ASN C 200 20.60 27.42 23.66
C ASN C 200 19.15 27.50 23.23
N LEU C 201 18.88 28.01 22.04
CA LEU C 201 17.54 28.05 21.47
C LEU C 201 17.25 26.83 20.62
N THR C 202 18.26 25.99 20.38
CA THR C 202 18.17 24.81 19.53
C THR C 202 18.32 23.55 20.38
N SER C 203 18.42 22.41 19.69
CA SER C 203 18.53 21.09 20.31
C SER C 203 19.95 20.70 20.66
N TRP C 204 20.95 21.49 20.27
CA TRP C 204 22.34 21.09 20.43
C TRP C 204 23.15 22.14 21.19
N PRO C 205 24.22 21.71 21.86
CA PRO C 205 25.08 22.65 22.59
C PRO C 205 26.08 23.36 21.70
N ARG C 206 26.70 24.39 22.30
CA ARG C 206 27.72 25.18 21.60
C ARG C 206 28.87 24.32 21.07
N TRP C 207 29.34 23.36 21.88
CA TRP C 207 30.48 22.54 21.48
C TRP C 207 30.20 21.71 20.24
N LEU C 208 28.93 21.39 19.96
CA LEU C 208 28.63 20.67 18.73
C LEU C 208 28.73 21.58 17.52
N TYR C 209 28.18 22.80 17.62
CA TYR C 209 28.27 23.75 16.53
C TYR C 209 29.72 24.07 16.19
N SER C 210 30.59 24.07 17.21
CA SER C 210 32.01 24.29 16.99
C SER C 210 32.58 23.27 16.02
N LEU C 211 32.05 22.05 16.04
CA LEU C 211 32.50 20.95 15.19
C LEU C 211 32.15 21.18 13.72
N TYR C 212 31.32 22.17 13.42
CA TYR C 212 30.94 22.51 12.05
C TYR C 212 31.27 23.95 11.72
N ASP C 213 32.19 24.57 12.47
CA ASP C 213 32.62 25.94 12.24
C ASP C 213 33.94 25.96 11.48
N ALA C 214 33.90 26.50 10.26
CA ALA C 214 35.07 26.57 9.38
C ALA C 214 36.32 27.06 10.11
N GLU C 215 36.22 28.20 10.80
CA GLU C 215 37.37 28.77 11.49
C GLU C 215 37.95 27.83 12.53
N THR C 216 37.08 27.18 13.32
CA THR C 216 37.57 26.23 14.33
C THR C 216 38.20 25.01 13.67
N LEU C 217 37.51 24.43 12.67
CA LEU C 217 38.05 23.31 11.93
C LEU C 217 39.38 23.65 11.27
N MET C 218 39.48 24.83 10.66
CA MET C 218 40.73 25.24 10.03
C MET C 218 41.85 25.40 11.06
N ASP C 219 41.54 25.92 12.25
CA ASP C 219 42.57 26.03 13.27
C ASP C 219 43.00 24.66 13.78
N ARG C 220 42.10 23.68 13.73
CA ARG C 220 42.45 22.33 14.16
C ARG C 220 43.38 21.67 13.14
N ILE C 221 43.13 21.90 11.85
CA ILE C 221 44.00 21.36 10.80
C ILE C 221 45.38 21.99 10.87
N LYS C 222 45.44 23.33 10.97
CA LYS C 222 46.72 24.02 11.12
C LYS C 222 47.57 23.39 12.21
N LYS C 223 46.94 22.94 13.30
CA LYS C 223 47.67 22.31 14.39
C LYS C 223 48.36 21.04 13.93
N GLN C 224 47.80 20.35 12.94
CA GLN C 224 48.40 19.14 12.39
C GLN C 224 49.43 19.48 11.31
N LEU C 225 49.16 20.53 10.53
CA LEU C 225 50.10 20.98 9.50
C LEU C 225 51.36 21.56 10.15
N ARG C 226 51.21 22.18 11.32
CA ARG C 226 52.34 22.72 12.06
C ARG C 226 53.24 21.60 12.57
N GLU C 227 52.67 20.43 12.88
CA GLU C 227 53.49 19.30 13.27
C GLU C 227 54.42 18.85 12.15
N TRP C 228 54.11 19.17 10.90
CA TRP C 228 54.91 18.79 9.75
C TRP C 228 55.83 19.90 9.23
N ASP C 229 55.42 21.17 9.33
CA ASP C 229 56.17 22.29 8.78
C ASP C 229 56.12 23.51 9.70
N GLU C 230 57.23 24.26 9.70
CA GLU C 230 57.45 25.50 10.46
C GLU C 230 56.99 26.69 9.62
N ASN C 231 55.98 26.42 8.80
CA ASN C 231 55.34 27.43 7.95
C ASN C 231 54.48 28.41 8.74
N LEU C 232 54.56 29.69 8.34
CA LEU C 232 53.82 30.71 9.05
C LEU C 232 52.37 30.62 8.58
N LYS C 233 51.44 30.47 9.52
CA LYS C 233 50.03 30.42 9.16
C LYS C 233 49.60 31.68 8.42
N ASP C 234 50.04 32.84 8.89
CA ASP C 234 49.80 34.17 8.35
C ASP C 234 49.62 34.27 6.84
N ASP C 235 50.55 33.67 6.08
CA ASP C 235 50.59 33.76 4.62
C ASP C 235 50.38 32.45 3.89
N SER C 236 51.33 31.50 3.97
CA SER C 236 51.29 30.26 3.20
C SER C 236 49.90 29.64 3.13
N LEU C 237 49.22 29.54 4.26
CA LEU C 237 47.93 28.87 4.12
C LEU C 237 46.85 29.91 3.82
N PRO C 238 45.95 29.67 2.88
CA PRO C 238 44.92 30.67 2.58
C PRO C 238 43.93 30.79 3.73
N SER C 239 43.26 31.94 3.76
CA SER C 239 42.29 32.25 4.79
C SER C 239 40.87 31.88 4.40
N ASN C 240 40.58 31.80 3.10
CA ASN C 240 39.25 31.41 2.67
C ASN C 240 39.11 29.91 2.87
N PRO C 241 38.10 29.44 3.62
CA PRO C 241 37.94 27.98 3.82
C PRO C 241 37.90 27.19 2.54
N ILE C 242 37.24 27.70 1.50
CA ILE C 242 37.17 27.00 0.21
C ILE C 242 38.57 26.68 -0.29
N ASP C 243 39.44 27.69 -0.38
CA ASP C 243 40.80 27.48 -0.85
C ASP C 243 41.59 26.61 0.12
N PHE C 244 41.45 26.88 1.42
CA PHE C 244 42.12 26.09 2.45
C PHE C 244 41.75 24.61 2.33
N SER C 245 40.45 24.31 2.32
CA SER C 245 39.98 22.94 2.24
C SER C 245 40.57 22.20 1.04
N TYR C 246 40.68 22.89 -0.10
CA TYR C 246 41.25 22.24 -1.28
C TYR C 246 42.77 22.06 -1.13
N ARG C 247 43.46 23.04 -0.56
CA ARG C 247 44.90 22.93 -0.35
C ARG C 247 45.29 21.74 0.53
N VAL C 248 44.53 21.48 1.61
CA VAL C 248 44.85 20.35 2.48
C VAL C 248 44.55 19.02 1.77
N ALA C 249 43.45 18.94 1.04
CA ALA C 249 43.11 17.73 0.29
C ALA C 249 44.23 17.33 -0.66
N ALA C 250 44.93 18.31 -1.23
CA ALA C 250 46.00 18.04 -2.19
C ALA C 250 47.19 17.34 -1.56
N CYS C 251 47.46 17.57 -0.27
CA CYS C 251 48.63 16.99 0.36
C CYS C 251 48.26 15.89 1.35
N LEU C 252 47.07 15.32 1.23
CA LEU C 252 46.69 14.16 2.03
C LEU C 252 47.06 12.90 1.27
N PRO C 253 47.92 12.04 1.81
CA PRO C 253 48.29 10.82 1.06
C PRO C 253 47.22 9.74 1.13
N ILE C 254 46.18 9.92 0.32
CA ILE C 254 45.06 8.99 0.26
C ILE C 254 44.99 8.38 -1.14
N ASP C 255 44.31 7.23 -1.21
CA ASP C 255 44.08 6.54 -2.46
C ASP C 255 43.06 7.28 -3.34
N ASP C 256 43.00 6.86 -4.61
CA ASP C 256 42.15 7.51 -5.60
C ASP C 256 40.66 7.45 -5.27
N VAL C 257 40.18 6.36 -4.66
CA VAL C 257 38.76 6.27 -4.33
C VAL C 257 38.37 7.29 -3.26
N LEU C 258 39.26 7.51 -2.29
CA LEU C 258 39.01 8.52 -1.26
C LEU C 258 39.12 9.93 -1.84
N ARG C 259 40.12 10.15 -2.70
CA ARG C 259 40.30 11.46 -3.32
C ARG C 259 39.06 11.85 -4.13
N ILE C 260 38.45 10.86 -4.79
CA ILE C 260 37.21 11.12 -5.53
C ILE C 260 36.10 11.55 -4.60
N GLN C 261 35.96 10.87 -3.45
CA GLN C 261 34.94 11.24 -2.48
C GLN C 261 35.12 12.66 -1.97
N LEU C 262 36.35 13.07 -1.70
CA LEU C 262 36.59 14.45 -1.27
C LEU C 262 36.20 15.44 -2.37
N LEU C 263 36.53 15.13 -3.62
CA LEU C 263 36.15 16.01 -4.71
C LEU C 263 34.63 16.10 -4.90
N LYS C 264 33.90 14.99 -4.67
CA LYS C 264 32.45 15.03 -4.78
C LYS C 264 31.82 15.92 -3.71
N ILE C 265 32.54 16.19 -2.62
CA ILE C 265 32.03 17.04 -1.55
C ILE C 265 31.98 18.48 -2.04
N GLY C 266 30.82 19.10 -1.94
CA GLY C 266 30.66 20.49 -2.35
C GLY C 266 30.81 21.51 -1.25
N SER C 267 30.64 21.12 0.01
CA SER C 267 30.77 22.03 1.13
C SER C 267 32.15 21.90 1.76
N ALA C 268 32.81 23.04 1.98
CA ALA C 268 34.09 23.02 2.68
C ALA C 268 33.96 22.43 4.08
N ILE C 269 32.84 22.72 4.77
CA ILE C 269 32.61 22.17 6.10
C ILE C 269 32.67 20.65 6.07
N GLN C 270 31.92 20.03 5.14
CA GLN C 270 31.92 18.58 5.05
C GLN C 270 33.32 18.08 4.65
N ARG C 271 34.00 18.86 3.80
CA ARG C 271 35.35 18.51 3.37
C ARG C 271 36.35 18.61 4.51
N LEU C 272 36.35 19.74 5.22
CA LEU C 272 37.23 19.89 6.37
C LEU C 272 37.03 18.80 7.43
N ARG C 273 35.77 18.46 7.76
CA ARG C 273 35.57 17.43 8.77
C ARG C 273 36.10 16.09 8.28
N CYS C 274 35.82 15.75 7.02
CA CYS C 274 36.25 14.48 6.44
C CYS C 274 37.78 14.41 6.40
N GLU C 275 38.43 15.53 6.14
CA GLU C 275 39.90 15.58 6.10
C GLU C 275 40.47 15.36 7.50
N LEU C 276 39.91 16.04 8.50
CA LEU C 276 40.38 15.88 9.88
C LEU C 276 40.26 14.43 10.33
N ASP C 277 39.19 13.75 9.91
CA ASP C 277 39.01 12.34 10.30
C ASP C 277 40.06 11.47 9.63
N ILE C 278 40.37 11.76 8.36
CA ILE C 278 41.41 11.03 7.64
C ILE C 278 42.77 11.24 8.30
N MET C 279 43.09 12.50 8.64
CA MET C 279 44.36 12.81 9.30
C MET C 279 44.52 12.09 10.63
N ASN C 280 43.42 11.73 11.29
CA ASN C 280 43.51 11.04 12.58
C ASN C 280 43.39 9.52 12.47
N LYS C 281 42.47 9.02 11.65
CA LYS C 281 42.28 7.57 11.53
C LYS C 281 43.46 6.89 10.84
N CYS C 282 43.74 7.26 9.59
CA CYS C 282 44.79 6.59 8.80
C CYS C 282 46.18 7.09 9.18
N THR C 283 46.84 6.35 10.08
CA THR C 283 48.21 6.67 10.49
C THR C 283 49.29 5.85 9.78
N SER C 284 48.96 4.66 9.28
CA SER C 284 49.92 3.78 8.62
C SER C 284 49.75 3.77 7.10
N LEU C 285 50.87 3.58 6.41
CA LEU C 285 50.92 3.50 4.95
C LEU C 285 51.64 2.21 4.52
N CYS C 286 50.90 1.31 3.89
CA CYS C 286 51.40 0.01 3.47
C CYS C 286 51.61 -0.02 1.96
N CYS C 287 52.26 -1.07 1.49
CA CYS C 287 52.41 -1.27 0.05
C CYS C 287 51.08 -1.68 -0.56
N LYS C 288 50.68 -0.99 -1.64
CA LYS C 288 49.40 -1.27 -2.28
C LYS C 288 49.36 -2.66 -2.91
N GLN C 289 50.45 -3.11 -3.54
CA GLN C 289 50.45 -4.44 -4.14
C GLN C 289 50.36 -5.55 -3.10
N CYS C 290 51.07 -5.39 -1.98
CA CYS C 290 51.03 -6.41 -0.93
C CYS C 290 49.82 -6.23 -0.02
N GLN C 291 49.54 -4.98 0.36
CA GLN C 291 48.51 -4.58 1.32
C GLN C 291 48.91 -4.98 2.74
N GLU C 292 49.75 -6.00 2.86
CA GLU C 292 50.20 -6.54 4.14
C GLU C 292 51.69 -6.25 4.37
N THR C 293 52.15 -5.04 4.06
CA THR C 293 53.55 -4.69 4.26
C THR C 293 53.65 -3.21 4.60
N GLU C 294 54.00 -2.92 5.85
CA GLU C 294 54.15 -1.54 6.29
C GLU C 294 55.39 -0.91 5.66
N ILE C 295 55.22 0.29 5.09
CA ILE C 295 56.30 1.03 4.46
C ILE C 295 56.72 2.22 5.31
N THR C 296 55.77 3.00 5.81
CA THR C 296 56.07 4.14 6.65
C THR C 296 54.86 4.45 7.52
N THR C 297 55.00 5.45 8.38
CA THR C 297 53.92 5.89 9.26
C THR C 297 53.75 7.40 9.15
N LYS C 298 52.60 7.87 9.65
CA LYS C 298 52.30 9.30 9.63
C LYS C 298 53.28 10.12 10.46
N ASN C 299 53.95 9.50 11.44
CA ASN C 299 54.91 10.23 12.27
C ASN C 299 56.13 10.67 11.48
N GLU C 300 56.41 10.03 10.36
CA GLU C 300 57.58 10.34 9.54
C GLU C 300 57.25 11.29 8.40
N ILE C 301 55.97 11.53 8.14
CA ILE C 301 55.54 12.45 7.09
C ILE C 301 55.96 13.87 7.45
N PHE C 302 56.56 14.57 6.48
CA PHE C 302 56.99 15.94 6.67
C PHE C 302 56.94 16.64 5.32
N SER C 303 56.81 17.97 5.36
CA SER C 303 56.72 18.79 4.17
C SER C 303 58.07 19.38 3.77
N LEU C 304 58.52 19.06 2.55
CA LEU C 304 59.71 19.60 1.95
C LEU C 304 59.39 20.61 0.87
N SER C 305 58.11 20.83 0.60
CA SER C 305 57.63 21.78 -0.40
C SER C 305 56.51 22.62 0.20
N LEU C 306 56.42 23.86 -0.28
CA LEU C 306 55.39 24.78 0.21
C LEU C 306 53.99 24.18 0.02
N CYS C 307 53.81 23.31 -0.98
CA CYS C 307 52.52 22.68 -1.20
C CYS C 307 52.16 21.74 -0.05
N GLY C 308 53.16 21.18 0.62
CA GLY C 308 52.95 20.27 1.72
C GLY C 308 53.80 19.02 1.58
N PRO C 309 53.38 17.92 2.21
CA PRO C 309 54.18 16.69 2.14
C PRO C 309 54.06 15.96 0.83
N MET C 310 53.00 16.21 0.05
CA MET C 310 52.79 15.50 -1.19
C MET C 310 52.45 16.50 -2.28
N ALA C 311 53.08 16.34 -3.44
CA ALA C 311 52.84 17.18 -4.61
C ALA C 311 53.09 16.34 -5.85
N ALA C 312 52.56 16.80 -6.97
CA ALA C 312 52.76 16.10 -8.24
C ALA C 312 54.02 16.60 -8.93
N TYR C 313 54.82 15.66 -9.43
CA TYR C 313 56.03 15.95 -10.19
C TYR C 313 56.04 15.07 -11.44
N VAL C 314 56.74 15.54 -12.46
CA VAL C 314 56.83 14.85 -13.74
C VAL C 314 58.24 14.33 -13.99
N ASN C 315 58.31 13.12 -14.51
CA ASN C 315 59.56 12.45 -14.82
C ASN C 315 59.95 12.79 -16.25
N PRO C 316 61.13 12.38 -16.72
CA PRO C 316 61.55 12.77 -18.08
C PRO C 316 60.62 12.31 -19.20
N HIS C 317 59.74 11.34 -18.95
CA HIS C 317 58.85 10.80 -19.97
C HIS C 317 57.38 11.19 -19.74
N GLY C 318 57.13 12.20 -18.93
CA GLY C 318 55.79 12.71 -18.74
C GLY C 318 54.92 11.93 -17.78
N TYR C 319 55.50 11.00 -17.02
CA TYR C 319 54.76 10.28 -15.99
C TYR C 319 54.68 11.15 -14.75
N VAL C 320 53.46 11.36 -14.26
CA VAL C 320 53.21 12.21 -13.11
C VAL C 320 53.14 11.34 -11.86
N HIS C 321 53.89 11.73 -10.84
CA HIS C 321 53.94 11.01 -9.57
C HIS C 321 53.65 11.98 -8.44
N GLU C 322 52.66 11.65 -7.62
CA GLU C 322 52.40 12.40 -6.40
C GLU C 322 53.31 11.79 -5.34
N THR C 323 54.35 12.53 -4.97
CA THR C 323 55.40 12.02 -4.11
C THR C 323 55.29 12.55 -2.69
N LEU C 324 55.06 11.64 -1.75
CA LEU C 324 54.98 11.95 -0.33
C LEU C 324 56.37 11.80 0.27
N THR C 325 56.91 12.89 0.80
CA THR C 325 58.22 12.89 1.43
C THR C 325 58.12 12.46 2.89
N VAL C 326 58.87 11.43 3.26
CA VAL C 326 58.89 10.89 4.62
C VAL C 326 60.33 10.73 5.08
N TYR C 327 60.53 10.85 6.39
CA TYR C 327 61.87 10.74 6.96
C TYR C 327 62.41 9.32 6.92
N LYS C 328 61.61 8.34 7.31
CA LYS C 328 62.05 6.95 7.37
C LYS C 328 61.05 6.02 6.71
N ALA C 329 61.57 4.99 6.06
CA ALA C 329 60.78 3.93 5.44
C ALA C 329 61.49 2.60 5.68
N CYS C 330 60.70 1.53 5.76
CA CYS C 330 61.24 0.19 5.96
C CYS C 330 60.69 -0.76 4.91
N ASN C 331 61.30 -1.94 4.84
CA ASN C 331 60.93 -3.02 3.94
C ASN C 331 61.11 -2.63 2.47
N LEU C 332 62.13 -1.82 2.18
CA LEU C 332 62.41 -1.37 0.83
C LEU C 332 63.84 -1.69 0.46
N ASN C 333 64.05 -2.20 -0.75
CA ASN C 333 65.39 -2.45 -1.27
C ASN C 333 65.75 -1.38 -2.29
N LEU C 334 67.01 -0.93 -2.25
CA LEU C 334 67.51 0.07 -3.18
C LEU C 334 68.22 -0.59 -4.34
N ILE C 335 67.83 -0.26 -5.56
CA ILE C 335 68.42 -0.83 -6.76
C ILE C 335 69.39 0.18 -7.39
N GLY C 336 70.64 -0.23 -7.54
CA GLY C 336 71.66 0.61 -8.17
C GLY C 336 72.27 1.66 -7.26
N ARG C 337 72.75 2.73 -7.87
CA ARG C 337 73.45 3.83 -7.23
C ARG C 337 72.69 5.14 -7.41
N PRO C 338 72.94 6.14 -6.55
CA PRO C 338 72.21 7.41 -6.66
C PRO C 338 72.55 8.18 -7.92
N SER C 339 71.58 8.98 -8.37
CA SER C 339 71.72 9.84 -9.54
C SER C 339 71.08 11.19 -9.27
N THR C 340 71.68 12.24 -9.83
CA THR C 340 71.17 13.60 -9.72
C THR C 340 70.41 14.04 -10.97
N GLU C 341 70.39 13.20 -11.99
CA GLU C 341 69.75 13.47 -13.27
C GLU C 341 68.24 13.68 -13.14
N HIS C 342 67.78 14.90 -13.47
CA HIS C 342 66.36 15.27 -13.43
C HIS C 342 65.75 15.19 -12.04
N SER C 343 66.57 15.43 -11.02
CA SER C 343 66.13 15.40 -9.62
C SER C 343 65.09 16.50 -9.33
N TRP C 344 63.96 16.09 -8.74
CA TRP C 344 62.86 17.01 -8.42
C TRP C 344 63.16 17.86 -7.20
N PHE C 345 64.20 17.51 -6.44
CA PHE C 345 64.60 18.21 -5.22
C PHE C 345 66.06 18.57 -5.45
N PRO C 346 66.33 19.70 -6.11
CA PRO C 346 67.70 20.04 -6.49
C PRO C 346 68.64 20.05 -5.29
N GLY C 347 69.72 19.29 -5.43
CA GLY C 347 70.70 19.09 -4.38
C GLY C 347 70.65 17.71 -3.77
N TYR C 348 69.65 16.91 -4.14
CA TYR C 348 69.49 15.55 -3.67
C TYR C 348 69.57 14.58 -4.83
N ALA C 349 70.19 13.43 -4.60
CA ALA C 349 70.26 12.37 -5.59
C ALA C 349 69.19 11.33 -5.24
N TRP C 350 68.63 10.71 -6.28
CA TRP C 350 67.61 9.70 -6.09
C TRP C 350 68.14 8.30 -6.41
N THR C 351 67.60 7.32 -5.69
CA THR C 351 67.86 5.91 -5.94
C THR C 351 66.51 5.19 -5.94
N VAL C 352 66.19 4.54 -7.06
CA VAL C 352 64.95 3.78 -7.17
C VAL C 352 64.78 2.86 -5.97
N ALA C 353 63.61 2.90 -5.35
CA ALA C 353 63.29 2.05 -4.21
C ALA C 353 62.10 1.17 -4.57
N GLN C 354 62.29 -0.14 -4.46
CA GLN C 354 61.26 -1.14 -4.70
C GLN C 354 60.89 -1.82 -3.40
N CYS C 355 59.70 -2.42 -3.36
CA CYS C 355 59.29 -3.19 -2.19
C CYS C 355 60.11 -4.46 -2.03
N LYS C 356 60.52 -4.73 -0.79
CA LYS C 356 61.29 -5.93 -0.47
C LYS C 356 60.51 -7.23 -0.67
N ILE C 357 59.18 -7.17 -0.63
CA ILE C 357 58.37 -8.40 -0.71
C ILE C 357 57.94 -8.68 -2.14
N CYS C 358 57.25 -7.73 -2.77
CA CYS C 358 56.68 -7.90 -4.09
C CYS C 358 57.49 -7.23 -5.21
N ALA C 359 58.56 -6.53 -4.85
CA ALA C 359 59.44 -5.81 -5.79
C ALA C 359 58.71 -4.73 -6.58
N SER C 360 57.54 -4.30 -6.15
CA SER C 360 56.84 -3.22 -6.83
C SER C 360 57.55 -1.90 -6.56
N HIS C 361 57.63 -1.04 -7.57
CA HIS C 361 58.27 0.26 -7.39
C HIS C 361 57.43 1.10 -6.43
N ILE C 362 58.01 1.48 -5.31
CA ILE C 362 57.31 2.26 -4.29
C ILE C 362 57.69 3.73 -4.39
N GLY C 363 58.95 4.00 -4.74
CA GLY C 363 59.40 5.38 -4.86
C GLY C 363 60.91 5.50 -4.99
N TRP C 364 61.49 6.47 -4.30
CA TRP C 364 62.92 6.70 -4.41
C TRP C 364 63.45 7.18 -3.06
N LYS C 365 64.71 6.85 -2.79
CA LYS C 365 65.42 7.39 -1.64
C LYS C 365 66.21 8.59 -2.14
N PHE C 366 66.12 9.71 -1.43
CA PHE C 366 66.87 10.91 -1.76
C PHE C 366 68.01 11.12 -0.78
N THR C 367 69.23 11.20 -1.31
CA THR C 367 70.42 11.39 -0.50
C THR C 367 71.10 12.69 -0.92
N ALA C 368 71.42 13.51 0.07
CA ALA C 368 72.06 14.80 -0.16
C ALA C 368 73.40 14.67 -0.87
N THR C 369 73.68 15.62 -1.75
CA THR C 369 74.93 15.65 -2.49
C THR C 369 76.01 16.42 -1.73
N LYS C 370 75.62 17.39 -0.91
CA LYS C 370 76.52 18.19 -0.10
C LYS C 370 76.32 17.85 1.38
N LYS C 371 77.44 17.77 2.11
CA LYS C 371 77.43 17.40 3.52
C LYS C 371 76.70 18.41 4.40
N ASP C 372 76.66 19.68 4.01
CA ASP C 372 75.98 20.69 4.83
C ASP C 372 74.46 20.57 4.78
N MET C 373 73.91 19.85 3.81
CA MET C 373 72.46 19.74 3.70
C MET C 373 71.87 18.89 4.81
N SER C 374 70.69 19.30 5.27
CA SER C 374 69.89 18.56 6.23
C SER C 374 68.44 18.62 5.74
N PRO C 375 67.72 17.50 5.72
CA PRO C 375 68.18 16.16 6.10
C PRO C 375 69.21 15.57 5.15
N GLN C 376 70.04 14.66 5.64
CA GLN C 376 71.02 14.04 4.77
C GLN C 376 70.38 12.99 3.88
N LYS C 377 69.30 12.37 4.34
CA LYS C 377 68.57 11.39 3.55
C LYS C 377 67.10 11.40 3.95
N PHE C 378 66.25 11.01 2.99
CA PHE C 378 64.81 10.87 3.20
C PHE C 378 64.29 10.00 2.07
N TRP C 379 63.01 9.67 2.12
CA TRP C 379 62.39 8.84 1.09
C TRP C 379 61.23 9.57 0.42
N GLY C 380 61.13 9.42 -0.90
CA GLY C 380 60.03 9.95 -1.68
C GLY C 380 59.18 8.81 -2.19
N LEU C 381 57.98 8.64 -1.64
CA LEU C 381 57.10 7.54 -2.03
C LEU C 381 55.98 8.01 -2.93
N THR C 382 55.72 7.26 -4.00
CA THR C 382 54.69 7.61 -4.97
C THR C 382 53.33 7.11 -4.47
N ARG C 383 52.40 8.04 -4.28
CA ARG C 383 51.05 7.78 -3.77
C ARG C 383 50.39 6.56 -4.42
N SER C 384 50.57 6.39 -5.73
CA SER C 384 49.99 5.26 -6.45
C SER C 384 50.43 3.91 -5.87
N ALA C 385 51.59 3.84 -5.23
CA ALA C 385 52.08 2.58 -4.68
C ALA C 385 51.67 2.32 -3.23
N LEU C 386 51.14 3.32 -2.52
CA LEU C 386 50.85 3.19 -1.10
C LEU C 386 49.35 3.01 -0.85
N LEU C 387 49.02 2.43 0.31
CA LEU C 387 47.64 2.22 0.69
C LEU C 387 47.45 2.55 2.17
N PRO C 388 46.72 3.63 2.48
CA PRO C 388 46.49 4.01 3.88
C PRO C 388 45.68 2.97 4.65
N THR C 389 46.16 2.62 5.84
CA THR C 389 45.58 1.56 6.65
C THR C 389 45.25 2.15 8.02
N ILE C 390 44.10 1.78 8.58
CA ILE C 390 43.72 2.19 9.93
C ILE C 390 44.22 1.15 10.93
N PRO C 391 45.09 1.52 11.88
CA PRO C 391 45.53 0.57 12.89
C PRO C 391 44.37 0.01 13.71
N ASP C 392 44.65 -1.10 14.39
CA ASP C 392 43.67 -1.86 15.19
C ASP C 392 42.69 -2.61 14.30
N VAL C 402 38.97 -1.35 4.31
CA VAL C 402 38.48 -0.15 3.62
C VAL C 402 38.24 0.97 4.62
N ILE C 403 38.92 2.10 4.42
CA ILE C 403 38.75 3.27 5.27
C ILE C 403 37.53 4.04 4.80
N LEU C 404 36.77 4.58 5.75
CA LEU C 404 35.54 5.31 5.45
C LEU C 404 35.74 6.78 5.78
N CYS C 405 35.45 7.65 4.80
CA CYS C 405 35.64 9.08 4.94
C CYS C 405 34.47 9.68 5.74
N LEU C 406 34.76 10.20 6.93
CA LEU C 406 33.73 10.83 7.74
C LEU C 406 33.43 12.24 7.25
N GLY D 3 -83.19 -8.45 -41.87
CA GLY D 3 -83.21 -7.50 -40.78
C GLY D 3 -83.60 -6.09 -41.21
N PRO D 4 -83.20 -5.09 -40.44
CA PRO D 4 -83.50 -3.70 -40.81
C PRO D 4 -82.58 -3.19 -41.90
N ILE D 5 -83.12 -2.29 -42.72
CA ILE D 5 -82.39 -1.76 -43.87
C ILE D 5 -82.21 -0.26 -43.69
N ARG D 6 -81.01 0.23 -44.06
CA ARG D 6 -80.65 1.64 -43.96
C ARG D 6 -79.79 1.98 -45.17
N LEU D 7 -80.18 3.04 -45.89
CA LEU D 7 -79.45 3.47 -47.09
C LEU D 7 -79.32 4.99 -47.09
N PRO D 8 -78.19 5.53 -46.63
CA PRO D 8 -77.96 6.98 -46.72
C PRO D 8 -77.86 7.43 -48.17
N ILE D 9 -78.69 8.40 -48.53
CA ILE D 9 -78.81 8.87 -49.91
C ILE D 9 -77.68 9.84 -50.19
N VAL D 10 -76.89 9.56 -51.22
CA VAL D 10 -75.83 10.47 -51.65
C VAL D 10 -76.37 11.53 -52.62
N ASP D 11 -77.10 11.09 -53.65
CA ASP D 11 -77.68 12.02 -54.61
C ASP D 11 -78.70 11.29 -55.45
N LYS D 12 -79.72 12.02 -55.89
CA LYS D 12 -80.76 11.52 -56.79
C LYS D 12 -80.62 12.17 -58.15
N TYR D 13 -81.26 11.56 -59.14
CA TYR D 13 -81.28 12.12 -60.49
C TYR D 13 -82.44 11.53 -61.27
N LYS D 14 -83.13 12.40 -62.01
CA LYS D 14 -84.33 12.01 -62.74
C LYS D 14 -83.94 11.20 -63.98
N ASP D 15 -84.26 9.91 -63.96
CA ASP D 15 -84.06 9.01 -65.09
C ASP D 15 -84.96 7.81 -64.87
N MET D 16 -85.48 7.26 -65.97
CA MET D 16 -86.57 6.27 -65.90
C MET D 16 -87.69 6.96 -65.11
N GLY D 17 -88.19 6.37 -64.03
CA GLY D 17 -89.09 7.08 -63.14
C GLY D 17 -88.33 8.01 -62.20
N THR D 18 -87.49 7.44 -61.34
CA THR D 18 -86.68 8.18 -60.39
C THR D 18 -85.63 7.27 -59.78
N VAL D 19 -84.36 7.70 -59.78
CA VAL D 19 -83.25 6.87 -59.31
C VAL D 19 -82.53 7.60 -58.18
N VAL D 20 -81.98 6.81 -57.27
CA VAL D 20 -81.33 7.32 -56.05
C VAL D 20 -80.02 6.55 -55.86
N LEU D 21 -79.00 7.24 -55.36
CA LEU D 21 -77.67 6.66 -55.16
C LEU D 21 -77.31 6.58 -53.68
N GLY D 22 -76.53 5.56 -53.34
CA GLY D 22 -75.97 5.46 -52.01
C GLY D 22 -75.23 4.16 -51.83
N LYS D 23 -74.61 4.02 -50.66
CA LYS D 23 -74.02 2.76 -50.22
C LYS D 23 -74.95 2.11 -49.20
N LEU D 24 -75.21 0.83 -49.37
CA LEU D 24 -76.24 0.13 -48.61
C LEU D 24 -75.59 -0.49 -47.37
N GLU D 25 -75.88 0.08 -46.21
CA GLU D 25 -75.14 -0.22 -44.99
C GLU D 25 -75.82 -1.23 -44.08
N SER D 26 -77.15 -1.31 -44.10
CA SER D 26 -77.89 -2.21 -43.22
C SER D 26 -78.78 -3.14 -44.04
N GLY D 27 -78.64 -4.45 -43.81
CA GLY D 27 -79.64 -5.41 -44.24
C GLY D 27 -79.60 -5.70 -45.72
N SER D 28 -80.53 -6.54 -46.15
CA SER D 28 -80.68 -6.93 -47.55
C SER D 28 -81.90 -6.24 -48.13
N ILE D 29 -81.86 -6.03 -49.44
CA ILE D 29 -82.90 -5.27 -50.14
C ILE D 29 -83.35 -6.08 -51.36
N CYS D 30 -84.61 -6.49 -51.34
CA CYS D 30 -85.18 -7.28 -52.42
C CYS D 30 -85.79 -6.38 -53.49
N LYS D 31 -85.94 -6.94 -54.69
CA LYS D 31 -86.59 -6.22 -55.78
C LYS D 31 -88.05 -5.98 -55.46
N GLY D 32 -88.52 -4.74 -55.67
CA GLY D 32 -89.89 -4.40 -55.38
C GLY D 32 -90.26 -4.36 -53.91
N GLN D 33 -89.27 -4.33 -53.02
CA GLN D 33 -89.52 -4.37 -51.58
C GLN D 33 -90.01 -2.99 -51.14
N GLN D 34 -91.28 -2.90 -50.77
CA GLN D 34 -91.86 -1.64 -50.30
C GLN D 34 -91.05 -1.06 -49.15
N LEU D 35 -90.85 0.26 -49.18
CA LEU D 35 -90.01 0.93 -48.20
C LEU D 35 -90.62 2.28 -47.85
N VAL D 36 -89.85 3.08 -47.11
CA VAL D 36 -90.21 4.45 -46.75
C VAL D 36 -88.93 5.25 -46.68
N MET D 37 -89.06 6.57 -46.74
CA MET D 37 -87.94 7.49 -46.59
C MET D 37 -88.10 8.25 -45.29
N MET D 38 -87.11 8.13 -44.40
CA MET D 38 -87.30 8.46 -42.99
C MET D 38 -87.64 9.92 -42.71
N PRO D 39 -86.92 10.92 -43.24
CA PRO D 39 -87.15 12.30 -42.75
C PRO D 39 -88.58 12.80 -42.91
N ASN D 40 -89.23 12.50 -44.04
CA ASN D 40 -90.60 12.93 -44.27
C ASN D 40 -91.61 11.79 -44.23
N LYS D 41 -91.17 10.56 -43.97
CA LYS D 41 -92.04 9.39 -43.90
C LYS D 41 -92.80 9.16 -45.19
N HIS D 42 -92.20 9.53 -46.33
CA HIS D 42 -92.81 9.31 -47.63
C HIS D 42 -92.68 7.83 -48.00
N ASN D 43 -93.81 7.17 -48.23
CA ASN D 43 -93.78 5.80 -48.73
C ASN D 43 -93.17 5.76 -50.12
N VAL D 44 -92.66 4.58 -50.49
CA VAL D 44 -91.99 4.38 -51.77
C VAL D 44 -91.75 2.89 -51.99
N GLU D 45 -91.89 2.45 -53.25
CA GLU D 45 -91.68 1.07 -53.62
C GLU D 45 -90.46 0.95 -54.54
N VAL D 46 -89.68 -0.12 -54.35
CA VAL D 46 -88.54 -0.38 -55.21
C VAL D 46 -89.02 -0.84 -56.58
N LEU D 47 -88.38 -0.34 -57.63
CA LEU D 47 -88.51 -0.94 -58.95
C LEU D 47 -87.25 -1.74 -59.30
N GLY D 48 -86.15 -1.04 -59.53
CA GLY D 48 -84.95 -1.66 -60.06
C GLY D 48 -83.73 -1.38 -59.22
N ILE D 49 -82.95 -2.41 -58.93
CA ILE D 49 -81.78 -2.31 -58.06
C ILE D 49 -80.56 -2.48 -58.96
N LEU D 50 -79.98 -1.35 -59.36
CA LEU D 50 -78.87 -1.31 -60.32
C LEU D 50 -77.53 -1.22 -59.60
N SER D 51 -77.31 -2.11 -58.62
CA SER D 51 -76.09 -2.10 -57.82
C SER D 51 -74.85 -2.27 -58.69
N ASP D 52 -73.91 -1.35 -58.54
CA ASP D 52 -72.69 -1.26 -59.38
C ASP D 52 -73.15 -0.97 -60.82
N ASP D 53 -72.50 -1.54 -61.83
CA ASP D 53 -73.01 -1.45 -63.19
C ASP D 53 -73.99 -2.56 -63.52
N VAL D 54 -73.93 -3.68 -62.81
CA VAL D 54 -74.85 -4.78 -63.04
C VAL D 54 -76.20 -4.46 -62.39
N GLU D 55 -77.23 -5.18 -62.82
CA GLU D 55 -78.53 -5.19 -62.15
C GLU D 55 -78.73 -6.54 -61.50
N THR D 56 -79.14 -6.54 -60.23
CA THR D 56 -79.49 -7.76 -59.51
C THR D 56 -80.81 -7.57 -58.79
N ASP D 57 -81.52 -8.68 -58.58
CA ASP D 57 -82.83 -8.61 -57.96
C ASP D 57 -82.73 -8.28 -56.47
N THR D 58 -81.81 -8.93 -55.76
CA THR D 58 -81.51 -8.62 -54.37
C THR D 58 -80.01 -8.43 -54.21
N VAL D 59 -79.61 -7.73 -53.15
CA VAL D 59 -78.21 -7.45 -52.91
C VAL D 59 -78.01 -7.19 -51.42
N ALA D 60 -76.85 -7.56 -50.91
CA ALA D 60 -76.49 -7.57 -49.51
C ALA D 60 -75.75 -6.29 -49.14
N PRO D 61 -75.50 -6.04 -47.85
CA PRO D 61 -74.77 -4.82 -47.47
C PRO D 61 -73.38 -4.76 -48.10
N GLY D 62 -72.87 -3.53 -48.18
CA GLY D 62 -71.54 -3.30 -48.72
C GLY D 62 -71.52 -2.66 -50.10
N GLU D 63 -72.32 -3.19 -51.02
CA GLU D 63 -72.27 -2.76 -52.41
C GLU D 63 -72.76 -1.32 -52.56
N ASN D 64 -72.54 -0.77 -53.75
CA ASN D 64 -72.84 0.62 -54.09
C ASN D 64 -74.03 0.62 -55.04
N LEU D 65 -75.22 0.90 -54.51
CA LEU D 65 -76.47 0.69 -55.22
C LEU D 65 -76.99 1.98 -55.85
N LYS D 66 -77.44 1.89 -57.09
CA LYS D 66 -78.41 2.81 -57.65
C LYS D 66 -79.77 2.13 -57.64
N ILE D 67 -80.81 2.85 -57.20
CA ILE D 67 -82.11 2.26 -56.94
C ILE D 67 -83.19 3.08 -57.65
N ARG D 68 -83.97 2.43 -58.50
CA ARG D 68 -85.12 3.04 -59.14
C ARG D 68 -86.32 3.03 -58.20
N LEU D 69 -86.92 4.20 -57.98
CA LEU D 69 -88.00 4.38 -57.03
C LEU D 69 -89.31 4.66 -57.77
N LYS D 70 -90.34 3.88 -57.47
CA LYS D 70 -91.68 4.12 -58.01
C LYS D 70 -92.58 4.93 -57.09
N GLY D 71 -92.09 5.32 -55.92
CA GLY D 71 -92.92 6.07 -55.00
C GLY D 71 -93.14 7.51 -55.46
N ILE D 72 -93.98 8.22 -54.70
CA ILE D 72 -94.28 9.61 -54.97
C ILE D 72 -93.16 10.48 -54.41
N GLU D 73 -91.93 10.17 -54.79
CA GLU D 73 -90.74 10.94 -54.41
C GLU D 73 -89.83 11.02 -55.62
N GLU D 74 -89.74 12.21 -56.23
CA GLU D 74 -88.89 12.38 -57.41
C GLU D 74 -87.91 13.53 -57.24
N GLU D 75 -88.43 14.73 -56.95
CA GLU D 75 -87.61 15.93 -56.83
C GLU D 75 -87.57 16.45 -55.40
N GLU D 76 -87.89 15.61 -54.43
CA GLU D 76 -88.03 16.04 -53.04
C GLU D 76 -87.26 15.11 -52.10
N ILE D 77 -86.18 14.52 -52.59
CA ILE D 77 -85.27 13.73 -51.76
C ILE D 77 -83.92 14.43 -51.76
N LEU D 78 -83.41 14.74 -50.58
CA LEU D 78 -82.15 15.46 -50.46
C LEU D 78 -81.06 14.55 -49.90
N PRO D 79 -79.80 14.82 -50.18
CA PRO D 79 -78.73 14.08 -49.49
C PRO D 79 -78.79 14.33 -48.00
N GLY D 80 -78.48 13.28 -47.24
CA GLY D 80 -78.76 13.27 -45.82
C GLY D 80 -80.12 12.74 -45.45
N PHE D 81 -80.90 12.27 -46.42
CA PHE D 81 -82.04 11.42 -46.14
C PHE D 81 -81.61 9.96 -46.21
N ILE D 82 -82.51 9.06 -45.83
CA ILE D 82 -82.20 7.64 -45.74
C ILE D 82 -83.43 6.82 -46.10
N LEU D 83 -83.20 5.65 -46.66
CA LEU D 83 -84.23 4.63 -46.80
C LEU D 83 -84.27 3.77 -45.55
N CYS D 84 -85.46 3.37 -45.14
CA CYS D 84 -85.64 2.64 -43.89
C CYS D 84 -86.74 1.59 -44.03
N ASP D 85 -86.49 0.44 -43.41
CA ASP D 85 -87.53 -0.56 -43.22
C ASP D 85 -88.76 0.09 -42.54
N PRO D 86 -89.97 -0.14 -43.06
CA PRO D 86 -91.14 0.54 -42.51
C PRO D 86 -91.50 0.13 -41.10
N ASN D 87 -91.02 -1.02 -40.62
CA ASN D 87 -91.33 -1.47 -39.27
C ASN D 87 -90.58 -0.64 -38.25
N ASN D 88 -89.31 -0.98 -38.01
CA ASN D 88 -88.43 -0.17 -37.19
C ASN D 88 -87.70 0.81 -38.11
N LEU D 89 -88.22 2.03 -38.19
CA LEU D 89 -87.63 3.06 -39.02
C LEU D 89 -86.66 3.91 -38.19
N CYS D 90 -86.13 4.97 -38.79
CA CYS D 90 -85.03 5.70 -38.19
C CYS D 90 -85.52 6.87 -37.34
N HIS D 91 -84.75 7.18 -36.30
CA HIS D 91 -84.99 8.34 -35.47
C HIS D 91 -84.52 9.62 -36.17
N SER D 92 -85.06 10.74 -35.73
CA SER D 92 -84.71 12.02 -36.33
C SER D 92 -84.88 13.12 -35.28
N GLY D 93 -85.10 14.34 -35.73
CA GLY D 93 -85.03 15.52 -34.88
C GLY D 93 -83.78 16.34 -35.15
N ARG D 94 -83.49 17.25 -34.22
CA ARG D 94 -82.42 18.20 -34.43
C ARG D 94 -81.53 18.44 -33.22
N THR D 95 -81.86 17.89 -32.05
CA THR D 95 -81.00 17.97 -30.88
C THR D 95 -80.56 16.56 -30.47
N PHE D 96 -79.33 16.46 -29.98
CA PHE D 96 -78.81 15.15 -29.55
C PHE D 96 -77.55 15.35 -28.71
N ASP D 97 -77.28 14.36 -27.86
CA ASP D 97 -76.07 14.30 -27.07
C ASP D 97 -75.03 13.42 -27.77
N ALA D 98 -73.76 13.75 -27.58
CA ALA D 98 -72.70 13.01 -28.25
C ALA D 98 -71.41 13.15 -27.47
N GLN D 99 -70.48 12.24 -27.75
CA GLN D 99 -69.17 12.19 -27.11
C GLN D 99 -68.14 12.66 -28.13
N ILE D 100 -67.47 13.77 -27.82
CA ILE D 100 -66.74 14.56 -28.81
C ILE D 100 -65.32 14.77 -28.30
N VAL D 101 -64.35 14.19 -29.02
CA VAL D 101 -62.93 14.39 -28.73
C VAL D 101 -62.38 15.48 -29.65
N ILE D 102 -61.81 16.51 -29.04
CA ILE D 102 -61.24 17.64 -29.77
C ILE D 102 -59.85 17.24 -30.25
N ILE D 103 -59.65 17.27 -31.57
CA ILE D 103 -58.38 16.84 -32.14
C ILE D 103 -57.53 18.02 -32.62
N GLU D 104 -58.15 19.11 -33.07
CA GLU D 104 -57.39 20.24 -33.59
C GLU D 104 -58.14 21.54 -33.34
N HIS D 105 -57.57 22.42 -32.52
CA HIS D 105 -58.12 23.76 -32.33
C HIS D 105 -57.12 24.64 -31.59
N LYS D 106 -56.86 25.84 -32.12
CA LYS D 106 -55.74 26.65 -31.64
C LYS D 106 -56.02 27.28 -30.28
N SER D 107 -57.29 27.48 -29.92
CA SER D 107 -57.61 28.13 -28.66
C SER D 107 -58.54 27.26 -27.83
N ILE D 108 -59.74 27.75 -27.56
CA ILE D 108 -60.73 27.06 -26.74
C ILE D 108 -62.07 27.10 -27.46
N ILE D 109 -62.80 26.00 -27.39
CA ILE D 109 -64.16 25.94 -27.90
C ILE D 109 -65.11 25.99 -26.71
N CYS D 110 -66.16 26.77 -26.83
CA CYS D 110 -67.05 27.13 -25.74
C CYS D 110 -68.48 26.91 -26.18
N PRO D 111 -69.44 26.91 -25.25
CA PRO D 111 -70.84 26.71 -25.66
C PRO D 111 -71.26 27.79 -26.65
N GLY D 112 -72.06 27.39 -27.63
CA GLY D 112 -72.35 28.24 -28.75
C GLY D 112 -71.34 28.22 -29.88
N TYR D 113 -70.37 27.31 -29.83
CA TYR D 113 -69.41 27.18 -30.92
C TYR D 113 -70.09 26.72 -32.19
N ASN D 114 -69.90 27.48 -33.27
CA ASN D 114 -70.49 27.18 -34.57
C ASN D 114 -69.49 26.43 -35.43
N ALA D 115 -69.98 25.41 -36.13
CA ALA D 115 -69.15 24.60 -37.02
C ALA D 115 -70.07 23.82 -37.96
N VAL D 116 -69.45 23.14 -38.92
CA VAL D 116 -70.17 22.27 -39.82
C VAL D 116 -70.15 20.86 -39.26
N LEU D 117 -71.13 20.04 -39.65
CA LEU D 117 -71.32 18.72 -39.07
C LEU D 117 -71.53 17.72 -40.20
N HIS D 118 -70.62 16.76 -40.33
CA HIS D 118 -70.67 15.74 -41.37
C HIS D 118 -71.06 14.41 -40.75
N ILE D 119 -72.33 14.02 -40.92
CA ILE D 119 -72.83 12.72 -40.51
C ILE D 119 -73.25 11.99 -41.77
N HIS D 120 -72.61 10.84 -42.03
CA HIS D 120 -72.76 10.09 -43.28
C HIS D 120 -72.88 11.03 -44.48
N THR D 121 -73.91 10.82 -45.32
CA THR D 121 -74.08 11.68 -46.49
C THR D 121 -74.46 13.11 -46.10
N CYS D 122 -75.08 13.31 -44.94
CA CYS D 122 -75.58 14.63 -44.59
C CYS D 122 -74.45 15.59 -44.22
N ILE D 123 -74.61 16.86 -44.62
CA ILE D 123 -73.75 17.96 -44.21
C ILE D 123 -74.68 19.12 -43.88
N GLU D 124 -74.77 19.49 -42.61
CA GLU D 124 -75.59 20.61 -42.19
C GLU D 124 -74.91 21.31 -41.02
N GLU D 125 -74.98 22.65 -41.02
CA GLU D 125 -74.37 23.44 -39.96
C GLU D 125 -74.92 23.05 -38.59
N VAL D 126 -74.10 23.28 -37.56
CA VAL D 126 -74.42 22.81 -36.22
C VAL D 126 -73.87 23.80 -35.21
N GLU D 127 -74.50 23.82 -34.04
CA GLU D 127 -74.05 24.60 -32.89
C GLU D 127 -74.07 23.68 -31.68
N ILE D 128 -73.02 23.77 -30.86
CA ILE D 128 -72.98 23.00 -29.62
C ILE D 128 -73.62 23.87 -28.54
N THR D 129 -74.82 23.47 -28.10
CA THR D 129 -75.61 24.31 -27.23
C THR D 129 -74.97 24.39 -25.84
N ALA D 130 -74.71 23.24 -25.24
CA ALA D 130 -73.92 23.18 -24.02
C ALA D 130 -73.24 21.82 -23.96
N LEU D 131 -72.07 21.80 -23.33
CA LEU D 131 -71.33 20.57 -23.09
C LEU D 131 -71.49 20.14 -21.63
N ILE D 132 -71.52 18.82 -21.43
CA ILE D 132 -72.02 18.25 -20.18
C ILE D 132 -70.88 17.93 -19.22
N CYS D 133 -69.98 17.04 -19.61
CA CYS D 133 -69.03 16.47 -18.66
C CYS D 133 -67.75 16.06 -19.38
N LEU D 134 -66.62 16.56 -18.89
CA LEU D 134 -65.33 16.07 -19.34
C LEU D 134 -65.17 14.59 -18.98
N VAL D 135 -64.22 13.94 -19.66
CA VAL D 135 -63.85 12.56 -19.34
C VAL D 135 -62.37 12.39 -19.57
N ASP D 136 -61.68 11.85 -18.56
CA ASP D 136 -60.22 11.73 -18.61
C ASP D 136 -59.84 10.55 -19.50
N LYS D 137 -58.78 10.74 -20.29
CA LYS D 137 -58.39 9.73 -21.26
C LYS D 137 -57.75 8.52 -20.60
N LYS D 138 -56.97 8.73 -19.53
CA LYS D 138 -56.29 7.62 -18.87
C LYS D 138 -57.28 6.61 -18.30
N SER D 139 -58.30 7.10 -17.59
CA SER D 139 -59.22 6.25 -16.85
C SER D 139 -60.49 5.94 -17.63
N GLY D 140 -61.20 6.99 -18.06
CA GLY D 140 -62.58 6.88 -18.46
C GLY D 140 -63.49 7.63 -17.51
N GLU D 141 -62.92 8.32 -16.53
CA GLU D 141 -63.64 8.93 -15.43
C GLU D 141 -64.47 10.09 -15.95
N LYS D 142 -65.79 9.92 -15.97
CA LYS D 142 -66.68 11.04 -16.23
C LYS D 142 -66.46 12.14 -15.20
N SER D 143 -66.25 13.36 -15.67
CA SER D 143 -65.93 14.45 -14.78
C SER D 143 -67.09 14.73 -13.84
N LYS D 144 -66.76 15.21 -12.64
CA LYS D 144 -67.78 15.50 -11.63
C LYS D 144 -68.52 16.78 -11.95
N THR D 145 -67.81 17.82 -12.34
CA THR D 145 -68.38 19.13 -12.60
C THR D 145 -68.64 19.32 -14.09
N ARG D 146 -69.55 20.23 -14.39
CA ARG D 146 -69.71 20.68 -15.76
C ARG D 146 -68.51 21.53 -16.16
N PRO D 147 -67.95 21.30 -17.36
CA PRO D 147 -66.89 22.19 -17.85
C PRO D 147 -67.49 23.44 -18.47
N ARG D 148 -66.72 24.52 -18.41
CA ARG D 148 -67.10 25.76 -19.06
C ARG D 148 -66.64 25.82 -20.52
N PHE D 149 -65.81 24.88 -20.95
CA PHE D 149 -65.14 24.87 -22.24
C PHE D 149 -64.25 23.65 -22.31
N VAL D 150 -63.85 23.29 -23.53
CA VAL D 150 -62.94 22.18 -23.76
C VAL D 150 -61.91 22.61 -24.81
N LYS D 151 -60.64 22.32 -24.55
CA LYS D 151 -59.54 22.66 -25.44
C LYS D 151 -59.15 21.43 -26.27
N GLN D 152 -57.97 21.50 -26.91
CA GLN D 152 -57.49 20.44 -27.77
C GLN D 152 -57.16 19.18 -26.96
N ASP D 153 -57.04 18.06 -27.67
CA ASP D 153 -56.55 16.80 -27.10
C ASP D 153 -57.35 16.39 -25.88
N GLN D 154 -58.66 16.66 -25.90
CA GLN D 154 -59.49 16.56 -24.72
C GLN D 154 -60.85 16.03 -25.13
N VAL D 155 -61.48 15.25 -24.25
CA VAL D 155 -62.71 14.54 -24.57
C VAL D 155 -63.81 15.04 -23.64
N CYS D 156 -65.02 15.16 -24.17
CA CYS D 156 -66.18 15.58 -23.39
C CYS D 156 -67.44 15.03 -24.04
N ILE D 157 -68.56 15.22 -23.36
CA ILE D 157 -69.88 14.86 -23.88
C ILE D 157 -70.72 16.12 -23.92
N ALA D 158 -71.40 16.35 -25.05
CA ALA D 158 -72.04 17.63 -25.28
C ALA D 158 -73.34 17.42 -26.04
N ARG D 159 -74.22 18.43 -25.94
CA ARG D 159 -75.49 18.45 -26.66
C ARG D 159 -75.38 19.40 -27.84
N LEU D 160 -76.05 19.04 -28.94
CA LEU D 160 -75.80 19.67 -30.23
C LEU D 160 -77.13 19.88 -30.95
N ARG D 161 -77.38 21.11 -31.41
CA ARG D 161 -78.54 21.42 -32.23
C ARG D 161 -78.08 21.75 -33.64
N THR D 162 -78.54 20.97 -34.62
CA THR D 162 -78.26 21.32 -36.00
C THR D 162 -79.23 22.41 -36.47
N ALA D 163 -78.91 23.00 -37.62
CA ALA D 163 -79.77 24.02 -38.20
C ALA D 163 -81.14 23.46 -38.58
N GLY D 164 -81.15 22.32 -39.28
CA GLY D 164 -82.38 21.70 -39.73
C GLY D 164 -82.47 20.26 -39.25
N THR D 165 -83.71 19.78 -39.13
CA THR D 165 -83.95 18.41 -38.71
C THR D 165 -83.23 17.42 -39.62
N ILE D 166 -82.44 16.54 -39.03
CA ILE D 166 -81.78 15.46 -39.74
C ILE D 166 -82.11 14.13 -39.07
N CYS D 167 -81.74 13.04 -39.75
CA CYS D 167 -82.01 11.68 -39.28
C CYS D 167 -80.70 11.02 -38.88
N LEU D 168 -80.48 10.89 -37.57
CA LEU D 168 -79.30 10.27 -37.00
C LEU D 168 -79.70 9.04 -36.18
N GLU D 169 -78.73 8.16 -35.96
CA GLU D 169 -78.88 7.00 -35.10
C GLU D 169 -77.66 6.87 -34.20
N THR D 170 -77.90 6.45 -32.96
CA THR D 170 -76.84 6.31 -31.97
C THR D 170 -75.80 5.30 -32.44
N PHE D 171 -74.59 5.41 -31.88
CA PHE D 171 -73.52 4.49 -32.23
C PHE D 171 -73.87 3.05 -31.89
N LYS D 172 -74.32 2.81 -30.66
CA LYS D 172 -74.63 1.44 -30.23
C LYS D 172 -75.61 0.77 -31.18
N ASP D 173 -76.66 1.50 -31.57
CA ASP D 173 -77.60 0.98 -32.56
C ASP D 173 -76.95 0.86 -33.94
N PHE D 174 -76.33 1.93 -34.43
CA PHE D 174 -75.75 1.93 -35.77
C PHE D 174 -74.42 2.65 -35.81
N PRO D 175 -73.41 2.09 -36.50
CA PRO D 175 -72.08 2.72 -36.53
C PRO D 175 -71.93 3.83 -37.56
N GLN D 176 -72.07 3.50 -38.85
CA GLN D 176 -71.74 4.45 -39.92
C GLN D 176 -72.56 5.72 -39.79
N MET D 177 -73.82 5.61 -39.40
CA MET D 177 -74.67 6.77 -39.20
C MET D 177 -74.53 7.38 -37.81
N GLY D 178 -73.83 6.71 -36.90
CA GLY D 178 -73.61 7.25 -35.56
C GLY D 178 -72.28 7.92 -35.39
N ARG D 179 -71.41 7.79 -36.39
CA ARG D 179 -70.13 8.48 -36.40
C ARG D 179 -70.27 9.79 -37.15
N PHE D 180 -69.48 10.78 -36.73
CA PHE D 180 -69.54 12.09 -37.36
C PHE D 180 -68.25 12.85 -37.08
N THR D 181 -68.03 13.90 -37.86
CA THR D 181 -66.85 14.75 -37.75
C THR D 181 -67.28 16.21 -37.82
N LEU D 182 -67.04 16.95 -36.73
CA LEU D 182 -67.16 18.39 -36.77
C LEU D 182 -66.06 18.99 -37.65
N ARG D 183 -66.42 20.03 -38.39
CA ARG D 183 -65.50 20.59 -39.38
C ARG D 183 -65.69 22.10 -39.46
N ASP D 184 -64.57 22.81 -39.57
CA ASP D 184 -64.59 24.26 -39.69
C ASP D 184 -63.33 24.69 -40.43
N GLU D 185 -63.50 25.60 -41.39
CA GLU D 185 -62.43 26.01 -42.31
C GLU D 185 -61.83 24.81 -43.04
N GLY D 186 -62.66 23.82 -43.35
CA GLY D 186 -62.21 22.62 -44.05
C GLY D 186 -61.40 21.67 -43.20
N LYS D 187 -60.80 22.18 -42.14
CA LYS D 187 -60.09 21.33 -41.19
C LYS D 187 -61.05 20.43 -40.42
N THR D 188 -60.55 19.25 -40.05
CA THR D 188 -61.26 18.38 -39.13
C THR D 188 -60.92 18.80 -37.70
N ILE D 189 -61.93 19.21 -36.94
CA ILE D 189 -61.70 19.79 -35.64
C ILE D 189 -62.10 18.85 -34.50
N ALA D 190 -63.06 17.96 -34.73
CA ALA D 190 -63.44 16.99 -33.72
C ALA D 190 -64.08 15.79 -34.39
N ILE D 191 -64.08 14.67 -33.68
CA ILE D 191 -64.77 13.47 -34.11
C ILE D 191 -65.65 13.02 -32.96
N GLY D 192 -66.78 12.41 -33.29
CA GLY D 192 -67.81 12.20 -32.29
C GLY D 192 -68.74 11.04 -32.56
N LYS D 193 -69.02 10.26 -31.53
CA LYS D 193 -70.10 9.28 -31.56
C LYS D 193 -71.30 9.84 -30.83
N VAL D 194 -72.48 9.60 -31.38
CA VAL D 194 -73.73 10.14 -30.84
C VAL D 194 -74.27 9.18 -29.78
N LEU D 195 -74.78 9.74 -28.69
CA LEU D 195 -75.19 8.97 -27.52
C LEU D 195 -76.71 8.89 -27.41
N LYS D 196 -77.38 10.00 -27.07
CA LYS D 196 -78.81 10.03 -26.87
C LYS D 196 -79.48 10.85 -27.98
N LEU D 197 -80.80 11.01 -27.85
CA LEU D 197 -81.58 11.82 -28.78
C LEU D 197 -82.54 12.67 -27.95
N VAL D 198 -82.31 13.98 -27.95
CA VAL D 198 -83.13 14.98 -27.27
C VAL D 198 -84.25 15.32 -28.24
N PRO D 199 -85.49 15.65 -27.79
CA PRO D 199 -86.60 16.03 -28.68
C PRO D 199 -86.22 16.89 -29.88
N SER E 2 -3.92 -8.66 -10.56
CA SER E 2 -3.25 -9.72 -9.80
C SER E 2 -2.68 -10.78 -10.74
N TYR E 3 -1.50 -11.28 -10.40
CA TYR E 3 -0.82 -12.31 -11.17
C TYR E 3 -0.41 -13.42 -10.22
N ASN E 4 -0.75 -14.66 -10.57
CA ASN E 4 -0.66 -15.78 -9.63
C ASN E 4 0.08 -16.95 -10.25
N TYR E 5 0.36 -17.93 -9.40
CA TYR E 5 1.18 -19.09 -9.73
C TYR E 5 0.50 -20.34 -9.18
N VAL E 6 0.06 -21.23 -10.07
CA VAL E 6 -0.62 -22.46 -9.68
C VAL E 6 0.30 -23.64 -9.94
N VAL E 7 0.52 -24.45 -8.91
CA VAL E 7 1.40 -25.61 -9.00
C VAL E 7 0.72 -26.79 -8.33
N THR E 8 0.85 -27.97 -8.93
CA THR E 8 0.32 -29.19 -8.35
C THR E 8 1.26 -29.70 -7.26
N ALA E 9 0.71 -29.98 -6.08
CA ALA E 9 1.50 -30.52 -4.98
C ALA E 9 1.25 -32.00 -4.73
N GLN E 10 0.11 -32.53 -5.15
CA GLN E 10 -0.16 -33.96 -5.06
C GLN E 10 -1.00 -34.33 -6.28
N LYS E 11 -0.40 -35.04 -7.23
CA LYS E 11 -1.07 -35.49 -8.45
C LYS E 11 -2.37 -36.21 -8.12
N PRO E 12 -3.36 -36.20 -9.02
CA PRO E 12 -4.64 -36.83 -8.69
C PRO E 12 -4.50 -38.31 -8.40
N THR E 13 -5.38 -38.80 -7.55
CA THR E 13 -5.33 -40.18 -7.06
C THR E 13 -6.50 -41.04 -7.49
N ALA E 14 -7.66 -40.45 -7.76
CA ALA E 14 -8.81 -41.23 -8.21
C ALA E 14 -8.52 -41.86 -9.57
N VAL E 15 -9.26 -42.93 -9.87
CA VAL E 15 -9.07 -43.69 -11.09
C VAL E 15 -10.29 -43.50 -11.98
N ASN E 16 -10.09 -42.79 -13.10
CA ASN E 16 -11.19 -42.62 -14.05
C ASN E 16 -11.50 -43.94 -14.76
N GLY E 17 -10.47 -44.70 -15.11
CA GLY E 17 -10.69 -45.95 -15.84
C GLY E 17 -9.41 -46.76 -15.92
N CYS E 18 -9.59 -48.02 -16.30
CA CYS E 18 -8.48 -48.96 -16.44
C CYS E 18 -8.83 -49.94 -17.54
N VAL E 19 -7.79 -50.44 -18.22
CA VAL E 19 -7.96 -51.35 -19.35
C VAL E 19 -6.70 -52.17 -19.48
N THR E 20 -6.86 -53.40 -19.96
CA THR E 20 -5.74 -54.32 -20.15
C THR E 20 -5.47 -54.54 -21.64
N GLY E 21 -4.28 -55.03 -21.92
CA GLY E 21 -3.87 -55.29 -23.28
C GLY E 21 -2.38 -55.52 -23.35
N HIS E 22 -1.89 -55.61 -24.58
CA HIS E 22 -0.47 -55.85 -24.87
C HIS E 22 0.07 -54.64 -25.62
N PHE E 23 0.42 -53.60 -24.87
CA PHE E 23 0.81 -52.31 -25.42
C PHE E 23 2.32 -52.13 -25.51
N THR E 24 3.06 -52.45 -24.44
CA THR E 24 4.51 -52.35 -24.48
C THR E 24 5.11 -53.44 -25.36
N SER E 25 4.66 -54.67 -25.16
CA SER E 25 5.11 -55.79 -25.98
C SER E 25 4.01 -56.84 -26.02
N ALA E 26 3.81 -57.43 -27.20
CA ALA E 26 2.79 -58.48 -27.34
C ALA E 26 3.04 -59.65 -26.41
N GLU E 27 4.28 -59.85 -25.96
CA GLU E 27 4.57 -60.89 -24.98
C GLU E 27 4.19 -60.48 -23.57
N ASP E 28 4.20 -59.18 -23.29
CA ASP E 28 3.88 -58.67 -21.96
C ASP E 28 2.39 -58.40 -21.83
N LEU E 29 1.92 -58.35 -20.60
CA LEU E 29 0.54 -57.97 -20.27
C LEU E 29 0.57 -56.66 -19.50
N ASN E 30 -0.03 -55.63 -20.07
CA ASN E 30 -0.02 -54.29 -19.49
C ASN E 30 -1.32 -53.99 -18.77
N LEU E 31 -1.22 -53.16 -17.73
CA LEU E 31 -2.37 -52.56 -17.07
C LEU E 31 -2.24 -51.05 -17.19
N LEU E 32 -3.24 -50.42 -17.80
CA LEU E 32 -3.23 -48.99 -18.05
C LEU E 32 -4.26 -48.32 -17.16
N ILE E 33 -3.79 -47.45 -16.27
CA ILE E 33 -4.65 -46.73 -15.33
C ILE E 33 -4.61 -45.25 -15.68
N ALA E 34 -5.78 -44.63 -15.69
CA ALA E 34 -5.92 -43.21 -16.02
C ALA E 34 -6.41 -42.49 -14.77
N LYS E 35 -5.49 -41.79 -14.09
CA LYS E 35 -5.84 -40.98 -12.93
C LYS E 35 -6.06 -39.54 -13.42
N ASN E 36 -7.25 -39.32 -13.97
CA ASN E 36 -7.67 -38.03 -14.53
C ASN E 36 -6.71 -37.56 -15.62
N THR E 37 -5.89 -36.56 -15.30
CA THR E 37 -4.93 -36.00 -16.25
C THR E 37 -3.59 -36.70 -16.21
N ARG E 38 -3.53 -37.90 -15.64
CA ARG E 38 -2.31 -38.70 -15.58
C ARG E 38 -2.58 -40.07 -16.19
N LEU E 39 -1.54 -40.65 -16.77
CA LEU E 39 -1.62 -41.98 -17.37
C LEU E 39 -0.52 -42.85 -16.77
N GLU E 40 -0.93 -43.90 -16.05
CA GLU E 40 -0.01 -44.83 -15.43
C GLU E 40 -0.03 -46.14 -16.19
N ILE E 41 1.16 -46.62 -16.58
CA ILE E 41 1.30 -47.83 -17.37
C ILE E 41 2.06 -48.84 -16.51
N TYR E 42 1.35 -49.85 -16.02
CA TYR E 42 1.94 -50.92 -15.23
C TYR E 42 2.04 -52.19 -16.07
N VAL E 43 2.97 -53.06 -15.68
CA VAL E 43 3.14 -54.37 -16.30
C VAL E 43 2.84 -55.44 -15.27
N VAL E 44 1.98 -56.38 -15.64
CA VAL E 44 1.48 -57.37 -14.70
C VAL E 44 2.53 -58.47 -14.51
N THR E 45 2.76 -58.84 -13.24
CA THR E 45 3.57 -60.00 -12.90
C THR E 45 2.77 -60.91 -11.96
N ALA E 46 3.39 -61.99 -11.54
CA ALA E 46 2.73 -62.92 -10.62
C ALA E 46 3.09 -62.58 -9.17
N LEU E 49 2.30 -56.15 -10.12
CA LEU E 49 2.37 -54.89 -10.85
C LEU E 49 3.79 -54.33 -10.86
N ARG E 50 4.22 -53.85 -12.03
CA ARG E 50 5.55 -53.28 -12.19
C ARG E 50 5.42 -51.94 -12.90
N PRO E 51 5.78 -50.83 -12.26
CA PRO E 51 5.68 -49.53 -12.93
C PRO E 51 6.69 -49.41 -14.06
N VAL E 52 6.29 -48.68 -15.10
CA VAL E 52 7.11 -48.53 -16.29
C VAL E 52 7.26 -47.05 -16.64
N LYS E 53 6.17 -46.43 -17.06
CA LYS E 53 6.18 -45.03 -17.47
C LYS E 53 4.85 -44.40 -17.10
N GLU E 54 4.92 -43.18 -16.56
CA GLU E 54 3.74 -42.36 -16.31
C GLU E 54 3.91 -41.03 -17.02
N VAL E 55 2.91 -40.63 -17.80
CA VAL E 55 2.99 -39.44 -18.62
C VAL E 55 1.82 -38.52 -18.27
N GLY E 56 1.99 -37.24 -18.60
CA GLY E 56 0.99 -36.24 -18.31
C GLY E 56 0.30 -35.72 -19.55
N MET E 57 -0.98 -36.02 -19.69
CA MET E 57 -1.78 -35.47 -20.77
C MET E 57 -2.10 -34.00 -20.51
N TYR E 58 -2.18 -33.23 -21.58
CA TYR E 58 -2.73 -31.88 -21.53
C TYR E 58 -4.25 -31.88 -21.65
N GLY E 59 -4.92 -32.79 -20.95
CA GLY E 59 -6.36 -32.92 -21.05
C GLY E 59 -6.90 -33.87 -20.01
N LYS E 60 -8.19 -33.75 -19.75
CA LYS E 60 -8.90 -34.67 -18.87
C LYS E 60 -9.28 -35.92 -19.66
N ILE E 61 -8.68 -37.05 -19.32
CA ILE E 61 -8.93 -38.28 -20.06
C ILE E 61 -10.37 -38.73 -19.81
N ALA E 62 -11.14 -38.84 -20.89
CA ALA E 62 -12.54 -39.24 -20.82
C ALA E 62 -12.82 -40.59 -21.46
N VAL E 63 -12.10 -40.96 -22.50
CA VAL E 63 -12.26 -42.25 -23.16
C VAL E 63 -10.88 -42.84 -23.42
N MET E 64 -10.67 -44.08 -22.99
CA MET E 64 -9.39 -44.76 -23.14
C MET E 64 -9.65 -46.22 -23.44
N GLU E 65 -9.24 -46.67 -24.62
CA GLU E 65 -9.45 -48.06 -25.04
C GLU E 65 -8.24 -48.55 -25.81
N LEU E 66 -8.01 -49.87 -25.74
CA LEU E 66 -6.93 -50.54 -26.44
C LEU E 66 -7.49 -51.34 -27.62
N PHE E 67 -6.65 -51.50 -28.65
CA PHE E 67 -7.06 -52.14 -29.88
C PHE E 67 -5.82 -52.43 -30.72
N ARG E 68 -5.96 -53.36 -31.65
CA ARG E 68 -4.85 -53.85 -32.49
C ARG E 68 -5.24 -53.83 -33.95
N PRO E 69 -4.61 -52.99 -34.78
CA PRO E 69 -4.94 -52.98 -36.20
C PRO E 69 -4.31 -54.16 -36.94
N LYS E 70 -4.85 -54.42 -38.13
CA LYS E 70 -4.37 -55.50 -38.98
C LYS E 70 -2.94 -55.25 -39.45
N GLY E 71 -2.00 -56.06 -38.98
CA GLY E 71 -0.62 -55.95 -39.38
C GLY E 71 0.18 -54.98 -38.55
N GLU E 72 0.05 -55.08 -37.23
CA GLU E 72 0.80 -54.26 -36.29
C GLU E 72 1.39 -55.15 -35.21
N SER E 73 2.58 -54.79 -34.74
CA SER E 73 3.31 -55.65 -33.80
C SER E 73 2.59 -55.75 -32.46
N LYS E 74 2.07 -54.64 -31.96
CA LYS E 74 1.47 -54.61 -30.63
C LYS E 74 0.21 -53.75 -30.65
N ASP E 75 -0.48 -53.73 -29.51
CA ASP E 75 -1.71 -52.96 -29.37
C ASP E 75 -1.43 -51.46 -29.41
N LEU E 76 -2.44 -50.70 -29.82
CA LEU E 76 -2.37 -49.25 -29.82
C LEU E 76 -3.40 -48.70 -28.84
N LEU E 77 -3.15 -47.48 -28.37
CA LEU E 77 -3.98 -46.83 -27.35
C LEU E 77 -4.69 -45.63 -27.94
N PHE E 78 -5.97 -45.47 -27.58
CA PHE E 78 -6.78 -44.34 -28.03
C PHE E 78 -7.21 -43.53 -26.82
N ILE E 79 -7.06 -42.20 -26.91
CA ILE E 79 -7.35 -41.29 -25.82
C ILE E 79 -8.23 -40.17 -26.35
N LEU E 80 -9.29 -39.84 -25.61
CA LEU E 80 -10.15 -38.71 -25.93
C LEU E 80 -10.32 -37.85 -24.68
N THR E 81 -10.00 -36.56 -24.80
CA THR E 81 -10.04 -35.66 -23.66
C THR E 81 -11.41 -34.98 -23.56
N ALA E 82 -11.64 -34.34 -22.40
CA ALA E 82 -12.91 -33.66 -22.17
C ALA E 82 -13.08 -32.48 -23.11
N LYS E 83 -11.99 -31.86 -23.54
CA LYS E 83 -12.02 -30.81 -24.55
C LYS E 83 -12.02 -31.35 -25.96
N TYR E 84 -12.37 -32.64 -26.11
CA TYR E 84 -12.57 -33.30 -27.40
C TYR E 84 -11.27 -33.41 -28.21
N ASN E 85 -10.15 -33.62 -27.52
CA ASN E 85 -8.89 -33.95 -28.18
C ASN E 85 -8.77 -35.46 -28.31
N ALA E 86 -8.54 -35.93 -29.54
CA ALA E 86 -8.38 -37.36 -29.81
C ALA E 86 -6.95 -37.64 -30.25
N CYS E 87 -6.45 -38.81 -29.87
CA CYS E 87 -5.10 -39.20 -30.22
C CYS E 87 -4.95 -40.71 -30.13
N ILE E 88 -4.01 -41.24 -30.91
CA ILE E 88 -3.69 -42.66 -30.94
C ILE E 88 -2.20 -42.80 -30.70
N LEU E 89 -1.84 -43.62 -29.71
CA LEU E 89 -0.48 -43.64 -29.17
C LEU E 89 0.15 -45.02 -29.30
N GLU E 90 1.46 -45.02 -29.54
CA GLU E 90 2.26 -46.23 -29.64
C GLU E 90 3.37 -46.17 -28.60
N TYR E 91 3.78 -47.34 -28.09
CA TYR E 91 4.88 -47.42 -27.14
C TYR E 91 6.18 -47.66 -27.88
N LYS E 92 7.19 -46.85 -27.57
CA LYS E 92 8.50 -46.92 -28.21
C LYS E 92 9.59 -46.92 -27.15
N GLN E 93 10.56 -47.81 -27.30
CA GLN E 93 11.69 -47.86 -26.38
C GLN E 93 13.01 -47.81 -27.13
N SER E 97 15.28 -43.69 -22.82
CA SER E 97 14.99 -44.91 -23.58
C SER E 97 13.51 -45.01 -23.93
N ILE E 98 12.65 -44.61 -22.99
CA ILE E 98 11.21 -44.78 -23.11
C ILE E 98 10.58 -43.48 -23.59
N ASP E 99 9.81 -43.58 -24.67
CA ASP E 99 9.07 -42.45 -25.23
C ASP E 99 7.73 -42.94 -25.75
N ILE E 100 6.72 -42.07 -25.68
CA ILE E 100 5.40 -42.35 -26.22
C ILE E 100 5.21 -41.46 -27.45
N ILE E 101 5.10 -42.07 -28.61
CA ILE E 101 4.96 -41.36 -29.87
C ILE E 101 3.48 -41.29 -30.25
N THR E 102 3.07 -40.14 -30.77
CA THR E 102 1.71 -39.94 -31.23
C THR E 102 1.61 -40.23 -32.72
N ARG E 103 0.64 -41.06 -33.11
CA ARG E 103 0.44 -41.42 -34.51
C ARG E 103 -0.57 -40.51 -35.19
N ALA E 104 -1.75 -40.37 -34.60
CA ALA E 104 -2.79 -39.49 -35.11
C ALA E 104 -3.31 -38.60 -34.00
N HIS E 105 -3.76 -37.40 -34.37
CA HIS E 105 -4.27 -36.45 -33.38
C HIS E 105 -5.29 -35.54 -34.06
N GLY E 106 -6.13 -34.92 -33.24
CA GLY E 106 -7.08 -33.95 -33.74
C GLY E 106 -8.21 -33.63 -32.79
N ASN E 107 -8.67 -32.38 -32.80
CA ASN E 107 -9.81 -31.99 -32.00
C ASN E 107 -11.09 -32.34 -32.75
N VAL E 108 -11.97 -33.09 -32.09
CA VAL E 108 -13.21 -33.56 -32.70
C VAL E 108 -14.41 -32.72 -32.27
N GLN E 109 -14.18 -31.50 -31.78
CA GLN E 109 -15.27 -30.64 -31.38
C GLN E 109 -16.04 -30.15 -32.61
N ASP E 110 -17.36 -30.12 -32.49
CA ASP E 110 -18.24 -29.62 -33.55
C ASP E 110 -18.77 -28.24 -33.16
N ARG E 111 -18.80 -27.33 -34.15
CA ARG E 111 -19.19 -25.96 -33.88
C ARG E 111 -20.56 -25.86 -33.24
N ILE E 112 -21.48 -26.77 -33.60
CA ILE E 112 -22.80 -26.84 -33.00
C ILE E 112 -23.01 -28.23 -32.44
N GLY E 113 -23.92 -28.32 -31.47
CA GLY E 113 -24.29 -29.59 -30.88
C GLY E 113 -24.60 -29.44 -29.42
N ARG E 114 -25.40 -30.39 -28.92
CA ARG E 114 -25.74 -30.44 -27.50
C ARG E 114 -25.07 -31.64 -26.86
N PRO E 115 -24.11 -31.44 -25.94
CA PRO E 115 -23.48 -32.59 -25.29
C PRO E 115 -24.49 -33.43 -24.54
N SER E 116 -24.38 -34.75 -24.71
CA SER E 116 -25.39 -35.65 -24.20
C SER E 116 -25.36 -35.72 -22.67
N GLU E 117 -26.47 -36.18 -22.10
CA GLU E 117 -26.57 -36.27 -20.64
C GLU E 117 -25.75 -37.43 -20.11
N THR E 118 -25.71 -38.54 -20.84
CA THR E 118 -24.96 -39.73 -20.43
C THR E 118 -23.46 -39.58 -20.69
N GLY E 119 -23.00 -38.40 -21.07
CA GLY E 119 -21.58 -38.17 -21.24
C GLY E 119 -21.00 -38.81 -22.48
N ILE E 120 -19.72 -38.54 -22.76
CA ILE E 120 -19.07 -39.10 -23.91
C ILE E 120 -18.99 -40.62 -23.78
N ILE E 121 -19.37 -41.32 -24.84
CA ILE E 121 -19.28 -42.78 -24.90
C ILE E 121 -18.48 -43.16 -26.12
N GLY E 122 -17.32 -43.77 -25.91
CA GLY E 122 -16.44 -44.20 -27.00
C GLY E 122 -16.35 -45.71 -27.06
N ILE E 123 -16.33 -46.26 -28.27
CA ILE E 123 -16.24 -47.69 -28.51
C ILE E 123 -15.33 -47.94 -29.71
N ILE E 124 -14.84 -49.17 -29.79
CA ILE E 124 -13.98 -49.62 -30.89
C ILE E 124 -14.53 -50.94 -31.40
N ASP E 125 -14.78 -51.02 -32.70
CA ASP E 125 -15.35 -52.24 -33.26
C ASP E 125 -14.33 -53.37 -33.18
N PRO E 126 -14.79 -54.62 -32.98
CA PRO E 126 -13.84 -55.73 -32.84
C PRO E 126 -13.00 -55.98 -34.07
N GLU E 127 -13.51 -55.65 -35.26
CA GLU E 127 -12.75 -55.85 -36.49
C GLU E 127 -11.65 -54.82 -36.67
N CYS E 128 -11.58 -53.82 -35.79
CA CYS E 128 -10.59 -52.75 -35.86
C CYS E 128 -10.62 -52.02 -37.20
N ARG E 129 -11.82 -51.64 -37.62
CA ARG E 129 -12.02 -50.86 -38.83
C ARG E 129 -12.46 -49.44 -38.56
N MET E 130 -13.18 -49.19 -37.48
CA MET E 130 -13.71 -47.87 -37.16
C MET E 130 -13.59 -47.63 -35.66
N ILE E 131 -13.86 -46.40 -35.25
CA ILE E 131 -13.89 -46.03 -33.84
C ILE E 131 -15.13 -45.17 -33.60
N GLY E 132 -16.10 -45.71 -32.87
CA GLY E 132 -17.35 -45.00 -32.62
C GLY E 132 -17.33 -44.24 -31.30
N LEU E 133 -17.83 -43.01 -31.36
CA LEU E 133 -17.94 -42.15 -30.19
C LEU E 133 -19.22 -41.33 -30.29
N ARG E 134 -19.95 -41.23 -29.18
CA ARG E 134 -21.20 -40.47 -29.11
C ARG E 134 -20.92 -39.21 -28.28
N LEU E 135 -20.57 -38.13 -28.97
CA LEU E 135 -20.27 -36.87 -28.29
C LEU E 135 -21.55 -36.07 -28.01
N TYR E 136 -22.33 -35.77 -29.03
CA TYR E 136 -23.54 -35.00 -28.91
C TYR E 136 -24.75 -35.87 -29.19
N ASP E 137 -25.93 -35.35 -28.82
CA ASP E 137 -27.17 -36.08 -28.99
C ASP E 137 -27.60 -36.08 -30.46
N GLY E 138 -28.33 -37.12 -30.84
CA GLY E 138 -28.84 -37.22 -32.19
C GLY E 138 -27.79 -37.37 -33.27
N LEU E 139 -26.52 -37.55 -32.90
CA LEU E 139 -25.45 -37.68 -33.87
C LEU E 139 -24.53 -38.83 -33.45
N PHE E 140 -23.75 -39.32 -34.40
CA PHE E 140 -22.84 -40.44 -34.14
C PHE E 140 -21.62 -40.26 -35.03
N LYS E 141 -20.60 -39.61 -34.49
CA LYS E 141 -19.37 -39.38 -35.24
C LYS E 141 -18.59 -40.67 -35.40
N VAL E 142 -18.04 -40.88 -36.59
CA VAL E 142 -17.28 -42.07 -36.93
C VAL E 142 -15.99 -41.63 -37.60
N ILE E 143 -14.87 -42.21 -37.18
CA ILE E 143 -13.55 -41.92 -37.76
C ILE E 143 -13.07 -43.18 -38.47
N PRO E 144 -12.81 -43.12 -39.78
CA PRO E 144 -12.24 -44.28 -40.46
C PRO E 144 -10.79 -44.48 -40.04
N LEU E 145 -10.42 -45.75 -39.88
CA LEU E 145 -9.07 -46.12 -39.45
C LEU E 145 -8.18 -46.48 -40.64
N ASP E 146 -8.25 -45.66 -41.69
CA ASP E 146 -7.37 -45.82 -42.84
C ASP E 146 -5.91 -45.57 -42.44
N ARG E 147 -5.00 -46.14 -43.23
CA ARG E 147 -3.58 -45.92 -43.01
C ARG E 147 -3.23 -44.44 -43.13
N ASP E 148 -3.94 -43.70 -43.98
CA ASP E 148 -3.65 -42.29 -44.21
C ASP E 148 -4.67 -41.38 -43.57
N ASN E 149 -4.92 -41.56 -42.26
CA ASN E 149 -5.78 -40.63 -41.53
C ASN E 149 -5.02 -40.04 -40.35
N LYS E 150 -3.84 -39.47 -40.61
CA LYS E 150 -3.01 -38.88 -39.56
C LYS E 150 -3.61 -37.62 -38.95
N GLU E 151 -4.76 -37.15 -39.44
CA GLU E 151 -5.45 -36.02 -38.85
C GLU E 151 -6.73 -36.41 -38.14
N LEU E 152 -7.10 -37.70 -38.17
CA LEU E 152 -8.34 -38.20 -37.57
C LEU E 152 -9.56 -37.48 -38.14
N LYS E 153 -9.57 -37.28 -39.45
CA LYS E 153 -10.74 -36.72 -40.12
C LYS E 153 -11.95 -37.62 -39.90
N ALA E 154 -13.06 -37.02 -39.48
CA ALA E 154 -14.25 -37.77 -39.11
C ALA E 154 -15.48 -37.07 -39.67
N PHE E 155 -16.60 -37.80 -39.67
CA PHE E 155 -17.87 -37.31 -40.17
C PHE E 155 -18.99 -37.73 -39.23
N ASN E 156 -20.11 -37.03 -39.31
CA ASN E 156 -21.27 -37.31 -38.48
C ASN E 156 -22.27 -38.19 -39.21
N ILE E 157 -23.10 -38.88 -38.44
CA ILE E 157 -24.16 -39.74 -38.96
C ILE E 157 -25.41 -39.48 -38.12
N ARG E 158 -26.47 -38.99 -38.75
CA ARG E 158 -27.68 -38.62 -38.03
C ARG E 158 -28.32 -39.84 -37.37
N LEU E 159 -29.02 -39.60 -36.26
CA LEU E 159 -29.73 -40.62 -35.51
C LEU E 159 -31.14 -40.13 -35.20
N GLU E 160 -32.13 -41.00 -35.42
CA GLU E 160 -33.49 -40.65 -35.01
C GLU E 160 -33.64 -40.70 -33.50
N GLU E 161 -32.98 -41.67 -32.85
CA GLU E 161 -33.04 -41.79 -31.40
C GLU E 161 -32.07 -40.79 -30.77
N LEU E 162 -32.60 -39.94 -29.89
CA LEU E 162 -31.82 -38.89 -29.25
C LEU E 162 -31.30 -39.29 -27.87
N HIS E 163 -32.15 -39.86 -27.03
CA HIS E 163 -31.79 -40.21 -25.66
C HIS E 163 -31.24 -41.63 -25.67
N VAL E 164 -29.92 -41.74 -25.78
CA VAL E 164 -29.23 -43.02 -25.83
C VAL E 164 -28.59 -43.26 -24.47
N ILE E 165 -28.81 -44.45 -23.91
CA ILE E 165 -28.23 -44.82 -22.62
C ILE E 165 -26.78 -45.23 -22.82
N ASP E 166 -26.57 -46.39 -23.44
CA ASP E 166 -25.22 -46.93 -23.60
C ASP E 166 -25.16 -47.68 -24.92
N VAL E 167 -24.03 -47.55 -25.62
CA VAL E 167 -23.84 -48.16 -26.92
C VAL E 167 -22.59 -49.04 -26.87
N LYS E 168 -22.56 -50.03 -27.76
CA LYS E 168 -21.47 -51.00 -27.79
C LYS E 168 -21.42 -51.63 -29.17
N PHE E 169 -20.20 -51.86 -29.67
CA PHE E 169 -20.02 -52.61 -30.90
C PHE E 169 -20.24 -54.10 -30.64
N LEU E 170 -21.04 -54.74 -31.49
CA LEU E 170 -21.37 -56.14 -31.28
C LEU E 170 -20.27 -57.05 -31.80
N TYR E 171 -19.97 -58.09 -31.04
CA TYR E 171 -19.06 -59.14 -31.47
C TYR E 171 -19.80 -60.22 -32.22
N GLY E 172 -19.08 -60.92 -33.08
CA GLY E 172 -19.65 -62.03 -33.83
C GLY E 172 -20.54 -61.59 -34.98
N CYS E 173 -20.16 -60.52 -35.67
CA CYS E 173 -20.88 -60.07 -36.86
C CYS E 173 -19.85 -59.60 -37.88
N GLN E 174 -19.92 -60.16 -39.09
CA GLN E 174 -18.99 -59.79 -40.15
C GLN E 174 -19.21 -58.36 -40.67
N ALA E 175 -20.27 -57.69 -40.23
CA ALA E 175 -20.56 -56.32 -40.62
C ALA E 175 -20.58 -55.41 -39.39
N PRO E 176 -20.16 -54.15 -39.54
CA PRO E 176 -20.17 -53.23 -38.40
C PRO E 176 -21.57 -53.00 -37.83
N THR E 177 -21.88 -53.68 -36.74
CA THR E 177 -23.20 -53.62 -36.11
C THR E 177 -23.05 -53.05 -34.71
N ILE E 178 -23.84 -52.04 -34.39
CA ILE E 178 -23.88 -51.46 -33.06
C ILE E 178 -25.18 -51.88 -32.38
N CYS E 179 -25.17 -51.82 -31.05
CA CYS E 179 -26.34 -52.18 -30.26
C CYS E 179 -26.39 -51.27 -29.04
N PHE E 180 -27.53 -50.66 -28.80
CA PHE E 180 -27.65 -49.67 -27.74
C PHE E 180 -29.03 -49.75 -27.12
N VAL E 181 -29.17 -49.09 -25.96
CA VAL E 181 -30.45 -48.92 -25.29
C VAL E 181 -30.83 -47.44 -25.39
N TYR E 182 -32.11 -47.17 -25.59
CA TYR E 182 -32.60 -45.82 -25.71
C TYR E 182 -33.89 -45.69 -24.92
N GLN E 183 -34.37 -44.45 -24.79
CA GLN E 183 -35.63 -44.19 -24.09
C GLN E 183 -36.43 -43.15 -24.85
N ASP E 184 -37.66 -43.49 -25.18
CA ASP E 184 -38.62 -42.58 -25.79
C ASP E 184 -39.89 -42.53 -24.94
N PRO E 185 -40.82 -41.61 -25.22
CA PRO E 185 -42.06 -41.58 -24.43
C PRO E 185 -42.82 -42.90 -24.41
N GLN E 186 -42.53 -43.84 -25.31
CA GLN E 186 -43.20 -45.13 -25.31
C GLN E 186 -42.58 -46.12 -24.34
N GLY E 187 -41.43 -45.81 -23.76
CA GLY E 187 -40.75 -46.65 -22.80
C GLY E 187 -39.29 -46.80 -23.15
N ARG E 188 -38.63 -47.78 -22.54
CA ARG E 188 -37.24 -48.10 -22.82
C ARG E 188 -37.16 -49.34 -23.69
N HIS E 189 -36.32 -49.28 -24.72
CA HIS E 189 -36.21 -50.35 -25.70
C HIS E 189 -34.74 -50.53 -26.07
N VAL E 190 -34.48 -51.48 -26.97
CA VAL E 190 -33.14 -51.75 -27.48
C VAL E 190 -33.23 -51.98 -28.98
N LYS E 191 -32.26 -51.45 -29.72
CA LYS E 191 -32.23 -51.55 -31.17
C LYS E 191 -30.82 -51.84 -31.62
N THR E 192 -30.68 -52.24 -32.87
CA THR E 192 -29.38 -52.48 -33.49
C THR E 192 -29.37 -51.83 -34.87
N TYR E 193 -28.22 -51.26 -35.22
CA TYR E 193 -28.02 -50.62 -36.52
C TYR E 193 -26.75 -51.15 -37.15
N GLU E 194 -26.68 -51.03 -38.47
CA GLU E 194 -25.50 -51.40 -39.25
C GLU E 194 -24.91 -50.15 -39.88
N VAL E 195 -23.59 -50.05 -39.84
CA VAL E 195 -22.87 -48.86 -40.28
C VAL E 195 -22.36 -49.11 -41.69
N SER E 196 -22.60 -48.14 -42.59
CA SER E 196 -22.15 -48.23 -43.97
C SER E 196 -20.75 -47.66 -44.08
N LEU E 197 -19.76 -48.53 -44.27
CA LEU E 197 -18.38 -48.07 -44.46
C LEU E 197 -18.20 -47.36 -45.79
N ARG E 198 -19.03 -47.69 -46.79
CA ARG E 198 -18.95 -47.09 -48.11
C ARG E 198 -19.91 -45.91 -48.28
N GLU E 199 -21.20 -46.15 -48.03
CA GLU E 199 -22.20 -45.09 -48.19
C GLU E 199 -22.19 -44.09 -47.05
N LYS E 200 -21.58 -44.45 -45.91
CA LYS E 200 -21.40 -43.54 -44.77
C LYS E 200 -22.75 -43.10 -44.21
N GLU E 201 -23.50 -44.08 -43.69
CA GLU E 201 -24.78 -43.86 -43.03
C GLU E 201 -25.17 -45.17 -42.34
N PHE E 202 -26.42 -45.24 -41.87
CA PHE E 202 -26.95 -46.41 -41.20
C PHE E 202 -27.88 -47.21 -42.10
N ASN E 203 -27.72 -48.53 -42.09
CA ASN E 203 -28.67 -49.46 -42.68
C ASN E 203 -29.29 -50.28 -41.56
N LYS E 204 -30.58 -50.60 -41.72
CA LYS E 204 -31.36 -51.25 -40.66
C LYS E 204 -30.64 -52.49 -40.13
N GLY E 205 -30.54 -52.58 -38.79
CA GLY E 205 -29.75 -53.60 -38.16
C GLY E 205 -30.48 -54.92 -38.05
N PRO E 206 -29.80 -55.90 -37.43
CA PRO E 206 -30.35 -57.25 -37.33
C PRO E 206 -31.66 -57.38 -36.53
N TRP E 207 -31.66 -57.00 -35.26
CA TRP E 207 -32.80 -57.29 -34.39
C TRP E 207 -33.09 -56.11 -33.47
N LYS E 208 -34.23 -56.21 -32.78
CA LYS E 208 -34.63 -55.23 -31.78
C LYS E 208 -35.71 -55.87 -30.90
N GLN E 209 -35.80 -55.39 -29.66
CA GLN E 209 -36.73 -55.96 -28.68
C GLN E 209 -37.20 -54.82 -27.76
N GLU E 210 -38.33 -54.22 -28.12
CA GLU E 210 -38.85 -53.07 -27.41
C GLU E 210 -39.39 -53.47 -26.04
N ASN E 211 -39.61 -52.45 -25.19
CA ASN E 211 -40.18 -52.59 -23.85
C ASN E 211 -39.33 -53.51 -22.98
N VAL E 212 -38.12 -53.04 -22.68
CA VAL E 212 -37.20 -53.76 -21.82
C VAL E 212 -37.43 -53.35 -20.37
N GLU E 213 -36.49 -53.70 -19.49
CA GLU E 213 -36.57 -53.26 -18.10
C GLU E 213 -36.49 -51.74 -18.02
N ALA E 214 -37.17 -51.19 -17.00
CA ALA E 214 -37.26 -49.74 -16.87
C ALA E 214 -35.92 -49.09 -16.55
N GLU E 215 -35.02 -49.83 -15.91
CA GLU E 215 -33.74 -49.28 -15.47
C GLU E 215 -32.56 -49.89 -16.24
N ALA E 216 -32.76 -50.15 -17.53
CA ALA E 216 -31.67 -50.62 -18.38
C ALA E 216 -30.59 -49.55 -18.48
N SER E 217 -29.37 -49.89 -18.09
CA SER E 217 -28.32 -48.87 -17.98
C SER E 217 -27.00 -49.29 -18.62
N MET E 218 -26.67 -50.58 -18.54
CA MET E 218 -25.36 -51.08 -18.94
C MET E 218 -25.51 -52.07 -20.09
N VAL E 219 -24.67 -51.92 -21.11
CA VAL E 219 -24.67 -52.80 -22.28
C VAL E 219 -23.30 -53.47 -22.38
N ILE E 220 -23.30 -54.79 -22.46
CA ILE E 220 -22.09 -55.59 -22.57
C ILE E 220 -22.17 -56.40 -23.85
N ALA E 221 -21.17 -56.23 -24.72
CA ALA E 221 -21.10 -56.99 -25.95
C ALA E 221 -20.46 -58.35 -25.69
N VAL E 222 -21.16 -59.41 -26.08
CA VAL E 222 -20.71 -60.78 -25.84
C VAL E 222 -19.81 -61.23 -26.99
N PRO E 223 -18.58 -61.70 -26.70
CA PRO E 223 -17.69 -62.11 -27.79
C PRO E 223 -18.09 -63.43 -28.43
N GLU E 224 -17.34 -63.83 -29.46
CA GLU E 224 -17.55 -65.12 -30.09
C GLU E 224 -17.21 -66.25 -29.11
N PRO E 225 -17.86 -67.41 -29.24
CA PRO E 225 -18.85 -67.81 -30.24
C PRO E 225 -20.29 -67.43 -29.88
N PHE E 226 -20.51 -67.03 -28.62
CA PHE E 226 -21.87 -66.74 -28.15
C PHE E 226 -22.53 -65.64 -28.98
N GLY E 227 -21.86 -64.49 -29.09
CA GLY E 227 -22.45 -63.34 -29.77
C GLY E 227 -23.58 -62.71 -28.96
N GLY E 228 -24.15 -61.67 -29.55
CA GLY E 228 -25.22 -60.93 -28.89
C GLY E 228 -24.70 -59.95 -27.85
N ALA E 229 -25.59 -59.55 -26.96
CA ALA E 229 -25.26 -58.55 -25.95
C ALA E 229 -26.04 -58.83 -24.68
N ILE E 230 -25.57 -58.24 -23.58
CA ILE E 230 -26.22 -58.35 -22.28
C ILE E 230 -26.67 -56.96 -21.84
N ILE E 231 -27.83 -56.91 -21.17
CA ILE E 231 -28.40 -55.67 -20.65
C ILE E 231 -28.51 -55.81 -19.14
N ILE E 232 -27.98 -54.83 -18.41
CA ILE E 232 -28.01 -54.83 -16.95
C ILE E 232 -28.99 -53.75 -16.49
N GLY E 233 -29.70 -54.03 -15.40
CA GLY E 233 -30.61 -53.06 -14.84
C GLY E 233 -30.76 -53.16 -13.33
N GLN E 234 -31.71 -52.40 -12.77
CA GLN E 234 -31.99 -52.50 -11.35
C GLN E 234 -32.64 -53.84 -11.01
N GLU E 235 -33.47 -54.36 -11.91
CA GLU E 235 -34.26 -55.56 -11.67
C GLU E 235 -33.79 -56.78 -12.43
N SER E 236 -33.44 -56.62 -13.71
CA SER E 236 -33.22 -57.76 -14.59
C SER E 236 -31.88 -57.68 -15.29
N ILE E 237 -31.29 -58.85 -15.51
CA ILE E 237 -30.14 -59.02 -16.40
C ILE E 237 -30.65 -59.82 -17.60
N THR E 238 -30.55 -59.23 -18.79
CA THR E 238 -31.19 -59.77 -19.97
C THR E 238 -30.18 -60.05 -21.07
N TYR E 239 -30.46 -61.08 -21.86
CA TYR E 239 -29.67 -61.43 -23.04
C TYR E 239 -30.48 -61.14 -24.29
N HIS E 240 -29.77 -60.79 -25.37
CA HIS E 240 -30.42 -60.46 -26.64
C HIS E 240 -29.52 -60.87 -27.78
N ASN E 241 -29.90 -61.93 -28.49
CA ASN E 241 -29.25 -62.33 -29.73
C ASN E 241 -30.29 -63.03 -30.59
N GLY E 242 -30.67 -62.41 -31.71
CA GLY E 242 -31.72 -62.99 -32.53
C GLY E 242 -33.04 -63.00 -31.80
N ASP E 243 -33.75 -64.13 -31.92
CA ASP E 243 -35.04 -64.30 -31.25
C ASP E 243 -34.91 -64.79 -29.82
N LYS E 244 -33.73 -65.24 -29.39
CA LYS E 244 -33.54 -65.64 -28.00
C LYS E 244 -33.62 -64.44 -27.07
N TYR E 245 -34.29 -64.62 -25.94
CA TYR E 245 -34.49 -63.53 -24.97
C TYR E 245 -34.57 -64.16 -23.58
N LEU E 246 -33.44 -64.20 -22.89
CA LEU E 246 -33.35 -64.72 -21.54
C LEU E 246 -33.30 -63.57 -20.54
N ALA E 247 -34.08 -63.70 -19.46
CA ALA E 247 -34.16 -62.65 -18.45
C ALA E 247 -34.33 -63.28 -17.08
N ILE E 248 -33.44 -62.93 -16.15
CA ILE E 248 -33.51 -63.39 -14.78
C ILE E 248 -33.58 -62.17 -13.85
N ALA E 249 -33.92 -62.44 -12.60
CA ALA E 249 -34.00 -61.40 -11.57
C ALA E 249 -33.58 -61.98 -10.23
N PRO E 250 -32.28 -62.21 -10.05
CA PRO E 250 -31.80 -62.82 -8.80
C PRO E 250 -31.98 -61.88 -7.64
N PRO E 251 -32.55 -62.35 -6.52
CA PRO E 251 -32.81 -61.45 -5.39
C PRO E 251 -31.55 -60.99 -4.68
N ILE E 252 -30.39 -61.63 -4.91
CA ILE E 252 -29.17 -61.26 -4.21
C ILE E 252 -28.55 -59.97 -4.74
N ILE E 253 -29.03 -59.46 -5.88
CA ILE E 253 -28.52 -58.22 -6.46
C ILE E 253 -29.58 -57.13 -6.53
N LYS E 254 -30.83 -57.44 -6.18
CA LYS E 254 -31.89 -56.43 -6.17
C LYS E 254 -31.68 -55.36 -5.12
N GLN E 255 -30.71 -55.53 -4.22
CA GLN E 255 -30.51 -54.62 -3.10
C GLN E 255 -29.74 -53.36 -3.48
N SER E 256 -28.99 -53.38 -4.58
CA SER E 256 -28.24 -52.20 -5.01
C SER E 256 -28.07 -52.27 -6.53
N THR E 257 -27.42 -51.24 -7.08
CA THR E 257 -27.35 -51.03 -8.52
C THR E 257 -25.99 -51.42 -9.06
N ILE E 258 -25.98 -52.08 -10.21
CA ILE E 258 -24.74 -52.47 -10.88
C ILE E 258 -24.18 -51.25 -11.61
N VAL E 259 -22.87 -51.02 -11.46
CA VAL E 259 -22.26 -49.79 -11.95
C VAL E 259 -21.13 -50.05 -12.93
N CYS E 260 -20.43 -51.18 -12.79
CA CYS E 260 -19.28 -51.45 -13.64
C CYS E 260 -19.16 -52.93 -13.92
N HIS E 261 -18.42 -53.26 -14.96
CA HIS E 261 -18.30 -54.63 -15.44
C HIS E 261 -16.91 -54.85 -16.02
N ASN E 262 -16.62 -56.11 -16.37
CA ASN E 262 -15.38 -56.49 -17.02
C ASN E 262 -15.48 -57.94 -17.47
N ARG E 263 -14.82 -58.25 -18.58
CA ARG E 263 -14.74 -59.62 -19.08
C ARG E 263 -13.55 -60.31 -18.43
N VAL E 264 -13.78 -61.52 -17.91
CA VAL E 264 -12.72 -62.29 -17.27
C VAL E 264 -12.00 -63.15 -18.29
N ASP E 265 -12.70 -64.17 -18.81
CA ASP E 265 -12.05 -65.04 -19.77
C ASP E 265 -12.26 -64.53 -21.19
N PRO E 266 -11.20 -64.54 -22.02
CA PRO E 266 -11.34 -64.03 -23.40
C PRO E 266 -12.39 -64.75 -24.21
N ASN E 267 -12.83 -65.94 -23.78
CA ASN E 267 -13.89 -66.64 -24.49
C ASN E 267 -15.23 -65.93 -24.34
N GLY E 268 -15.55 -65.48 -23.14
CA GLY E 268 -16.79 -64.75 -22.89
C GLY E 268 -17.74 -65.47 -21.97
N SER E 269 -17.23 -66.41 -21.18
CA SER E 269 -18.05 -67.16 -20.23
C SER E 269 -18.14 -66.48 -18.88
N ARG E 270 -17.09 -65.78 -18.45
CA ARG E 270 -17.01 -65.17 -17.13
C ARG E 270 -17.04 -63.65 -17.25
N TYR E 271 -17.98 -63.03 -16.54
CA TYR E 271 -18.08 -61.59 -16.46
C TYR E 271 -18.03 -61.17 -15.00
N LEU E 272 -17.46 -59.98 -14.76
CA LEU E 272 -17.39 -59.42 -13.42
C LEU E 272 -18.41 -58.29 -13.27
N LEU E 273 -18.95 -58.16 -12.07
CA LEU E 273 -19.97 -57.16 -11.79
C LEU E 273 -19.58 -56.38 -10.54
N GLY E 274 -19.42 -55.07 -10.69
CA GLY E 274 -19.11 -54.20 -9.58
C GLY E 274 -20.36 -53.47 -9.12
N ASP E 275 -20.58 -53.49 -7.81
CA ASP E 275 -21.76 -52.90 -7.22
C ASP E 275 -21.50 -51.45 -6.82
N MET E 276 -22.57 -50.74 -6.49
CA MET E 276 -22.46 -49.36 -6.02
C MET E 276 -22.12 -49.30 -4.53
N GLU E 277 -22.40 -50.37 -3.78
CA GLU E 277 -22.10 -50.43 -2.36
C GLU E 277 -20.82 -51.20 -2.06
N GLY E 278 -20.06 -51.58 -3.09
CA GLY E 278 -18.82 -52.29 -2.91
C GLY E 278 -18.90 -53.80 -3.11
N ARG E 279 -20.10 -54.34 -3.33
CA ARG E 279 -20.22 -55.77 -3.58
C ARG E 279 -19.54 -56.15 -4.89
N LEU E 280 -19.26 -57.45 -5.03
CA LEU E 280 -18.60 -57.97 -6.23
C LEU E 280 -19.30 -59.25 -6.66
N PHE E 281 -19.78 -59.28 -7.89
CA PHE E 281 -20.52 -60.40 -8.44
C PHE E 281 -19.82 -60.94 -9.67
N MET E 282 -19.99 -62.24 -9.91
CA MET E 282 -19.47 -62.89 -11.11
C MET E 282 -20.63 -63.45 -11.93
N LEU E 283 -20.79 -62.93 -13.15
CA LEU E 283 -21.79 -63.45 -14.06
C LEU E 283 -21.26 -64.70 -14.75
N LEU E 284 -22.15 -65.68 -14.95
CA LEU E 284 -21.79 -66.98 -15.51
C LEU E 284 -22.74 -67.33 -16.64
N LEU E 285 -22.19 -67.74 -17.78
CA LEU E 285 -22.98 -68.15 -18.94
C LEU E 285 -22.87 -69.66 -19.10
N GLU E 286 -24.02 -70.33 -19.18
CA GLU E 286 -24.09 -71.78 -19.23
C GLU E 286 -24.34 -72.25 -20.67
N LYS E 287 -23.49 -73.17 -21.13
CA LYS E 287 -23.62 -73.70 -22.49
C LYS E 287 -24.21 -75.11 -22.45
N THR E 296 -25.67 -73.12 -27.31
CA THR E 296 -25.73 -71.70 -26.98
C THR E 296 -25.96 -71.50 -25.49
N LEU E 297 -26.63 -70.40 -25.13
CA LEU E 297 -26.83 -70.03 -23.74
C LEU E 297 -28.09 -70.71 -23.18
N LYS E 298 -27.95 -71.38 -22.04
CA LYS E 298 -29.05 -72.06 -21.38
C LYS E 298 -29.66 -71.18 -20.28
N ASP E 299 -28.86 -70.78 -19.30
CA ASP E 299 -29.31 -69.92 -18.23
C ASP E 299 -28.10 -69.15 -17.71
N LEU E 300 -28.38 -68.12 -16.89
CA LEU E 300 -27.34 -67.29 -16.32
C LEU E 300 -27.48 -67.24 -14.81
N ARG E 301 -26.38 -67.50 -14.10
CA ARG E 301 -26.35 -67.49 -12.65
C ARG E 301 -25.26 -66.53 -12.17
N VAL E 302 -25.44 -66.02 -10.96
CA VAL E 302 -24.50 -65.07 -10.37
C VAL E 302 -24.36 -65.37 -8.88
N GLU E 303 -23.14 -65.23 -8.37
CA GLU E 303 -22.84 -65.48 -6.96
C GLU E 303 -22.09 -64.29 -6.38
N LEU E 304 -22.38 -63.98 -5.11
CA LEU E 304 -21.67 -62.93 -4.40
C LEU E 304 -20.31 -63.42 -3.94
N LEU E 305 -19.26 -62.66 -4.26
CA LEU E 305 -17.89 -63.08 -3.97
C LEU E 305 -17.27 -62.35 -2.79
N GLY E 306 -17.85 -61.24 -2.35
CA GLY E 306 -17.35 -60.54 -1.19
C GLY E 306 -17.46 -59.04 -1.35
N GLU E 307 -16.75 -58.33 -0.49
CA GLU E 307 -16.76 -56.87 -0.44
C GLU E 307 -15.45 -56.33 -1.01
N THR E 308 -15.55 -55.21 -1.72
CA THR E 308 -14.39 -54.51 -2.28
C THR E 308 -14.51 -53.03 -1.92
N SER E 309 -13.51 -52.26 -2.33
CA SER E 309 -13.68 -50.82 -2.35
C SER E 309 -14.76 -50.45 -3.37
N ILE E 310 -15.47 -49.36 -3.09
CA ILE E 310 -16.53 -48.93 -4.00
C ILE E 310 -15.93 -48.70 -5.37
N ALA E 311 -16.16 -49.66 -6.27
CA ALA E 311 -15.40 -49.74 -7.50
C ALA E 311 -15.98 -48.84 -8.58
N GLU E 312 -15.08 -48.19 -9.33
CA GLU E 312 -15.44 -47.45 -10.54
C GLU E 312 -15.17 -48.26 -11.80
N CYS E 313 -13.99 -48.85 -11.90
CA CYS E 313 -13.63 -49.74 -13.00
C CYS E 313 -12.96 -50.99 -12.43
N LEU E 314 -13.15 -52.11 -13.14
CA LEU E 314 -12.58 -53.38 -12.72
C LEU E 314 -11.95 -54.07 -13.93
N THR E 315 -10.92 -54.86 -13.67
CA THR E 315 -10.31 -55.69 -14.72
C THR E 315 -9.60 -56.87 -14.09
N TYR E 316 -9.97 -58.08 -14.51
CA TYR E 316 -9.19 -59.25 -14.14
C TYR E 316 -7.83 -59.21 -14.83
N LEU E 317 -6.80 -59.66 -14.11
CA LEU E 317 -5.44 -59.63 -14.63
C LEU E 317 -5.05 -61.05 -14.97
N ASP E 318 -4.41 -61.79 -14.06
CA ASP E 318 -4.03 -63.17 -14.34
C ASP E 318 -3.76 -63.87 -13.01
N ASN E 319 -3.89 -65.20 -13.04
CA ASN E 319 -3.67 -66.06 -11.86
C ASN E 319 -4.66 -65.77 -10.74
N GLY E 320 -5.77 -65.11 -11.03
CA GLY E 320 -6.81 -64.89 -10.05
C GLY E 320 -6.78 -63.57 -9.32
N VAL E 321 -6.05 -62.57 -9.82
CA VAL E 321 -5.93 -61.27 -9.17
C VAL E 321 -6.72 -60.25 -9.97
N VAL E 322 -7.35 -59.31 -9.28
CA VAL E 322 -8.21 -58.31 -9.88
C VAL E 322 -7.78 -56.94 -9.38
N PHE E 323 -7.72 -55.96 -10.29
CA PHE E 323 -7.47 -54.58 -9.90
C PHE E 323 -8.80 -53.85 -9.71
N VAL E 324 -8.96 -53.23 -8.55
CA VAL E 324 -10.15 -52.48 -8.21
C VAL E 324 -9.77 -51.00 -8.21
N GLY E 325 -10.14 -50.28 -9.27
CA GLY E 325 -9.93 -48.85 -9.32
C GLY E 325 -11.15 -48.14 -8.76
N SER E 326 -10.91 -47.24 -7.82
CA SER E 326 -11.98 -46.55 -7.13
C SER E 326 -11.77 -45.05 -7.17
N ARG E 327 -12.88 -44.31 -7.13
CA ARG E 327 -12.86 -42.87 -6.98
C ARG E 327 -13.37 -42.39 -5.63
N LEU E 328 -14.10 -43.24 -4.90
CA LEU E 328 -14.54 -42.91 -3.56
C LEU E 328 -13.50 -43.31 -2.50
N GLY E 329 -12.86 -44.46 -2.67
CA GLY E 329 -11.88 -44.91 -1.71
C GLY E 329 -10.59 -45.38 -2.33
N ASP E 330 -9.77 -46.07 -1.53
CA ASP E 330 -8.49 -46.55 -2.00
C ASP E 330 -8.67 -47.62 -3.07
N SER E 331 -7.73 -47.67 -4.01
CA SER E 331 -7.73 -48.70 -5.02
C SER E 331 -7.08 -49.98 -4.50
N GLN E 332 -7.71 -51.11 -4.80
CA GLN E 332 -7.29 -52.39 -4.25
C GLN E 332 -6.79 -53.32 -5.35
N LEU E 333 -5.81 -54.14 -4.99
CA LEU E 333 -5.46 -55.34 -5.73
C LEU E 333 -5.94 -56.53 -4.91
N VAL E 334 -6.91 -57.26 -5.45
CA VAL E 334 -7.57 -58.34 -4.72
C VAL E 334 -7.37 -59.66 -5.45
N LYS E 335 -7.05 -60.69 -4.68
CA LYS E 335 -7.06 -62.07 -5.17
C LYS E 335 -8.31 -62.75 -4.62
N LEU E 336 -9.09 -63.35 -5.52
CA LEU E 336 -10.33 -64.04 -5.14
C LEU E 336 -10.14 -65.53 -5.32
N ASN E 337 -10.26 -66.27 -4.22
CA ASN E 337 -10.08 -67.71 -4.23
C ASN E 337 -11.42 -68.42 -4.43
N VAL E 338 -11.35 -69.75 -4.59
CA VAL E 338 -12.56 -70.56 -4.67
C VAL E 338 -13.01 -71.05 -3.30
N ASP E 339 -12.21 -70.86 -2.26
CA ASP E 339 -12.54 -71.31 -0.91
C ASP E 339 -13.07 -70.15 -0.09
N SER E 340 -14.25 -70.34 0.50
CA SER E 340 -14.86 -69.31 1.33
C SER E 340 -14.02 -69.08 2.59
N ASN E 341 -13.68 -67.82 2.83
CA ASN E 341 -12.88 -67.47 3.99
C ASN E 341 -13.65 -67.79 5.27
N GLU E 342 -12.91 -67.78 6.39
CA GLU E 342 -13.53 -68.08 7.68
C GLU E 342 -14.59 -67.03 8.03
N GLN E 343 -14.34 -65.77 7.67
CA GLN E 343 -15.30 -64.72 7.95
C GLN E 343 -16.51 -64.79 7.03
N GLY E 344 -16.34 -65.30 5.81
CA GLY E 344 -17.46 -65.38 4.90
C GLY E 344 -17.14 -65.68 3.44
N SER E 345 -16.97 -64.65 2.64
CA SER E 345 -16.94 -64.77 1.19
C SER E 345 -15.50 -64.98 0.68
N TYR E 346 -15.35 -64.99 -0.65
CA TYR E 346 -14.16 -65.49 -1.34
C TYR E 346 -13.27 -64.38 -1.87
N VAL E 347 -13.06 -63.31 -1.11
CA VAL E 347 -12.20 -62.22 -1.56
C VAL E 347 -11.15 -61.93 -0.49
N VAL E 348 -9.96 -61.53 -0.95
CA VAL E 348 -8.84 -61.23 -0.06
C VAL E 348 -8.07 -60.05 -0.65
N ALA E 349 -7.81 -59.04 0.18
CA ALA E 349 -7.06 -57.88 -0.25
C ALA E 349 -5.55 -58.18 -0.25
N MET E 350 -4.87 -57.68 -1.28
CA MET E 350 -3.42 -57.81 -1.40
C MET E 350 -2.75 -56.47 -1.11
N GLU E 351 -2.90 -55.48 -1.98
CA GLU E 351 -2.35 -54.15 -1.78
C GLU E 351 -3.48 -53.13 -1.63
N THR E 352 -3.12 -51.95 -1.17
CA THR E 352 -4.08 -50.86 -0.93
C THR E 352 -3.43 -49.56 -1.38
N PHE E 353 -3.91 -49.02 -2.50
CA PHE E 353 -3.33 -47.83 -3.10
C PHE E 353 -4.00 -46.59 -2.52
N THR E 354 -3.19 -45.67 -1.98
CA THR E 354 -3.71 -44.47 -1.36
C THR E 354 -4.52 -43.66 -2.37
N ASN E 355 -5.58 -43.01 -1.88
CA ASN E 355 -6.46 -42.22 -2.74
C ASN E 355 -7.15 -41.17 -1.87
N LEU E 356 -6.78 -39.91 -2.07
CA LEU E 356 -7.35 -38.83 -1.27
C LEU E 356 -8.73 -38.39 -1.75
N GLY E 357 -9.12 -38.72 -2.98
CA GLY E 357 -10.37 -38.28 -3.51
C GLY E 357 -11.54 -39.09 -3.01
N PRO E 358 -12.71 -38.45 -2.85
CA PRO E 358 -12.89 -37.01 -2.99
C PRO E 358 -12.56 -36.24 -1.71
N ILE E 359 -12.21 -34.97 -1.85
CA ILE E 359 -11.88 -34.12 -0.71
C ILE E 359 -13.07 -33.19 -0.47
N VAL E 360 -13.75 -33.39 0.65
CA VAL E 360 -14.89 -32.54 0.98
C VAL E 360 -14.48 -31.34 1.81
N ASP E 361 -13.40 -31.45 2.58
CA ASP E 361 -12.88 -30.35 3.38
C ASP E 361 -11.48 -30.73 3.85
N MET E 362 -10.71 -29.73 4.24
CA MET E 362 -9.37 -29.96 4.77
C MET E 362 -8.96 -28.74 5.59
N CYS E 363 -8.05 -28.97 6.53
CA CYS E 363 -7.55 -27.90 7.39
C CYS E 363 -6.05 -28.09 7.61
N VAL E 364 -5.40 -26.99 7.96
CA VAL E 364 -3.97 -26.96 8.24
C VAL E 364 -3.75 -26.94 9.75
N VAL E 365 -2.62 -27.50 10.18
CA VAL E 365 -2.33 -27.70 11.59
C VAL E 365 -0.84 -27.51 11.82
N ASP E 366 -0.49 -26.89 12.94
CA ASP E 366 0.91 -26.64 13.34
C ASP E 366 1.59 -25.69 12.36
N GLN E 370 5.99 -27.88 15.93
CA GLN E 370 4.92 -26.91 15.73
C GLN E 370 5.27 -25.89 14.66
N GLY E 371 6.57 -25.79 14.35
CA GLY E 371 7.05 -24.80 13.41
C GLY E 371 7.01 -25.20 11.95
N GLN E 372 5.91 -25.83 11.54
CA GLN E 372 5.68 -26.21 10.15
C GLN E 372 4.25 -26.69 10.02
N GLY E 373 3.66 -26.45 8.84
CA GLY E 373 2.27 -26.84 8.64
C GLY E 373 2.13 -28.30 8.28
N GLN E 374 0.96 -28.84 8.63
CA GLN E 374 0.55 -30.18 8.27
C GLN E 374 -0.88 -30.12 7.73
N LEU E 375 -1.27 -31.13 6.96
CA LEU E 375 -2.56 -31.08 6.28
C LEU E 375 -3.39 -32.30 6.63
N VAL E 376 -4.60 -32.06 7.12
CA VAL E 376 -5.55 -33.12 7.49
C VAL E 376 -6.82 -32.89 6.69
N THR E 377 -7.25 -33.90 5.94
CA THR E 377 -8.37 -33.78 5.03
C THR E 377 -9.50 -34.72 5.42
N CYS E 378 -10.71 -34.37 4.99
CA CYS E 378 -11.86 -35.28 5.00
C CYS E 378 -11.94 -35.91 3.61
N SER E 379 -11.46 -37.15 3.51
CA SER E 379 -11.37 -37.84 2.24
C SER E 379 -12.37 -38.98 2.15
N GLY E 380 -12.81 -39.27 0.93
CA GLY E 380 -13.67 -40.40 0.69
C GLY E 380 -15.13 -40.12 0.99
N ALA E 381 -15.94 -41.13 0.70
CA ALA E 381 -17.37 -41.09 0.97
C ALA E 381 -17.84 -42.51 1.29
N PHE E 382 -18.97 -42.59 1.97
CA PHE E 382 -19.62 -43.87 2.33
C PHE E 382 -18.64 -44.63 3.26
N LYS E 383 -18.56 -45.96 3.15
CA LYS E 383 -17.68 -46.74 4.00
C LYS E 383 -16.20 -46.43 3.78
N GLU E 384 -15.86 -45.80 2.65
CA GLU E 384 -14.50 -45.40 2.38
C GLU E 384 -14.11 -44.11 3.08
N GLY E 385 -15.01 -43.51 3.87
CA GLY E 385 -14.72 -42.29 4.59
C GLY E 385 -13.48 -42.40 5.45
N SER E 386 -12.64 -41.38 5.40
CA SER E 386 -11.34 -41.45 6.06
C SER E 386 -10.76 -40.06 6.22
N LEU E 387 -9.94 -39.89 7.25
CA LEU E 387 -9.08 -38.73 7.38
C LEU E 387 -7.69 -39.08 6.85
N ARG E 388 -7.03 -38.08 6.27
CA ARG E 388 -5.68 -38.26 5.75
C ARG E 388 -4.80 -37.17 6.32
N ILE E 389 -3.66 -37.56 6.87
CA ILE E 389 -2.70 -36.64 7.47
C ILE E 389 -1.51 -36.57 6.53
N ILE E 390 -1.27 -35.41 5.94
CA ILE E 390 -0.31 -35.24 4.88
C ILE E 390 0.79 -34.31 5.37
N ARG E 391 2.01 -34.83 5.46
CA ARG E 391 3.18 -34.07 5.91
C ARG E 391 4.25 -34.14 4.84
N ASN E 392 4.97 -33.03 4.67
CA ASN E 392 6.06 -32.94 3.70
C ASN E 392 7.37 -33.18 4.44
N GLY E 393 8.10 -34.21 4.03
CA GLY E 393 9.33 -34.55 4.71
C GLY E 393 9.95 -35.80 4.12
N ILE E 394 11.00 -36.27 4.79
CA ILE E 394 11.81 -37.39 4.32
C ILE E 394 11.42 -38.62 5.13
N GLY E 395 11.19 -39.74 4.42
CA GLY E 395 10.86 -40.99 5.08
C GLY E 395 12.10 -41.78 5.48
N ILE E 396 11.87 -42.77 6.33
CA ILE E 396 12.93 -43.65 6.84
C ILE E 396 12.38 -45.07 6.93
N HIS E 397 13.03 -46.00 6.24
CA HIS E 397 12.61 -47.40 6.23
C HIS E 397 13.26 -48.10 7.40
N GLU E 398 12.51 -48.27 8.48
CA GLU E 398 13.04 -48.93 9.67
C GLU E 398 13.40 -50.39 9.36
N HIS E 399 14.68 -50.72 9.48
CA HIS E 399 15.14 -52.08 9.27
C HIS E 399 15.17 -52.90 10.55
N ALA E 400 15.36 -52.24 11.70
CA ALA E 400 15.42 -52.93 12.98
C ALA E 400 15.21 -51.91 14.09
N SER E 401 14.40 -52.29 15.08
CA SER E 401 14.14 -51.46 16.25
C SER E 401 14.48 -52.26 17.50
N ILE E 402 15.21 -51.64 18.41
CA ILE E 402 15.68 -52.29 19.63
C ILE E 402 15.42 -51.36 20.80
N ASP E 403 14.63 -51.81 21.76
CA ASP E 403 14.46 -51.07 23.00
C ASP E 403 15.81 -50.95 23.70
N LEU E 404 16.25 -49.72 23.92
CA LEU E 404 17.60 -49.49 24.45
C LEU E 404 17.69 -48.07 24.98
N PRO E 405 17.32 -47.83 26.23
CA PRO E 405 17.26 -46.46 26.74
C PRO E 405 18.62 -45.96 27.19
N GLY E 406 18.72 -44.64 27.34
CA GLY E 406 19.89 -44.00 27.87
C GLY E 406 21.01 -43.75 26.90
N ILE E 407 20.83 -44.06 25.61
CA ILE E 407 21.89 -43.89 24.63
C ILE E 407 22.26 -42.41 24.55
N LYS E 408 23.51 -42.09 24.89
CA LYS E 408 24.02 -40.73 24.84
C LYS E 408 25.13 -40.56 23.82
N GLY E 409 25.36 -41.56 22.97
CA GLY E 409 26.37 -41.47 21.93
C GLY E 409 26.34 -42.65 20.99
N LEU E 410 26.78 -42.44 19.75
CA LEU E 410 26.68 -43.48 18.72
C LEU E 410 27.82 -43.31 17.73
N TRP E 411 28.59 -44.39 17.52
CA TRP E 411 29.71 -44.38 16.59
C TRP E 411 29.86 -45.72 15.89
N PRO E 412 30.09 -45.71 14.58
CA PRO E 412 30.36 -46.96 13.86
C PRO E 412 31.83 -47.32 13.92
N LEU E 413 32.09 -48.62 13.78
CA LEU E 413 33.43 -49.15 13.96
C LEU E 413 33.69 -50.28 12.99
N ARG E 414 34.89 -50.30 12.42
CA ARG E 414 35.34 -51.38 11.54
C ARG E 414 36.37 -52.20 12.32
N SER E 415 35.93 -53.33 12.85
CA SER E 415 36.77 -54.16 13.71
C SER E 415 37.79 -54.99 12.95
N ASP E 416 37.80 -54.94 11.62
CA ASP E 416 38.71 -55.79 10.85
C ASP E 416 38.89 -55.23 9.45
N PRO E 417 40.12 -54.85 9.07
CA PRO E 417 40.44 -54.44 7.71
C PRO E 417 40.79 -55.63 6.82
N GLU E 420 37.17 -51.77 4.74
CA GLU E 420 36.05 -52.49 4.14
C GLU E 420 34.71 -51.87 4.53
N THR E 421 33.94 -52.61 5.33
CA THR E 421 32.61 -52.22 5.74
C THR E 421 32.53 -52.21 7.27
N ASP E 422 31.74 -51.30 7.80
CA ASP E 422 31.52 -51.24 9.24
C ASP E 422 30.93 -52.55 9.74
N ASP E 423 31.33 -52.96 10.95
CA ASP E 423 30.82 -54.18 11.53
C ASP E 423 30.51 -54.07 13.02
N THR E 424 30.83 -52.95 13.66
CA THR E 424 30.70 -52.81 15.10
C THR E 424 30.12 -51.45 15.43
N LEU E 425 29.19 -51.41 16.37
CA LEU E 425 28.54 -50.18 16.81
C LEU E 425 28.86 -49.96 18.28
N VAL E 426 29.43 -48.81 18.60
CA VAL E 426 29.79 -48.46 19.97
C VAL E 426 28.77 -47.48 20.51
N LEU E 427 28.24 -47.78 21.71
CA LEU E 427 27.19 -46.99 22.33
C LEU E 427 27.73 -46.43 23.65
N SER E 428 27.68 -45.11 23.80
CA SER E 428 28.11 -44.46 25.03
C SER E 428 26.88 -44.09 25.85
N PHE E 429 26.83 -44.55 27.09
CA PHE E 429 25.77 -44.19 28.01
C PHE E 429 26.30 -43.18 29.02
N VAL E 430 25.48 -42.84 30.00
CA VAL E 430 25.89 -41.89 31.03
C VAL E 430 26.90 -42.57 31.95
N GLY E 431 28.15 -42.07 31.91
CA GLY E 431 29.20 -42.62 32.77
C GLY E 431 29.58 -44.04 32.46
N GLN E 432 29.44 -44.48 31.20
CA GLN E 432 29.77 -45.86 30.82
C GLN E 432 29.85 -45.91 29.30
N THR E 433 30.20 -47.09 28.80
CA THR E 433 30.29 -47.33 27.35
C THR E 433 30.19 -48.83 27.13
N ARG E 434 29.46 -49.21 26.08
CA ARG E 434 29.33 -50.60 25.68
C ARG E 434 29.56 -50.72 24.18
N VAL E 435 29.61 -51.95 23.69
CA VAL E 435 29.94 -52.24 22.30
C VAL E 435 28.99 -53.31 21.79
N LEU E 436 28.40 -53.08 20.61
CA LEU E 436 27.52 -54.04 19.96
C LEU E 436 28.21 -54.61 18.73
N MET E 437 27.96 -55.88 18.44
CA MET E 437 28.53 -56.57 17.30
C MET E 437 27.44 -56.91 16.30
N LEU E 438 27.78 -56.79 15.01
CA LEU E 438 26.81 -56.95 13.91
C LEU E 438 27.22 -58.17 13.08
N ASN E 439 26.57 -59.30 13.33
CA ASN E 439 26.72 -60.50 12.52
C ASN E 439 25.41 -60.68 11.76
N GLY E 440 25.37 -60.19 10.53
CA GLY E 440 24.12 -60.18 9.78
C GLY E 440 23.17 -59.15 10.35
N GLU E 441 21.89 -59.51 10.43
CA GLU E 441 20.87 -58.62 10.97
C GLU E 441 20.62 -58.83 12.46
N GLU E 442 21.38 -59.70 13.12
CA GLU E 442 21.19 -60.00 14.53
C GLU E 442 22.31 -59.32 15.32
N VAL E 443 21.93 -58.52 16.30
CA VAL E 443 22.87 -57.72 17.09
C VAL E 443 23.11 -58.39 18.42
N GLU E 444 24.37 -58.41 18.85
CA GLU E 444 24.78 -59.05 20.10
C GLU E 444 25.87 -58.22 20.76
N GLU E 445 25.91 -58.27 22.09
CA GLU E 445 26.92 -57.54 22.84
C GLU E 445 28.26 -58.24 22.73
N THR E 446 29.29 -57.49 22.34
CA THR E 446 30.66 -57.96 22.35
C THR E 446 31.52 -56.98 23.13
N GLU E 447 32.75 -57.38 23.41
CA GLU E 447 33.74 -56.52 24.04
C GLU E 447 34.87 -56.24 23.05
N LEU E 448 35.48 -55.07 23.20
CA LEU E 448 36.53 -54.62 22.30
C LEU E 448 37.79 -54.39 23.14
N MET E 449 38.74 -55.32 23.03
CA MET E 449 39.96 -55.25 23.84
C MET E 449 40.71 -53.96 23.53
N GLY E 450 41.11 -53.27 24.59
CA GLY E 450 41.72 -51.97 24.49
C GLY E 450 40.79 -50.82 24.78
N PHE E 451 39.49 -51.02 24.62
CA PHE E 451 38.49 -50.01 24.99
C PHE E 451 38.10 -50.16 26.45
N VAL E 452 37.95 -49.03 27.13
CA VAL E 452 37.55 -49.01 28.54
C VAL E 452 36.05 -48.80 28.61
N ASP E 453 35.37 -49.65 29.38
CA ASP E 453 33.91 -49.72 29.38
C ASP E 453 33.29 -49.20 30.67
N ASP E 454 34.01 -48.35 31.41
CA ASP E 454 33.49 -47.77 32.64
C ASP E 454 33.54 -46.25 32.61
N GLN E 455 33.72 -45.66 31.44
CA GLN E 455 33.74 -44.21 31.26
C GLN E 455 32.85 -43.83 30.09
N GLN E 456 32.34 -42.60 30.13
CA GLN E 456 31.52 -42.09 29.04
C GLN E 456 32.40 -41.74 27.86
N THR E 457 32.19 -42.42 26.73
CA THR E 457 32.98 -42.19 25.53
C THR E 457 32.45 -40.98 24.78
N PHE E 458 33.37 -40.07 24.40
CA PHE E 458 33.01 -38.88 23.65
C PHE E 458 33.24 -39.02 22.16
N PHE E 459 34.06 -39.98 21.74
CA PHE E 459 34.30 -40.28 20.34
C PHE E 459 35.06 -41.58 20.23
N CYS E 460 34.75 -42.34 19.19
CA CYS E 460 35.58 -43.47 18.79
C CYS E 460 35.37 -43.70 17.31
N GLY E 461 36.37 -44.32 16.68
CA GLY E 461 36.32 -44.54 15.24
C GLY E 461 37.63 -45.03 14.68
N ASN E 462 37.58 -45.58 13.47
CA ASN E 462 38.81 -46.00 12.80
C ASN E 462 39.66 -44.78 12.46
N VAL E 463 40.97 -44.94 12.59
CA VAL E 463 41.90 -43.86 12.31
C VAL E 463 43.02 -44.38 11.41
N ALA E 464 44.10 -43.62 11.29
CA ALA E 464 45.16 -43.95 10.37
C ALA E 464 46.06 -45.04 10.94
N HIS E 465 46.86 -45.63 10.05
CA HIS E 465 47.88 -46.61 10.42
C HIS E 465 47.28 -47.85 11.06
N GLN E 466 46.14 -48.30 10.54
CA GLN E 466 45.47 -49.52 10.98
C GLN E 466 45.22 -49.50 12.49
N GLN E 467 44.62 -48.41 12.96
CA GLN E 467 44.39 -48.23 14.39
C GLN E 467 42.95 -47.81 14.64
N LEU E 468 42.56 -47.89 15.91
CA LEU E 468 41.30 -47.39 16.43
C LEU E 468 41.60 -46.28 17.43
N ILE E 469 40.55 -45.74 18.05
CA ILE E 469 40.71 -44.69 19.03
C ILE E 469 39.45 -44.63 19.88
N GLN E 470 39.60 -44.13 21.11
CA GLN E 470 38.46 -43.91 22.00
C GLN E 470 38.80 -42.73 22.89
N ILE E 471 37.90 -41.75 22.94
CA ILE E 471 38.12 -40.54 23.71
C ILE E 471 37.08 -40.53 24.84
N THR E 472 37.50 -40.97 26.03
CA THR E 472 36.63 -40.98 27.19
C THR E 472 36.69 -39.62 27.87
N SER E 473 36.06 -39.51 29.05
CA SER E 473 36.12 -38.28 29.81
C SER E 473 37.50 -38.02 30.40
N ALA E 474 38.31 -39.07 30.59
CA ALA E 474 39.58 -38.93 31.28
C ALA E 474 40.79 -39.20 30.41
N SER E 475 40.67 -40.01 29.36
CA SER E 475 41.82 -40.42 28.56
C SER E 475 41.55 -40.20 27.08
N VAL E 476 42.58 -40.43 26.28
CA VAL E 476 42.48 -40.45 24.82
C VAL E 476 43.19 -41.71 24.34
N ARG E 477 42.49 -42.85 24.44
CA ARG E 477 43.13 -44.14 24.22
C ARG E 477 43.28 -44.43 22.73
N LEU E 478 44.42 -45.04 22.38
CA LEU E 478 44.73 -45.45 21.02
C LEU E 478 44.92 -46.96 21.01
N VAL E 479 44.12 -47.65 20.20
CA VAL E 479 44.11 -49.10 20.17
C VAL E 479 44.63 -49.57 18.82
N SER E 480 45.32 -50.72 18.83
CA SER E 480 45.73 -51.36 17.60
C SER E 480 44.61 -52.25 17.08
N GLN E 481 44.70 -52.60 15.80
CA GLN E 481 43.70 -53.47 15.18
C GLN E 481 44.19 -54.89 14.97
N GLU E 482 45.48 -55.09 14.65
CA GLU E 482 45.94 -56.44 14.33
C GLU E 482 45.91 -57.36 15.54
N PRO E 483 46.45 -56.99 16.72
CA PRO E 483 46.22 -57.83 17.91
C PRO E 483 45.08 -57.32 18.78
N LYS E 484 44.63 -56.09 18.51
CA LYS E 484 43.54 -55.45 19.24
C LYS E 484 43.86 -55.26 20.72
N ALA E 485 44.68 -54.27 21.04
CA ALA E 485 44.96 -53.90 22.42
C ALA E 485 45.52 -52.49 22.45
N LEU E 486 45.52 -51.91 23.65
CA LEU E 486 45.96 -50.53 23.81
C LEU E 486 47.43 -50.38 23.46
N VAL E 487 47.77 -49.28 22.78
CA VAL E 487 49.15 -49.01 22.39
C VAL E 487 49.66 -47.66 22.88
N SER E 488 48.79 -46.68 23.16
CA SER E 488 49.25 -45.39 23.68
C SER E 488 48.06 -44.65 24.27
N GLU E 489 48.19 -44.23 25.53
CA GLU E 489 47.15 -43.49 26.22
C GLU E 489 47.63 -42.07 26.51
N TRP E 490 46.72 -41.10 26.38
CA TRP E 490 47.01 -39.70 26.65
C TRP E 490 46.03 -39.16 27.69
N LYS E 491 46.55 -38.36 28.62
CA LYS E 491 45.74 -37.73 29.65
C LYS E 491 46.18 -36.28 29.80
N GLU E 492 45.48 -35.54 30.66
CA GLU E 492 45.86 -34.19 30.99
C GLU E 492 46.98 -34.21 32.03
N PRO E 493 47.91 -33.24 31.97
CA PRO E 493 49.01 -33.22 32.96
C PRO E 493 48.53 -33.26 34.40
N GLN E 494 47.48 -32.52 34.75
CA GLN E 494 46.88 -32.59 36.08
C GLN E 494 45.81 -33.67 36.19
N ALA E 495 45.73 -34.58 35.21
CA ALA E 495 44.80 -35.71 35.22
C ALA E 495 43.34 -35.24 35.30
N LYS E 496 43.06 -34.04 34.77
CA LYS E 496 41.71 -33.51 34.79
C LYS E 496 40.86 -34.17 33.69
N ASN E 497 39.56 -33.91 33.76
CA ASN E 497 38.60 -34.52 32.85
C ASN E 497 38.50 -33.74 31.55
N ILE E 498 38.24 -34.46 30.46
CA ILE E 498 38.02 -33.84 29.15
C ILE E 498 36.60 -33.33 29.07
N SER E 499 36.44 -32.09 28.60
CA SER E 499 35.11 -31.50 28.46
C SER E 499 34.52 -31.79 27.08
N VAL E 500 35.16 -31.29 26.03
CA VAL E 500 34.72 -31.50 24.66
C VAL E 500 35.91 -32.03 23.86
N ALA E 501 35.60 -32.90 22.89
CA ALA E 501 36.63 -33.50 22.07
C ALA E 501 36.14 -33.61 20.64
N SER E 502 37.10 -33.74 19.71
CA SER E 502 36.79 -33.95 18.31
C SER E 502 37.99 -34.59 17.64
N CYS E 503 37.72 -35.36 16.59
CA CYS E 503 38.77 -36.12 15.93
C CYS E 503 38.35 -36.41 14.50
N ASN E 504 39.34 -36.67 13.64
CA ASN E 504 39.10 -37.04 12.25
C ASN E 504 39.66 -38.45 12.05
N SER E 505 40.68 -38.63 11.22
CA SER E 505 41.36 -39.91 11.06
C SER E 505 42.84 -39.84 11.43
N SER E 506 43.40 -38.65 11.60
CA SER E 506 44.81 -38.43 11.90
C SER E 506 45.07 -37.43 13.00
N GLN E 507 44.25 -36.39 13.14
CA GLN E 507 44.42 -35.37 14.15
C GLN E 507 43.36 -35.51 15.23
N VAL E 508 43.68 -35.08 16.44
CA VAL E 508 42.75 -35.08 17.57
C VAL E 508 42.92 -33.76 18.31
N VAL E 509 41.81 -33.08 18.57
CA VAL E 509 41.81 -31.83 19.33
C VAL E 509 40.81 -31.98 20.46
N VAL E 510 41.30 -32.18 21.67
CA VAL E 510 40.47 -32.20 22.86
C VAL E 510 40.62 -30.86 23.58
N ALA E 511 39.83 -30.66 24.62
CA ALA E 511 39.87 -29.41 25.36
C ALA E 511 39.46 -29.65 26.81
N VAL E 512 40.04 -28.84 27.71
CA VAL E 512 39.75 -28.92 29.13
C VAL E 512 39.48 -27.50 29.63
N GLY E 513 38.26 -27.25 30.08
CA GLY E 513 37.85 -25.93 30.54
C GLY E 513 38.07 -24.85 29.50
N ARG E 514 39.05 -23.97 29.74
CA ARG E 514 39.40 -22.91 28.81
C ARG E 514 40.64 -23.24 27.99
N ALA E 515 41.24 -24.40 28.20
CA ALA E 515 42.45 -24.80 27.49
C ALA E 515 42.12 -25.96 26.56
N LEU E 516 42.76 -25.97 25.39
CA LEU E 516 42.55 -27.00 24.39
C LEU E 516 43.90 -27.50 23.88
N TYR E 517 43.97 -28.79 23.58
CA TYR E 517 45.21 -29.45 23.18
C TYR E 517 45.08 -30.02 21.78
N TYR E 518 46.22 -30.17 21.11
CA TYR E 518 46.30 -30.69 19.75
C TYR E 518 47.11 -31.97 19.78
N LEU E 519 46.52 -33.06 19.28
CA LEU E 519 47.18 -34.36 19.21
C LEU E 519 47.27 -34.81 17.76
N GLN E 520 48.29 -35.60 17.48
CA GLN E 520 48.45 -36.26 16.18
C GLN E 520 48.48 -37.76 16.37
N ILE E 521 48.01 -38.49 15.37
CA ILE E 521 47.91 -39.94 15.43
C ILE E 521 49.03 -40.50 14.57
N HIS E 522 50.08 -40.99 15.22
CA HIS E 522 51.18 -41.71 14.60
C HIS E 522 51.09 -43.18 14.99
N PRO E 523 51.83 -44.04 14.31
CA PRO E 523 51.85 -45.46 14.71
C PRO E 523 52.28 -45.62 16.17
N GLN E 524 51.41 -46.24 16.95
CA GLN E 524 51.64 -46.55 18.37
C GLN E 524 51.93 -45.32 19.22
N GLU E 525 51.51 -44.13 18.79
CA GLU E 525 51.85 -42.92 19.52
C GLU E 525 50.84 -41.82 19.23
N LEU E 526 50.63 -40.95 20.22
CA LEU E 526 49.90 -39.70 20.05
C LEU E 526 50.82 -38.56 20.49
N ARG E 527 51.29 -37.77 19.52
CA ARG E 527 52.28 -36.73 19.77
C ARG E 527 51.56 -35.42 20.08
N GLN E 528 51.54 -35.05 21.37
CA GLN E 528 51.00 -33.75 21.77
C GLN E 528 51.82 -32.62 21.14
N ILE E 529 51.13 -31.54 20.80
CA ILE E 529 51.78 -30.43 20.09
C ILE E 529 51.55 -29.12 20.81
N SER E 530 50.34 -28.57 20.69
CA SER E 530 50.05 -27.24 21.21
C SER E 530 48.97 -27.30 22.27
N HIS E 531 48.91 -26.23 23.07
CA HIS E 531 47.96 -26.15 24.18
C HIS E 531 47.63 -24.70 24.53
N THR E 532 46.98 -24.00 23.62
CA THR E 532 46.60 -22.61 23.83
C THR E 532 45.45 -22.49 24.83
N GLU E 533 45.44 -21.37 25.56
CA GLU E 533 44.36 -21.02 26.44
C GLU E 533 43.35 -20.16 25.69
N MET E 534 42.07 -20.34 26.00
CA MET E 534 41.00 -19.62 25.34
C MET E 534 40.33 -18.65 26.31
N GLU E 535 39.66 -17.64 25.74
CA GLU E 535 39.08 -16.58 26.56
C GLU E 535 38.11 -17.15 27.59
N HIS E 536 37.16 -17.97 27.15
CA HIS E 536 36.21 -18.61 28.04
C HIS E 536 36.14 -20.09 27.69
N GLU E 537 35.47 -20.86 28.55
CA GLU E 537 35.44 -22.31 28.36
C GLU E 537 34.78 -22.66 27.02
N VAL E 538 35.26 -23.74 26.43
CA VAL E 538 34.85 -24.18 25.10
C VAL E 538 33.59 -25.01 25.17
N ALA E 539 32.79 -24.95 24.09
CA ALA E 539 31.52 -25.64 23.99
C ALA E 539 31.50 -26.75 22.94
N CYS E 540 32.13 -26.54 21.78
CA CYS E 540 32.07 -27.53 20.71
C CYS E 540 33.24 -27.30 19.75
N LEU E 541 33.68 -28.39 19.12
CA LEU E 541 34.80 -28.37 18.19
C LEU E 541 34.53 -29.25 16.99
N ASP E 542 35.23 -28.97 15.90
CA ASP E 542 35.17 -29.78 14.69
C ASP E 542 36.50 -29.66 13.96
N ILE E 543 36.93 -30.77 13.35
CA ILE E 543 38.24 -30.83 12.73
C ILE E 543 38.15 -31.48 11.35
N THR E 544 36.94 -31.55 10.81
CA THR E 544 36.71 -32.23 9.54
C THR E 544 37.57 -31.60 8.43
N PRO E 545 38.23 -32.40 7.61
CA PRO E 545 39.10 -31.85 6.57
C PRO E 545 38.32 -31.33 5.37
N LEU E 546 38.89 -30.32 4.72
CA LEU E 546 38.32 -29.76 3.50
C LEU E 546 39.43 -29.30 2.54
N ASN E 550 42.52 -34.21 0.82
CA ASN E 550 43.45 -33.85 1.88
C ASN E 550 43.29 -34.77 3.09
N GLY E 551 44.38 -35.46 3.45
CA GLY E 551 44.33 -36.36 4.60
C GLY E 551 44.07 -35.63 5.90
N LEU E 552 44.89 -34.61 6.18
CA LEU E 552 44.79 -33.85 7.42
C LEU E 552 44.26 -32.46 7.12
N SER E 553 43.62 -31.85 8.15
CA SER E 553 43.00 -30.54 8.01
C SER E 553 43.87 -29.47 8.65
N PRO E 554 43.86 -28.24 8.10
CA PRO E 554 44.59 -27.13 8.74
C PRO E 554 43.71 -26.14 9.51
N LEU E 555 42.42 -26.44 9.70
CA LEU E 555 41.51 -25.52 10.37
C LEU E 555 40.86 -26.19 11.57
N CYS E 556 40.35 -25.36 12.48
CA CYS E 556 39.71 -25.86 13.70
C CYS E 556 38.66 -24.84 14.13
N ALA E 557 37.38 -25.23 14.06
CA ALA E 557 36.28 -24.34 14.40
C ALA E 557 35.91 -24.47 15.86
N ILE E 558 35.69 -23.33 16.51
CA ILE E 558 35.48 -23.26 17.96
C ILE E 558 34.18 -22.53 18.26
N GLY E 559 33.59 -22.86 19.41
CA GLY E 559 32.51 -22.10 19.99
C GLY E 559 32.75 -21.92 21.47
N LEU E 560 32.54 -20.72 22.01
CA LEU E 560 32.95 -20.41 23.38
C LEU E 560 31.75 -19.98 24.21
N TRP E 561 31.82 -20.28 25.50
CA TRP E 561 30.81 -19.86 26.46
C TRP E 561 30.83 -18.34 26.64
N THR E 562 29.75 -17.83 27.23
CA THR E 562 29.61 -16.42 27.57
C THR E 562 29.74 -15.51 26.35
N ASP E 563 30.93 -15.51 25.73
CA ASP E 563 31.12 -14.74 24.50
C ASP E 563 30.17 -15.21 23.41
N ILE E 564 29.95 -16.52 23.30
CA ILE E 564 29.07 -17.11 22.30
C ILE E 564 29.58 -16.68 20.93
N SER E 565 30.89 -16.73 20.77
CA SER E 565 31.55 -16.35 19.53
C SER E 565 32.06 -17.60 18.85
N ALA E 566 31.61 -17.84 17.62
CA ALA E 566 32.18 -18.90 16.80
C ALA E 566 33.49 -18.41 16.20
N ARG E 567 34.54 -19.21 16.33
CA ARG E 567 35.88 -18.80 15.95
C ARG E 567 36.53 -19.91 15.13
N ILE E 568 37.33 -19.49 14.14
CA ILE E 568 38.08 -20.41 13.29
C ILE E 568 39.55 -20.19 13.55
N LEU E 569 40.25 -21.24 13.98
CA LEU E 569 41.67 -21.18 14.25
C LEU E 569 42.42 -22.02 13.22
N LYS E 570 43.68 -21.67 13.02
CA LYS E 570 44.53 -22.37 12.05
C LYS E 570 45.50 -23.30 12.78
N LEU E 571 45.70 -24.48 12.22
CA LEU E 571 46.57 -25.52 12.78
C LEU E 571 47.98 -25.41 12.20
N PRO E 572 49.02 -25.67 13.00
CA PRO E 572 48.93 -25.94 14.44
C PRO E 572 49.19 -24.70 15.30
N SER E 573 49.22 -23.53 14.66
CA SER E 573 49.58 -22.31 15.38
C SER E 573 48.49 -21.89 16.37
N PHE E 574 47.23 -22.22 16.08
CA PHE E 574 46.08 -21.77 16.86
C PHE E 574 45.91 -20.26 16.83
N GLU E 575 46.46 -19.60 15.81
CA GLU E 575 46.24 -18.17 15.63
C GLU E 575 44.79 -17.92 15.23
N LEU E 576 44.14 -16.98 15.93
CA LEU E 576 42.76 -16.65 15.64
C LEU E 576 42.63 -16.11 14.21
N LEU E 577 42.25 -16.98 13.27
CA LEU E 577 42.11 -16.56 11.89
C LEU E 577 40.82 -15.78 11.66
N HIS E 578 39.77 -16.07 12.43
CA HIS E 578 38.51 -15.35 12.29
C HIS E 578 37.66 -15.60 13.53
N LYS E 579 37.15 -14.52 14.12
CA LYS E 579 36.19 -14.58 15.22
C LYS E 579 34.88 -13.97 14.74
N GLU E 580 33.77 -14.67 14.99
CA GLU E 580 32.45 -14.20 14.63
C GLU E 580 31.56 -14.28 15.86
N MET E 581 31.04 -13.15 16.30
CA MET E 581 30.22 -13.07 17.49
C MET E 581 28.75 -13.24 17.12
N LEU E 582 28.11 -14.26 17.70
CA LEU E 582 26.71 -14.57 17.43
C LEU E 582 25.84 -13.95 18.52
N GLY E 583 24.86 -13.16 18.10
CA GLY E 583 23.98 -12.52 19.06
C GLY E 583 23.25 -13.55 19.91
N GLY E 584 22.91 -13.13 21.12
CA GLY E 584 22.15 -13.97 22.03
C GLY E 584 22.92 -14.26 23.31
N GLU E 585 22.20 -14.91 24.23
CA GLU E 585 22.74 -15.33 25.52
C GLU E 585 22.91 -16.84 25.65
N ILE E 586 22.40 -17.63 24.73
CA ILE E 586 22.45 -19.08 24.85
C ILE E 586 23.66 -19.60 24.08
N ILE E 587 24.38 -20.54 24.70
CA ILE E 587 25.65 -21.06 24.22
C ILE E 587 25.47 -21.97 23.02
N PRO E 588 26.48 -22.10 22.16
CA PRO E 588 26.42 -23.11 21.09
C PRO E 588 26.49 -24.51 21.65
N ARG E 589 25.91 -25.45 20.93
CA ARG E 589 25.86 -26.85 21.33
C ARG E 589 26.57 -27.79 20.38
N SER E 590 26.67 -27.43 19.10
CA SER E 590 27.34 -28.28 18.12
C SER E 590 27.78 -27.40 16.95
N ILE E 591 28.98 -27.68 16.43
CA ILE E 591 29.53 -26.95 15.30
C ILE E 591 30.09 -27.97 14.32
N LEU E 592 30.13 -27.59 13.05
CA LEU E 592 30.55 -28.53 12.01
C LEU E 592 30.96 -27.75 10.76
N MET E 593 32.04 -28.20 10.14
CA MET E 593 32.47 -27.70 8.83
C MET E 593 32.31 -28.82 7.82
N THR E 594 31.45 -28.60 6.82
CA THR E 594 31.28 -29.57 5.75
C THR E 594 31.33 -28.86 4.40
N THR E 595 31.04 -29.59 3.32
CA THR E 595 31.03 -29.00 1.99
C THR E 595 29.86 -29.55 1.19
N PHE E 596 29.19 -28.67 0.47
CA PHE E 596 28.02 -29.00 -0.33
C PHE E 596 28.25 -28.56 -1.77
N GLU E 597 28.05 -29.50 -2.71
CA GLU E 597 28.14 -29.20 -4.15
C GLU E 597 29.43 -28.45 -4.48
N SER E 598 30.53 -28.88 -3.88
CA SER E 598 31.84 -28.27 -4.03
C SER E 598 31.91 -26.85 -3.49
N SER E 599 30.94 -26.45 -2.67
CA SER E 599 30.96 -25.17 -1.97
C SER E 599 31.13 -25.43 -0.48
N HIS E 600 31.95 -24.61 0.17
CA HIS E 600 32.42 -24.87 1.53
C HIS E 600 31.68 -23.97 2.51
N TYR E 601 30.85 -24.57 3.34
CA TYR E 601 30.09 -23.88 4.38
C TYR E 601 30.60 -24.27 5.76
N LEU E 602 30.41 -23.38 6.72
CA LEU E 602 30.57 -23.69 8.13
C LEU E 602 29.22 -23.58 8.82
N LEU E 603 28.85 -24.59 9.58
CA LEU E 603 27.58 -24.61 10.30
C LEU E 603 27.83 -24.56 11.80
N CYS E 604 26.87 -24.01 12.53
CA CYS E 604 26.95 -23.95 13.98
C CYS E 604 25.55 -23.81 14.55
N ALA E 605 25.21 -24.66 15.50
CA ALA E 605 23.89 -24.67 16.12
C ALA E 605 23.99 -24.16 17.55
N LEU E 606 22.87 -23.64 18.04
CA LEU E 606 22.79 -23.09 19.38
C LEU E 606 21.91 -23.98 20.26
N GLY E 607 22.04 -23.79 21.58
CA GLY E 607 21.26 -24.56 22.52
C GLY E 607 19.77 -24.31 22.45
N ASP E 608 19.36 -23.20 21.84
CA ASP E 608 17.95 -22.88 21.66
C ASP E 608 17.41 -23.40 20.32
N GLY E 609 18.24 -24.05 19.52
CA GLY E 609 17.81 -24.59 18.24
C GLY E 609 18.06 -23.68 17.06
N ALA E 610 18.62 -22.50 17.27
CA ALA E 610 19.02 -21.65 16.15
C ALA E 610 20.21 -22.26 15.42
N LEU E 611 20.21 -22.13 14.10
CA LEU E 611 21.25 -22.73 13.26
C LEU E 611 21.83 -21.66 12.36
N PHE E 612 23.11 -21.36 12.54
CA PHE E 612 23.83 -20.41 11.71
C PHE E 612 24.66 -21.19 10.69
N TYR E 613 24.68 -20.71 9.45
CA TYR E 613 25.53 -21.31 8.44
C TYR E 613 26.21 -20.21 7.63
N PHE E 614 27.53 -20.31 7.50
CA PHE E 614 28.39 -19.28 6.93
C PHE E 614 28.96 -19.76 5.60
N GLY E 615 29.77 -18.90 4.99
CA GLY E 615 30.55 -19.26 3.82
C GLY E 615 32.03 -19.25 4.17
N LEU E 616 32.71 -20.34 3.82
CA LEU E 616 34.07 -20.58 4.28
C LEU E 616 35.07 -20.44 3.14
N ASN E 617 36.12 -19.67 3.39
CA ASN E 617 37.31 -19.63 2.54
C ASN E 617 38.41 -20.39 3.27
N ILE E 618 38.74 -21.58 2.77
CA ILE E 618 39.68 -22.46 3.48
C ILE E 618 41.02 -21.78 3.64
N GLU E 619 41.59 -21.27 2.54
CA GLU E 619 42.89 -20.63 2.61
C GLU E 619 42.85 -19.35 3.45
N THR E 620 41.74 -18.62 3.39
CA THR E 620 41.63 -17.33 4.07
C THR E 620 41.03 -17.45 5.46
N GLY E 621 40.25 -18.49 5.74
CA GLY E 621 39.55 -18.57 7.01
C GLY E 621 38.42 -17.59 7.16
N LEU E 622 37.96 -16.99 6.06
CA LEU E 622 36.90 -15.99 6.12
C LEU E 622 35.54 -16.67 6.21
N LEU E 623 34.78 -16.29 7.24
CA LEU E 623 33.40 -16.74 7.40
C LEU E 623 32.49 -15.58 6.99
N SER E 624 31.81 -15.75 5.87
CA SER E 624 31.02 -14.69 5.25
C SER E 624 29.69 -15.27 4.80
N ASP E 625 28.85 -14.42 4.22
CA ASP E 625 27.54 -14.81 3.72
C ASP E 625 26.69 -15.44 4.83
N ARG E 626 26.61 -14.74 5.96
CA ARG E 626 25.92 -15.26 7.12
C ARG E 626 24.43 -15.42 6.85
N LYS E 627 23.85 -16.49 7.37
CA LYS E 627 22.42 -16.73 7.31
C LYS E 627 22.02 -17.56 8.52
N LYS E 628 20.83 -17.28 9.06
CA LYS E 628 20.38 -17.93 10.29
C LYS E 628 18.98 -18.49 10.09
N VAL E 629 18.73 -19.65 10.69
CA VAL E 629 17.41 -20.26 10.68
C VAL E 629 17.21 -21.04 11.97
N THR E 630 15.99 -21.04 12.48
CA THR E 630 15.64 -21.75 13.70
C THR E 630 14.99 -23.08 13.34
N LEU E 631 15.31 -24.12 14.11
CA LEU E 631 14.85 -25.48 13.80
C LEU E 631 14.00 -26.11 14.90
N GLY E 632 14.16 -25.72 16.15
CA GLY E 632 13.41 -26.33 17.23
C GLY E 632 13.82 -25.74 18.56
N THR E 633 13.02 -26.06 19.59
CA THR E 633 13.29 -25.52 20.91
C THR E 633 14.45 -26.24 21.60
N GLN E 634 14.58 -27.54 21.37
CA GLN E 634 15.61 -28.32 22.03
C GLN E 634 16.97 -28.11 21.36
N PRO E 635 18.06 -28.39 22.05
CA PRO E 635 19.39 -28.24 21.44
C PRO E 635 19.57 -29.16 20.23
N THR E 636 20.46 -28.75 19.35
CA THR E 636 20.70 -29.44 18.08
C THR E 636 22.11 -30.05 18.09
N VAL E 637 22.24 -31.17 17.38
CA VAL E 637 23.52 -31.85 17.22
C VAL E 637 23.75 -32.08 15.73
N LEU E 638 24.93 -31.69 15.26
CA LEU E 638 25.24 -31.72 13.84
C LEU E 638 26.11 -32.92 13.52
N ARG E 639 25.67 -33.73 12.54
CA ARG E 639 26.39 -34.93 12.12
C ARG E 639 26.42 -34.98 10.60
N THR E 640 27.52 -35.49 10.06
CA THR E 640 27.68 -35.64 8.62
C THR E 640 27.45 -37.08 8.22
N PHE E 641 26.80 -37.28 7.07
CA PHE E 641 26.62 -38.61 6.51
C PHE E 641 26.51 -38.48 4.99
N ARG E 642 26.65 -39.62 4.32
CA ARG E 642 26.66 -39.67 2.87
C ARG E 642 25.43 -40.43 2.36
N SER E 643 24.80 -39.89 1.32
CA SER E 643 23.70 -40.54 0.65
C SER E 643 23.69 -40.08 -0.80
N LEU E 644 23.48 -41.02 -1.72
CA LEU E 644 23.54 -40.76 -3.16
C LEU E 644 24.87 -40.15 -3.55
N SER E 645 25.95 -40.72 -3.01
CA SER E 645 27.34 -40.36 -3.33
C SER E 645 27.67 -38.90 -3.03
N THR E 646 26.84 -38.21 -2.27
CA THR E 646 27.12 -36.84 -1.83
C THR E 646 26.88 -36.74 -0.33
N THR E 647 27.54 -35.76 0.29
CA THR E 647 27.52 -35.59 1.73
C THR E 647 26.36 -34.69 2.14
N ASN E 648 25.43 -35.24 2.91
CA ASN E 648 24.36 -34.46 3.52
C ASN E 648 24.78 -34.09 4.94
N VAL E 649 23.87 -33.47 5.70
CA VAL E 649 24.10 -33.15 7.10
C VAL E 649 22.83 -33.44 7.87
N PHE E 650 22.90 -34.36 8.83
CA PHE E 650 21.77 -34.69 9.68
C PHE E 650 21.87 -33.86 10.96
N ALA E 651 20.82 -33.11 11.26
CA ALA E 651 20.77 -32.26 12.45
C ALA E 651 19.80 -32.89 13.45
N CYS E 652 20.35 -33.61 14.42
CA CYS E 652 19.53 -34.27 15.43
C CYS E 652 19.01 -33.26 16.45
N SER E 653 17.72 -33.38 16.77
CA SER E 653 17.08 -32.52 17.76
C SER E 653 15.69 -33.07 18.06
N ASP E 654 14.79 -32.20 18.53
CA ASP E 654 13.39 -32.61 18.68
C ASP E 654 12.67 -32.63 17.34
N ARG E 655 13.03 -31.73 16.43
CA ARG E 655 12.55 -31.73 15.06
C ARG E 655 13.71 -32.07 14.13
N PRO E 656 13.98 -33.36 13.89
CA PRO E 656 15.14 -33.73 13.06
C PRO E 656 15.03 -33.15 11.66
N THR E 657 16.19 -32.77 11.10
CA THR E 657 16.25 -32.04 9.84
C THR E 657 17.44 -32.52 9.03
N VAL E 658 17.21 -32.84 7.76
CA VAL E 658 18.26 -33.23 6.84
C VAL E 658 18.62 -32.03 5.96
N ILE E 659 19.90 -31.68 5.94
CA ILE E 659 20.39 -30.55 5.16
C ILE E 659 21.11 -31.08 3.92
N TYR E 660 20.63 -30.68 2.74
CA TYR E 660 21.35 -30.94 1.50
C TYR E 660 21.30 -29.67 0.66
N SER E 661 22.10 -29.64 -0.41
CA SER E 661 22.24 -28.47 -1.27
C SER E 661 21.94 -28.87 -2.71
N SER E 662 20.71 -28.63 -3.13
CA SER E 662 20.32 -28.80 -4.52
C SER E 662 20.43 -27.46 -5.23
N ASN E 663 21.24 -27.41 -6.30
CA ASN E 663 21.38 -26.21 -7.13
C ASN E 663 21.96 -25.04 -6.33
N HIS E 664 22.86 -25.34 -5.40
CA HIS E 664 23.55 -24.33 -4.59
C HIS E 664 22.57 -23.55 -3.72
N LYS E 665 21.53 -24.23 -3.23
CA LYS E 665 20.54 -23.61 -2.36
C LYS E 665 20.19 -24.63 -1.28
N LEU E 666 20.64 -24.35 -0.05
CA LEU E 666 20.43 -25.26 1.06
C LEU E 666 18.96 -25.51 1.30
N VAL E 667 18.60 -26.78 1.43
CA VAL E 667 17.21 -27.20 1.61
C VAL E 667 17.11 -27.91 2.94
N PHE E 668 16.48 -27.27 3.92
CA PHE E 668 16.27 -27.85 5.23
C PHE E 668 14.97 -28.64 5.21
N SER E 669 15.07 -29.96 5.24
CA SER E 669 13.93 -30.84 5.06
C SER E 669 13.72 -31.62 6.36
N ASN E 670 12.55 -31.43 6.97
CA ASN E 670 12.19 -32.19 8.15
C ASN E 670 12.18 -33.68 7.83
N VAL E 671 12.40 -34.49 8.86
CA VAL E 671 12.47 -35.94 8.74
C VAL E 671 11.25 -36.53 9.42
N ASN E 672 10.53 -37.40 8.70
CA ASN E 672 9.29 -37.96 9.20
C ASN E 672 9.54 -38.92 10.35
N LEU E 673 10.05 -38.40 11.46
CA LEU E 673 10.32 -39.17 12.67
C LEU E 673 9.97 -38.32 13.88
N LYS E 674 9.68 -38.99 14.99
CA LYS E 674 9.30 -38.29 16.21
C LYS E 674 10.47 -37.46 16.75
N GLU E 675 11.46 -38.14 17.31
CA GLU E 675 12.62 -37.44 17.85
C GLU E 675 13.85 -38.32 17.66
N VAL E 676 14.99 -37.66 17.42
CA VAL E 676 16.27 -38.34 17.22
C VAL E 676 17.33 -37.50 17.93
N ASN E 677 18.01 -38.10 18.91
CA ASN E 677 19.00 -37.38 19.69
C ASN E 677 20.41 -37.53 19.12
N TYR E 678 20.78 -38.74 18.71
CA TYR E 678 22.10 -39.03 18.20
C TYR E 678 21.98 -39.96 17.01
N MET E 679 22.95 -39.87 16.10
CA MET E 679 22.95 -40.69 14.89
C MET E 679 24.37 -40.91 14.43
N CYS E 680 24.52 -41.88 13.53
CA CYS E 680 25.78 -42.16 12.86
C CYS E 680 25.49 -43.00 11.62
N PRO E 681 26.21 -42.80 10.52
CA PRO E 681 25.98 -43.65 9.34
C PRO E 681 26.58 -45.04 9.55
N LEU E 682 25.76 -46.06 9.31
CA LEU E 682 26.18 -47.44 9.47
C LEU E 682 26.17 -48.13 8.11
N ASN E 683 27.20 -48.93 7.85
CA ASN E 683 27.36 -49.63 6.58
C ASN E 683 27.90 -51.02 6.89
N SER E 684 27.00 -51.95 7.17
CA SER E 684 27.35 -53.30 7.59
C SER E 684 27.02 -54.30 6.48
N ASP E 685 27.31 -55.57 6.77
CA ASP E 685 26.97 -56.64 5.83
C ASP E 685 25.48 -56.93 5.79
N GLY E 686 24.72 -56.44 6.76
CA GLY E 686 23.29 -56.66 6.80
C GLY E 686 22.47 -55.39 6.66
N TYR E 687 23.10 -54.24 6.89
CA TYR E 687 22.44 -52.94 6.79
C TYR E 687 23.33 -52.01 5.97
N PRO E 688 23.35 -52.17 4.65
CA PRO E 688 24.26 -51.38 3.82
C PRO E 688 23.76 -49.97 3.60
N ASP E 689 24.71 -49.02 3.61
CA ASP E 689 24.45 -47.61 3.33
C ASP E 689 23.26 -47.08 4.14
N SER E 690 23.13 -47.57 5.37
CA SER E 690 21.99 -47.26 6.21
C SER E 690 22.36 -46.24 7.28
N LEU E 691 21.43 -45.98 8.19
CA LEU E 691 21.60 -45.04 9.27
C LEU E 691 21.20 -45.70 10.59
N ALA E 692 21.85 -45.26 11.67
CA ALA E 692 21.55 -45.75 13.01
C ALA E 692 21.03 -44.58 13.84
N LEU E 693 19.76 -44.64 14.21
CA LEU E 693 19.11 -43.60 14.99
C LEU E 693 18.93 -44.07 16.43
N ALA E 694 18.92 -43.12 17.36
CA ALA E 694 18.76 -43.44 18.77
C ALA E 694 18.18 -42.24 19.49
N ASN E 695 17.11 -42.48 20.26
CA ASN E 695 16.52 -41.44 21.10
C ASN E 695 16.57 -41.86 22.56
N ASN E 696 15.58 -41.44 23.35
CA ASN E 696 15.58 -41.70 24.78
C ASN E 696 15.34 -43.17 25.13
N SER E 697 14.91 -44.00 24.18
CA SER E 697 14.50 -45.34 24.56
C SER E 697 14.59 -46.37 23.42
N THR E 698 14.95 -45.93 22.22
CA THR E 698 14.91 -46.82 21.07
C THR E 698 16.14 -46.63 20.19
N LEU E 699 16.73 -47.75 19.77
CA LEU E 699 17.75 -47.77 18.73
C LEU E 699 17.10 -48.25 17.44
N THR E 700 17.08 -47.37 16.43
CA THR E 700 16.47 -47.66 15.14
C THR E 700 17.54 -47.63 14.07
N ILE E 701 17.53 -48.63 13.19
CA ILE E 701 18.49 -48.75 12.10
C ILE E 701 17.69 -48.92 10.81
N GLY E 702 18.06 -48.15 9.78
CA GLY E 702 17.36 -48.27 8.51
C GLY E 702 17.91 -47.29 7.50
N THR E 703 17.46 -47.47 6.26
CA THR E 703 17.85 -46.62 5.14
C THR E 703 16.91 -45.41 5.05
N ILE E 704 17.35 -44.42 4.26
CA ILE E 704 16.66 -43.13 4.17
C ILE E 704 16.43 -42.81 2.70
N ASP E 705 15.24 -42.28 2.40
CA ASP E 705 14.91 -41.89 1.04
C ASP E 705 15.80 -40.73 0.58
N GLU E 706 15.83 -40.52 -0.74
CA GLU E 706 16.75 -39.56 -1.34
C GLU E 706 16.17 -38.15 -1.41
N ILE E 707 14.86 -38.02 -1.66
CA ILE E 707 14.22 -36.72 -1.75
C ILE E 707 12.91 -36.76 -0.98
N GLN E 708 12.52 -35.60 -0.44
CA GLN E 708 11.32 -35.52 0.37
C GLN E 708 10.08 -35.53 -0.51
N LYS E 709 9.14 -36.43 -0.19
CA LYS E 709 7.84 -36.45 -0.86
C LYS E 709 6.75 -36.14 0.16
N LEU E 710 5.52 -36.54 -0.17
CA LEU E 710 4.38 -36.36 0.74
C LEU E 710 4.02 -37.72 1.34
N HIS E 711 3.93 -37.77 2.66
CA HIS E 711 3.57 -38.98 3.38
C HIS E 711 2.15 -38.85 3.89
N ILE E 712 1.37 -39.93 3.79
CA ILE E 712 -0.07 -39.90 4.00
C ILE E 712 -0.45 -40.98 5.00
N ARG E 713 -1.08 -40.57 6.10
CA ARG E 713 -1.58 -41.50 7.11
C ARG E 713 -3.10 -41.58 6.98
N THR E 714 -3.62 -42.79 6.80
CA THR E 714 -5.04 -43.01 6.60
C THR E 714 -5.70 -43.39 7.93
N VAL E 715 -6.74 -42.65 8.30
CA VAL E 715 -7.53 -42.94 9.48
C VAL E 715 -8.95 -43.26 9.02
N PRO E 716 -9.29 -44.54 8.85
CA PRO E 716 -10.61 -44.88 8.33
C PRO E 716 -11.70 -44.61 9.34
N LEU E 717 -12.83 -44.09 8.84
CA LEU E 717 -14.01 -43.84 9.66
C LEU E 717 -15.19 -44.74 9.31
N TYR E 718 -15.19 -45.35 8.13
CA TYR E 718 -16.25 -46.25 7.66
C TYR E 718 -17.59 -45.52 7.53
N GLU E 719 -17.55 -44.20 7.43
CA GLU E 719 -18.72 -43.37 7.19
C GLU E 719 -18.27 -42.08 6.53
N SER E 720 -19.19 -41.45 5.82
CA SER E 720 -18.85 -40.26 5.03
C SER E 720 -18.48 -39.10 5.94
N PRO E 721 -17.28 -38.53 5.80
CA PRO E 721 -16.96 -37.27 6.50
C PRO E 721 -17.39 -36.06 5.70
N ARG E 722 -17.56 -34.94 6.41
CA ARG E 722 -18.12 -33.76 5.79
C ARG E 722 -17.33 -32.48 6.07
N LYS E 723 -17.02 -32.22 7.35
CA LYS E 723 -16.31 -31.01 7.72
C LYS E 723 -15.27 -31.33 8.79
N ILE E 724 -14.41 -30.36 9.07
CA ILE E 724 -13.28 -30.57 9.98
C ILE E 724 -12.77 -29.22 10.44
N CYS E 725 -12.38 -29.14 11.71
CA CYS E 725 -11.68 -27.98 12.25
C CYS E 725 -10.75 -28.45 13.36
N TYR E 726 -9.79 -27.60 13.70
CA TYR E 726 -8.76 -27.93 14.68
C TYR E 726 -8.88 -26.99 15.88
N GLN E 727 -9.10 -27.57 17.05
CA GLN E 727 -9.09 -26.84 18.31
C GLN E 727 -7.78 -27.15 19.01
N GLU E 728 -6.87 -26.18 19.04
CA GLU E 728 -5.53 -26.43 19.55
C GLU E 728 -5.52 -26.59 21.07
N VAL E 729 -6.37 -25.82 21.76
CA VAL E 729 -6.40 -25.86 23.21
C VAL E 729 -6.85 -27.21 23.76
N SER E 730 -7.40 -28.08 22.90
CA SER E 730 -7.77 -29.42 23.32
C SER E 730 -6.97 -30.50 22.61
N GLN E 731 -6.10 -30.15 21.66
CA GLN E 731 -5.30 -31.11 20.89
C GLN E 731 -6.18 -32.22 20.32
N CYS E 732 -7.26 -31.81 19.68
CA CYS E 732 -8.22 -32.76 19.12
C CYS E 732 -8.89 -32.12 17.91
N PHE E 733 -9.47 -32.97 17.07
CA PHE E 733 -10.18 -32.54 15.87
C PHE E 733 -11.69 -32.69 16.05
N GLY E 734 -12.43 -31.70 15.58
CA GLY E 734 -13.88 -31.80 15.47
C GLY E 734 -14.24 -32.08 14.03
N VAL E 735 -15.00 -33.15 13.82
CA VAL E 735 -15.30 -33.64 12.48
C VAL E 735 -16.80 -33.92 12.37
N LEU E 736 -17.41 -33.42 11.31
CA LEU E 736 -18.80 -33.75 10.99
C LEU E 736 -18.83 -34.97 10.09
N SER E 737 -19.76 -35.88 10.37
CA SER E 737 -19.87 -37.13 9.63
C SER E 737 -21.33 -37.49 9.46
N SER E 738 -21.60 -38.36 8.48
CA SER E 738 -22.95 -38.83 8.20
C SER E 738 -22.90 -40.29 7.79
N ARG E 739 -23.70 -41.11 8.46
CA ARG E 739 -23.81 -42.52 8.15
C ARG E 739 -25.20 -42.84 7.65
N ILE E 740 -25.31 -43.97 6.93
CA ILE E 740 -26.56 -44.40 6.31
C ILE E 740 -27.15 -45.53 7.14
N GLU E 741 -28.44 -45.42 7.45
CA GLU E 741 -29.18 -46.47 8.13
C GLU E 741 -30.42 -46.81 7.32
N VAL E 742 -31.12 -47.86 7.74
CA VAL E 742 -32.31 -48.37 7.05
C VAL E 742 -33.50 -48.30 7.99
N GLN E 743 -34.65 -47.89 7.45
CA GLN E 743 -35.90 -47.83 8.21
C GLN E 743 -36.28 -49.17 8.79
N ASP E 744 -36.16 -49.31 10.12
CA ASP E 744 -36.44 -50.57 10.79
C ASP E 744 -37.72 -50.46 11.61
N THR E 749 -34.68 -47.36 13.94
CA THR E 749 -33.87 -47.73 12.78
C THR E 749 -32.61 -48.48 13.20
N THR E 750 -31.95 -49.11 12.23
CA THR E 750 -30.77 -49.93 12.48
C THR E 750 -29.70 -49.60 11.46
N ALA E 751 -28.46 -49.50 11.93
CA ALA E 751 -27.34 -49.10 11.09
C ALA E 751 -26.94 -50.22 10.14
N LEU E 752 -26.13 -49.86 9.14
CA LEU E 752 -25.65 -50.83 8.16
C LEU E 752 -24.42 -51.58 8.66
N ARG E 753 -23.43 -50.85 9.17
CA ARG E 753 -22.15 -51.42 9.55
C ARG E 753 -21.59 -50.63 10.72
N PRO E 754 -20.70 -51.22 11.51
CA PRO E 754 -20.02 -50.46 12.57
C PRO E 754 -19.12 -49.39 11.97
N SER E 755 -19.41 -48.13 12.30
CA SER E 755 -18.67 -46.99 11.80
C SER E 755 -17.96 -46.28 12.95
N ALA E 756 -17.41 -45.10 12.67
CA ALA E 756 -16.70 -44.34 13.69
C ALA E 756 -17.65 -43.66 14.66
N SER E 757 -18.91 -43.44 14.27
CA SER E 757 -19.90 -42.83 15.16
C SER E 757 -20.62 -43.86 16.02
N THR E 758 -20.64 -45.12 15.60
CA THR E 758 -21.22 -46.18 16.42
C THR E 758 -20.22 -46.80 17.38
N GLN E 759 -18.93 -46.61 17.15
CA GLN E 759 -17.86 -47.19 17.94
C GLN E 759 -17.06 -46.13 18.68
N ALA E 760 -17.74 -45.09 19.16
CA ALA E 760 -17.04 -44.04 19.88
C ALA E 760 -16.84 -44.42 21.35
N LEU E 761 -15.92 -43.72 22.00
CA LEU E 761 -15.64 -43.94 23.41
C LEU E 761 -16.87 -43.64 24.24
N SER E 762 -17.24 -42.37 24.32
CA SER E 762 -18.49 -41.93 24.93
C SER E 762 -19.35 -41.30 23.85
N SER E 763 -20.59 -41.77 23.71
CA SER E 763 -21.50 -41.31 22.68
C SER E 763 -22.69 -40.60 23.33
N SER E 764 -22.99 -39.40 22.83
CA SER E 764 -24.15 -38.64 23.27
C SER E 764 -25.21 -38.62 22.16
N VAL E 765 -26.31 -37.91 22.43
CA VAL E 765 -27.39 -37.85 21.46
C VAL E 765 -28.19 -36.57 21.69
N SER E 766 -29.11 -36.25 20.79
CA SER E 766 -29.96 -35.09 20.93
C SER E 766 -31.44 -35.43 21.10
N SER E 767 -31.85 -36.68 20.85
CA SER E 767 -33.24 -37.07 21.00
C SER E 767 -33.34 -38.58 21.08
N SER E 768 -34.27 -39.06 21.91
CA SER E 768 -34.53 -40.49 22.05
C SER E 768 -35.50 -40.97 20.97
N LYS E 769 -36.14 -42.11 21.19
CA LYS E 769 -37.14 -42.64 20.26
C LYS E 769 -38.51 -42.17 20.72
N LEU E 770 -38.95 -41.04 20.19
CA LEU E 770 -40.24 -40.45 20.54
C LEU E 770 -41.06 -40.16 19.29
N GLU E 784 -36.41 -48.14 3.88
CA GLU E 784 -35.83 -47.00 3.18
C GLU E 784 -34.57 -46.51 3.88
N GLU E 785 -33.69 -45.85 3.13
CA GLU E 785 -32.47 -45.30 3.69
C GLU E 785 -32.74 -43.94 4.34
N VAL E 786 -31.98 -43.65 5.39
CA VAL E 786 -32.08 -42.39 6.11
C VAL E 786 -30.68 -41.98 6.58
N GLU E 787 -30.36 -40.71 6.44
CA GLU E 787 -29.04 -40.19 6.79
C GLU E 787 -29.05 -39.68 8.21
N VAL E 788 -28.00 -40.01 8.96
CA VAL E 788 -27.84 -39.59 10.35
C VAL E 788 -26.51 -38.85 10.46
N HIS E 789 -26.56 -37.65 11.02
CA HIS E 789 -25.39 -36.77 11.10
C HIS E 789 -24.82 -36.77 12.51
N ASN E 790 -23.49 -36.76 12.60
CA ASN E 790 -22.81 -36.81 13.88
C ASN E 790 -21.72 -35.75 13.92
N LEU E 791 -21.38 -35.33 15.13
CA LEU E 791 -20.18 -34.54 15.40
C LEU E 791 -19.18 -35.44 16.11
N LEU E 792 -18.06 -35.70 15.45
CA LEU E 792 -17.02 -36.56 16.01
C LEU E 792 -15.91 -35.70 16.60
N ILE E 793 -15.38 -36.13 17.74
CA ILE E 793 -14.22 -35.52 18.37
C ILE E 793 -13.09 -36.54 18.31
N ILE E 794 -12.00 -36.16 17.65
CA ILE E 794 -10.93 -37.09 17.32
C ILE E 794 -9.64 -36.56 17.91
N ASP E 795 -8.90 -37.43 18.60
CA ASP E 795 -7.66 -37.03 19.25
C ASP E 795 -6.57 -36.81 18.20
N GLN E 796 -5.83 -35.70 18.35
CA GLN E 796 -4.82 -35.31 17.38
C GLN E 796 -3.62 -36.26 17.34
N HIS E 797 -3.51 -37.18 18.30
CA HIS E 797 -2.38 -38.11 18.36
C HIS E 797 -2.78 -39.54 18.11
N THR E 798 -3.80 -40.04 18.82
CA THR E 798 -4.22 -41.42 18.65
C THR E 798 -5.18 -41.59 17.49
N PHE E 799 -5.91 -40.53 17.14
CA PHE E 799 -6.99 -40.59 16.15
C PHE E 799 -8.01 -41.66 16.52
N GLU E 800 -8.34 -41.73 17.80
CA GLU E 800 -9.47 -42.51 18.29
C GLU E 800 -10.65 -41.58 18.49
N VAL E 801 -11.85 -42.09 18.23
CA VAL E 801 -13.06 -41.28 18.38
C VAL E 801 -13.35 -41.11 19.86
N LEU E 802 -13.01 -39.93 20.40
CA LEU E 802 -13.18 -39.68 21.82
C LEU E 802 -14.64 -39.45 22.19
N HIS E 803 -15.43 -38.88 21.28
CA HIS E 803 -16.83 -38.61 21.55
C HIS E 803 -17.57 -38.48 20.23
N ALA E 804 -18.83 -38.91 20.22
CA ALA E 804 -19.66 -38.84 19.03
C ALA E 804 -21.04 -38.31 19.42
N HIS E 805 -21.31 -37.05 19.12
CA HIS E 805 -22.63 -36.48 19.27
C HIS E 805 -23.49 -36.80 18.05
N GLN E 806 -24.72 -37.21 18.29
CA GLN E 806 -25.68 -37.50 17.23
C GLN E 806 -26.79 -36.45 17.26
N PHE E 807 -26.93 -35.73 16.16
CA PHE E 807 -27.91 -34.65 16.08
C PHE E 807 -29.33 -35.23 15.96
N LEU E 808 -30.30 -34.32 15.86
CA LEU E 808 -31.71 -34.70 15.84
C LEU E 808 -32.07 -35.43 14.54
N GLN E 809 -33.21 -36.10 14.57
CA GLN E 809 -33.75 -36.71 13.37
C GLN E 809 -34.16 -35.64 12.36
N ASN E 810 -33.85 -35.90 11.09
CA ASN E 810 -34.11 -34.96 10.00
C ASN E 810 -33.38 -33.63 10.20
N GLU E 811 -32.20 -33.68 10.81
CA GLU E 811 -31.35 -32.51 10.95
C GLU E 811 -30.08 -32.73 10.14
N TYR E 812 -29.71 -31.74 9.35
CA TYR E 812 -28.53 -31.81 8.48
C TYR E 812 -27.49 -30.83 8.97
N ALA E 813 -26.33 -31.34 9.37
CA ALA E 813 -25.25 -30.49 9.86
C ALA E 813 -24.47 -29.93 8.69
N LEU E 814 -24.41 -28.60 8.61
CA LEU E 814 -23.85 -27.91 7.44
C LEU E 814 -22.50 -27.26 7.70
N SER E 815 -22.31 -26.64 8.86
CA SER E 815 -21.10 -25.86 9.13
C SER E 815 -20.48 -26.31 10.45
N LEU E 816 -19.27 -25.81 10.68
CA LEU E 816 -18.49 -26.16 11.86
C LEU E 816 -17.35 -25.17 12.02
N VAL E 817 -17.11 -24.72 13.24
CA VAL E 817 -16.04 -23.78 13.52
C VAL E 817 -15.68 -23.87 14.99
N SER E 818 -14.37 -23.83 15.26
CA SER E 818 -13.84 -23.83 16.62
C SER E 818 -13.16 -22.49 16.87
N CYS E 819 -13.70 -21.72 17.82
CA CYS E 819 -13.20 -20.37 18.05
C CYS E 819 -13.56 -19.95 19.47
N LYS E 820 -13.00 -18.80 19.86
CA LYS E 820 -13.32 -18.14 21.11
C LYS E 820 -14.16 -16.90 20.81
N LEU E 821 -15.15 -16.64 21.66
CA LEU E 821 -16.13 -15.60 21.40
C LEU E 821 -16.17 -14.59 22.55
N GLY E 822 -16.40 -13.33 22.18
CA GLY E 822 -16.44 -12.25 23.16
C GLY E 822 -15.17 -12.21 23.99
N LYS E 823 -15.34 -12.03 25.30
CA LYS E 823 -14.25 -12.11 26.26
C LYS E 823 -14.25 -13.45 27.00
N ASP E 824 -14.79 -14.49 26.39
CA ASP E 824 -14.82 -15.82 26.99
C ASP E 824 -13.54 -16.55 26.62
N PRO E 825 -12.72 -16.96 27.58
CA PRO E 825 -11.48 -17.67 27.24
C PRO E 825 -11.69 -19.11 26.81
N ASN E 826 -12.83 -19.70 27.14
CA ASN E 826 -13.12 -21.07 26.71
C ASN E 826 -13.28 -21.12 25.19
N THR E 827 -12.71 -22.14 24.57
CA THR E 827 -12.80 -22.34 23.13
C THR E 827 -13.91 -23.36 22.86
N TYR E 828 -14.92 -22.94 22.11
CA TYR E 828 -16.11 -23.73 21.87
C TYR E 828 -16.10 -24.31 20.45
N PHE E 829 -16.84 -25.41 20.28
CA PHE E 829 -17.16 -25.96 18.98
C PHE E 829 -18.56 -25.50 18.58
N ILE E 830 -18.66 -24.75 17.49
CA ILE E 830 -19.93 -24.20 17.04
C ILE E 830 -20.34 -24.91 15.77
N VAL E 831 -21.58 -25.39 15.73
CA VAL E 831 -22.10 -26.15 14.60
C VAL E 831 -23.42 -25.53 14.17
N GLY E 832 -23.52 -25.22 12.87
CA GLY E 832 -24.76 -24.73 12.29
C GLY E 832 -25.45 -25.86 11.53
N THR E 833 -26.75 -25.98 11.74
CA THR E 833 -27.52 -27.08 11.19
C THR E 833 -28.67 -26.55 10.33
N ALA E 834 -29.53 -27.47 9.89
CA ALA E 834 -30.70 -27.15 9.10
C ALA E 834 -31.65 -28.35 9.05
N MET E 835 -32.90 -28.14 9.42
CA MET E 835 -33.88 -29.22 9.42
C MET E 835 -34.33 -29.51 7.99
N VAL E 836 -34.36 -30.78 7.62
CA VAL E 836 -34.69 -31.19 6.25
C VAL E 836 -35.86 -32.16 6.34
N TYR E 837 -37.05 -31.67 6.01
CA TYR E 837 -38.18 -32.55 5.76
C TYR E 837 -38.45 -32.63 4.27
N PRO E 838 -38.76 -33.82 3.74
CA PRO E 838 -38.89 -33.96 2.28
C PRO E 838 -40.08 -33.22 1.68
N GLU E 839 -41.12 -32.92 2.47
CA GLU E 839 -42.27 -32.21 1.91
C GLU E 839 -41.98 -30.72 1.71
N GLU E 840 -41.13 -30.12 2.54
CA GLU E 840 -40.79 -28.71 2.43
C GLU E 840 -39.56 -28.55 1.56
N ALA E 841 -39.70 -27.80 0.47
CA ALA E 841 -38.60 -27.64 -0.48
C ALA E 841 -37.46 -26.83 0.14
N GLU E 842 -37.75 -25.61 0.58
CA GLU E 842 -36.74 -24.78 1.24
C GLU E 842 -36.77 -25.02 2.74
N PRO E 843 -35.63 -25.25 3.38
CA PRO E 843 -35.64 -25.54 4.82
C PRO E 843 -36.15 -24.35 5.61
N LYS E 844 -37.18 -24.61 6.43
CA LYS E 844 -37.85 -23.56 7.17
C LYS E 844 -37.19 -23.21 8.49
N GLN E 845 -36.38 -24.11 9.04
CA GLN E 845 -35.76 -23.83 10.33
C GLN E 845 -34.49 -24.66 10.50
N GLY E 846 -33.55 -24.12 11.28
CA GLY E 846 -32.33 -24.80 11.63
C GLY E 846 -31.85 -24.35 13.00
N ARG E 847 -30.68 -24.80 13.43
CA ARG E 847 -30.18 -24.47 14.76
C ARG E 847 -28.69 -24.14 14.68
N ILE E 848 -28.23 -23.45 15.72
CA ILE E 848 -26.81 -23.20 15.95
C ILE E 848 -26.49 -23.72 17.35
N VAL E 849 -25.65 -24.74 17.43
CA VAL E 849 -25.31 -25.38 18.70
C VAL E 849 -23.89 -25.01 19.06
N VAL E 850 -23.65 -24.78 20.34
CA VAL E 850 -22.35 -24.38 20.86
C VAL E 850 -21.90 -25.46 21.82
N PHE E 851 -21.00 -26.33 21.37
CA PHE E 851 -20.42 -27.35 22.23
C PHE E 851 -19.14 -26.82 22.89
N GLN E 852 -18.74 -27.49 23.97
CA GLN E 852 -17.46 -27.24 24.61
C GLN E 852 -16.90 -28.56 25.09
N TYR E 853 -15.67 -28.87 24.67
CA TYR E 853 -15.02 -30.12 25.05
C TYR E 853 -14.11 -29.83 26.24
N SER E 854 -14.63 -30.09 27.44
CA SER E 854 -13.89 -29.90 28.68
C SER E 854 -13.56 -31.25 29.28
N ASP E 855 -12.29 -31.44 29.63
CA ASP E 855 -11.79 -32.72 30.14
C ASP E 855 -12.10 -33.85 29.17
N GLY E 856 -13.13 -34.64 29.47
CA GLY E 856 -13.49 -35.75 28.61
C GLY E 856 -14.97 -35.79 28.26
N LYS E 857 -15.65 -34.64 28.36
CA LYS E 857 -17.07 -34.55 28.08
C LYS E 857 -17.32 -33.51 26.99
N LEU E 858 -18.50 -33.58 26.39
CA LEU E 858 -18.93 -32.63 25.37
C LEU E 858 -20.22 -31.98 25.86
N GLN E 859 -20.07 -30.90 26.62
CA GLN E 859 -21.21 -30.17 27.17
C GLN E 859 -21.88 -29.34 26.08
N THR E 860 -23.19 -29.45 25.98
CA THR E 860 -23.97 -28.58 25.10
C THR E 860 -24.21 -27.27 25.84
N VAL E 861 -23.44 -26.24 25.48
CA VAL E 861 -23.44 -25.00 26.25
C VAL E 861 -24.68 -24.17 25.97
N ALA E 862 -24.93 -23.86 24.69
CA ALA E 862 -26.05 -23.01 24.34
C ALA E 862 -26.57 -23.40 22.96
N GLU E 863 -27.82 -23.00 22.69
CA GLU E 863 -28.46 -23.27 21.41
C GLU E 863 -29.18 -22.01 20.94
N LYS E 864 -29.42 -21.95 19.62
CA LYS E 864 -30.17 -20.86 19.02
C LYS E 864 -31.01 -21.44 17.89
N GLU E 865 -32.31 -21.57 18.12
CA GLU E 865 -33.23 -21.98 17.07
C GLU E 865 -33.39 -20.85 16.05
N VAL E 866 -33.14 -21.16 14.78
CA VAL E 866 -33.19 -20.18 13.71
C VAL E 866 -34.15 -20.66 12.64
N LYS E 867 -34.86 -19.72 12.02
CA LYS E 867 -35.86 -20.04 11.00
C LYS E 867 -35.20 -20.04 9.61
N GLY E 868 -34.37 -21.05 9.41
CA GLY E 868 -33.70 -21.24 8.14
C GLY E 868 -32.47 -22.09 8.30
N ALA E 869 -31.80 -22.30 7.17
CA ALA E 869 -30.57 -23.08 7.16
C ALA E 869 -29.39 -22.24 7.62
N VAL E 870 -28.29 -22.90 7.97
CA VAL E 870 -27.06 -22.24 8.37
C VAL E 870 -25.95 -22.79 7.46
N TYR E 871 -25.79 -22.20 6.28
CA TYR E 871 -24.90 -22.77 5.27
C TYR E 871 -23.44 -22.63 5.64
N SER E 872 -23.08 -21.61 6.42
CA SER E 872 -21.69 -21.44 6.84
C SER E 872 -21.63 -20.48 8.01
N MET E 873 -20.50 -20.53 8.71
CA MET E 873 -20.20 -19.61 9.81
C MET E 873 -18.73 -19.22 9.70
N VAL E 874 -18.34 -18.22 10.49
CA VAL E 874 -16.95 -17.80 10.57
C VAL E 874 -16.78 -16.93 11.81
N GLU E 875 -15.62 -17.04 12.45
CA GLU E 875 -15.27 -16.18 13.56
C GLU E 875 -14.88 -14.81 13.01
N PHE E 876 -15.62 -13.78 13.40
CA PHE E 876 -15.44 -12.43 12.87
C PHE E 876 -15.19 -11.46 14.02
N ASN E 877 -13.91 -11.23 14.34
CA ASN E 877 -13.49 -10.26 15.35
C ASN E 877 -14.17 -10.52 16.69
N GLY E 878 -13.97 -11.74 17.20
CA GLY E 878 -14.55 -12.13 18.46
C GLY E 878 -16.03 -12.43 18.43
N LYS E 879 -16.74 -12.03 17.38
CA LYS E 879 -18.16 -12.31 17.23
C LYS E 879 -18.37 -13.40 16.19
N LEU E 880 -19.43 -14.18 16.37
CA LEU E 880 -19.77 -15.25 15.44
C LEU E 880 -20.67 -14.71 14.34
N LEU E 881 -20.28 -14.94 13.09
CA LEU E 881 -21.01 -14.45 11.93
C LEU E 881 -21.54 -15.64 11.15
N ALA E 882 -22.86 -15.70 10.98
CA ALA E 882 -23.50 -16.85 10.36
C ALA E 882 -24.40 -16.40 9.22
N SER E 883 -24.63 -17.32 8.29
CA SER E 883 -25.50 -17.09 7.15
C SER E 883 -26.75 -17.95 7.29
N ILE E 884 -27.90 -17.35 7.02
CA ILE E 884 -29.19 -18.03 7.14
C ILE E 884 -29.98 -17.75 5.87
N ASN E 885 -30.05 -18.73 4.97
CA ASN E 885 -30.67 -18.58 3.66
C ASN E 885 -30.09 -17.36 2.94
N SER E 886 -30.94 -16.38 2.66
CA SER E 886 -30.51 -15.13 2.03
C SER E 886 -30.15 -14.06 3.03
N THR E 887 -29.77 -14.43 4.25
CA THR E 887 -29.50 -13.48 5.31
C THR E 887 -28.16 -13.77 5.96
N VAL E 888 -27.38 -12.72 6.17
CA VAL E 888 -26.15 -12.80 6.96
C VAL E 888 -26.43 -12.14 8.30
N ARG E 889 -26.23 -12.89 9.39
CA ARG E 889 -26.57 -12.42 10.72
C ARG E 889 -25.32 -12.43 11.60
N LEU E 890 -25.11 -11.35 12.33
CA LEU E 890 -23.96 -11.20 13.21
C LEU E 890 -24.43 -11.38 14.65
N TYR E 891 -23.76 -12.29 15.37
CA TYR E 891 -24.15 -12.65 16.73
C TYR E 891 -23.10 -12.18 17.73
N GLU E 892 -23.56 -11.74 18.89
CA GLU E 892 -22.68 -11.36 19.99
C GLU E 892 -22.79 -12.40 21.10
N TRP E 893 -21.65 -12.70 21.74
CA TRP E 893 -21.57 -13.71 22.79
C TRP E 893 -21.71 -12.97 24.13
N THR E 894 -22.83 -13.19 24.81
CA THR E 894 -23.11 -12.45 26.03
C THR E 894 -22.21 -12.93 27.17
N THR E 895 -22.23 -12.16 28.26
CA THR E 895 -21.59 -12.60 29.49
C THR E 895 -22.36 -13.71 30.17
N GLU E 896 -23.66 -13.82 29.90
CA GLU E 896 -24.51 -14.91 30.41
C GLU E 896 -24.41 -16.17 29.57
N LYS E 897 -23.44 -16.25 28.66
CA LYS E 897 -23.16 -17.45 27.88
C LYS E 897 -24.32 -17.78 26.94
N GLU E 898 -24.58 -16.88 26.00
CA GLU E 898 -25.63 -17.06 24.99
C GLU E 898 -25.27 -16.23 23.76
N LEU E 899 -26.03 -16.46 22.69
CA LEU E 899 -25.82 -15.76 21.42
C LEU E 899 -26.96 -14.77 21.22
N ARG E 900 -26.66 -13.48 21.36
CA ARG E 900 -27.64 -12.42 21.11
C ARG E 900 -27.27 -11.69 19.82
N THR E 901 -28.28 -11.36 19.03
CA THR E 901 -28.04 -10.74 17.73
C THR E 901 -27.57 -9.29 17.90
N GLU E 902 -26.56 -8.91 17.12
CA GLU E 902 -26.07 -7.55 17.07
C GLU E 902 -26.39 -6.84 15.76
N CYS E 903 -26.34 -7.55 14.63
CA CYS E 903 -26.60 -6.95 13.33
C CYS E 903 -27.42 -7.92 12.48
N ASN E 904 -27.80 -7.46 11.28
CA ASN E 904 -28.58 -8.25 10.36
C ASN E 904 -28.49 -7.60 8.98
N HIS E 905 -28.29 -8.42 7.96
CA HIS E 905 -28.09 -7.92 6.60
C HIS E 905 -28.69 -8.90 5.61
N TYR E 906 -29.63 -8.42 4.80
CA TYR E 906 -30.27 -9.25 3.79
C TYR E 906 -29.56 -9.08 2.45
N ASN E 907 -29.69 -10.09 1.60
CA ASN E 907 -29.03 -10.09 0.30
C ASN E 907 -30.00 -10.61 -0.76
N ASN E 908 -29.52 -10.65 -2.00
CA ASN E 908 -30.22 -11.33 -3.07
C ASN E 908 -29.83 -12.80 -3.17
N ILE E 909 -28.59 -13.11 -2.84
CA ILE E 909 -28.01 -14.43 -3.04
C ILE E 909 -28.16 -15.25 -1.78
N MET E 910 -28.21 -16.57 -1.94
CA MET E 910 -28.12 -17.47 -0.79
C MET E 910 -26.67 -17.46 -0.29
N ALA E 911 -26.48 -17.02 0.95
CA ALA E 911 -25.14 -16.81 1.47
C ALA E 911 -24.44 -18.13 1.74
N LEU E 912 -24.07 -18.85 0.68
CA LEU E 912 -23.46 -20.17 0.85
C LEU E 912 -22.04 -20.06 1.39
N TYR E 913 -21.20 -19.27 0.72
CA TYR E 913 -19.79 -19.17 1.06
C TYR E 913 -19.55 -17.97 1.95
N LEU E 914 -18.60 -18.11 2.87
CA LEU E 914 -18.31 -17.05 3.83
C LEU E 914 -16.82 -17.10 4.18
N LYS E 915 -16.08 -16.08 3.75
CA LYS E 915 -14.69 -15.92 4.11
C LYS E 915 -14.47 -14.46 4.49
N THR E 916 -13.48 -14.22 5.35
CA THR E 916 -13.27 -12.88 5.87
C THR E 916 -11.80 -12.63 6.17
N LYS E 917 -11.36 -11.41 5.90
CA LYS E 917 -10.07 -10.90 6.35
C LYS E 917 -10.31 -9.54 6.99
N GLY E 918 -9.86 -9.39 8.24
CA GLY E 918 -10.03 -8.13 8.94
C GLY E 918 -11.49 -7.76 9.12
N ASP E 919 -11.91 -6.69 8.47
CA ASP E 919 -13.29 -6.22 8.54
C ASP E 919 -14.07 -6.51 7.26
N PHE E 920 -13.43 -7.08 6.25
CA PHE E 920 -14.14 -7.46 5.04
C PHE E 920 -14.91 -8.76 5.26
N ILE E 921 -15.90 -8.98 4.40
CA ILE E 921 -16.64 -10.23 4.34
C ILE E 921 -16.97 -10.51 2.88
N LEU E 922 -16.61 -11.69 2.40
CA LEU E 922 -16.87 -12.08 1.02
C LEU E 922 -17.93 -13.16 1.01
N VAL E 923 -19.06 -12.88 0.36
CA VAL E 923 -20.19 -13.79 0.30
C VAL E 923 -20.42 -14.18 -1.16
N GLY E 924 -20.64 -15.48 -1.37
CA GLY E 924 -20.94 -16.00 -2.69
C GLY E 924 -22.05 -17.04 -2.60
N ASP E 925 -22.48 -17.52 -3.77
CA ASP E 925 -23.47 -18.58 -3.85
C ASP E 925 -23.08 -19.53 -4.97
N LEU E 926 -23.95 -20.51 -5.21
CA LEU E 926 -23.72 -21.54 -6.23
C LEU E 926 -23.73 -20.94 -7.63
N MET E 927 -23.99 -19.64 -7.73
CA MET E 927 -24.23 -18.98 -9.01
C MET E 927 -23.13 -17.98 -9.37
N ARG E 928 -21.91 -18.18 -8.85
CA ARG E 928 -20.76 -17.34 -9.16
C ARG E 928 -20.96 -15.91 -8.65
N SER E 929 -22.17 -15.56 -8.26
CA SER E 929 -22.44 -14.24 -7.70
C SER E 929 -21.59 -14.00 -6.46
N VAL E 930 -20.95 -12.85 -6.41
CA VAL E 930 -20.01 -12.50 -5.35
C VAL E 930 -20.41 -11.16 -4.77
N LEU E 931 -20.42 -11.07 -3.45
CA LEU E 931 -20.72 -9.83 -2.74
C LEU E 931 -19.59 -9.51 -1.78
N LEU E 932 -19.29 -8.23 -1.64
CA LEU E 932 -18.36 -7.75 -0.62
C LEU E 932 -19.14 -6.97 0.43
N LEU E 933 -18.82 -7.22 1.70
CA LEU E 933 -19.45 -6.53 2.81
C LEU E 933 -18.36 -6.01 3.73
N ALA E 934 -18.66 -4.88 4.39
CA ALA E 934 -17.73 -4.26 5.32
C ALA E 934 -18.48 -3.95 6.61
N TYR E 935 -17.90 -4.33 7.73
CA TYR E 935 -18.47 -3.99 9.03
C TYR E 935 -18.13 -2.55 9.36
N LYS E 936 -19.17 -1.75 9.64
CA LYS E 936 -18.98 -0.35 10.03
C LYS E 936 -19.32 -0.23 11.49
N PRO E 937 -18.33 -0.23 12.40
CA PRO E 937 -18.65 -0.21 13.84
C PRO E 937 -19.40 1.03 14.26
N MET E 938 -19.11 2.18 13.65
CA MET E 938 -19.80 3.43 13.98
C MET E 938 -21.25 3.43 13.52
N GLU E 939 -21.73 2.36 12.88
CA GLU E 939 -23.14 2.24 12.49
C GLU E 939 -23.78 0.92 12.91
N GLY E 940 -23.00 -0.08 13.31
CA GLY E 940 -23.55 -1.37 13.68
C GLY E 940 -24.31 -2.07 12.57
N ASN E 941 -23.81 -1.98 11.34
CA ASN E 941 -24.49 -2.57 10.19
C ASN E 941 -23.45 -2.88 9.12
N PHE E 942 -23.92 -3.40 8.00
CA PHE E 942 -23.05 -3.81 6.90
C PHE E 942 -23.34 -2.95 5.68
N GLU E 943 -22.37 -2.89 4.76
CA GLU E 943 -22.48 -2.06 3.58
C GLU E 943 -21.87 -2.78 2.38
N GLU E 944 -22.64 -2.87 1.30
CA GLU E 944 -22.14 -3.47 0.06
C GLU E 944 -20.99 -2.66 -0.49
N ILE E 945 -19.82 -3.29 -0.60
CA ILE E 945 -18.65 -2.60 -1.13
C ILE E 945 -18.50 -2.83 -2.63
N ALA E 946 -18.79 -4.05 -3.09
CA ALA E 946 -18.64 -4.39 -4.50
C ALA E 946 -19.48 -5.62 -4.78
N ARG E 947 -19.52 -6.01 -6.05
CA ARG E 947 -20.32 -7.15 -6.51
C ARG E 947 -19.91 -7.48 -7.93
N ASP E 948 -20.22 -8.71 -8.34
CA ASP E 948 -20.02 -9.14 -9.73
C ASP E 948 -20.92 -10.34 -9.99
N PHE E 949 -21.90 -10.16 -10.86
CA PHE E 949 -22.82 -11.22 -11.24
C PHE E 949 -22.48 -11.68 -12.65
N ASN E 950 -22.19 -12.98 -12.79
CA ASN E 950 -21.86 -13.56 -14.10
C ASN E 950 -22.24 -15.03 -14.02
N PRO E 951 -23.48 -15.37 -14.38
CA PRO E 951 -24.06 -16.66 -13.98
C PRO E 951 -23.23 -17.86 -14.42
N ASN E 952 -22.84 -18.66 -13.44
CA ASN E 952 -22.01 -19.85 -13.64
C ASN E 952 -21.93 -20.60 -12.32
N TRP E 953 -21.67 -21.90 -12.42
CA TRP E 953 -21.60 -22.76 -11.25
C TRP E 953 -20.28 -22.56 -10.52
N MET E 954 -20.36 -22.32 -9.21
CA MET E 954 -19.19 -22.05 -8.38
C MET E 954 -19.11 -23.07 -7.25
N SER E 955 -17.91 -23.60 -7.01
CA SER E 955 -17.70 -24.68 -6.06
C SER E 955 -17.07 -24.23 -4.75
N ALA E 956 -16.17 -23.25 -4.78
CA ALA E 956 -15.56 -22.71 -3.57
C ALA E 956 -14.83 -21.42 -3.92
N VAL E 957 -14.68 -20.55 -2.91
CA VAL E 957 -14.01 -19.27 -3.07
C VAL E 957 -13.01 -19.09 -1.93
N GLU E 958 -12.24 -18.01 -2.02
CA GLU E 958 -11.23 -17.68 -1.04
C GLU E 958 -10.76 -16.25 -1.27
N ILE E 959 -10.29 -15.62 -0.20
CA ILE E 959 -9.75 -14.27 -0.24
C ILE E 959 -8.23 -14.36 -0.28
N LEU E 960 -7.62 -13.72 -1.28
CA LEU E 960 -6.16 -13.67 -1.37
C LEU E 960 -5.59 -12.53 -0.54
N ASP E 961 -6.04 -11.30 -0.82
CA ASP E 961 -5.68 -10.14 0.00
C ASP E 961 -6.89 -9.21 0.04
N ASP E 962 -6.65 -7.94 0.38
CA ASP E 962 -7.72 -6.97 0.50
C ASP E 962 -8.33 -6.59 -0.85
N ASP E 963 -7.71 -6.97 -1.96
CA ASP E 963 -8.15 -6.53 -3.27
C ASP E 963 -8.37 -7.64 -4.28
N ASN E 964 -7.90 -8.86 -4.02
CA ASN E 964 -8.02 -9.96 -4.97
C ASN E 964 -8.69 -11.15 -4.30
N PHE E 965 -9.58 -11.81 -5.04
CA PHE E 965 -10.41 -12.88 -4.49
C PHE E 965 -10.45 -14.03 -5.48
N LEU E 966 -10.17 -15.23 -5.01
CA LEU E 966 -10.02 -16.42 -5.83
C LEU E 966 -11.25 -17.32 -5.70
N GLY E 967 -11.64 -17.95 -6.81
CA GLY E 967 -12.76 -18.87 -6.80
C GLY E 967 -12.63 -19.87 -7.92
N ALA E 968 -13.41 -20.95 -7.81
CA ALA E 968 -13.44 -22.01 -8.82
C ALA E 968 -14.83 -22.13 -9.39
N GLU E 969 -14.95 -21.98 -10.70
CA GLU E 969 -16.24 -22.05 -11.39
C GLU E 969 -16.28 -23.26 -12.31
N ASN E 970 -17.31 -23.31 -13.16
CA ASN E 970 -17.65 -24.50 -13.91
C ASN E 970 -16.56 -24.90 -14.89
N ALA E 971 -16.61 -26.17 -15.32
CA ALA E 971 -15.63 -26.77 -16.21
C ALA E 971 -14.22 -26.69 -15.63
N PHE E 972 -14.12 -26.88 -14.32
CA PHE E 972 -12.84 -27.06 -13.63
C PHE E 972 -11.91 -25.87 -13.89
N ASN E 973 -12.37 -24.68 -13.52
CA ASN E 973 -11.65 -23.45 -13.79
C ASN E 973 -11.38 -22.69 -12.50
N LEU E 974 -10.50 -21.70 -12.60
CA LEU E 974 -10.22 -20.75 -11.53
C LEU E 974 -10.38 -19.34 -12.07
N PHE E 975 -10.63 -18.40 -11.16
CA PHE E 975 -10.74 -17.00 -11.55
C PHE E 975 -10.34 -16.12 -10.37
N VAL E 976 -9.99 -14.87 -10.69
CA VAL E 976 -9.61 -13.87 -9.69
C VAL E 976 -10.37 -12.57 -9.98
N CYS E 977 -11.03 -12.05 -8.96
CA CYS E 977 -11.69 -10.76 -9.02
C CYS E 977 -10.86 -9.71 -8.30
N GLN E 978 -11.07 -8.44 -8.69
CA GLN E 978 -10.25 -7.35 -8.18
C GLN E 978 -11.13 -6.15 -7.87
N LYS E 979 -10.75 -5.41 -6.83
CA LYS E 979 -11.55 -4.31 -6.33
C LYS E 979 -11.46 -3.09 -7.25
N ASP E 980 -10.33 -2.39 -7.22
CA ASP E 980 -10.15 -1.19 -8.03
C ASP E 980 -10.11 -1.52 -9.51
N GLU E 987 -19.32 6.26 -6.19
CA GLU E 987 -18.79 5.97 -7.52
C GLU E 987 -19.27 4.61 -8.02
N GLU E 988 -18.73 4.19 -9.16
CA GLU E 988 -18.92 2.83 -9.67
C GLU E 988 -17.72 1.95 -9.40
N ARG E 989 -17.01 2.21 -8.30
CA ARG E 989 -15.92 1.38 -7.81
C ARG E 989 -16.41 0.13 -7.09
N GLN E 990 -17.69 -0.22 -7.28
CA GLN E 990 -18.27 -1.43 -6.73
C GLN E 990 -18.32 -2.55 -7.75
N HIS E 991 -17.58 -2.42 -8.85
CA HIS E 991 -17.46 -3.43 -9.88
C HIS E 991 -16.20 -4.26 -9.63
N LEU E 992 -16.35 -5.58 -9.68
CA LEU E 992 -15.23 -6.50 -9.53
C LEU E 992 -14.72 -6.89 -10.91
N GLN E 993 -13.44 -6.64 -11.17
CA GLN E 993 -12.87 -6.91 -12.48
C GLN E 993 -12.53 -8.38 -12.62
N GLU E 994 -12.30 -8.79 -13.87
CA GLU E 994 -12.02 -10.19 -14.23
C GLU E 994 -10.56 -10.26 -14.66
N VAL E 995 -9.66 -10.37 -13.67
CA VAL E 995 -8.23 -10.27 -13.93
C VAL E 995 -7.55 -11.63 -14.07
N GLY E 996 -8.24 -12.72 -13.74
CA GLY E 996 -7.63 -14.03 -13.84
C GLY E 996 -8.55 -15.13 -14.31
N LEU E 997 -8.07 -15.98 -15.23
CA LEU E 997 -8.80 -17.13 -15.71
C LEU E 997 -7.80 -18.25 -15.98
N PHE E 998 -8.21 -19.49 -15.72
CA PHE E 998 -7.31 -20.63 -15.82
C PHE E 998 -8.09 -21.94 -15.77
N HIS E 999 -7.87 -22.82 -16.75
CA HIS E 999 -8.57 -24.11 -16.81
C HIS E 999 -7.73 -25.13 -16.06
N LEU E 1000 -8.06 -25.33 -14.78
CA LEU E 1000 -7.25 -26.20 -13.93
C LEU E 1000 -7.46 -27.67 -14.27
N GLY E 1001 -8.64 -28.03 -14.79
CA GLY E 1001 -8.93 -29.42 -15.06
C GLY E 1001 -9.36 -30.23 -13.86
N GLU E 1002 -9.48 -29.61 -12.69
CA GLU E 1002 -9.91 -30.31 -11.49
C GLU E 1002 -11.05 -29.55 -10.82
N PHE E 1003 -11.91 -30.29 -10.12
CA PHE E 1003 -13.06 -29.73 -9.42
C PHE E 1003 -12.59 -29.31 -8.03
N VAL E 1004 -12.25 -28.03 -7.87
CA VAL E 1004 -11.82 -27.53 -6.58
C VAL E 1004 -13.00 -27.53 -5.62
N ASN E 1005 -12.76 -27.96 -4.38
CA ASN E 1005 -13.82 -28.13 -3.42
C ASN E 1005 -13.60 -27.39 -2.11
N VAL E 1006 -12.38 -26.92 -1.83
CA VAL E 1006 -12.11 -26.15 -0.62
C VAL E 1006 -10.78 -25.44 -0.79
N PHE E 1007 -10.71 -24.21 -0.28
CA PHE E 1007 -9.47 -23.45 -0.19
C PHE E 1007 -9.14 -23.23 1.28
N CYS E 1008 -7.83 -23.19 1.58
CA CYS E 1008 -7.40 -22.81 2.92
C CYS E 1008 -5.98 -22.29 2.85
N HIS E 1009 -5.70 -21.26 3.64
CA HIS E 1009 -4.36 -20.71 3.70
C HIS E 1009 -3.41 -21.66 4.42
N GLY E 1010 -2.13 -21.48 4.20
CA GLY E 1010 -1.10 -22.30 4.82
C GLY E 1010 -0.22 -22.98 3.78
N SER E 1011 0.87 -23.55 4.29
CA SER E 1011 1.85 -24.24 3.44
C SER E 1011 2.28 -25.52 4.13
N LEU E 1012 3.09 -26.29 3.42
CA LEU E 1012 3.63 -27.56 3.93
C LEU E 1012 5.16 -27.52 3.96
N VAL E 1013 5.74 -26.34 4.13
CA VAL E 1013 7.18 -26.17 4.15
C VAL E 1013 7.54 -25.35 5.39
N MET E 1014 8.81 -25.37 5.75
CA MET E 1014 9.28 -24.69 6.95
C MET E 1014 9.05 -23.19 6.84
N GLN E 1015 9.06 -22.53 7.99
CA GLN E 1015 8.81 -21.09 8.08
C GLN E 1015 9.82 -20.28 7.27
N PRO E 1023 10.20 -14.26 -3.54
CA PRO E 1023 9.57 -14.26 -4.87
C PRO E 1023 8.06 -14.44 -4.81
N THR E 1024 7.61 -15.36 -3.97
CA THR E 1024 6.18 -15.64 -3.81
C THR E 1024 5.61 -14.85 -2.64
N GLN E 1025 4.37 -14.40 -2.79
CA GLN E 1025 3.66 -13.68 -1.74
C GLN E 1025 2.36 -14.41 -1.46
N GLY E 1026 2.22 -14.90 -0.24
CA GLY E 1026 1.05 -15.67 0.15
C GLY E 1026 1.15 -17.13 -0.24
N SER E 1027 0.14 -17.90 0.19
CA SER E 1027 0.08 -19.32 -0.11
C SER E 1027 -1.31 -19.86 0.21
N VAL E 1028 -1.94 -20.51 -0.77
CA VAL E 1028 -3.29 -21.07 -0.62
C VAL E 1028 -3.30 -22.46 -1.24
N LEU E 1029 -3.73 -23.44 -0.46
CA LEU E 1029 -3.90 -24.81 -0.93
C LEU E 1029 -5.35 -25.07 -1.29
N PHE E 1030 -5.59 -26.15 -2.03
CA PHE E 1030 -6.95 -26.52 -2.38
C PHE E 1030 -7.04 -28.02 -2.63
N GLY E 1031 -8.20 -28.58 -2.31
CA GLY E 1031 -8.50 -29.98 -2.55
C GLY E 1031 -9.26 -30.18 -3.85
N THR E 1032 -9.66 -31.42 -4.08
CA THR E 1032 -10.23 -31.80 -5.37
C THR E 1032 -11.05 -33.07 -5.21
N VAL E 1033 -12.05 -33.22 -6.09
CA VAL E 1033 -12.79 -34.48 -6.17
C VAL E 1033 -11.87 -35.62 -6.58
N ASN E 1034 -10.98 -35.37 -7.55
CA ASN E 1034 -10.00 -36.36 -7.97
C ASN E 1034 -8.87 -36.54 -6.98
N GLY E 1035 -8.87 -35.82 -5.85
CA GLY E 1035 -7.84 -35.97 -4.85
C GLY E 1035 -6.60 -35.14 -5.07
N MET E 1036 -6.59 -34.26 -6.07
CA MET E 1036 -5.43 -33.44 -6.35
C MET E 1036 -5.31 -32.31 -5.34
N ILE E 1037 -4.11 -32.08 -4.85
CA ILE E 1037 -3.81 -30.98 -3.93
C ILE E 1037 -2.85 -30.04 -4.62
N GLY E 1038 -3.29 -28.79 -4.83
CA GLY E 1038 -2.49 -27.78 -5.47
C GLY E 1038 -2.24 -26.60 -4.55
N LEU E 1039 -1.40 -25.68 -5.01
CA LEU E 1039 -1.07 -24.47 -4.28
C LEU E 1039 -1.19 -23.27 -5.20
N VAL E 1040 -1.51 -22.12 -4.60
CA VAL E 1040 -1.66 -20.87 -5.33
C VAL E 1040 -0.96 -19.77 -4.54
N THR E 1041 -0.13 -18.99 -5.23
CA THR E 1041 0.54 -17.86 -4.61
C THR E 1041 0.65 -16.73 -5.63
N SER E 1042 0.88 -15.52 -5.11
CA SER E 1042 0.96 -14.34 -5.95
C SER E 1042 2.40 -14.06 -6.38
N LEU E 1043 2.53 -13.30 -7.46
CA LEU E 1043 3.82 -12.93 -8.02
C LEU E 1043 3.83 -11.43 -8.29
N SER E 1044 5.04 -10.87 -8.36
CA SER E 1044 5.18 -9.50 -8.81
C SER E 1044 5.09 -9.44 -10.33
N GLU E 1045 4.74 -8.26 -10.84
CA GLU E 1045 4.57 -8.10 -12.28
C GLU E 1045 5.85 -8.46 -13.04
N SER E 1046 7.01 -8.18 -12.45
CA SER E 1046 8.27 -8.53 -13.08
C SER E 1046 8.38 -10.03 -13.33
N TRP E 1047 8.00 -10.84 -12.33
CA TRP E 1047 8.09 -12.29 -12.47
C TRP E 1047 7.01 -12.83 -13.39
N TYR E 1048 5.77 -12.31 -13.28
CA TYR E 1048 4.70 -12.80 -14.14
C TYR E 1048 5.02 -12.55 -15.61
N ASN E 1049 5.56 -11.37 -15.93
CA ASN E 1049 5.98 -11.09 -17.29
C ASN E 1049 7.11 -12.03 -17.72
N LEU E 1050 8.09 -12.22 -16.85
CA LEU E 1050 9.21 -13.12 -17.16
C LEU E 1050 8.73 -14.56 -17.32
N LEU E 1051 7.97 -15.06 -16.34
CA LEU E 1051 7.56 -16.46 -16.37
C LEU E 1051 6.56 -16.76 -17.48
N LEU E 1052 5.83 -15.75 -17.96
CA LEU E 1052 4.99 -15.95 -19.13
C LEU E 1052 5.85 -16.17 -20.38
N ASP E 1053 6.91 -15.38 -20.53
CA ASP E 1053 7.89 -15.63 -21.59
C ASP E 1053 8.46 -17.04 -21.49
N MET E 1054 8.63 -17.54 -20.26
CA MET E 1054 9.12 -18.89 -20.07
C MET E 1054 8.13 -19.92 -20.62
N GLN E 1055 6.84 -19.72 -20.37
CA GLN E 1055 5.83 -20.67 -20.82
C GLN E 1055 5.84 -20.81 -22.34
N ASN E 1056 5.63 -19.70 -23.05
CA ASN E 1056 5.60 -19.73 -24.51
C ASN E 1056 6.87 -20.29 -25.11
N ARG E 1057 7.99 -20.21 -24.39
CA ARG E 1057 9.23 -20.79 -24.87
C ARG E 1057 9.30 -22.29 -24.62
N LEU E 1058 8.78 -22.75 -23.49
CA LEU E 1058 8.81 -24.18 -23.18
C LEU E 1058 7.83 -24.96 -24.04
N ASN E 1059 6.73 -24.34 -24.48
CA ASN E 1059 5.76 -25.03 -25.30
C ASN E 1059 6.34 -25.43 -26.65
N LYS E 1060 7.30 -24.65 -27.17
CA LYS E 1060 7.95 -25.02 -28.42
C LYS E 1060 8.82 -26.26 -28.24
N VAL E 1061 9.30 -26.50 -27.03
CA VAL E 1061 10.32 -27.52 -26.78
C VAL E 1061 9.68 -28.80 -26.27
N ILE E 1062 8.94 -28.71 -25.17
CA ILE E 1062 8.43 -29.91 -24.50
C ILE E 1062 7.44 -30.62 -25.41
N LYS E 1063 7.59 -31.94 -25.51
CA LYS E 1063 6.72 -32.77 -26.33
C LYS E 1063 5.40 -33.01 -25.61
N SER E 1064 4.30 -32.61 -26.22
CA SER E 1064 2.98 -32.84 -25.66
C SER E 1064 2.42 -34.18 -26.14
N VAL E 1065 1.85 -34.94 -25.23
CA VAL E 1065 1.25 -36.21 -25.60
C VAL E 1065 0.00 -35.93 -26.43
N GLY E 1066 -0.11 -36.63 -27.56
CA GLY E 1066 -1.21 -36.37 -28.47
C GLY E 1066 -1.14 -35.04 -29.19
N LYS E 1067 -0.03 -34.32 -29.05
CA LYS E 1067 0.19 -33.03 -29.71
C LYS E 1067 -0.95 -32.04 -29.39
N ILE E 1068 -1.30 -31.97 -28.12
CA ILE E 1068 -2.32 -31.04 -27.64
C ILE E 1068 -1.65 -29.72 -27.27
N GLU E 1069 -2.14 -28.63 -27.84
CA GLU E 1069 -1.58 -27.32 -27.57
C GLU E 1069 -1.79 -26.96 -26.10
N HIS E 1070 -0.70 -26.54 -25.43
CA HIS E 1070 -0.80 -26.14 -24.04
C HIS E 1070 -1.74 -24.95 -23.87
N SER E 1071 -1.65 -23.96 -24.77
CA SER E 1071 -2.55 -22.83 -24.71
C SER E 1071 -4.01 -23.26 -24.86
N PHE E 1072 -4.27 -24.32 -25.63
CA PHE E 1072 -5.63 -24.83 -25.75
C PHE E 1072 -6.06 -25.55 -24.47
N TRP E 1073 -5.13 -26.22 -23.80
CA TRP E 1073 -5.47 -26.96 -22.58
C TRP E 1073 -5.84 -26.00 -21.46
N ARG E 1074 -4.98 -25.04 -21.15
CA ARG E 1074 -5.26 -24.10 -20.07
C ARG E 1074 -6.27 -23.03 -20.45
N SER E 1075 -6.72 -22.97 -21.71
CA SER E 1075 -7.72 -22.00 -22.10
C SER E 1075 -9.00 -22.21 -21.30
N PHE E 1076 -9.49 -21.12 -20.69
CA PHE E 1076 -10.72 -21.15 -19.90
C PHE E 1076 -11.87 -21.72 -20.73
N HIS E 1077 -12.38 -22.87 -20.32
CA HIS E 1077 -13.37 -23.61 -21.10
C HIS E 1077 -14.71 -23.60 -20.37
N THR E 1078 -15.78 -23.41 -21.14
CA THR E 1078 -17.14 -23.71 -20.72
C THR E 1078 -17.88 -24.32 -21.90
N GLU E 1079 -19.09 -24.82 -21.64
CA GLU E 1079 -19.91 -25.31 -22.74
C GLU E 1079 -20.34 -24.19 -23.68
N ARG E 1080 -20.41 -22.96 -23.18
CA ARG E 1080 -20.88 -21.82 -23.97
C ARG E 1080 -19.76 -20.91 -24.44
N LYS E 1081 -18.72 -20.73 -23.63
CA LYS E 1081 -17.61 -19.84 -23.98
C LYS E 1081 -16.30 -20.60 -23.88
N THR E 1082 -15.26 -20.02 -24.48
CA THR E 1082 -13.91 -20.62 -24.43
C THR E 1082 -12.90 -19.51 -24.70
N GLU E 1083 -12.38 -18.93 -23.64
CA GLU E 1083 -11.42 -17.85 -23.70
C GLU E 1083 -10.02 -18.31 -23.31
N PRO E 1084 -8.98 -17.63 -23.77
CA PRO E 1084 -7.62 -18.00 -23.34
C PRO E 1084 -7.35 -17.58 -21.90
N ALA E 1085 -6.48 -18.34 -21.25
CA ALA E 1085 -6.18 -18.08 -19.85
C ALA E 1085 -5.29 -16.85 -19.70
N THR E 1086 -5.45 -16.17 -18.55
CA THR E 1086 -4.68 -14.97 -18.27
C THR E 1086 -4.54 -14.81 -16.75
N GLY E 1087 -3.46 -14.14 -16.35
CA GLY E 1087 -3.21 -13.89 -14.94
C GLY E 1087 -2.77 -15.08 -14.13
N PHE E 1088 -2.37 -16.18 -14.78
CA PHE E 1088 -1.95 -17.39 -14.08
C PHE E 1088 -0.72 -17.96 -14.77
N ILE E 1089 -0.06 -18.88 -14.08
CA ILE E 1089 1.14 -19.53 -14.59
C ILE E 1089 1.09 -21.00 -14.21
N ASP E 1090 1.07 -21.88 -15.22
CA ASP E 1090 1.07 -23.31 -14.97
C ASP E 1090 2.41 -23.73 -14.39
N GLY E 1091 2.51 -23.72 -13.04
CA GLY E 1091 3.77 -24.05 -12.40
C GLY E 1091 4.30 -25.42 -12.77
N ASP E 1092 3.40 -26.35 -13.12
CA ASP E 1092 3.83 -27.65 -13.62
C ASP E 1092 4.69 -27.49 -14.87
N LEU E 1093 4.29 -26.61 -15.79
CA LEU E 1093 5.07 -26.38 -17.00
C LEU E 1093 6.41 -25.73 -16.69
N ILE E 1094 6.42 -24.75 -15.78
CA ILE E 1094 7.67 -24.09 -15.42
C ILE E 1094 8.62 -25.07 -14.74
N GLU E 1095 8.08 -25.99 -13.95
CA GLU E 1095 8.94 -26.93 -13.23
C GLU E 1095 9.53 -27.98 -14.18
N SER E 1096 8.86 -28.25 -15.31
CA SER E 1096 9.42 -29.18 -16.28
C SER E 1096 10.64 -28.61 -17.00
N PHE E 1097 10.96 -27.33 -16.78
CA PHE E 1097 12.18 -26.75 -17.34
C PHE E 1097 13.43 -27.47 -16.83
N LEU E 1098 13.36 -28.04 -15.63
CA LEU E 1098 14.48 -28.78 -15.05
C LEU E 1098 14.50 -30.24 -15.46
N ASP E 1099 13.57 -30.67 -16.32
CA ASP E 1099 13.52 -32.05 -16.80
C ASP E 1099 13.98 -32.21 -18.24
N ILE E 1100 14.10 -31.12 -18.99
CA ILE E 1100 14.65 -31.20 -20.33
C ILE E 1100 16.16 -31.37 -20.26
N SER E 1101 16.75 -31.81 -21.37
CA SER E 1101 18.19 -32.02 -21.41
C SER E 1101 18.92 -30.68 -21.36
N ARG E 1102 20.23 -30.77 -21.09
CA ARG E 1102 21.03 -29.55 -20.94
C ARG E 1102 21.03 -28.66 -22.18
N PRO E 1103 21.09 -29.18 -23.42
CA PRO E 1103 21.02 -28.25 -24.57
C PRO E 1103 19.66 -27.59 -24.74
N LYS E 1104 18.56 -28.31 -24.51
CA LYS E 1104 17.24 -27.70 -24.63
C LYS E 1104 17.04 -26.56 -23.66
N MET E 1105 17.70 -26.59 -22.50
CA MET E 1105 17.68 -25.44 -21.62
C MET E 1105 18.22 -24.20 -22.33
N GLN E 1106 19.45 -24.29 -22.85
CA GLN E 1106 20.00 -23.20 -23.65
C GLN E 1106 19.11 -22.88 -24.84
N GLU E 1107 18.41 -23.88 -25.37
CA GLU E 1107 17.44 -23.62 -26.42
C GLU E 1107 16.28 -22.80 -25.89
N VAL E 1108 15.77 -23.12 -24.70
CA VAL E 1108 14.67 -22.36 -24.12
C VAL E 1108 15.12 -20.94 -23.79
N VAL E 1109 16.26 -20.82 -23.12
CA VAL E 1109 16.82 -19.50 -22.79
C VAL E 1109 17.68 -19.05 -23.96
N ALA E 1110 17.04 -18.72 -25.08
CA ALA E 1110 17.76 -18.28 -26.26
C ALA E 1110 18.18 -16.83 -26.11
N ASN E 1111 17.25 -15.90 -26.32
CA ASN E 1111 17.52 -14.47 -26.20
C ASN E 1111 16.65 -13.92 -25.09
N LEU E 1112 17.13 -14.04 -23.85
CA LEU E 1112 16.42 -13.55 -22.68
C LEU E 1112 17.15 -12.37 -22.07
N GLN E 1113 16.39 -11.42 -21.55
CA GLN E 1113 16.94 -10.27 -20.84
C GLN E 1113 16.69 -10.47 -19.35
N TYR E 1114 17.63 -11.11 -18.67
CA TYR E 1114 17.56 -11.27 -17.23
C TYR E 1114 18.30 -10.12 -16.56
N ASP E 1115 17.85 -9.77 -15.35
CA ASP E 1115 18.28 -8.51 -14.74
C ASP E 1115 18.95 -8.72 -13.39
N ASP E 1116 18.15 -8.97 -12.35
CA ASP E 1116 18.66 -9.17 -10.99
C ASP E 1116 19.47 -7.94 -10.54
N GLY E 1117 18.86 -6.77 -10.69
CA GLY E 1117 19.51 -5.52 -10.36
C GLY E 1117 20.43 -5.01 -11.44
N LYS E 1121 19.80 -5.30 -17.40
CA LYS E 1121 19.48 -6.47 -18.21
C LYS E 1121 20.70 -6.91 -19.03
N ARG E 1122 20.78 -8.22 -19.30
CA ARG E 1122 21.89 -8.79 -20.04
C ARG E 1122 21.42 -10.10 -20.67
N GLU E 1123 22.34 -10.83 -21.27
CA GLU E 1123 22.02 -12.15 -21.81
C GLU E 1123 21.88 -13.15 -20.66
N ALA E 1124 20.81 -13.94 -20.70
CA ALA E 1124 20.55 -14.90 -19.65
C ALA E 1124 21.11 -16.27 -20.01
N THR E 1125 21.52 -17.01 -18.99
CA THR E 1125 22.06 -18.36 -19.14
C THR E 1125 21.02 -19.38 -18.68
N ALA E 1126 21.45 -20.64 -18.60
CA ALA E 1126 20.56 -21.67 -18.06
C ALA E 1126 20.61 -21.69 -16.54
N ASP E 1127 21.80 -21.49 -15.96
CA ASP E 1127 21.92 -21.40 -14.50
C ASP E 1127 21.29 -20.13 -13.95
N ASP E 1128 21.04 -19.14 -14.80
CA ASP E 1128 20.29 -17.97 -14.37
C ASP E 1128 18.84 -18.33 -14.04
N LEU E 1129 18.24 -19.20 -14.87
CA LEU E 1129 16.86 -19.62 -14.67
C LEU E 1129 16.73 -20.81 -13.73
N ILE E 1130 17.79 -21.60 -13.56
CA ILE E 1130 17.76 -22.69 -12.60
C ILE E 1130 17.63 -22.16 -11.18
N LYS E 1131 18.46 -21.17 -10.83
CA LYS E 1131 18.34 -20.54 -9.52
C LYS E 1131 16.95 -19.91 -9.34
N VAL E 1132 16.32 -19.51 -10.43
CA VAL E 1132 14.96 -18.97 -10.37
C VAL E 1132 13.95 -20.09 -10.17
N VAL E 1133 14.06 -21.16 -10.96
CA VAL E 1133 13.07 -22.23 -10.89
C VAL E 1133 13.20 -23.01 -9.59
N GLU E 1134 14.43 -23.24 -9.12
CA GLU E 1134 14.62 -23.94 -7.86
C GLU E 1134 14.00 -23.17 -6.70
N GLU E 1135 13.99 -21.83 -6.77
CA GLU E 1135 13.29 -21.04 -5.77
C GLU E 1135 11.79 -21.25 -5.82
N LEU E 1136 11.25 -21.70 -6.94
CA LEU E 1136 9.81 -21.92 -7.07
C LEU E 1136 9.39 -23.32 -6.62
N THR E 1137 10.26 -24.31 -6.80
CA THR E 1137 9.95 -25.67 -6.34
C THR E 1137 10.04 -25.81 -4.83
N ARG E 1138 10.46 -24.77 -4.12
CA ARG E 1138 10.68 -24.83 -2.68
C ARG E 1138 9.52 -24.22 -1.89
N ILE E 1139 8.33 -24.19 -2.47
CA ILE E 1139 7.15 -23.63 -1.81
C ILE E 1139 6.08 -24.68 -1.56
N HIS E 1140 6.37 -25.95 -1.83
CA HIS E 1140 5.41 -27.02 -1.60
C HIS E 1140 6.12 -28.36 -1.36
N ILE F 11 -65.27 -20.77 -12.21
CA ILE F 11 -65.52 -19.81 -13.28
C ILE F 11 -65.93 -20.53 -14.56
N ASN F 12 -66.26 -19.74 -15.59
CA ASN F 12 -66.68 -20.27 -16.88
C ASN F 12 -66.43 -19.25 -17.97
N PHE F 13 -65.77 -18.14 -17.58
CA PHE F 13 -65.54 -17.00 -18.47
C PHE F 13 -65.06 -17.39 -19.86
N ASP F 14 -63.89 -18.05 -19.94
CA ASP F 14 -63.14 -18.45 -21.14
C ASP F 14 -61.82 -17.68 -21.16
N THR F 15 -60.79 -18.24 -20.53
CA THR F 15 -59.47 -17.60 -20.42
C THR F 15 -58.83 -17.25 -21.76
N SER F 16 -59.35 -17.76 -22.88
CA SER F 16 -58.77 -17.43 -24.18
C SER F 16 -59.23 -16.10 -24.75
N LEU F 17 -60.27 -15.48 -24.19
CA LEU F 17 -60.77 -14.23 -24.75
C LEU F 17 -59.82 -13.04 -24.55
N PRO F 18 -59.38 -12.70 -23.33
CA PRO F 18 -58.53 -11.51 -23.17
C PRO F 18 -57.24 -11.51 -23.96
N THR F 19 -56.61 -12.68 -24.17
CA THR F 19 -55.37 -12.71 -24.92
C THR F 19 -55.58 -12.30 -26.37
N SER F 20 -56.78 -12.53 -26.90
CA SER F 20 -57.12 -12.20 -28.28
C SER F 20 -57.24 -10.70 -28.51
N HIS F 21 -57.48 -9.91 -27.46
CA HIS F 21 -57.70 -8.46 -27.58
C HIS F 21 -58.80 -8.13 -28.58
N THR F 22 -59.91 -8.88 -28.48
CA THR F 22 -61.04 -8.77 -29.42
C THR F 22 -61.63 -7.37 -29.45
N TYR F 23 -61.41 -6.57 -28.40
CA TYR F 23 -61.90 -5.20 -28.34
C TYR F 23 -61.29 -4.32 -29.43
N LEU F 24 -60.19 -4.77 -30.05
CA LEU F 24 -59.56 -4.00 -31.11
C LEU F 24 -60.36 -4.07 -32.42
N GLY F 25 -61.37 -4.93 -32.49
CA GLY F 25 -62.22 -5.05 -33.66
C GLY F 25 -62.01 -6.21 -34.63
N ALA F 26 -62.24 -5.92 -35.91
CA ALA F 26 -62.11 -6.92 -36.96
C ALA F 26 -60.72 -7.54 -36.94
N ASP F 27 -60.65 -8.83 -37.31
CA ASP F 27 -59.38 -9.53 -37.35
C ASP F 27 -58.34 -8.72 -38.12
N MET F 28 -57.18 -8.58 -37.51
CA MET F 28 -56.05 -7.85 -38.06
C MET F 28 -55.29 -8.70 -39.06
N GLU F 29 -54.46 -8.03 -39.85
CA GLU F 29 -53.58 -8.77 -40.73
C GLU F 29 -52.53 -9.42 -39.84
N GLU F 30 -52.27 -10.71 -40.07
CA GLU F 30 -51.31 -11.43 -39.24
C GLU F 30 -50.07 -11.76 -40.04
N PHE F 31 -48.95 -11.82 -39.35
CA PHE F 31 -47.68 -12.19 -39.96
C PHE F 31 -47.22 -13.52 -39.39
N HIS F 32 -46.64 -14.36 -40.24
CA HIS F 32 -46.10 -15.64 -39.79
C HIS F 32 -44.58 -15.64 -39.67
N GLY F 33 -43.90 -14.79 -40.44
CA GLY F 33 -42.46 -14.74 -40.37
C GLY F 33 -41.97 -14.31 -39.00
N ARG F 34 -40.74 -14.69 -38.69
CA ARG F 34 -40.14 -14.34 -37.41
C ARG F 34 -38.71 -13.85 -37.64
N THR F 35 -38.35 -12.78 -36.94
CA THR F 35 -37.03 -12.16 -37.04
C THR F 35 -36.36 -12.21 -35.68
N LEU F 36 -35.20 -12.88 -35.62
CA LEU F 36 -34.41 -12.95 -34.41
C LEU F 36 -32.97 -12.59 -34.75
N HIS F 37 -32.40 -11.66 -34.00
CA HIS F 37 -31.03 -11.23 -34.20
C HIS F 37 -30.04 -12.08 -33.41
N ASP F 38 -28.85 -12.24 -33.99
CA ASP F 38 -27.79 -13.03 -33.36
C ASP F 38 -27.37 -12.39 -32.04
N ASP F 39 -27.06 -13.24 -31.07
CA ASP F 39 -26.60 -12.78 -29.76
C ASP F 39 -25.33 -11.96 -29.90
N ASP F 40 -25.27 -10.86 -29.15
CA ASP F 40 -24.16 -9.89 -29.08
C ASP F 40 -24.07 -9.01 -30.31
N SER F 41 -24.88 -9.23 -31.34
CA SER F 41 -24.83 -8.41 -32.55
C SER F 41 -25.32 -7.00 -32.26
N CYS F 42 -24.78 -6.04 -33.02
CA CYS F 42 -25.19 -4.65 -32.89
C CYS F 42 -26.27 -4.34 -33.91
N GLN F 43 -27.35 -3.71 -33.44
CA GLN F 43 -28.50 -3.40 -34.28
C GLN F 43 -29.02 -2.01 -33.96
N VAL F 44 -29.56 -1.36 -35.00
CA VAL F 44 -30.22 -0.06 -34.89
C VAL F 44 -31.72 -0.30 -34.99
N ILE F 45 -32.46 0.02 -33.91
CA ILE F 45 -33.89 -0.28 -33.87
C ILE F 45 -34.63 0.99 -33.49
N PRO F 46 -35.75 1.30 -34.15
CA PRO F 46 -36.51 2.50 -33.78
C PRO F 46 -37.25 2.37 -32.45
N VAL F 47 -37.41 3.52 -31.79
CA VAL F 47 -38.14 3.62 -30.52
C VAL F 47 -39.45 4.36 -30.78
N LEU F 48 -40.54 3.85 -30.21
CA LEU F 48 -41.82 4.56 -30.28
C LEU F 48 -41.85 5.65 -29.22
N PRO F 49 -42.07 6.91 -29.61
CA PRO F 49 -41.92 8.02 -28.64
C PRO F 49 -42.77 7.92 -27.39
N GLN F 50 -44.02 7.48 -27.47
CA GLN F 50 -44.88 7.51 -26.29
C GLN F 50 -45.02 6.19 -25.54
N VAL F 51 -44.40 5.10 -25.97
CA VAL F 51 -44.54 3.87 -25.21
C VAL F 51 -43.72 3.95 -23.93
N MET F 52 -44.39 3.79 -22.78
CA MET F 52 -43.77 3.86 -21.46
C MET F 52 -43.94 2.50 -20.81
N MET F 53 -43.06 1.57 -21.12
CA MET F 53 -43.22 0.23 -20.55
C MET F 53 -41.91 -0.54 -20.55
N ILE F 54 -41.79 -1.44 -19.58
CA ILE F 54 -40.69 -2.39 -19.51
C ILE F 54 -41.29 -3.69 -20.04
N LEU F 55 -40.94 -4.05 -21.27
CA LEU F 55 -41.51 -5.21 -21.92
C LEU F 55 -40.70 -6.47 -21.65
N ILE F 56 -41.40 -7.55 -21.33
CA ILE F 56 -40.76 -8.84 -21.07
C ILE F 56 -40.91 -9.71 -22.32
N PRO F 57 -39.88 -10.47 -22.71
CA PRO F 57 -40.04 -11.38 -23.85
C PRO F 57 -41.23 -12.31 -23.67
N GLY F 58 -42.02 -12.45 -24.74
CA GLY F 58 -43.20 -13.28 -24.74
C GLY F 58 -44.47 -12.58 -24.31
N GLN F 59 -44.35 -11.35 -23.82
CA GLN F 59 -45.50 -10.56 -23.39
C GLN F 59 -46.12 -9.88 -24.60
N THR F 60 -47.45 -9.91 -24.69
CA THR F 60 -48.13 -9.24 -25.78
C THR F 60 -48.33 -7.77 -25.47
N LEU F 61 -47.97 -6.91 -26.42
CA LEU F 61 -48.11 -5.46 -26.27
C LEU F 61 -49.01 -4.85 -27.34
N PRO F 62 -50.24 -4.50 -27.01
CA PRO F 62 -51.10 -3.81 -27.97
C PRO F 62 -50.84 -2.31 -27.92
N LEU F 63 -50.98 -1.65 -29.07
CA LEU F 63 -50.79 -0.21 -29.16
C LEU F 63 -51.81 0.41 -30.11
N GLN F 64 -52.19 1.65 -29.80
CA GLN F 64 -53.02 2.48 -30.68
C GLN F 64 -52.25 3.76 -30.95
N LEU F 65 -51.76 3.91 -32.17
CA LEU F 65 -50.99 5.08 -32.59
C LEU F 65 -51.83 6.05 -33.40
N PHE F 66 -51.83 7.32 -32.99
CA PHE F 66 -52.67 8.38 -33.56
C PHE F 66 -51.86 9.42 -34.32
N HIS F 67 -50.75 9.84 -33.74
CA HIS F 67 -49.89 10.87 -34.32
C HIS F 67 -49.29 10.41 -35.65
N PRO F 68 -49.29 11.28 -36.68
CA PRO F 68 -48.76 10.88 -37.99
C PRO F 68 -47.32 10.37 -37.99
N GLN F 69 -46.44 10.91 -37.14
CA GLN F 69 -45.06 10.42 -37.11
C GLN F 69 -45.02 8.97 -36.65
N GLU F 70 -45.85 8.62 -35.66
CA GLU F 70 -45.91 7.24 -35.20
C GLU F 70 -46.52 6.34 -36.27
N VAL F 71 -47.63 6.79 -36.87
CA VAL F 71 -48.31 6.05 -37.94
C VAL F 71 -47.37 5.79 -39.12
N SER F 72 -46.66 6.84 -39.57
CA SER F 72 -45.74 6.68 -40.70
C SER F 72 -44.64 5.66 -40.42
N MET F 73 -44.00 5.75 -39.25
CA MET F 73 -42.95 4.81 -38.90
C MET F 73 -43.43 3.36 -38.92
N VAL F 74 -44.65 3.10 -38.43
CA VAL F 74 -45.18 1.75 -38.42
C VAL F 74 -45.45 1.22 -39.82
N ARG F 75 -45.99 2.05 -40.72
CA ARG F 75 -46.20 1.58 -42.09
C ARG F 75 -44.90 1.10 -42.72
N ASN F 76 -43.80 1.82 -42.47
CA ASN F 76 -42.49 1.44 -42.97
C ASN F 76 -41.99 0.14 -42.33
N LEU F 77 -42.18 0.01 -41.02
CA LEU F 77 -41.76 -1.19 -40.28
C LEU F 77 -42.49 -2.45 -40.76
N ILE F 78 -43.79 -2.35 -41.03
CA ILE F 78 -44.56 -3.50 -41.48
C ILE F 78 -44.03 -4.04 -42.81
N GLN F 79 -43.27 -3.23 -43.53
CA GLN F 79 -42.66 -3.61 -44.79
C GLN F 79 -41.25 -4.15 -44.61
N LYS F 80 -40.55 -3.73 -43.56
CA LYS F 80 -39.19 -4.19 -43.28
C LYS F 80 -39.24 -5.35 -42.29
N ASP F 81 -38.50 -5.32 -41.18
CA ASP F 81 -38.41 -6.42 -40.22
C ASP F 81 -39.50 -6.45 -39.16
N ARG F 82 -40.35 -5.42 -39.08
CA ARG F 82 -41.48 -5.31 -38.14
C ARG F 82 -41.07 -5.23 -36.65
N THR F 83 -39.83 -4.93 -36.31
CA THR F 83 -39.38 -4.97 -34.92
C THR F 83 -39.00 -3.58 -34.43
N PHE F 84 -39.60 -3.14 -33.32
CA PHE F 84 -39.22 -1.87 -32.71
C PHE F 84 -38.68 -2.10 -31.30
N ALA F 85 -37.96 -1.11 -30.80
CA ALA F 85 -37.34 -1.16 -29.48
C ALA F 85 -38.16 -0.42 -28.42
N VAL F 86 -38.39 -1.07 -27.28
CA VAL F 86 -39.13 -0.49 -26.16
C VAL F 86 -38.14 -0.27 -25.02
N LEU F 87 -37.68 0.96 -24.85
CA LEU F 87 -36.68 1.25 -23.82
C LEU F 87 -37.27 1.21 -22.42
N ALA F 88 -36.61 0.48 -21.51
CA ALA F 88 -36.96 0.40 -20.10
C ALA F 88 -36.24 1.50 -19.34
N TYR F 89 -36.90 2.63 -19.08
CA TYR F 89 -36.22 3.75 -18.43
C TYR F 89 -36.05 3.50 -16.93
N SER F 90 -34.79 3.43 -16.47
CA SER F 90 -34.46 3.31 -15.06
C SER F 90 -34.62 4.66 -14.34
N ASN F 91 -35.42 4.68 -13.26
CA ASN F 91 -35.54 5.86 -12.40
C ASN F 91 -36.24 7.04 -13.07
N VAL F 92 -36.65 8.03 -12.27
CA VAL F 92 -37.37 9.19 -12.79
C VAL F 92 -36.48 10.06 -13.67
N GLN F 93 -35.22 10.27 -13.27
CA GLN F 93 -34.31 11.10 -14.06
C GLN F 93 -34.19 10.56 -15.48
N GLU F 94 -33.87 9.27 -15.60
CA GLU F 94 -33.69 8.48 -16.83
C GLU F 94 -33.66 9.14 -18.20
N ARG F 95 -32.75 10.08 -18.46
CA ARG F 95 -32.76 10.63 -19.82
C ARG F 95 -32.22 9.58 -20.78
N GLU F 96 -31.14 8.91 -20.37
CA GLU F 96 -30.48 7.86 -21.12
C GLU F 96 -31.05 6.51 -20.71
N ALA F 97 -31.36 5.67 -21.69
CA ALA F 97 -31.89 4.34 -21.45
C ALA F 97 -30.74 3.34 -21.54
N GLN F 98 -30.69 2.40 -20.61
CA GLN F 98 -29.62 1.41 -20.61
C GLN F 98 -30.07 0.02 -21.00
N PHE F 99 -31.34 -0.32 -20.82
CA PHE F 99 -31.83 -1.65 -21.17
C PHE F 99 -33.11 -1.49 -21.98
N GLY F 100 -33.63 -2.61 -22.46
CA GLY F 100 -34.85 -2.59 -23.23
C GLY F 100 -35.13 -3.96 -23.80
N THR F 101 -36.23 -4.03 -24.54
CA THR F 101 -36.66 -5.29 -25.14
C THR F 101 -37.17 -5.04 -26.54
N THR F 102 -36.85 -5.95 -27.47
CA THR F 102 -37.38 -5.83 -28.82
C THR F 102 -38.84 -6.25 -28.81
N ALA F 103 -39.63 -5.63 -29.68
CA ALA F 103 -41.04 -5.97 -29.83
C ALA F 103 -41.32 -6.24 -31.30
N GLU F 104 -41.88 -7.41 -31.60
CA GLU F 104 -42.17 -7.78 -32.97
C GLU F 104 -43.67 -7.69 -33.22
N ILE F 105 -44.05 -6.80 -34.13
CA ILE F 105 -45.44 -6.63 -34.52
C ILE F 105 -45.92 -7.89 -35.24
N TYR F 106 -46.96 -8.53 -34.72
CA TYR F 106 -47.47 -9.71 -35.40
C TYR F 106 -48.85 -9.47 -36.00
N ALA F 107 -49.52 -8.39 -35.61
CA ALA F 107 -50.81 -8.04 -36.19
C ALA F 107 -50.95 -6.53 -36.13
N TYR F 108 -51.60 -5.95 -37.14
CA TYR F 108 -51.78 -4.51 -37.12
C TYR F 108 -52.98 -4.19 -37.99
N ARG F 109 -53.58 -3.03 -37.77
CA ARG F 109 -54.65 -2.59 -38.66
C ARG F 109 -54.76 -1.07 -38.65
N GLU F 110 -54.64 -0.45 -39.81
CA GLU F 110 -54.84 0.99 -39.94
C GLU F 110 -56.23 1.23 -40.50
N GLU F 111 -57.02 2.08 -39.85
CA GLU F 111 -58.36 2.33 -40.34
C GLU F 111 -58.64 3.82 -40.45
N GLN F 112 -59.35 4.21 -41.50
CA GLN F 112 -59.82 5.58 -41.70
C GLN F 112 -61.31 5.60 -41.44
N ASP F 113 -61.69 5.35 -40.18
CA ASP F 113 -63.10 5.34 -39.82
C ASP F 113 -63.68 6.74 -39.65
N PHE F 114 -63.51 7.33 -38.46
CA PHE F 114 -64.03 8.67 -38.20
C PHE F 114 -63.46 9.71 -39.17
N GLY F 115 -62.22 9.53 -39.63
CA GLY F 115 -61.61 10.46 -40.55
C GLY F 115 -60.17 10.78 -40.23
N ILE F 116 -59.68 10.20 -39.14
CA ILE F 116 -58.31 10.38 -38.68
C ILE F 116 -57.61 9.05 -38.86
N GLU F 117 -56.38 9.06 -39.38
CA GLU F 117 -55.69 7.79 -39.53
C GLU F 117 -55.24 7.28 -38.18
N ILE F 118 -55.70 6.08 -37.84
CA ILE F 118 -55.40 5.38 -36.60
C ILE F 118 -54.78 4.05 -36.96
N VAL F 119 -53.74 3.64 -36.24
CA VAL F 119 -53.12 2.35 -36.50
C VAL F 119 -53.10 1.56 -35.22
N LYS F 120 -53.73 0.38 -35.24
CA LYS F 120 -53.77 -0.55 -34.13
C LYS F 120 -52.74 -1.63 -34.39
N VAL F 121 -51.94 -1.99 -33.38
CA VAL F 121 -50.87 -2.94 -33.55
C VAL F 121 -50.84 -3.90 -32.37
N LYS F 122 -50.48 -5.16 -32.64
CA LYS F 122 -50.22 -6.15 -31.61
C LYS F 122 -48.77 -6.61 -31.77
N ALA F 123 -47.98 -6.37 -30.73
CA ALA F 123 -46.57 -6.74 -30.69
C ALA F 123 -46.30 -7.73 -29.58
N ILE F 124 -45.16 -8.42 -29.68
CA ILE F 124 -44.74 -9.40 -28.68
C ILE F 124 -43.27 -9.16 -28.35
N GLY F 125 -42.93 -9.23 -27.07
CA GLY F 125 -41.54 -9.08 -26.65
C GLY F 125 -40.71 -10.24 -27.15
N ARG F 126 -39.57 -9.92 -27.77
CA ARG F 126 -38.70 -10.98 -28.31
C ARG F 126 -37.35 -11.04 -27.62
N GLN F 127 -36.44 -10.09 -27.88
CA GLN F 127 -35.09 -10.15 -27.34
C GLN F 127 -34.74 -8.97 -26.44
N ARG F 128 -34.03 -9.25 -25.35
CA ARG F 128 -33.54 -8.23 -24.45
C ARG F 128 -32.30 -7.58 -25.05
N PHE F 129 -32.09 -6.30 -24.75
CA PHE F 129 -30.88 -5.67 -25.29
C PHE F 129 -30.29 -4.65 -24.32
N LYS F 130 -29.04 -4.29 -24.61
CA LYS F 130 -28.30 -3.23 -23.92
C LYS F 130 -28.16 -2.06 -24.87
N VAL F 131 -28.58 -0.88 -24.41
CA VAL F 131 -28.50 0.34 -25.23
C VAL F 131 -27.07 0.89 -25.26
N LEU F 132 -26.54 1.06 -26.48
CA LEU F 132 -25.20 1.57 -26.74
C LEU F 132 -25.20 3.06 -27.13
N GLU F 133 -26.18 3.49 -27.92
CA GLU F 133 -26.30 4.88 -28.34
C GLU F 133 -27.74 5.17 -28.71
N LEU F 134 -28.13 6.44 -28.53
CA LEU F 134 -29.45 6.94 -28.92
C LEU F 134 -29.35 8.19 -29.77
N ARG F 135 -29.98 8.17 -30.95
CA ARG F 135 -29.96 9.31 -31.86
C ARG F 135 -31.41 9.61 -32.22
N THR F 136 -31.85 10.83 -31.87
CA THR F 136 -33.18 11.34 -32.20
C THR F 136 -33.22 12.05 -33.55
N GLN F 137 -34.13 11.63 -34.43
CA GLN F 137 -34.18 12.28 -35.72
C GLN F 137 -35.08 13.51 -35.67
N SER F 138 -34.98 14.35 -36.71
CA SER F 138 -35.80 15.56 -36.83
C SER F 138 -37.31 15.31 -36.81
N ASP F 139 -37.76 14.05 -36.93
CA ASP F 139 -39.17 13.70 -36.92
C ASP F 139 -39.73 13.32 -35.56
N GLY F 140 -38.87 13.09 -34.56
CA GLY F 140 -39.32 12.66 -33.26
C GLY F 140 -39.23 11.16 -33.01
N ILE F 141 -38.90 10.38 -34.04
CA ILE F 141 -38.77 8.94 -33.89
C ILE F 141 -37.29 8.70 -33.62
N GLN F 142 -37.00 7.95 -32.58
CA GLN F 142 -35.63 7.75 -32.11
C GLN F 142 -35.09 6.39 -32.53
N GLN F 143 -33.78 6.35 -32.72
CA GLN F 143 -33.09 5.13 -33.12
C GLN F 143 -32.19 4.72 -31.97
N ALA F 144 -32.13 3.41 -31.73
CA ALA F 144 -31.31 2.85 -30.67
C ALA F 144 -30.16 2.03 -31.24
N LYS F 145 -28.93 2.39 -30.85
CA LYS F 145 -27.79 1.56 -31.17
C LYS F 145 -27.79 0.51 -30.07
N VAL F 146 -28.00 -0.74 -30.45
CA VAL F 146 -28.27 -1.79 -29.48
C VAL F 146 -27.35 -2.99 -29.60
N GLN F 147 -27.17 -3.66 -28.46
CA GLN F 147 -26.39 -4.89 -28.35
C GLN F 147 -27.31 -5.98 -27.80
N ILE F 148 -27.53 -7.02 -28.59
CA ILE F 148 -28.43 -8.11 -28.21
C ILE F 148 -27.83 -8.88 -27.04
N LEU F 149 -28.55 -8.91 -25.93
CA LEU F 149 -28.06 -9.63 -24.75
C LEU F 149 -28.36 -11.12 -24.90
N PRO F 150 -27.36 -12.00 -24.84
CA PRO F 150 -27.63 -13.43 -24.97
C PRO F 150 -28.31 -14.01 -23.75
N GLU F 151 -29.03 -15.10 -23.96
CA GLU F 151 -29.68 -15.84 -22.88
C GLU F 151 -28.70 -16.92 -22.44
N CYS F 152 -28.15 -16.78 -21.23
CA CYS F 152 -27.18 -17.73 -20.74
C CYS F 152 -27.88 -18.99 -20.25
N VAL F 153 -27.58 -20.10 -20.90
CA VAL F 153 -28.12 -21.42 -20.57
C VAL F 153 -27.00 -22.22 -19.93
N LEU F 154 -27.24 -22.65 -18.71
CA LEU F 154 -26.21 -23.42 -18.04
C LEU F 154 -26.58 -24.90 -18.04
N PRO F 155 -25.58 -25.79 -18.07
CA PRO F 155 -25.86 -27.22 -17.96
C PRO F 155 -26.22 -27.63 -16.55
N SER F 156 -26.59 -28.90 -16.36
CA SER F 156 -26.85 -29.43 -15.04
C SER F 156 -25.64 -29.19 -14.13
N THR F 157 -25.93 -28.86 -12.86
CA THR F 157 -24.88 -28.61 -11.89
C THR F 157 -23.97 -29.82 -11.68
N MET F 158 -24.46 -31.03 -11.97
CA MET F 158 -23.69 -32.25 -11.84
C MET F 158 -22.85 -32.59 -13.06
N SER F 159 -23.07 -31.90 -14.19
CA SER F 159 -22.35 -32.20 -15.42
C SER F 159 -20.83 -32.21 -15.23
N ALA F 160 -20.29 -31.21 -14.52
CA ALA F 160 -18.85 -31.19 -14.29
C ALA F 160 -18.41 -32.06 -13.10
N VAL F 161 -19.32 -32.72 -12.41
CA VAL F 161 -18.94 -33.48 -11.22
C VAL F 161 -19.65 -34.83 -11.24
N GLN F 162 -19.89 -35.37 -12.44
CA GLN F 162 -20.60 -36.64 -12.59
C GLN F 162 -19.62 -37.76 -12.94
N LEU F 163 -19.89 -38.94 -12.38
CA LEU F 163 -19.12 -40.14 -12.66
C LEU F 163 -19.62 -40.82 -13.92
N GLU F 164 -18.70 -41.15 -14.83
CA GLU F 164 -19.10 -41.75 -16.10
C GLU F 164 -19.84 -43.06 -15.89
N SER F 165 -19.54 -43.78 -14.81
CA SER F 165 -20.26 -45.02 -14.54
C SER F 165 -21.70 -44.76 -14.11
N LEU F 166 -21.98 -43.59 -13.55
CA LEU F 166 -23.31 -43.23 -13.09
C LEU F 166 -24.07 -42.39 -14.12
N ASN F 167 -23.50 -42.20 -15.31
CA ASN F 167 -24.13 -41.43 -16.35
C ASN F 167 -25.44 -42.06 -16.83
N LYS F 168 -25.47 -43.39 -16.92
CA LYS F 168 -26.65 -44.12 -17.36
C LYS F 168 -27.79 -44.17 -16.35
N CYS F 169 -27.66 -43.56 -15.16
CA CYS F 169 -28.75 -43.59 -14.20
C CYS F 169 -29.49 -42.26 -14.08
N GLN F 170 -29.03 -41.21 -14.74
CA GLN F 170 -29.65 -39.90 -14.61
C GLN F 170 -30.95 -39.74 -15.37
N ILE F 171 -31.27 -40.64 -16.31
CA ILE F 171 -32.56 -40.58 -17.01
C ILE F 171 -33.58 -41.51 -16.36
N PHE F 172 -34.74 -40.94 -16.02
CA PHE F 172 -35.88 -41.55 -15.35
C PHE F 172 -37.10 -41.52 -16.26
N PRO F 173 -37.96 -42.54 -16.24
CA PRO F 173 -39.14 -42.52 -17.10
C PRO F 173 -40.26 -41.65 -16.52
N SER F 174 -40.99 -41.01 -17.43
CA SER F 174 -41.92 -39.94 -17.06
C SER F 174 -43.08 -40.45 -16.22
N LYS F 175 -43.56 -39.58 -15.30
CA LYS F 175 -44.60 -39.69 -14.29
C LYS F 175 -45.96 -39.35 -14.88
N PRO F 176 -47.04 -39.92 -14.35
CA PRO F 176 -48.38 -39.51 -14.77
C PRO F 176 -48.80 -38.22 -14.10
N VAL F 177 -49.42 -37.34 -14.87
CA VAL F 177 -49.89 -36.06 -14.36
C VAL F 177 -51.16 -36.23 -13.54
N SER F 184 -47.13 -38.36 -6.82
CA SER F 184 -46.20 -37.44 -7.47
C SER F 184 -45.17 -36.91 -6.48
N TYR F 185 -45.58 -36.75 -5.21
CA TYR F 185 -44.67 -36.31 -4.17
C TYR F 185 -43.52 -37.28 -3.99
N LYS F 186 -43.81 -38.58 -4.01
CA LYS F 186 -42.79 -39.62 -3.89
C LYS F 186 -41.85 -39.64 -5.08
N TRP F 187 -42.38 -39.32 -6.27
CA TRP F 187 -41.54 -39.32 -7.48
C TRP F 187 -40.49 -38.22 -7.42
N TRP F 188 -40.86 -37.02 -6.97
CA TRP F 188 -39.87 -35.94 -6.91
C TRP F 188 -38.81 -36.23 -5.86
N GLN F 189 -39.17 -36.93 -4.79
CA GLN F 189 -38.19 -37.35 -3.80
C GLN F 189 -37.15 -38.28 -4.43
N LYS F 190 -37.61 -39.18 -5.30
CA LYS F 190 -36.69 -40.09 -5.99
C LYS F 190 -35.90 -39.36 -7.07
N TYR F 191 -36.51 -38.34 -7.69
CA TYR F 191 -35.82 -37.53 -8.69
C TYR F 191 -34.60 -36.85 -8.07
N GLN F 192 -34.79 -36.15 -6.95
CA GLN F 192 -33.72 -35.46 -6.27
C GLN F 192 -32.60 -36.42 -5.83
N LYS F 193 -32.97 -37.57 -5.28
CA LYS F 193 -31.98 -38.55 -4.83
C LYS F 193 -31.15 -39.10 -5.98
N ARG F 194 -31.76 -39.30 -7.15
CA ARG F 194 -31.08 -39.90 -8.29
C ARG F 194 -30.33 -38.91 -9.17
N LYS F 195 -30.94 -37.75 -9.50
CA LYS F 195 -30.26 -36.76 -10.35
C LYS F 195 -29.03 -36.18 -9.66
N PHE F 196 -29.11 -35.95 -8.36
CA PHE F 196 -28.07 -35.31 -7.57
C PHE F 196 -27.31 -36.30 -6.68
N HIS F 197 -27.25 -37.57 -7.12
CA HIS F 197 -26.55 -38.59 -6.35
C HIS F 197 -25.07 -38.22 -6.15
N CYS F 198 -24.43 -37.69 -7.17
CA CYS F 198 -23.01 -37.35 -7.09
C CYS F 198 -22.75 -36.07 -6.29
N ALA F 199 -23.76 -35.57 -5.56
CA ALA F 199 -23.57 -34.45 -4.65
C ALA F 199 -22.72 -34.82 -3.44
N ASN F 200 -22.56 -36.12 -3.14
CA ASN F 200 -21.73 -36.52 -2.01
C ASN F 200 -20.24 -36.37 -2.31
N LEU F 201 -19.88 -35.97 -3.53
CA LEU F 201 -18.50 -35.68 -3.88
C LEU F 201 -18.16 -34.22 -3.70
N THR F 202 -19.15 -33.39 -3.38
CA THR F 202 -18.99 -31.95 -3.24
C THR F 202 -19.22 -31.54 -1.78
N SER F 203 -19.25 -30.23 -1.56
CA SER F 203 -19.43 -29.64 -0.24
C SER F 203 -20.88 -29.50 0.17
N TRP F 204 -21.84 -29.76 -0.72
CA TRP F 204 -23.24 -29.48 -0.45
C TRP F 204 -24.12 -30.72 -0.62
N PRO F 205 -25.25 -30.76 0.06
CA PRO F 205 -26.18 -31.90 -0.07
C PRO F 205 -27.08 -31.77 -1.29
N ARG F 206 -27.75 -32.89 -1.58
CA ARG F 206 -28.69 -32.96 -2.70
C ARG F 206 -29.77 -31.89 -2.62
N TRP F 207 -30.34 -31.66 -1.44
CA TRP F 207 -31.43 -30.71 -1.30
C TRP F 207 -31.02 -29.28 -1.65
N LEU F 208 -29.73 -28.94 -1.54
CA LEU F 208 -29.31 -27.60 -1.95
C LEU F 208 -29.27 -27.49 -3.46
N TYR F 209 -28.71 -28.49 -4.15
CA TYR F 209 -28.67 -28.45 -5.61
C TYR F 209 -30.08 -28.40 -6.18
N SER F 210 -31.04 -29.04 -5.50
CA SER F 210 -32.44 -28.98 -5.92
C SER F 210 -32.92 -27.55 -5.99
N LEU F 211 -32.40 -26.68 -5.12
CA LEU F 211 -32.80 -25.27 -5.05
C LEU F 211 -32.32 -24.47 -6.26
N TYR F 212 -31.45 -25.05 -7.10
CA TYR F 212 -30.96 -24.40 -8.30
C TYR F 212 -31.25 -25.25 -9.53
N ASP F 213 -32.22 -26.15 -9.43
CA ASP F 213 -32.63 -27.03 -10.52
C ASP F 213 -33.89 -26.49 -11.18
N ALA F 214 -33.77 -26.11 -12.45
CA ALA F 214 -34.87 -25.55 -13.24
C ALA F 214 -36.16 -26.34 -13.07
N GLU F 215 -36.09 -27.66 -13.25
CA GLU F 215 -37.29 -28.50 -13.17
C GLU F 215 -37.95 -28.43 -11.80
N THR F 216 -37.17 -28.45 -10.72
CA THR F 216 -37.75 -28.34 -9.39
C THR F 216 -38.36 -26.96 -9.16
N LEU F 217 -37.62 -25.91 -9.50
CA LEU F 217 -38.14 -24.55 -9.39
C LEU F 217 -39.40 -24.35 -10.23
N MET F 218 -39.42 -24.86 -11.45
CA MET F 218 -40.61 -24.75 -12.29
C MET F 218 -41.79 -25.51 -11.70
N ASP F 219 -41.53 -26.67 -11.10
CA ASP F 219 -42.62 -27.42 -10.47
C ASP F 219 -43.14 -26.71 -9.23
N ARG F 220 -42.28 -25.94 -8.55
CA ARG F 220 -42.73 -25.20 -7.38
C ARG F 220 -43.60 -24.01 -7.79
N ILE F 221 -43.26 -23.36 -8.90
CA ILE F 221 -44.07 -22.25 -9.39
C ILE F 221 -45.43 -22.74 -9.88
N LYS F 222 -45.45 -23.80 -10.69
CA LYS F 222 -46.71 -24.39 -11.13
C LYS F 222 -47.67 -24.61 -9.96
N LYS F 223 -47.13 -25.01 -8.81
CA LYS F 223 -47.96 -25.24 -7.62
C LYS F 223 -48.62 -23.95 -7.18
N GLN F 224 -47.99 -22.81 -7.46
CA GLN F 224 -48.52 -21.49 -7.14
C GLN F 224 -49.45 -20.97 -8.22
N LEU F 225 -49.17 -21.29 -9.49
CA LEU F 225 -50.05 -20.89 -10.59
C LEU F 225 -51.39 -21.61 -10.49
N ARG F 226 -51.37 -22.84 -9.98
CA ARG F 226 -52.59 -23.61 -9.76
C ARG F 226 -53.43 -22.97 -8.66
N GLU F 227 -52.77 -22.31 -7.70
CA GLU F 227 -53.44 -21.57 -6.65
C GLU F 227 -54.28 -20.42 -7.18
N TRP F 228 -54.03 -19.94 -8.40
CA TRP F 228 -54.86 -18.84 -8.90
C TRP F 228 -55.99 -19.33 -9.78
N ASP F 229 -55.81 -20.39 -10.57
CA ASP F 229 -56.89 -20.87 -11.41
C ASP F 229 -56.80 -22.38 -11.40
N GLU F 230 -57.92 -23.09 -11.37
CA GLU F 230 -57.74 -24.54 -11.40
C GLU F 230 -57.81 -25.09 -12.81
N ASN F 231 -58.06 -24.23 -13.80
CA ASN F 231 -58.10 -24.52 -15.24
C ASN F 231 -56.73 -24.69 -15.87
N LEU F 232 -55.66 -24.85 -15.11
CA LEU F 232 -54.34 -24.94 -15.73
C LEU F 232 -54.10 -26.32 -16.31
N LYS F 233 -53.39 -26.36 -17.42
CA LYS F 233 -53.02 -27.60 -18.10
C LYS F 233 -51.61 -27.48 -18.65
N ASP F 234 -50.77 -28.46 -18.32
CA ASP F 234 -49.38 -28.58 -18.76
C ASP F 234 -49.14 -27.94 -20.12
N ASP F 235 -50.01 -28.27 -21.08
CA ASP F 235 -49.94 -27.83 -22.47
C ASP F 235 -49.64 -26.33 -22.54
N SER F 236 -50.61 -25.52 -22.11
CA SER F 236 -50.56 -24.07 -22.16
C SER F 236 -49.21 -23.48 -21.78
N LEU F 237 -48.61 -23.98 -20.70
CA LEU F 237 -47.35 -23.44 -20.19
C LEU F 237 -46.17 -24.17 -20.84
N PRO F 238 -45.16 -23.42 -21.29
CA PRO F 238 -44.00 -24.04 -21.94
C PRO F 238 -43.14 -24.86 -20.99
N SER F 239 -42.39 -25.77 -21.59
CA SER F 239 -41.48 -26.67 -20.90
C SER F 239 -40.07 -26.12 -20.80
N ASN F 240 -39.69 -25.22 -21.69
CA ASN F 240 -38.36 -24.62 -21.65
C ASN F 240 -38.30 -23.61 -20.50
N PRO F 241 -37.36 -23.76 -19.57
CA PRO F 241 -37.25 -22.79 -18.45
C PRO F 241 -37.14 -21.34 -18.88
N ILE F 242 -36.42 -21.05 -19.95
CA ILE F 242 -36.28 -19.67 -20.44
C ILE F 242 -37.64 -19.05 -20.68
N ASP F 243 -38.49 -19.72 -21.47
CA ASP F 243 -39.81 -19.20 -21.77
C ASP F 243 -40.68 -19.13 -20.53
N PHE F 244 -40.64 -20.18 -19.70
CA PHE F 244 -41.41 -20.22 -18.47
C PHE F 244 -41.04 -19.03 -17.56
N SER F 245 -39.76 -18.84 -17.29
CA SER F 245 -39.30 -17.76 -16.43
C SER F 245 -39.80 -16.39 -16.91
N TYR F 246 -39.80 -16.17 -18.22
CA TYR F 246 -40.28 -14.89 -18.74
C TYR F 246 -41.79 -14.74 -18.62
N ARG F 247 -42.55 -15.82 -18.88
CA ARG F 247 -44.00 -15.78 -18.74
C ARG F 247 -44.45 -15.42 -17.33
N VAL F 248 -43.79 -15.96 -16.30
CA VAL F 248 -44.18 -15.62 -14.93
C VAL F 248 -43.79 -14.18 -14.61
N ALA F 249 -42.60 -13.76 -15.05
CA ALA F 249 -42.16 -12.38 -14.84
C ALA F 249 -43.17 -11.39 -15.41
N ALA F 250 -43.80 -11.73 -16.53
CA ALA F 250 -44.74 -10.82 -17.18
C ALA F 250 -46.00 -10.60 -16.33
N CYS F 251 -46.41 -11.59 -15.53
CA CYS F 251 -47.63 -11.48 -14.75
C CYS F 251 -47.36 -11.32 -13.26
N LEU F 252 -46.17 -10.88 -12.87
CA LEU F 252 -45.88 -10.59 -11.48
C LEU F 252 -46.17 -9.12 -11.21
N PRO F 253 -47.08 -8.79 -10.29
CA PRO F 253 -47.39 -7.36 -10.03
C PRO F 253 -46.35 -6.68 -9.14
N ILE F 254 -45.23 -6.32 -9.77
CA ILE F 254 -44.13 -5.65 -9.09
C ILE F 254 -43.94 -4.27 -9.68
N ASP F 255 -43.27 -3.41 -8.91
CA ASP F 255 -42.95 -2.05 -9.34
C ASP F 255 -41.85 -2.07 -10.42
N ASP F 256 -41.69 -0.91 -11.06
CA ASP F 256 -40.75 -0.79 -12.18
C ASP F 256 -39.30 -1.04 -11.79
N VAL F 257 -38.88 -0.66 -10.57
CA VAL F 257 -37.49 -0.90 -10.17
C VAL F 257 -37.23 -2.40 -10.05
N LEU F 258 -38.20 -3.15 -9.51
CA LEU F 258 -38.05 -4.60 -9.40
C LEU F 258 -38.12 -5.27 -10.78
N ARG F 259 -39.06 -4.82 -11.63
CA ARG F 259 -39.19 -5.40 -12.96
C ARG F 259 -37.92 -5.19 -13.78
N ILE F 260 -37.26 -4.04 -13.61
CA ILE F 260 -35.99 -3.79 -14.30
C ILE F 260 -34.94 -4.78 -13.82
N GLN F 261 -34.86 -5.00 -12.51
CA GLN F 261 -33.89 -5.94 -11.94
C GLN F 261 -34.12 -7.36 -12.47
N LEU F 262 -35.38 -7.79 -12.59
CA LEU F 262 -35.64 -9.12 -13.14
C LEU F 262 -35.19 -9.22 -14.59
N LEU F 263 -35.40 -8.17 -15.39
CA LEU F 263 -34.94 -8.19 -16.77
C LEU F 263 -33.41 -8.24 -16.87
N LYS F 264 -32.72 -7.60 -15.93
CA LYS F 264 -31.25 -7.65 -15.92
C LYS F 264 -30.71 -9.05 -15.64
N ILE F 265 -31.54 -9.94 -15.08
CA ILE F 265 -31.11 -11.31 -14.80
C ILE F 265 -30.97 -12.06 -16.11
N GLY F 266 -29.81 -12.65 -16.34
CA GLY F 266 -29.57 -13.42 -17.55
C GLY F 266 -29.80 -14.92 -17.45
N SER F 267 -29.77 -15.47 -16.24
CA SER F 267 -29.97 -16.90 -16.04
C SER F 267 -31.41 -17.15 -15.62
N ALA F 268 -32.06 -18.12 -16.27
CA ALA F 268 -33.40 -18.53 -15.87
C ALA F 268 -33.44 -19.03 -14.44
N ILE F 269 -32.39 -19.75 -14.02
CA ILE F 269 -32.33 -20.25 -12.65
C ILE F 269 -32.42 -19.09 -11.66
N GLN F 270 -31.60 -18.06 -11.85
CA GLN F 270 -31.63 -16.91 -10.95
C GLN F 270 -32.97 -16.19 -11.01
N ARG F 271 -33.57 -16.14 -12.20
CA ARG F 271 -34.87 -15.51 -12.38
C ARG F 271 -35.96 -16.28 -11.66
N LEU F 272 -36.04 -17.60 -11.90
CA LEU F 272 -37.01 -18.43 -11.21
C LEU F 272 -36.89 -18.35 -9.69
N ARG F 273 -35.67 -18.39 -9.14
CA ARG F 273 -35.56 -18.31 -7.69
C ARG F 273 -36.06 -16.96 -7.18
N CYS F 274 -35.67 -15.89 -7.87
CA CYS F 274 -36.07 -14.53 -7.48
C CYS F 274 -37.58 -14.36 -7.58
N GLU F 275 -38.18 -15.00 -8.57
CA GLU F 275 -39.64 -14.94 -8.76
C GLU F 275 -40.35 -15.69 -7.64
N LEU F 276 -39.86 -16.88 -7.29
CA LEU F 276 -40.47 -17.65 -6.21
C LEU F 276 -40.45 -16.87 -4.90
N ASP F 277 -39.38 -16.12 -4.65
CA ASP F 277 -39.29 -15.34 -3.42
C ASP F 277 -40.30 -14.18 -3.42
N ILE F 278 -40.49 -13.55 -4.58
CA ILE F 278 -41.49 -12.49 -4.71
C ILE F 278 -42.89 -13.03 -4.47
N MET F 279 -43.20 -14.18 -5.08
CA MET F 279 -44.52 -14.79 -4.88
C MET F 279 -44.81 -15.10 -3.40
N ASN F 280 -43.78 -15.31 -2.60
CA ASN F 280 -43.97 -15.61 -1.18
C ASN F 280 -43.85 -14.39 -0.27
N LYS F 281 -42.87 -13.51 -0.52
CA LYS F 281 -42.68 -12.32 0.32
C LYS F 281 -43.81 -11.29 0.17
N CYS F 282 -44.02 -10.77 -1.04
CA CYS F 282 -44.98 -9.70 -1.28
C CYS F 282 -46.42 -10.22 -1.35
N THR F 283 -47.13 -10.17 -0.22
CA THR F 283 -48.52 -10.59 -0.16
C THR F 283 -49.52 -9.44 -0.25
N SER F 284 -49.15 -8.22 0.14
CA SER F 284 -50.05 -7.08 0.12
C SER F 284 -49.77 -6.12 -1.03
N LEU F 285 -50.83 -5.48 -1.52
CA LEU F 285 -50.75 -4.48 -2.58
C LEU F 285 -51.45 -3.20 -2.12
N CYS F 286 -50.68 -2.13 -1.94
CA CYS F 286 -51.21 -0.86 -1.45
C CYS F 286 -51.28 0.16 -2.58
N CYS F 287 -51.95 1.28 -2.29
CA CYS F 287 -51.98 2.40 -3.24
C CYS F 287 -50.63 3.09 -3.27
N LYS F 288 -50.10 3.30 -4.49
CA LYS F 288 -48.80 3.93 -4.63
C LYS F 288 -48.78 5.37 -4.13
N GLN F 289 -49.84 6.14 -4.40
CA GLN F 289 -49.87 7.52 -3.93
C GLN F 289 -49.96 7.62 -2.41
N CYS F 290 -50.76 6.76 -1.78
CA CYS F 290 -50.90 6.79 -0.34
C CYS F 290 -49.77 6.04 0.36
N GLN F 291 -49.43 4.85 -0.15
CA GLN F 291 -48.46 3.92 0.43
C GLN F 291 -49.04 3.27 1.69
N GLU F 292 -49.98 3.96 2.34
CA GLU F 292 -50.59 3.49 3.58
C GLU F 292 -52.06 3.10 3.40
N THR F 293 -52.39 2.39 2.32
CA THR F 293 -53.77 1.99 2.11
C THR F 293 -53.80 0.64 1.39
N GLU F 294 -54.20 -0.40 2.12
CA GLU F 294 -54.30 -1.74 1.54
C GLU F 294 -55.46 -1.79 0.56
N ILE F 295 -55.19 -2.33 -0.63
CA ILE F 295 -56.21 -2.47 -1.68
C ILE F 295 -56.62 -3.93 -1.84
N THR F 296 -55.66 -4.84 -1.90
CA THR F 296 -55.97 -6.25 -2.04
C THR F 296 -54.81 -7.07 -1.48
N THR F 297 -54.98 -8.39 -1.50
CA THR F 297 -53.97 -9.33 -1.04
C THR F 297 -53.74 -10.39 -2.10
N LYS F 298 -52.63 -11.11 -1.96
CA LYS F 298 -52.30 -12.18 -2.91
C LYS F 298 -53.34 -13.30 -2.91
N ASN F 299 -54.11 -13.47 -1.82
CA ASN F 299 -55.12 -14.51 -1.80
C ASN F 299 -56.25 -14.24 -2.77
N GLU F 300 -56.43 -12.99 -3.18
CA GLU F 300 -57.50 -12.60 -4.09
C GLU F 300 -57.03 -12.54 -5.53
N ILE F 301 -55.72 -12.61 -5.76
CA ILE F 301 -55.17 -12.61 -7.12
C ILE F 301 -55.62 -13.87 -7.83
N PHE F 302 -56.11 -13.72 -9.05
CA PHE F 302 -56.55 -14.85 -9.86
C PHE F 302 -56.39 -14.50 -11.32
N SER F 303 -56.25 -15.54 -12.14
CA SER F 303 -56.06 -15.40 -13.58
C SER F 303 -57.38 -15.51 -14.34
N LEU F 304 -57.72 -14.46 -15.08
CA LEU F 304 -58.88 -14.44 -15.96
C LEU F 304 -58.48 -14.53 -17.42
N SER F 305 -57.18 -14.59 -17.69
CA SER F 305 -56.63 -14.70 -19.04
C SER F 305 -55.57 -15.79 -19.05
N LEU F 306 -55.44 -16.44 -20.21
CA LEU F 306 -54.44 -17.50 -20.35
C LEU F 306 -53.04 -16.98 -20.04
N CYS F 307 -52.80 -15.68 -20.24
CA CYS F 307 -51.50 -15.11 -19.94
C CYS F 307 -51.22 -15.13 -18.44
N GLY F 308 -52.27 -15.09 -17.62
CA GLY F 308 -52.15 -15.10 -16.19
C GLY F 308 -52.98 -14.02 -15.51
N PRO F 309 -52.60 -13.64 -14.29
CA PRO F 309 -53.40 -12.63 -13.56
C PRO F 309 -53.19 -11.22 -14.04
N MET F 310 -52.10 -10.93 -14.74
CA MET F 310 -51.80 -9.57 -15.16
C MET F 310 -51.40 -9.61 -16.64
N ALA F 311 -51.95 -8.67 -17.41
CA ALA F 311 -51.62 -8.54 -18.82
C ALA F 311 -51.77 -7.08 -19.20
N ALA F 312 -51.15 -6.70 -20.32
CA ALA F 312 -51.24 -5.34 -20.81
C ALA F 312 -52.44 -5.19 -21.74
N TYR F 313 -53.19 -4.11 -21.53
CA TYR F 313 -54.33 -3.77 -22.37
C TYR F 313 -54.26 -2.29 -22.74
N VAL F 314 -54.86 -1.95 -23.88
CA VAL F 314 -54.87 -0.59 -24.39
C VAL F 314 -56.26 0.02 -24.33
N ASN F 315 -56.31 1.27 -23.93
CA ASN F 315 -57.55 2.02 -23.81
C ASN F 315 -57.82 2.72 -25.14
N PRO F 316 -58.99 3.37 -25.31
CA PRO F 316 -59.28 3.98 -26.61
C PRO F 316 -58.30 5.05 -27.07
N HIS F 317 -57.48 5.60 -26.19
CA HIS F 317 -56.53 6.66 -26.52
C HIS F 317 -55.07 6.21 -26.48
N GLY F 318 -54.83 4.89 -26.52
CA GLY F 318 -53.49 4.35 -26.60
C GLY F 318 -52.72 4.28 -25.29
N TYR F 319 -53.38 4.50 -24.16
CA TYR F 319 -52.74 4.32 -22.87
C TYR F 319 -52.73 2.84 -22.52
N VAL F 320 -51.57 2.30 -22.22
CA VAL F 320 -51.40 0.90 -21.92
C VAL F 320 -51.45 0.70 -20.40
N HIS F 321 -52.29 -0.25 -19.98
CA HIS F 321 -52.47 -0.56 -18.57
C HIS F 321 -52.26 -2.04 -18.36
N GLU F 322 -51.36 -2.39 -17.45
CA GLU F 322 -51.17 -3.77 -17.02
C GLU F 322 -52.19 -4.00 -15.92
N THR F 323 -53.22 -4.77 -16.22
CA THR F 323 -54.37 -4.93 -15.35
C THR F 323 -54.33 -6.27 -14.61
N LEU F 324 -54.22 -6.19 -13.29
CA LEU F 324 -54.21 -7.35 -12.42
C LEU F 324 -55.65 -7.61 -11.96
N THR F 325 -56.18 -8.77 -12.31
CA THR F 325 -57.53 -9.17 -11.94
C THR F 325 -57.55 -9.80 -10.55
N VAL F 326 -58.36 -9.24 -9.66
CA VAL F 326 -58.50 -9.73 -8.29
C VAL F 326 -59.98 -9.86 -7.95
N TYR F 327 -60.28 -10.81 -7.07
CA TYR F 327 -61.67 -11.07 -6.67
C TYR F 327 -62.23 -9.94 -5.81
N LYS F 328 -61.47 -9.49 -4.81
CA LYS F 328 -61.94 -8.46 -3.89
C LYS F 328 -60.90 -7.37 -3.71
N ALA F 329 -61.39 -6.15 -3.56
CA ALA F 329 -60.58 -4.97 -3.29
C ALA F 329 -61.32 -4.09 -2.29
N CYS F 330 -60.58 -3.36 -1.47
CA CYS F 330 -61.18 -2.48 -0.48
C CYS F 330 -60.58 -1.08 -0.58
N ASN F 331 -61.24 -0.14 0.10
CA ASN F 331 -60.84 1.27 0.18
C ASN F 331 -60.91 1.96 -1.19
N LEU F 332 -61.87 1.56 -2.02
CA LEU F 332 -62.04 2.14 -3.35
C LEU F 332 -63.46 2.67 -3.52
N ASN F 333 -63.58 3.85 -4.12
CA ASN F 333 -64.88 4.42 -4.43
C ASN F 333 -65.15 4.30 -5.93
N LEU F 334 -66.39 3.97 -6.27
CA LEU F 334 -66.82 3.84 -7.65
C LEU F 334 -67.48 5.13 -8.14
N ILE F 335 -66.98 5.66 -9.25
CA ILE F 335 -67.51 6.89 -9.83
C ILE F 335 -68.40 6.55 -11.02
N GLY F 336 -69.66 7.00 -10.98
CA GLY F 336 -70.57 6.77 -12.09
C GLY F 336 -71.22 5.40 -12.12
N ARG F 337 -71.59 4.99 -13.33
CA ARG F 337 -72.30 3.76 -13.64
C ARG F 337 -71.45 2.86 -14.53
N PRO F 338 -71.74 1.55 -14.56
CA PRO F 338 -70.92 0.65 -15.38
C PRO F 338 -71.06 0.95 -16.86
N SER F 339 -70.02 0.63 -17.62
CA SER F 339 -70.02 0.82 -19.07
C SER F 339 -69.37 -0.36 -19.77
N THR F 340 -69.89 -0.68 -20.96
CA THR F 340 -69.38 -1.75 -21.81
C THR F 340 -68.49 -1.24 -22.95
N GLU F 341 -68.36 0.07 -23.11
CA GLU F 341 -67.57 0.66 -24.19
C GLU F 341 -66.09 0.27 -24.13
N HIS F 342 -65.63 -0.45 -25.15
CA HIS F 342 -64.22 -0.85 -25.26
C HIS F 342 -63.77 -1.75 -24.10
N SER F 343 -64.68 -2.55 -23.57
CA SER F 343 -64.37 -3.48 -22.49
C SER F 343 -63.35 -4.53 -22.91
N TRP F 344 -62.28 -4.67 -22.12
CA TRP F 344 -61.19 -5.60 -22.39
C TRP F 344 -61.56 -7.04 -22.05
N PHE F 345 -62.67 -7.24 -21.33
CA PHE F 345 -63.15 -8.55 -20.90
C PHE F 345 -64.58 -8.61 -21.42
N PRO F 346 -64.76 -9.03 -22.67
CA PRO F 346 -66.10 -9.00 -23.28
C PRO F 346 -67.14 -9.75 -22.46
N GLY F 347 -68.23 -9.06 -22.16
CA GLY F 347 -69.29 -9.54 -21.32
C GLY F 347 -69.34 -8.90 -19.96
N TYR F 348 -68.34 -8.09 -19.61
CA TYR F 348 -68.28 -7.38 -18.35
C TYR F 348 -68.28 -5.88 -18.59
N ALA F 349 -68.96 -5.15 -17.72
CA ALA F 349 -68.97 -3.70 -17.76
C ALA F 349 -67.98 -3.18 -16.73
N TRP F 350 -67.34 -2.05 -17.04
CA TRP F 350 -66.38 -1.44 -16.16
C TRP F 350 -66.93 -0.16 -15.52
N THR F 351 -66.47 0.09 -14.30
CA THR F 351 -66.76 1.33 -13.58
C THR F 351 -65.45 1.83 -13.00
N VAL F 352 -65.05 3.04 -13.38
CA VAL F 352 -63.83 3.65 -12.86
C VAL F 352 -63.82 3.55 -11.34
N ALA F 353 -62.70 3.07 -10.79
CA ALA F 353 -62.52 2.94 -9.35
C ALA F 353 -61.34 3.80 -8.92
N GLN F 354 -61.59 4.71 -7.99
CA GLN F 354 -60.57 5.58 -7.43
C GLN F 354 -60.35 5.23 -5.97
N CYS F 355 -59.19 5.59 -5.45
CA CYS F 355 -58.91 5.38 -4.03
C CYS F 355 -59.76 6.28 -3.16
N LYS F 356 -60.30 5.70 -2.08
CA LYS F 356 -61.12 6.44 -1.13
C LYS F 356 -60.35 7.53 -0.39
N ILE F 357 -59.03 7.39 -0.27
CA ILE F 357 -58.25 8.34 0.52
C ILE F 357 -57.67 9.47 -0.34
N CYS F 358 -56.89 9.10 -1.36
CA CYS F 358 -56.19 10.07 -2.20
C CYS F 358 -56.86 10.31 -3.55
N ALA F 359 -57.94 9.61 -3.86
CA ALA F 359 -58.67 9.71 -5.13
C ALA F 359 -57.82 9.37 -6.34
N SER F 360 -56.68 8.69 -6.17
CA SER F 360 -55.87 8.29 -7.30
C SER F 360 -56.58 7.16 -8.06
N HIS F 361 -56.50 7.19 -9.38
CA HIS F 361 -57.12 6.13 -10.17
C HIS F 361 -56.40 4.82 -9.94
N ILE F 362 -57.11 3.83 -9.41
CA ILE F 362 -56.53 2.52 -9.12
C ILE F 362 -56.90 1.49 -10.17
N GLY F 363 -58.11 1.57 -10.72
CA GLY F 363 -58.54 0.65 -11.74
C GLY F 363 -60.03 0.71 -12.04
N TRP F 364 -60.65 -0.44 -12.19
CA TRP F 364 -62.07 -0.51 -12.54
C TRP F 364 -62.70 -1.73 -11.88
N LYS F 365 -63.99 -1.63 -11.57
CA LYS F 365 -64.76 -2.79 -11.13
C LYS F 365 -65.47 -3.33 -12.36
N PHE F 366 -65.38 -4.64 -12.55
CA PHE F 366 -66.04 -5.33 -13.66
C PHE F 366 -67.24 -6.11 -13.16
N THR F 367 -68.42 -5.83 -13.74
CA THR F 367 -69.66 -6.50 -13.37
C THR F 367 -70.22 -7.19 -14.60
N ALA F 368 -70.55 -8.47 -14.44
CA ALA F 368 -71.09 -9.29 -15.52
C ALA F 368 -72.39 -8.73 -16.09
N THR F 369 -72.55 -8.85 -17.41
CA THR F 369 -73.77 -8.40 -18.07
C THR F 369 -74.83 -9.50 -18.12
N LYS F 370 -74.40 -10.77 -18.13
CA LYS F 370 -75.29 -11.92 -18.14
C LYS F 370 -75.19 -12.67 -16.82
N LYS F 371 -76.35 -13.11 -16.33
CA LYS F 371 -76.45 -13.81 -15.04
C LYS F 371 -75.71 -15.14 -15.03
N ASP F 372 -75.57 -15.80 -16.18
CA ASP F 372 -74.87 -17.10 -16.22
C ASP F 372 -73.35 -16.93 -16.02
N MET F 373 -72.81 -15.73 -16.18
CA MET F 373 -71.38 -15.54 -16.04
C MET F 373 -70.92 -15.69 -14.59
N SER F 374 -69.73 -16.29 -14.42
CA SER F 374 -69.07 -16.42 -13.15
C SER F 374 -67.59 -16.12 -13.42
N PRO F 375 -66.94 -15.29 -12.59
CA PRO F 375 -67.48 -14.55 -11.43
C PRO F 375 -68.48 -13.47 -11.83
N GLN F 376 -69.37 -13.11 -10.91
CA GLN F 376 -70.34 -12.06 -11.19
C GLN F 376 -69.70 -10.68 -11.11
N LYS F 377 -68.66 -10.52 -10.30
CA LYS F 377 -67.94 -9.26 -10.17
C LYS F 377 -66.50 -9.52 -9.80
N PHE F 378 -65.63 -8.60 -10.20
CA PHE F 378 -64.21 -8.63 -9.85
C PHE F 378 -63.64 -7.24 -10.06
N TRP F 379 -62.37 -7.05 -9.71
CA TRP F 379 -61.73 -5.76 -9.87
C TRP F 379 -60.49 -5.87 -10.75
N GLY F 380 -60.30 -4.87 -11.61
CA GLY F 380 -59.12 -4.76 -12.45
C GLY F 380 -58.26 -3.58 -12.00
N LEU F 381 -57.11 -3.85 -11.39
CA LEU F 381 -56.25 -2.78 -10.88
C LEU F 381 -55.04 -2.56 -11.78
N THR F 382 -54.74 -1.28 -12.07
CA THR F 382 -53.63 -0.93 -12.93
C THR F 382 -52.33 -0.89 -12.11
N ARG F 383 -51.37 -1.74 -12.48
CA ARG F 383 -50.08 -1.87 -11.80
C ARG F 383 -49.43 -0.54 -11.45
N SER F 384 -49.51 0.43 -12.36
CA SER F 384 -48.92 1.75 -12.13
C SER F 384 -49.46 2.44 -10.88
N ALA F 385 -50.67 2.09 -10.44
CA ALA F 385 -51.25 2.72 -9.27
C ALA F 385 -50.96 1.96 -7.98
N LEU F 386 -50.45 0.74 -8.05
CA LEU F 386 -50.25 -0.10 -6.89
C LEU F 386 -48.78 -0.16 -6.49
N LEU F 387 -48.54 -0.50 -5.23
CA LEU F 387 -47.18 -0.60 -4.71
C LEU F 387 -47.11 -1.84 -3.83
N PRO F 388 -46.37 -2.87 -4.24
CA PRO F 388 -46.26 -4.08 -3.42
C PRO F 388 -45.55 -3.79 -2.10
N THR F 389 -46.15 -4.26 -1.02
CA THR F 389 -45.67 -3.97 0.33
C THR F 389 -45.44 -5.28 1.07
N ILE F 390 -44.35 -5.34 1.84
CA ILE F 390 -44.05 -6.49 2.68
C ILE F 390 -44.68 -6.25 4.05
N PRO F 391 -45.60 -7.11 4.51
CA PRO F 391 -46.19 -6.93 5.84
C PRO F 391 -45.13 -6.94 6.92
N ASP F 392 -45.53 -6.42 8.08
CA ASP F 392 -44.66 -6.26 9.26
C ASP F 392 -43.67 -5.12 9.06
N VAL F 402 -38.23 -1.09 1.40
CA VAL F 402 -37.67 -1.44 0.11
C VAL F 402 -37.50 -2.95 0.00
N ILE F 403 -38.15 -3.55 -0.99
CA ILE F 403 -38.06 -4.98 -1.23
C ILE F 403 -36.80 -5.27 -2.05
N LEU F 404 -36.13 -6.37 -1.71
CA LEU F 404 -34.91 -6.79 -2.38
C LEU F 404 -35.19 -8.08 -3.14
N CYS F 405 -34.83 -8.10 -4.43
CA CYS F 405 -35.11 -9.24 -5.29
C CYS F 405 -34.10 -10.35 -4.99
N LEU F 406 -34.58 -11.48 -4.47
CA LEU F 406 -33.73 -12.62 -4.17
C LEU F 406 -33.39 -13.39 -5.45
#